data_7VZ6
#
_entry.id   7VZ6
#
_cell.length_a   82.833
_cell.length_b   104.941
_cell.length_c   106.840
_cell.angle_alpha   74.867
_cell.angle_beta   72.918
_cell.angle_gamma   68.076
#
_symmetry.space_group_name_H-M   'P 1'
#
loop_
_entity.id
_entity.type
_entity.pdbx_description
1 polymer 'Putative UDP-N-acetylglucosamine 2-epimerase'
2 non-polymer "URIDINE-5'-DIPHOSPHATE-GLUCOSE"
3 non-polymer 'SODIUM ION'
4 water water
#
_entity_poly.entity_id   1
_entity_poly.type   'polypeptide(L)'
_entity_poly.pdbx_seq_one_letter_code
;SHMALRVGIVYGTRPEAIKLAPLVLALDADPGFEPVIITTGQHRDMLDEINELFGLRPRHNLDIMRPGQRLSAMASRIVG
ELGDPLLDELVDVAVVQGDTSTAFAAAYAAACERIPVAHLEAGLRTGDRFEPFPEEINRRLITQLADLHFAPTADAAGNL
LAEGVRSDDVYVTGNTVIDAMHLVLDRPGDSANRELDAFTEGRQTVLLTMHRRESWGIPMGRVAAAVAELCRSRPTLRFV
IPLHPNPEVRRVFRSHLSSLTQVLLCEPLRYSEFIRLMHRAVLVLTDSGGVQEEAPTLGKPVLVLRDRTERPEGIAAGCA
RLVGTDPALIVKEVGRLLDDPEAYEAMRRPGIVCYGEGDAAARCLEALRERWLSSPDASAGLRTYR
;
_entity_poly.pdbx_strand_id   A,B,C,D,E,F,G,H
#
loop_
_chem_comp.id
_chem_comp.type
_chem_comp.name
_chem_comp.formula
NA non-polymer 'SODIUM ION' 'Na 1'
UPG non-polymer URIDINE-5'-DIPHOSPHATE-GLUCOSE 'C15 H24 N2 O17 P2'
#
# COMPACT_ATOMS: atom_id res chain seq x y z
N SER A 1 0.48 31.63 25.97
CA SER A 1 0.62 30.39 26.81
C SER A 1 -0.69 29.56 26.80
N HIS A 2 -1.82 30.12 26.31
CA HIS A 2 -3.06 29.32 26.04
C HIS A 2 -2.72 28.19 25.04
N MET A 3 -3.40 27.07 25.15
CA MET A 3 -3.13 25.87 24.33
C MET A 3 -3.39 26.21 22.85
N ALA A 4 -2.41 25.91 21.99
CA ALA A 4 -2.60 25.94 20.53
C ALA A 4 -2.85 24.51 20.00
N LEU A 5 -3.85 24.34 19.12
CA LEU A 5 -3.99 23.10 18.31
C LEU A 5 -2.78 23.02 17.38
N ARG A 6 -1.92 22.01 17.58
CA ARG A 6 -0.69 21.84 16.77
C ARG A 6 -1.05 21.02 15.52
N VAL A 7 -0.97 21.67 14.35
CA VAL A 7 -1.46 21.11 13.08
C VAL A 7 -0.24 20.74 12.24
N GLY A 8 -0.01 19.43 12.10
CA GLY A 8 0.97 18.87 11.17
C GLY A 8 0.59 19.19 9.74
N ILE A 9 1.55 19.62 8.94
CA ILE A 9 1.38 19.97 7.51
C ILE A 9 2.44 19.16 6.78
N VAL A 10 2.04 18.20 5.95
CA VAL A 10 2.96 17.26 5.28
C VAL A 10 2.76 17.37 3.76
N TYR A 11 3.84 17.59 3.03
CA TYR A 11 3.86 17.70 1.55
C TYR A 11 5.26 17.41 1.03
N GLY A 12 5.36 17.11 -0.26
CA GLY A 12 6.65 16.84 -0.92
C GLY A 12 6.81 17.55 -2.26
N THR A 13 5.81 18.27 -2.77
CA THR A 13 5.80 18.78 -4.16
C THR A 13 5.29 20.22 -4.23
N ARG A 14 5.62 20.89 -5.33
CA ARG A 14 5.22 22.29 -5.64
C ARG A 14 3.71 22.46 -5.54
N PRO A 15 2.86 21.69 -6.25
CA PRO A 15 1.42 21.94 -6.22
C PRO A 15 0.86 21.84 -4.80
N GLU A 16 1.33 20.90 -3.99
CA GLU A 16 0.92 20.73 -2.58
C GLU A 16 1.32 21.98 -1.79
N ALA A 17 2.57 22.43 -1.93
CA ALA A 17 3.10 23.60 -1.19
C ALA A 17 2.26 24.83 -1.52
N ILE A 18 1.95 25.04 -2.81
CA ILE A 18 1.14 26.20 -3.26
C ILE A 18 -0.23 26.15 -2.58
N LYS A 19 -0.87 24.97 -2.57
CA LYS A 19 -2.26 24.87 -2.06
C LYS A 19 -2.26 24.88 -0.52
N LEU A 20 -1.19 24.43 0.13
CA LEU A 20 -1.12 24.42 1.62
C LEU A 20 -0.67 25.79 2.15
N ALA A 21 0.05 26.59 1.36
CA ALA A 21 0.66 27.85 1.83
C ALA A 21 -0.37 28.76 2.50
N PRO A 22 -1.56 29.03 1.88
CA PRO A 22 -2.55 29.89 2.51
C PRO A 22 -3.07 29.35 3.84
N LEU A 23 -3.19 28.01 3.96
CA LEU A 23 -3.62 27.36 5.23
C LEU A 23 -2.51 27.54 6.29
N VAL A 24 -1.26 27.31 5.92
CA VAL A 24 -0.11 27.53 6.86
C VAL A 24 -0.15 28.99 7.36
N LEU A 25 -0.29 29.95 6.44
CA LEU A 25 -0.28 31.41 6.82
C LEU A 25 -1.45 31.69 7.76
N ALA A 26 -2.64 31.15 7.50
CA ALA A 26 -3.84 31.38 8.35
C ALA A 26 -3.62 30.74 9.71
N LEU A 27 -3.05 29.52 9.76
CA LEU A 27 -2.77 28.81 11.03
C LEU A 27 -1.74 29.63 11.84
N ASP A 28 -0.70 30.14 11.19
CA ASP A 28 0.36 30.96 11.84
C ASP A 28 -0.27 32.22 12.47
N ALA A 29 -1.09 32.95 11.72
CA ALA A 29 -1.68 34.24 12.16
C ALA A 29 -2.68 34.01 13.31
N ASP A 30 -3.42 32.90 13.31
CA ASP A 30 -4.48 32.66 14.31
C ASP A 30 -3.82 32.18 15.60
N PRO A 31 -4.16 32.80 16.76
CA PRO A 31 -3.54 32.42 18.01
C PRO A 31 -3.98 31.03 18.52
N GLY A 32 -5.12 30.51 18.07
CA GLY A 32 -5.64 29.19 18.46
C GLY A 32 -4.86 28.02 17.85
N PHE A 33 -3.93 28.25 16.92
CA PHE A 33 -3.28 27.17 16.14
C PHE A 33 -1.77 27.39 16.02
N GLU A 34 -1.05 26.31 15.80
CA GLU A 34 0.39 26.32 15.46
C GLU A 34 0.61 25.33 14.32
N PRO A 35 1.00 25.80 13.10
CA PRO A 35 1.38 24.89 12.04
C PRO A 35 2.77 24.29 12.26
N VAL A 36 2.92 23.00 11.94
CA VAL A 36 4.20 22.27 12.03
C VAL A 36 4.42 21.57 10.69
N ILE A 37 5.36 22.07 9.90
CA ILE A 37 5.59 21.55 8.53
C ILE A 37 6.63 20.43 8.56
N ILE A 38 6.29 19.29 7.93
CA ILE A 38 7.23 18.17 7.63
C ILE A 38 7.17 17.92 6.13
N THR A 39 8.30 18.04 5.44
CA THR A 39 8.42 17.80 3.99
C THR A 39 9.00 16.41 3.77
N THR A 40 8.73 15.82 2.61
CA THR A 40 9.16 14.46 2.24
C THR A 40 10.03 14.52 0.98
N GLY A 41 10.12 15.69 0.34
CA GLY A 41 10.73 15.88 -0.99
C GLY A 41 12.03 16.65 -0.92
N MET A 46 13.08 23.92 -6.32
CA MET A 46 11.66 24.24 -6.67
C MET A 46 10.83 24.43 -5.40
N LEU A 47 11.06 23.58 -4.38
CA LEU A 47 10.31 23.59 -3.09
C LEU A 47 10.83 24.72 -2.18
N ASP A 48 12.16 24.89 -2.07
CA ASP A 48 12.79 26.02 -1.35
C ASP A 48 12.22 27.34 -1.87
N GLU A 49 12.09 27.44 -3.19
CA GLU A 49 11.63 28.67 -3.90
C GLU A 49 10.19 29.00 -3.44
N ILE A 50 9.30 27.99 -3.36
CA ILE A 50 7.89 28.19 -2.93
C ILE A 50 7.89 28.49 -1.42
N ASN A 51 8.69 27.77 -0.64
CA ASN A 51 8.84 28.01 0.83
C ASN A 51 9.27 29.46 1.06
N GLU A 52 10.27 29.94 0.34
CA GLU A 52 10.78 31.36 0.44
C GLU A 52 9.67 32.34 0.11
N LEU A 53 8.98 32.13 -1.02
CA LEU A 53 7.94 33.08 -1.52
C LEU A 53 6.83 33.27 -0.50
N PHE A 54 6.33 32.20 0.12
CA PHE A 54 5.17 32.28 1.07
C PHE A 54 5.65 32.36 2.52
N GLY A 55 6.96 32.24 2.76
CA GLY A 55 7.54 32.26 4.12
C GLY A 55 7.19 31.02 4.91
N LEU A 56 7.22 29.84 4.28
CA LEU A 56 7.02 28.53 4.94
C LEU A 56 8.37 28.04 5.48
N ARG A 57 8.42 27.60 6.74
CA ARG A 57 9.67 27.16 7.42
C ARG A 57 9.49 25.73 7.93
N PRO A 58 9.89 24.72 7.13
CA PRO A 58 9.79 23.31 7.54
C PRO A 58 10.57 23.02 8.84
N ARG A 59 9.95 22.34 9.79
CA ARG A 59 10.60 21.88 11.05
C ARG A 59 11.46 20.64 10.75
N HIS A 60 11.03 19.80 9.81
CA HIS A 60 11.71 18.55 9.41
C HIS A 60 11.58 18.35 7.90
N ASN A 61 12.69 17.99 7.25
CA ASN A 61 12.75 17.50 5.86
C ASN A 61 13.21 16.03 5.93
N LEU A 62 12.32 15.10 5.63
CA LEU A 62 12.68 13.66 5.48
C LEU A 62 13.19 13.57 4.05
N ASP A 63 14.36 13.01 3.83
CA ASP A 63 14.99 13.02 2.48
C ASP A 63 14.64 11.70 1.80
N ILE A 64 13.33 11.46 1.59
CA ILE A 64 12.73 10.16 1.16
C ILE A 64 12.51 10.14 -0.36
N MET A 65 11.91 11.18 -0.95
CA MET A 65 11.54 11.20 -2.39
C MET A 65 12.78 11.40 -3.28
N ARG A 66 12.67 11.00 -4.56
CA ARG A 66 13.69 11.16 -5.63
C ARG A 66 13.13 10.60 -6.92
N PRO A 67 13.57 11.07 -8.11
CA PRO A 67 13.26 10.39 -9.36
C PRO A 67 13.99 9.03 -9.42
N GLY A 68 13.40 8.10 -10.16
CA GLY A 68 13.85 6.70 -10.28
C GLY A 68 13.82 5.97 -8.95
N GLN A 69 12.67 5.93 -8.27
CA GLN A 69 12.45 5.16 -7.02
C GLN A 69 11.09 4.44 -7.13
N ARG A 70 11.02 3.20 -6.65
CA ARG A 70 9.78 2.38 -6.67
C ARG A 70 8.76 3.03 -5.71
N LEU A 71 7.50 3.02 -6.10
CA LEU A 71 6.39 3.51 -5.25
C LEU A 71 6.43 2.78 -3.88
N SER A 72 6.50 1.45 -3.88
CA SER A 72 6.49 0.62 -2.65
C SER A 72 7.63 1.04 -1.70
N ALA A 73 8.81 1.34 -2.23
CA ALA A 73 9.97 1.73 -1.39
C ALA A 73 9.70 3.10 -0.77
N MET A 74 9.20 4.04 -1.57
CA MET A 74 8.90 5.41 -1.07
C MET A 74 7.80 5.34 0.00
N ALA A 75 6.69 4.66 -0.28
CA ALA A 75 5.53 4.54 0.65
C ALA A 75 5.99 3.84 1.93
N SER A 76 6.79 2.79 1.80
CA SER A 76 7.38 2.06 2.95
C SER A 76 8.13 3.03 3.86
N ARG A 77 8.96 3.88 3.25
CA ARG A 77 9.79 4.84 4.04
C ARG A 77 8.88 5.84 4.75
N ILE A 78 7.85 6.36 4.08
CA ILE A 78 7.00 7.41 4.71
C ILE A 78 6.21 6.76 5.86
N VAL A 79 5.61 5.62 5.61
CA VAL A 79 4.83 4.88 6.67
C VAL A 79 5.75 4.59 7.85
N GLY A 80 7.00 4.20 7.56
CA GLY A 80 7.97 3.77 8.59
C GLY A 80 8.53 4.91 9.41
N GLU A 81 8.72 6.08 8.80
CA GLU A 81 9.61 7.14 9.37
C GLU A 81 8.87 8.43 9.71
N LEU A 82 7.65 8.67 9.21
CA LEU A 82 6.95 9.94 9.50
C LEU A 82 6.43 9.98 10.93
N GLY A 83 6.11 8.84 11.51
CA GLY A 83 5.55 8.78 12.88
C GLY A 83 6.42 9.50 13.91
N ASP A 84 7.75 9.35 13.83
CA ASP A 84 8.69 9.87 14.86
C ASP A 84 8.64 11.39 14.90
N PRO A 85 8.87 12.13 13.79
CA PRO A 85 8.71 13.58 13.82
C PRO A 85 7.30 14.04 14.21
N LEU A 86 6.22 13.33 13.84
CA LEU A 86 4.84 13.73 14.24
C LEU A 86 4.74 13.65 15.78
N LEU A 87 5.29 12.59 16.38
CA LEU A 87 5.28 12.41 17.86
C LEU A 87 6.23 13.42 18.53
N ASP A 88 7.46 13.56 18.03
CA ASP A 88 8.48 14.51 18.56
C ASP A 88 7.92 15.94 18.57
N GLU A 89 7.16 16.33 17.54
CA GLU A 89 6.62 17.72 17.41
C GLU A 89 5.27 17.86 18.14
N LEU A 90 4.80 16.81 18.81
CA LEU A 90 3.55 16.85 19.61
C LEU A 90 2.39 17.33 18.70
N VAL A 91 2.33 16.81 17.48
CA VAL A 91 1.22 17.14 16.55
C VAL A 91 -0.09 16.62 17.15
N ASP A 92 -1.13 17.44 17.14
CA ASP A 92 -2.49 17.08 17.62
C ASP A 92 -3.31 16.50 16.45
N VAL A 93 -3.20 17.13 15.28
CA VAL A 93 -3.99 16.86 14.05
C VAL A 93 -3.06 17.03 12.86
N ALA A 94 -3.24 16.24 11.79
CA ALA A 94 -2.38 16.31 10.59
C ALA A 94 -3.24 16.65 9.37
N VAL A 95 -2.78 17.58 8.57
CA VAL A 95 -3.38 17.96 7.28
C VAL A 95 -2.49 17.46 6.13
N VAL A 96 -3.10 16.76 5.18
CA VAL A 96 -2.50 16.37 3.88
C VAL A 96 -3.35 16.97 2.79
N GLN A 97 -2.77 17.16 1.60
CA GLN A 97 -3.39 17.86 0.46
C GLN A 97 -3.31 16.99 -0.78
N GLY A 98 -4.39 16.97 -1.56
CA GLY A 98 -4.35 16.50 -2.94
C GLY A 98 -4.28 14.99 -3.04
N ASP A 99 -3.47 14.50 -3.97
CA ASP A 99 -3.59 13.09 -4.44
C ASP A 99 -2.24 12.38 -4.37
N THR A 100 -1.24 12.95 -3.73
CA THR A 100 0.14 12.41 -3.77
C THR A 100 0.24 11.14 -2.92
N SER A 101 1.27 10.35 -3.21
CA SER A 101 1.64 9.16 -2.39
C SER A 101 2.12 9.62 -1.02
N THR A 102 2.71 10.83 -0.92
CA THR A 102 3.02 11.47 0.37
C THR A 102 1.74 11.67 1.17
N ALA A 103 0.71 12.26 0.55
CA ALA A 103 -0.55 12.55 1.26
C ALA A 103 -1.10 11.22 1.80
N PHE A 104 -1.07 10.15 1.01
CA PHE A 104 -1.66 8.85 1.41
C PHE A 104 -0.80 8.25 2.54
N ALA A 105 0.50 8.08 2.30
CA ALA A 105 1.41 7.43 3.26
C ALA A 105 1.48 8.23 4.57
N ALA A 106 1.46 9.56 4.51
CA ALA A 106 1.47 10.43 5.71
C ALA A 106 0.14 10.30 6.46
N ALA A 107 -0.99 10.24 5.76
CA ALA A 107 -2.30 10.06 6.42
C ALA A 107 -2.25 8.73 7.17
N TYR A 108 -1.69 7.69 6.56
CA TYR A 108 -1.66 6.34 7.19
C TYR A 108 -0.75 6.38 8.40
N ALA A 109 0.44 6.99 8.26
CA ALA A 109 1.43 7.12 9.36
C ALA A 109 0.77 7.86 10.52
N ALA A 110 0.01 8.92 10.25
CA ALA A 110 -0.69 9.70 11.30
C ALA A 110 -1.75 8.82 11.97
N ALA A 111 -2.54 8.10 11.17
CA ALA A 111 -3.59 7.19 11.71
C ALA A 111 -2.97 6.15 12.63
N CYS A 112 -1.79 5.62 12.30
CA CYS A 112 -1.09 4.59 13.11
C CYS A 112 -0.79 5.13 14.52
N GLU A 113 -0.58 6.45 14.67
CA GLU A 113 -0.31 7.13 15.95
C GLU A 113 -1.59 7.71 16.54
N ARG A 114 -2.75 7.38 15.98
CA ARG A 114 -4.07 7.91 16.41
C ARG A 114 -4.05 9.45 16.37
N ILE A 115 -3.35 10.02 15.39
CA ILE A 115 -3.43 11.47 15.08
C ILE A 115 -4.55 11.67 14.05
N PRO A 116 -5.63 12.40 14.38
CA PRO A 116 -6.69 12.68 13.41
C PRO A 116 -6.14 13.38 12.15
N VAL A 117 -6.75 13.08 11.01
CA VAL A 117 -6.30 13.62 9.70
C VAL A 117 -7.39 14.47 9.07
N ALA A 118 -6.99 15.61 8.51
CA ALA A 118 -7.84 16.45 7.64
C ALA A 118 -7.26 16.43 6.23
N HIS A 119 -8.11 16.34 5.22
CA HIS A 119 -7.70 16.30 3.80
C HIS A 119 -8.10 17.60 3.14
N LEU A 120 -7.11 18.39 2.73
CA LEU A 120 -7.31 19.62 1.95
C LEU A 120 -7.48 19.24 0.48
N GLU A 121 -8.53 19.77 -0.16
CA GLU A 121 -8.92 19.51 -1.57
C GLU A 121 -9.39 18.05 -1.70
N ALA A 122 -10.46 17.74 -1.01
CA ALA A 122 -11.05 16.38 -0.91
C ALA A 122 -12.19 16.24 -1.92
N GLY A 123 -12.28 15.05 -2.53
CA GLY A 123 -13.47 14.61 -3.29
C GLY A 123 -13.33 14.77 -4.79
N LEU A 124 -12.17 15.13 -5.34
CA LEU A 124 -12.03 15.22 -6.82
C LEU A 124 -11.96 13.79 -7.37
N ARG A 125 -12.75 13.51 -8.42
CA ARG A 125 -12.85 12.18 -9.06
C ARG A 125 -12.96 12.35 -10.58
N THR A 126 -12.37 11.47 -11.36
CA THR A 126 -12.65 11.31 -12.81
C THR A 126 -13.74 10.25 -13.00
N GLY A 127 -13.77 9.25 -12.12
CA GLY A 127 -14.58 8.03 -12.30
C GLY A 127 -13.87 6.98 -13.15
N ASP A 128 -12.58 7.14 -13.45
CA ASP A 128 -11.75 6.15 -14.19
C ASP A 128 -10.78 5.50 -13.20
N ARG A 129 -11.09 4.24 -12.85
CA ARG A 129 -10.35 3.44 -11.83
C ARG A 129 -8.86 3.36 -12.18
N PHE A 130 -7.99 3.78 -11.25
CA PHE A 130 -6.52 3.64 -11.33
C PHE A 130 -5.96 4.52 -12.47
N GLU A 131 -6.71 5.55 -12.87
CA GLU A 131 -6.30 6.50 -13.94
C GLU A 131 -6.39 7.93 -13.41
N PRO A 132 -5.26 8.63 -13.18
CA PRO A 132 -3.92 8.03 -13.27
C PRO A 132 -3.59 7.17 -12.03
N PHE A 133 -2.53 6.37 -12.14
CA PHE A 133 -2.03 5.52 -11.03
C PHE A 133 -0.72 6.12 -10.55
N PRO A 134 -0.51 6.28 -9.23
CA PRO A 134 -1.50 5.93 -8.19
C PRO A 134 -2.46 7.00 -7.66
N GLU A 135 -2.56 8.16 -8.31
CA GLU A 135 -3.23 9.36 -7.76
C GLU A 135 -4.72 9.07 -7.46
N GLU A 136 -5.40 8.37 -8.37
CA GLU A 136 -6.85 8.13 -8.25
C GLU A 136 -7.11 7.25 -7.03
N ILE A 137 -6.28 6.21 -6.80
CA ILE A 137 -6.46 5.32 -5.62
C ILE A 137 -6.02 6.07 -4.36
N ASN A 138 -4.99 6.89 -4.44
CA ASN A 138 -4.52 7.67 -3.25
C ASN A 138 -5.69 8.48 -2.67
N ARG A 139 -6.45 9.18 -3.50
CA ARG A 139 -7.61 10.00 -3.07
C ARG A 139 -8.62 9.13 -2.31
N ARG A 140 -8.89 7.94 -2.83
CA ARG A 140 -9.94 7.07 -2.25
C ARG A 140 -9.45 6.50 -0.91
N LEU A 141 -8.15 6.22 -0.78
CA LEU A 141 -7.54 5.75 0.49
C LEU A 141 -7.52 6.89 1.51
N ILE A 142 -7.05 8.07 1.12
CA ILE A 142 -7.04 9.25 2.03
C ILE A 142 -8.47 9.50 2.52
N THR A 143 -9.45 9.38 1.63
CA THR A 143 -10.87 9.64 1.95
C THR A 143 -11.32 8.76 3.12
N GLN A 144 -10.92 7.49 3.15
CA GLN A 144 -11.28 6.56 4.27
C GLN A 144 -10.46 6.92 5.54
N LEU A 145 -9.25 7.43 5.41
CA LEU A 145 -8.38 7.73 6.58
C LEU A 145 -8.76 9.05 7.25
N ALA A 146 -9.22 10.04 6.49
CA ALA A 146 -9.42 11.42 6.98
C ALA A 146 -10.69 11.51 7.85
N ASP A 147 -10.60 12.21 8.98
CA ASP A 147 -11.75 12.55 9.85
C ASP A 147 -12.52 13.73 9.24
N LEU A 148 -11.80 14.61 8.57
CA LEU A 148 -12.33 15.92 8.11
C LEU A 148 -11.89 16.15 6.67
N HIS A 149 -12.82 16.63 5.83
CA HIS A 149 -12.61 16.79 4.38
C HIS A 149 -12.95 18.22 3.97
N PHE A 150 -11.99 18.92 3.38
CA PHE A 150 -12.16 20.30 2.83
C PHE A 150 -12.35 20.16 1.31
N ALA A 151 -13.60 20.12 0.89
CA ALA A 151 -14.01 19.95 -0.50
C ALA A 151 -14.03 21.32 -1.17
N PRO A 152 -13.46 21.44 -2.39
CA PRO A 152 -13.42 22.73 -3.07
C PRO A 152 -14.76 23.13 -3.68
N THR A 153 -15.63 22.14 -3.96
CA THR A 153 -16.91 22.36 -4.65
C THR A 153 -17.97 21.43 -4.09
N ALA A 154 -19.24 21.76 -4.36
CA ALA A 154 -20.42 20.93 -4.08
C ALA A 154 -20.29 19.56 -4.75
N ASP A 155 -19.80 19.53 -5.98
CA ASP A 155 -19.61 18.27 -6.73
C ASP A 155 -18.63 17.36 -5.96
N ALA A 156 -17.52 17.91 -5.47
CA ALA A 156 -16.49 17.13 -4.75
C ALA A 156 -17.08 16.60 -3.43
N ALA A 157 -17.88 17.40 -2.74
CA ALA A 157 -18.57 16.99 -1.51
C ALA A 157 -19.49 15.80 -1.81
N GLY A 158 -20.23 15.86 -2.92
CA GLY A 158 -21.09 14.75 -3.38
C GLY A 158 -20.30 13.46 -3.59
N ASN A 159 -19.11 13.54 -4.17
CA ASN A 159 -18.24 12.36 -4.39
C ASN A 159 -17.88 11.74 -3.05
N LEU A 160 -17.61 12.54 -2.03
CA LEU A 160 -17.26 12.04 -0.68
C LEU A 160 -18.44 11.27 -0.08
N LEU A 161 -19.66 11.81 -0.13
CA LEU A 161 -20.87 11.12 0.43
C LEU A 161 -21.07 9.76 -0.28
N ALA A 162 -20.79 9.67 -1.57
CA ALA A 162 -20.94 8.42 -2.36
C ALA A 162 -19.93 7.36 -1.92
N GLU A 163 -18.89 7.76 -1.17
CA GLU A 163 -17.89 6.80 -0.65
C GLU A 163 -18.10 6.59 0.85
N GLY A 164 -19.24 7.01 1.36
CA GLY A 164 -19.72 6.64 2.72
C GLY A 164 -19.27 7.65 3.76
N VAL A 165 -18.71 8.79 3.35
CA VAL A 165 -18.30 9.83 4.32
C VAL A 165 -19.57 10.48 4.88
N ARG A 166 -19.64 10.65 6.20
CA ARG A 166 -20.77 11.34 6.87
C ARG A 166 -20.72 12.84 6.52
N SER A 167 -21.90 13.42 6.25
CA SER A 167 -22.08 14.83 5.85
C SER A 167 -21.40 15.78 6.86
N ASP A 168 -21.43 15.47 8.15
CA ASP A 168 -20.86 16.33 9.22
C ASP A 168 -19.33 16.43 9.08
N ASP A 169 -18.69 15.52 8.34
CA ASP A 169 -17.21 15.47 8.21
C ASP A 169 -16.77 16.19 6.94
N VAL A 170 -17.71 16.72 6.16
CA VAL A 170 -17.42 17.38 4.86
C VAL A 170 -17.75 18.86 4.96
N TYR A 171 -16.78 19.72 4.65
CA TYR A 171 -16.98 21.19 4.54
C TYR A 171 -16.62 21.61 3.11
N VAL A 172 -17.51 22.32 2.43
CA VAL A 172 -17.20 22.96 1.12
C VAL A 172 -16.49 24.27 1.42
N THR A 173 -15.17 24.28 1.36
CA THR A 173 -14.31 25.44 1.74
C THR A 173 -13.94 26.26 0.51
N GLY A 174 -14.14 25.70 -0.68
CA GLY A 174 -13.46 26.17 -1.91
C GLY A 174 -11.99 25.74 -1.91
N ASN A 175 -11.28 26.10 -2.95
CA ASN A 175 -9.89 25.68 -3.18
C ASN A 175 -8.93 26.79 -2.71
N THR A 176 -7.95 26.43 -1.89
CA THR A 176 -6.93 27.35 -1.38
C THR A 176 -6.03 27.87 -2.52
N VAL A 177 -6.05 27.25 -3.70
CA VAL A 177 -5.24 27.76 -4.84
C VAL A 177 -5.72 29.18 -5.20
N ILE A 178 -7.01 29.46 -5.08
CA ILE A 178 -7.54 30.83 -5.33
C ILE A 178 -6.93 31.78 -4.30
N ASP A 179 -6.90 31.41 -3.01
CA ASP A 179 -6.21 32.21 -1.96
C ASP A 179 -4.77 32.48 -2.41
N ALA A 180 -4.08 31.43 -2.85
CA ALA A 180 -2.64 31.52 -3.21
C ALA A 180 -2.46 32.51 -4.36
N MET A 181 -3.27 32.39 -5.40
CA MET A 181 -3.20 33.30 -6.59
C MET A 181 -3.28 34.75 -6.11
N HIS A 182 -4.28 35.04 -5.27
CA HIS A 182 -4.58 36.41 -4.82
C HIS A 182 -3.38 36.94 -4.02
N LEU A 183 -2.71 36.09 -3.26
CA LEU A 183 -1.54 36.48 -2.43
C LEU A 183 -0.39 36.93 -3.33
N VAL A 184 -0.19 36.34 -4.50
CA VAL A 184 0.97 36.71 -5.37
C VAL A 184 0.56 37.81 -6.36
N LEU A 185 -0.72 37.92 -6.73
CA LEU A 185 -1.21 39.11 -7.50
C LEU A 185 -0.98 40.39 -6.67
N ASP A 186 -0.98 40.28 -5.34
CA ASP A 186 -0.75 41.40 -4.38
C ASP A 186 0.75 41.59 -4.09
N ARG A 187 1.63 41.08 -4.93
CA ARG A 187 3.11 41.10 -4.71
C ARG A 187 3.80 41.43 -6.04
N PRO A 188 3.66 42.69 -6.52
CA PRO A 188 4.16 43.08 -7.84
C PRO A 188 5.68 42.91 -7.97
N GLY A 189 6.43 43.28 -6.93
CA GLY A 189 7.91 43.19 -6.87
C GLY A 189 8.39 41.80 -7.24
N ASP A 190 7.78 40.76 -6.63
CA ASP A 190 8.14 39.33 -6.78
C ASP A 190 7.61 38.78 -8.12
N SER A 191 6.55 39.40 -8.67
CA SER A 191 5.85 38.93 -9.90
C SER A 191 6.61 39.35 -11.18
N ALA A 192 7.53 40.32 -11.11
CA ALA A 192 8.12 41.01 -12.29
C ALA A 192 9.11 40.09 -13.03
N ASN A 193 9.17 40.21 -14.36
CA ASN A 193 10.08 39.41 -15.23
C ASN A 193 10.28 40.13 -16.57
N ARG A 194 11.44 40.77 -16.72
CA ARG A 194 11.84 41.59 -17.89
C ARG A 194 11.74 40.75 -19.17
N GLU A 195 12.35 39.55 -19.20
CA GLU A 195 12.48 38.76 -20.45
C GLU A 195 11.09 38.31 -20.92
N LEU A 196 10.23 37.89 -20.00
CA LEU A 196 8.86 37.39 -20.33
C LEU A 196 8.02 38.55 -20.91
N ASP A 197 8.09 39.72 -20.26
CA ASP A 197 7.42 40.98 -20.71
C ASP A 197 7.85 41.32 -22.14
N ALA A 198 9.16 41.41 -22.40
CA ALA A 198 9.74 41.72 -23.73
C ALA A 198 9.21 40.74 -24.77
N PHE A 199 9.05 39.46 -24.42
CA PHE A 199 8.64 38.41 -25.39
C PHE A 199 7.14 38.48 -25.69
N THR A 200 6.32 38.82 -24.70
CA THR A 200 4.83 38.77 -24.81
C THR A 200 4.22 40.14 -25.20
N GLU A 201 4.91 41.25 -24.90
CA GLU A 201 4.36 42.64 -25.08
C GLU A 201 3.85 42.79 -26.51
N GLY A 202 2.56 43.09 -26.69
CA GLY A 202 1.97 43.38 -28.01
C GLY A 202 1.69 42.14 -28.86
N ARG A 203 1.79 40.94 -28.27
CA ARG A 203 1.47 39.70 -29.02
C ARG A 203 0.40 38.89 -28.28
N GLN A 204 -0.37 38.15 -29.07
CA GLN A 204 -1.22 37.03 -28.59
C GLN A 204 -0.31 35.90 -28.15
N THR A 205 -0.27 35.62 -26.85
CA THR A 205 0.59 34.59 -26.22
C THR A 205 -0.29 33.47 -25.66
N VAL A 206 -0.08 32.24 -26.14
CA VAL A 206 -0.63 31.00 -25.53
C VAL A 206 0.35 30.53 -24.45
N LEU A 207 -0.16 30.30 -23.22
CA LEU A 207 0.61 29.68 -22.11
C LEU A 207 0.34 28.17 -22.15
N LEU A 208 1.38 27.34 -22.22
CA LEU A 208 1.21 25.87 -22.27
C LEU A 208 2.05 25.22 -21.16
N THR A 209 1.42 24.40 -20.31
CA THR A 209 2.13 23.49 -19.39
C THR A 209 1.60 22.08 -19.61
N MET A 210 2.51 21.12 -19.59
CA MET A 210 2.17 19.69 -19.77
C MET A 210 3.21 18.86 -19.04
N HIS A 211 2.78 17.97 -18.14
CA HIS A 211 3.69 17.18 -17.27
C HIS A 211 3.25 15.73 -17.04
N ARG A 212 2.04 15.31 -17.38
CA ARG A 212 1.53 14.03 -16.84
C ARG A 212 2.26 12.84 -17.48
N ARG A 213 2.69 11.91 -16.63
CA ARG A 213 3.52 10.73 -16.96
C ARG A 213 2.83 9.93 -18.07
N GLU A 214 1.49 9.78 -18.03
CA GLU A 214 0.73 9.02 -19.05
C GLU A 214 0.83 9.68 -20.43
N SER A 215 1.30 10.93 -20.54
CA SER A 215 1.44 11.64 -21.82
C SER A 215 2.91 11.75 -22.29
N TRP A 216 3.86 11.26 -21.49
CA TRP A 216 5.31 11.30 -21.83
C TRP A 216 5.58 10.63 -23.18
N GLY A 217 6.54 11.17 -23.93
CA GLY A 217 6.97 10.64 -25.23
C GLY A 217 6.02 11.04 -26.35
N ILE A 218 5.32 10.07 -26.93
CA ILE A 218 4.58 10.26 -28.20
C ILE A 218 3.47 11.30 -28.01
N PRO A 219 2.57 11.20 -26.99
CA PRO A 219 1.49 12.17 -26.83
C PRO A 219 2.01 13.62 -26.69
N MET A 220 3.06 13.84 -25.90
CA MET A 220 3.66 15.19 -25.77
C MET A 220 4.24 15.63 -27.11
N GLY A 221 4.84 14.71 -27.86
CA GLY A 221 5.34 14.96 -29.23
C GLY A 221 4.23 15.46 -30.13
N ARG A 222 3.03 14.88 -30.05
CA ARG A 222 1.86 15.33 -30.87
C ARG A 222 1.48 16.75 -30.45
N VAL A 223 1.50 17.05 -29.15
CA VAL A 223 1.14 18.41 -28.65
C VAL A 223 2.17 19.41 -29.18
N ALA A 224 3.46 19.05 -29.12
CA ALA A 224 4.56 19.92 -29.63
C ALA A 224 4.39 20.15 -31.14
N ALA A 225 3.99 19.13 -31.90
CA ALA A 225 3.72 19.25 -33.36
C ALA A 225 2.55 20.22 -33.58
N ALA A 226 1.49 20.14 -32.76
CA ALA A 226 0.34 21.08 -32.83
C ALA A 226 0.85 22.50 -32.62
N VAL A 227 1.75 22.71 -31.66
CA VAL A 227 2.33 24.06 -31.37
C VAL A 227 3.08 24.54 -32.62
N ALA A 228 3.91 23.68 -33.21
CA ALA A 228 4.74 23.99 -34.40
C ALA A 228 3.80 24.41 -35.54
N GLU A 229 2.76 23.63 -35.81
CA GLU A 229 1.78 23.89 -36.89
C GLU A 229 1.09 25.24 -36.67
N LEU A 230 0.58 25.51 -35.47
CA LEU A 230 -0.06 26.80 -35.14
C LEU A 230 0.90 27.96 -35.38
N CYS A 231 2.18 27.80 -35.02
CA CYS A 231 3.23 28.83 -35.17
C CYS A 231 3.47 29.12 -36.66
N ARG A 232 3.55 28.07 -37.50
CA ARG A 232 3.81 28.20 -38.97
C ARG A 232 2.65 28.96 -39.60
N SER A 233 1.41 28.59 -39.26
CA SER A 233 0.14 29.13 -39.84
C SER A 233 -0.13 30.56 -39.32
N ARG A 234 0.41 30.97 -38.18
CA ARG A 234 0.03 32.25 -37.52
C ARG A 234 1.29 32.97 -37.04
N PRO A 235 2.00 33.66 -37.96
CA PRO A 235 3.27 34.31 -37.64
C PRO A 235 3.26 35.28 -36.44
N THR A 236 2.09 35.82 -36.08
CA THR A 236 1.95 36.80 -34.98
C THR A 236 1.74 36.08 -33.62
N LEU A 237 1.41 34.80 -33.64
CA LEU A 237 1.14 34.00 -32.41
C LEU A 237 2.46 33.70 -31.67
N ARG A 238 2.44 33.81 -30.34
CA ARG A 238 3.55 33.38 -29.46
C ARG A 238 3.07 32.28 -28.50
N PHE A 239 3.99 31.42 -28.06
CA PHE A 239 3.81 30.44 -26.97
C PHE A 239 4.90 30.68 -25.93
N VAL A 240 4.52 30.63 -24.65
CA VAL A 240 5.45 30.46 -23.51
C VAL A 240 5.18 29.09 -22.90
N ILE A 241 6.22 28.25 -22.81
CA ILE A 241 6.13 26.86 -22.30
C ILE A 241 7.15 26.68 -21.18
N PRO A 242 6.74 26.93 -19.91
CA PRO A 242 7.55 26.58 -18.75
C PRO A 242 7.55 25.05 -18.66
N LEU A 243 8.73 24.45 -18.58
CA LEU A 243 8.86 22.97 -18.70
C LEU A 243 8.89 22.36 -17.30
N HIS A 244 8.09 21.33 -17.08
CA HIS A 244 8.16 20.46 -15.87
C HIS A 244 9.61 19.95 -15.71
N PRO A 245 10.16 19.93 -14.48
CA PRO A 245 11.51 19.44 -14.25
C PRO A 245 11.62 17.91 -14.36
N ASN A 246 11.53 17.40 -15.57
CA ASN A 246 11.81 15.99 -15.93
C ASN A 246 12.57 16.01 -17.24
N PRO A 247 13.73 15.31 -17.35
CA PRO A 247 14.57 15.45 -18.54
C PRO A 247 13.87 14.95 -19.81
N GLU A 248 12.98 13.98 -19.69
CA GLU A 248 12.25 13.40 -20.86
C GLU A 248 11.25 14.45 -21.40
N VAL A 249 10.55 15.15 -20.51
CA VAL A 249 9.61 16.24 -20.87
C VAL A 249 10.39 17.37 -21.56
N ARG A 250 11.49 17.81 -20.95
CA ARG A 250 12.35 18.88 -21.54
C ARG A 250 12.81 18.46 -22.94
N ARG A 251 13.25 17.20 -23.10
CA ARG A 251 13.83 16.69 -24.37
C ARG A 251 12.78 16.74 -25.48
N VAL A 252 11.54 16.32 -25.20
CA VAL A 252 10.48 16.26 -26.25
C VAL A 252 10.19 17.70 -26.73
N PHE A 253 9.96 18.65 -25.82
CA PHE A 253 9.64 20.04 -26.23
C PHE A 253 10.86 20.68 -26.93
N ARG A 254 12.05 20.49 -26.38
CA ARG A 254 13.31 21.11 -26.89
C ARG A 254 13.56 20.62 -28.32
N SER A 255 13.44 19.31 -28.56
CA SER A 255 13.75 18.68 -29.86
C SER A 255 12.70 19.06 -30.92
N HIS A 256 11.48 19.41 -30.52
CA HIS A 256 10.39 19.80 -31.45
C HIS A 256 10.36 21.33 -31.68
N LEU A 257 10.81 22.16 -30.72
CA LEU A 257 10.43 23.61 -30.72
C LEU A 257 11.61 24.57 -30.52
N SER A 258 12.81 24.09 -30.17
CA SER A 258 13.90 25.01 -29.70
C SER A 258 14.32 26.03 -30.78
N SER A 259 14.10 25.76 -32.07
CA SER A 259 14.49 26.67 -33.19
C SER A 259 13.36 27.67 -33.51
N LEU A 260 12.15 27.49 -33.00
CA LEU A 260 11.00 28.40 -33.30
C LEU A 260 11.11 29.67 -32.46
N THR A 261 11.36 30.80 -33.10
CA THR A 261 11.45 32.14 -32.47
C THR A 261 10.11 32.51 -31.81
N GLN A 262 9.00 31.95 -32.26
CA GLN A 262 7.64 32.20 -31.72
C GLN A 262 7.38 31.44 -30.40
N VAL A 263 8.25 30.51 -30.02
CA VAL A 263 8.13 29.71 -28.76
C VAL A 263 9.24 30.14 -27.80
N LEU A 264 8.87 30.57 -26.59
CA LEU A 264 9.85 30.73 -25.50
C LEU A 264 9.70 29.51 -24.57
N LEU A 265 10.64 28.56 -24.68
CA LEU A 265 10.78 27.44 -23.71
C LEU A 265 11.41 28.00 -22.45
N CYS A 266 10.82 27.73 -21.29
CA CYS A 266 11.24 28.29 -20.00
C CYS A 266 11.61 27.21 -19.01
N GLU A 267 12.49 27.57 -18.08
CA GLU A 267 12.68 26.88 -16.80
C GLU A 267 11.38 27.04 -16.03
N PRO A 268 11.11 26.17 -15.04
CA PRO A 268 9.98 26.36 -14.14
C PRO A 268 10.01 27.79 -13.60
N LEU A 269 8.86 28.46 -13.59
CA LEU A 269 8.76 29.85 -13.11
C LEU A 269 8.34 29.85 -11.65
N ARG A 270 8.87 30.78 -10.86
CA ARG A 270 8.35 31.14 -9.53
C ARG A 270 6.85 31.44 -9.69
N TYR A 271 6.07 31.05 -8.68
CA TYR A 271 4.58 31.06 -8.75
C TYR A 271 4.07 32.48 -9.09
N SER A 272 4.63 33.50 -8.46
CA SER A 272 4.30 34.93 -8.68
C SER A 272 4.46 35.30 -10.16
N GLU A 273 5.59 34.91 -10.78
CA GLU A 273 5.90 35.20 -12.21
C GLU A 273 4.98 34.38 -13.10
N PHE A 274 4.67 33.15 -12.71
CA PHE A 274 3.82 32.24 -13.51
C PHE A 274 2.39 32.81 -13.57
N ILE A 275 1.87 33.28 -12.44
CA ILE A 275 0.50 33.87 -12.36
C ILE A 275 0.46 35.17 -13.19
N ARG A 276 1.49 36.00 -13.12
CA ARG A 276 1.56 37.26 -13.94
C ARG A 276 1.50 36.87 -15.43
N LEU A 277 2.31 35.88 -15.85
CA LEU A 277 2.33 35.41 -17.25
C LEU A 277 0.94 34.92 -17.67
N MET A 278 0.27 34.16 -16.82
CA MET A 278 -1.05 33.58 -17.12
C MET A 278 -2.06 34.72 -17.34
N HIS A 279 -1.96 35.78 -16.53
CA HIS A 279 -2.82 36.99 -16.66
C HIS A 279 -2.64 37.66 -18.04
N ARG A 280 -1.43 37.63 -18.60
CA ARG A 280 -1.06 38.28 -19.90
C ARG A 280 -1.43 37.36 -21.08
N ALA A 281 -1.58 36.06 -20.86
CA ALA A 281 -1.85 35.08 -21.94
C ALA A 281 -3.25 35.30 -22.51
N VAL A 282 -3.45 34.98 -23.79
CA VAL A 282 -4.79 35.06 -24.43
C VAL A 282 -5.53 33.76 -24.09
N LEU A 283 -4.84 32.63 -24.03
CA LEU A 283 -5.47 31.38 -23.58
C LEU A 283 -4.42 30.39 -23.08
N VAL A 284 -4.89 29.32 -22.44
CA VAL A 284 -4.03 28.40 -21.65
C VAL A 284 -4.33 26.99 -22.16
N LEU A 285 -3.27 26.25 -22.51
CA LEU A 285 -3.31 24.80 -22.80
C LEU A 285 -2.56 24.12 -21.66
N THR A 286 -3.17 23.15 -20.99
CA THR A 286 -2.54 22.55 -19.79
C THR A 286 -3.11 21.17 -19.55
N ASP A 287 -2.31 20.32 -18.91
CA ASP A 287 -2.83 19.11 -18.24
C ASP A 287 -2.72 19.27 -16.73
N SER A 288 -2.39 20.46 -16.24
CA SER A 288 -2.28 20.76 -14.80
C SER A 288 -3.66 20.89 -14.17
N GLY A 289 -3.87 20.26 -13.01
CA GLY A 289 -5.08 20.44 -12.18
C GLY A 289 -5.19 21.88 -11.68
N GLY A 290 -4.15 22.41 -11.08
CA GLY A 290 -4.15 23.78 -10.52
C GLY A 290 -4.38 24.85 -11.58
N VAL A 291 -3.78 24.69 -12.76
CA VAL A 291 -3.94 25.71 -13.84
C VAL A 291 -5.39 25.69 -14.33
N GLN A 292 -6.05 24.54 -14.33
CA GLN A 292 -7.50 24.45 -14.67
C GLN A 292 -8.35 25.27 -13.69
N GLU A 293 -7.85 25.50 -12.46
CA GLU A 293 -8.54 26.29 -11.42
C GLU A 293 -8.11 27.76 -11.56
N GLU A 294 -6.83 28.02 -11.78
CA GLU A 294 -6.26 29.40 -11.79
C GLU A 294 -6.74 30.14 -13.05
N ALA A 295 -6.64 29.52 -14.22
CA ALA A 295 -6.82 30.21 -15.52
C ALA A 295 -8.25 30.77 -15.62
N PRO A 296 -9.33 29.99 -15.37
CA PRO A 296 -10.69 30.52 -15.46
C PRO A 296 -10.94 31.71 -14.49
N THR A 297 -10.27 31.68 -13.35
CA THR A 297 -10.36 32.76 -12.32
C THR A 297 -9.74 34.05 -12.88
N LEU A 298 -8.79 33.96 -13.84
CA LEU A 298 -8.21 35.16 -14.53
C LEU A 298 -8.94 35.43 -15.85
N GLY A 299 -10.06 34.74 -16.10
CA GLY A 299 -10.86 34.91 -17.32
C GLY A 299 -10.15 34.39 -18.55
N LYS A 300 -9.28 33.37 -18.41
CA LYS A 300 -8.59 32.78 -19.60
C LYS A 300 -9.25 31.47 -19.96
N PRO A 301 -9.73 31.32 -21.21
CA PRO A 301 -10.19 30.03 -21.70
C PRO A 301 -9.08 29.00 -21.53
N VAL A 302 -9.46 27.78 -21.12
CA VAL A 302 -8.51 26.65 -20.91
C VAL A 302 -8.87 25.52 -21.88
N LEU A 303 -7.90 25.04 -22.60
CA LEU A 303 -7.97 23.78 -23.36
C LEU A 303 -7.16 22.73 -22.61
N VAL A 304 -7.80 21.64 -22.23
CA VAL A 304 -7.21 20.65 -21.29
C VAL A 304 -6.60 19.52 -22.11
N LEU A 305 -5.29 19.34 -21.95
CA LEU A 305 -4.50 18.34 -22.73
C LEU A 305 -4.59 16.97 -22.05
N ARG A 306 -5.81 16.49 -21.84
CA ARG A 306 -6.11 15.17 -21.22
C ARG A 306 -7.41 14.64 -21.81
N ASP A 307 -7.66 13.34 -21.60
CA ASP A 307 -8.91 12.63 -22.03
C ASP A 307 -9.92 12.65 -20.88
N ARG A 308 -9.54 13.15 -19.71
CA ARG A 308 -10.39 13.21 -18.49
C ARG A 308 -9.96 14.41 -17.65
N THR A 309 -10.84 14.89 -16.77
CA THR A 309 -10.49 15.93 -15.79
C THR A 309 -11.19 15.65 -14.47
N GLU A 310 -10.53 16.06 -13.39
CA GLU A 310 -11.08 16.13 -12.02
C GLU A 310 -11.73 17.49 -11.79
N ARG A 311 -11.74 18.37 -12.80
CA ARG A 311 -12.41 19.70 -12.71
C ARG A 311 -13.57 19.77 -13.70
N PRO A 312 -14.67 18.99 -13.49
CA PRO A 312 -15.81 18.99 -14.40
C PRO A 312 -16.60 20.30 -14.34
N GLU A 313 -16.43 21.07 -13.27
CA GLU A 313 -17.20 22.35 -13.07
C GLU A 313 -16.85 23.30 -14.24
N GLY A 314 -15.57 23.42 -14.60
CA GLY A 314 -15.13 24.31 -15.68
C GLY A 314 -15.65 23.84 -17.03
N ILE A 315 -15.73 22.51 -17.21
CA ILE A 315 -16.27 21.89 -18.46
C ILE A 315 -17.76 22.27 -18.56
N ALA A 316 -18.54 22.01 -17.51
CA ALA A 316 -20.01 22.24 -17.48
C ALA A 316 -20.30 23.72 -17.70
N ALA A 317 -19.49 24.63 -17.16
CA ALA A 317 -19.73 26.10 -17.26
C ALA A 317 -19.17 26.64 -18.59
N GLY A 318 -18.47 25.84 -19.39
CA GLY A 318 -17.91 26.24 -20.69
C GLY A 318 -16.58 26.98 -20.60
N CYS A 319 -16.01 27.14 -19.39
CA CYS A 319 -14.68 27.76 -19.09
C CYS A 319 -13.51 26.95 -19.68
N ALA A 320 -13.71 25.65 -19.84
CA ALA A 320 -12.65 24.68 -20.19
C ALA A 320 -13.26 23.65 -21.15
N ARG A 321 -12.42 23.13 -22.04
CA ARG A 321 -12.80 22.05 -22.98
C ARG A 321 -11.66 21.03 -22.99
N LEU A 322 -12.01 19.75 -22.99
CA LEU A 322 -11.08 18.62 -23.20
C LEU A 322 -10.67 18.58 -24.67
N VAL A 323 -9.38 18.40 -24.92
CA VAL A 323 -8.76 18.42 -26.25
C VAL A 323 -7.80 17.22 -26.39
N GLY A 324 -7.44 16.57 -25.29
CA GLY A 324 -6.55 15.40 -25.28
C GLY A 324 -5.19 15.76 -25.87
N THR A 325 -4.61 14.84 -26.65
CA THR A 325 -3.29 15.01 -27.28
C THR A 325 -3.41 14.79 -28.79
N ASP A 326 -4.60 15.08 -29.35
CA ASP A 326 -4.93 15.02 -30.80
C ASP A 326 -4.50 16.32 -31.45
N PRO A 327 -3.43 16.32 -32.29
CA PRO A 327 -2.88 17.56 -32.84
C PRO A 327 -3.88 18.31 -33.74
N ALA A 328 -4.68 17.59 -34.55
CA ALA A 328 -5.68 18.20 -35.45
C ALA A 328 -6.73 18.97 -34.59
N LEU A 329 -7.23 18.33 -33.53
CA LEU A 329 -8.22 18.95 -32.62
C LEU A 329 -7.61 20.17 -31.91
N ILE A 330 -6.38 20.09 -31.44
CA ILE A 330 -5.69 21.20 -30.72
C ILE A 330 -5.58 22.39 -31.69
N VAL A 331 -5.10 22.14 -32.91
CA VAL A 331 -4.94 23.19 -33.95
C VAL A 331 -6.32 23.83 -34.19
N LYS A 332 -7.34 23.01 -34.38
CA LYS A 332 -8.73 23.47 -34.66
C LYS A 332 -9.24 24.33 -33.49
N GLU A 333 -9.15 23.82 -32.27
CA GLU A 333 -9.76 24.46 -31.07
C GLU A 333 -9.02 25.77 -30.77
N VAL A 334 -7.69 25.81 -30.89
CA VAL A 334 -6.94 27.07 -30.64
C VAL A 334 -7.33 28.09 -31.74
N GLY A 335 -7.42 27.63 -32.99
CA GLY A 335 -7.83 28.46 -34.14
C GLY A 335 -9.18 29.12 -33.92
N ARG A 336 -10.19 28.32 -33.58
CA ARG A 336 -11.57 28.78 -33.24
C ARG A 336 -11.49 29.95 -32.26
N LEU A 337 -10.68 29.84 -31.20
CA LEU A 337 -10.67 30.86 -30.11
C LEU A 337 -9.96 32.12 -30.58
N LEU A 338 -8.94 31.99 -31.42
CA LEU A 338 -8.15 33.16 -31.91
C LEU A 338 -8.94 33.91 -32.99
N ASP A 339 -9.77 33.21 -33.76
CA ASP A 339 -10.39 33.71 -35.03
C ASP A 339 -11.83 34.21 -34.81
N ASP A 340 -12.55 33.61 -33.86
CA ASP A 340 -13.99 33.86 -33.62
C ASP A 340 -14.18 34.46 -32.22
N PRO A 341 -14.30 35.81 -32.08
CA PRO A 341 -14.39 36.43 -30.75
C PRO A 341 -15.60 35.98 -29.91
N GLU A 342 -16.64 35.45 -30.57
CA GLU A 342 -17.87 34.92 -29.91
C GLU A 342 -17.55 33.58 -29.24
N ALA A 343 -16.80 32.70 -29.90
CA ALA A 343 -16.32 31.41 -29.34
C ALA A 343 -15.40 31.70 -28.14
N TYR A 344 -14.55 32.71 -28.24
CA TYR A 344 -13.60 33.15 -27.17
C TYR A 344 -14.43 33.58 -25.96
N GLU A 345 -15.41 34.48 -26.16
CA GLU A 345 -16.22 35.04 -25.06
C GLU A 345 -17.09 33.96 -24.43
N ALA A 346 -17.52 32.96 -25.18
CA ALA A 346 -18.34 31.83 -24.65
C ALA A 346 -17.54 31.04 -23.62
N MET A 347 -16.21 31.12 -23.61
CA MET A 347 -15.33 30.37 -22.67
C MET A 347 -14.90 31.25 -21.49
N ARG A 348 -15.39 32.50 -21.42
CA ARG A 348 -15.09 33.45 -20.30
C ARG A 348 -16.39 33.77 -19.56
N ARG A 349 -16.40 33.47 -18.25
CA ARG A 349 -17.51 33.80 -17.34
C ARG A 349 -16.94 34.51 -16.12
N PRO A 350 -16.17 35.61 -16.31
CA PRO A 350 -15.18 36.03 -15.32
C PRO A 350 -15.84 36.73 -14.14
N GLY A 351 -17.18 36.78 -14.12
CA GLY A 351 -18.00 37.18 -12.96
C GLY A 351 -18.72 36.03 -12.27
N ILE A 352 -18.17 34.81 -12.36
CA ILE A 352 -18.75 33.53 -11.84
C ILE A 352 -17.56 32.67 -11.34
N VAL A 353 -17.71 32.00 -10.21
CA VAL A 353 -16.57 31.30 -9.54
C VAL A 353 -16.92 29.82 -9.45
N CYS A 354 -16.10 28.99 -10.07
CA CYS A 354 -16.23 27.50 -10.03
C CYS A 354 -15.57 26.93 -8.77
N TYR A 355 -14.46 27.48 -8.30
CA TYR A 355 -13.49 26.78 -7.40
C TYR A 355 -13.26 27.55 -6.11
N GLY A 356 -14.09 28.56 -5.81
CA GLY A 356 -14.09 29.32 -4.55
C GLY A 356 -13.70 30.78 -4.77
N GLU A 357 -13.81 31.60 -3.74
CA GLU A 357 -13.71 33.08 -3.76
C GLU A 357 -12.36 33.56 -3.24
N GLY A 358 -11.51 32.65 -2.75
CA GLY A 358 -10.19 33.02 -2.23
C GLY A 358 -10.19 33.20 -0.73
N ASP A 359 -11.21 32.71 -0.03
CA ASP A 359 -11.30 32.69 1.46
C ASP A 359 -11.27 31.25 1.99
N ALA A 360 -10.70 30.30 1.22
CA ALA A 360 -10.75 28.87 1.57
C ALA A 360 -9.95 28.61 2.85
N ALA A 361 -8.82 29.28 3.05
CA ALA A 361 -7.98 29.09 4.26
C ALA A 361 -8.80 29.38 5.51
N ALA A 362 -9.54 30.48 5.52
CA ALA A 362 -10.35 30.91 6.68
C ALA A 362 -11.47 29.87 6.92
N ARG A 363 -12.08 29.35 5.86
CA ARG A 363 -13.15 28.32 6.00
C ARG A 363 -12.55 27.02 6.55
N CYS A 364 -11.34 26.65 6.13
CA CYS A 364 -10.63 25.47 6.71
C CYS A 364 -10.40 25.71 8.21
N LEU A 365 -9.93 26.91 8.57
CA LEU A 365 -9.58 27.22 9.99
C LEU A 365 -10.83 27.06 10.85
N GLU A 366 -11.95 27.60 10.40
CA GLU A 366 -13.22 27.56 11.17
C GLU A 366 -13.69 26.11 11.29
N ALA A 367 -13.51 25.27 10.26
CA ALA A 367 -13.84 23.83 10.35
C ALA A 367 -12.94 23.18 11.40
N LEU A 368 -11.65 23.48 11.41
CA LEU A 368 -10.71 22.89 12.40
C LEU A 368 -11.13 23.31 13.82
N ARG A 369 -11.48 24.58 14.01
CA ARG A 369 -11.86 25.14 15.33
C ARG A 369 -13.14 24.45 15.80
N GLU A 370 -14.13 24.32 14.93
CA GLU A 370 -15.42 23.64 15.24
C GLU A 370 -15.17 22.18 15.65
N ARG A 371 -14.30 21.45 14.96
CA ARG A 371 -14.11 20.00 15.18
C ARG A 371 -13.21 19.77 16.41
N TRP A 372 -12.10 20.49 16.53
CA TRP A 372 -11.01 20.11 17.47
C TRP A 372 -10.72 21.19 18.52
N LEU A 373 -11.42 22.32 18.51
CA LEU A 373 -11.24 23.38 19.56
C LEU A 373 -12.62 23.70 20.14
N SER A 374 -13.51 22.72 20.21
CA SER A 374 -14.88 22.87 20.74
C SER A 374 -15.19 21.67 21.64
N SER A 375 -16.10 21.85 22.60
CA SER A 375 -16.62 20.78 23.50
C SER A 375 -18.14 20.89 23.57
N PRO A 376 -18.87 19.76 23.65
CA PRO A 376 -20.33 19.78 23.50
C PRO A 376 -21.10 20.55 24.60
N SER B 1 1.26 -27.86 -18.73
CA SER B 1 2.05 -26.78 -19.40
C SER B 1 1.17 -25.63 -19.89
N HIS B 2 -0.16 -25.80 -19.94
CA HIS B 2 -1.11 -24.69 -20.25
C HIS B 2 -0.95 -23.59 -19.18
N MET B 3 -1.16 -22.33 -19.57
CA MET B 3 -1.07 -21.17 -18.65
C MET B 3 -2.10 -21.34 -17.53
N ALA B 4 -1.67 -21.24 -16.28
CA ALA B 4 -2.55 -21.12 -15.09
C ALA B 4 -2.60 -19.65 -14.63
N LEU B 5 -3.77 -19.13 -14.22
CA LEU B 5 -3.84 -17.86 -13.44
C LEU B 5 -3.14 -18.12 -12.09
N ARG B 6 -2.02 -17.44 -11.86
CA ARG B 6 -1.25 -17.57 -10.59
C ARG B 6 -1.84 -16.61 -9.56
N VAL B 7 -2.43 -17.18 -8.51
CA VAL B 7 -3.19 -16.42 -7.49
C VAL B 7 -2.36 -16.40 -6.21
N GLY B 8 -1.81 -15.22 -5.89
CA GLY B 8 -1.17 -14.92 -4.60
C GLY B 8 -2.17 -15.03 -3.48
N ILE B 9 -1.79 -15.69 -2.40
CA ILE B 9 -2.59 -15.89 -1.17
C ILE B 9 -1.71 -15.39 -0.03
N VAL B 10 -2.09 -14.29 0.62
CA VAL B 10 -1.26 -13.64 1.66
C VAL B 10 -2.04 -13.58 2.96
N TYR B 11 -1.45 -14.08 4.03
CA TYR B 11 -2.05 -14.10 5.39
C TYR B 11 -0.94 -14.24 6.44
N GLY B 12 -1.27 -13.92 7.68
CA GLY B 12 -0.32 -14.04 8.80
C GLY B 12 -0.91 -14.64 10.06
N THR B 13 -2.20 -14.99 10.08
CA THR B 13 -2.90 -15.40 11.33
C THR B 13 -3.78 -16.63 11.08
N ARG B 14 -4.13 -17.31 12.17
CA ARG B 14 -4.98 -18.52 12.16
C ARG B 14 -6.33 -18.24 11.51
N PRO B 15 -7.13 -17.22 11.90
CA PRO B 15 -8.44 -17.02 11.30
C PRO B 15 -8.37 -16.81 9.79
N GLU B 16 -7.35 -16.09 9.29
CA GLU B 16 -7.12 -15.89 7.84
C GLU B 16 -6.85 -17.24 7.18
N ALA B 17 -5.94 -18.04 7.76
CA ALA B 17 -5.54 -19.36 7.20
C ALA B 17 -6.76 -20.27 7.10
N ILE B 18 -7.60 -20.29 8.13
CA ILE B 18 -8.82 -21.14 8.16
C ILE B 18 -9.74 -20.70 7.02
N LYS B 19 -9.94 -19.39 6.86
CA LYS B 19 -10.90 -18.88 5.85
C LYS B 19 -10.33 -18.99 4.44
N LEU B 20 -9.01 -18.91 4.28
CA LEU B 20 -8.39 -19.01 2.93
C LEU B 20 -8.20 -20.48 2.52
N ALA B 21 -8.12 -21.41 3.47
CA ALA B 21 -7.77 -22.84 3.19
C ALA B 21 -8.69 -23.42 2.12
N PRO B 22 -10.04 -23.30 2.23
CA PRO B 22 -10.92 -23.86 1.20
C PRO B 22 -10.70 -23.26 -0.21
N LEU B 23 -10.37 -21.96 -0.27
CA LEU B 23 -10.06 -21.27 -1.56
C LEU B 23 -8.74 -21.82 -2.11
N VAL B 24 -7.71 -21.96 -1.27
CA VAL B 24 -6.41 -22.55 -1.72
C VAL B 24 -6.70 -23.95 -2.30
N LEU B 25 -7.44 -24.79 -1.58
CA LEU B 25 -7.72 -26.19 -2.02
C LEU B 25 -8.45 -26.16 -3.36
N ALA B 26 -9.44 -25.27 -3.55
CA ALA B 26 -10.21 -25.17 -4.80
C ALA B 26 -9.29 -24.70 -5.93
N LEU B 27 -8.42 -23.72 -5.66
CA LEU B 27 -7.45 -23.21 -6.67
C LEU B 27 -6.48 -24.34 -7.06
N ASP B 28 -5.99 -25.11 -6.09
CA ASP B 28 -5.04 -26.23 -6.32
C ASP B 28 -5.71 -27.29 -7.22
N ALA B 29 -6.95 -27.69 -6.92
CA ALA B 29 -7.65 -28.77 -7.65
C ALA B 29 -7.99 -28.33 -9.07
N ASP B 30 -8.30 -27.05 -9.30
CA ASP B 30 -8.74 -26.57 -10.64
C ASP B 30 -7.49 -26.39 -11.51
N PRO B 31 -7.46 -26.95 -12.73
CA PRO B 31 -6.29 -26.85 -13.60
C PRO B 31 -6.05 -25.43 -14.14
N GLY B 32 -7.09 -24.58 -14.17
CA GLY B 32 -6.99 -23.19 -14.65
C GLY B 32 -6.24 -22.25 -13.70
N PHE B 33 -5.91 -22.69 -12.48
CA PHE B 33 -5.34 -21.82 -11.43
C PHE B 33 -4.16 -22.48 -10.73
N GLU B 34 -3.29 -21.65 -10.17
CA GLU B 34 -2.18 -22.08 -9.28
C GLU B 34 -2.14 -21.14 -8.09
N PRO B 35 -2.44 -21.60 -6.86
CA PRO B 35 -2.26 -20.79 -5.66
C PRO B 35 -0.79 -20.65 -5.28
N VAL B 36 -0.39 -19.45 -4.87
CA VAL B 36 0.98 -19.14 -4.41
C VAL B 36 0.85 -18.46 -3.04
N ILE B 37 1.21 -19.17 -1.97
CA ILE B 37 1.02 -18.69 -0.59
C ILE B 37 2.28 -17.95 -0.14
N ILE B 38 2.08 -16.73 0.39
CA ILE B 38 3.12 -15.93 1.08
C ILE B 38 2.57 -15.56 2.46
N THR B 39 3.26 -15.98 3.51
CA THR B 39 2.88 -15.75 4.93
C THR B 39 3.68 -14.56 5.44
N THR B 40 3.17 -13.88 6.48
CA THR B 40 3.80 -12.69 7.09
C THR B 40 4.05 -12.98 8.57
N LEU B 47 -0.50 -20.31 10.81
CA LEU B 47 0.24 -21.23 11.72
C LEU B 47 0.53 -22.59 11.03
N ASP B 48 1.68 -23.14 11.42
CA ASP B 48 2.22 -24.42 10.88
C ASP B 48 1.16 -25.51 11.07
N GLU B 49 0.52 -25.53 12.24
CA GLU B 49 -0.50 -26.54 12.63
C GLU B 49 -1.71 -26.46 11.69
N ILE B 50 -2.17 -25.24 11.36
CA ILE B 50 -3.32 -25.05 10.42
C ILE B 50 -2.85 -25.40 8.99
N ASN B 51 -1.65 -24.97 8.61
CA ASN B 51 -1.05 -25.33 7.28
C ASN B 51 -1.00 -26.85 7.13
N GLU B 52 -0.50 -27.57 8.14
CA GLU B 52 -0.42 -29.05 8.14
C GLU B 52 -1.81 -29.66 7.98
N LEU B 53 -2.78 -29.21 8.78
CA LEU B 53 -4.17 -29.78 8.81
C LEU B 53 -4.81 -29.69 7.42
N PHE B 54 -4.71 -28.56 6.73
CA PHE B 54 -5.40 -28.34 5.42
C PHE B 54 -4.46 -28.65 4.25
N GLY B 55 -3.18 -28.92 4.52
CA GLY B 55 -2.17 -29.19 3.48
C GLY B 55 -1.82 -27.95 2.67
N LEU B 56 -1.69 -26.80 3.34
CA LEU B 56 -1.22 -25.52 2.74
C LEU B 56 0.31 -25.50 2.79
N ARG B 57 0.99 -25.21 1.67
CA ARG B 57 2.47 -25.19 1.58
C ARG B 57 2.94 -23.80 1.14
N PRO B 58 3.26 -22.91 2.09
CA PRO B 58 3.77 -21.57 1.77
C PRO B 58 5.05 -21.60 0.92
N ARG B 59 5.09 -20.82 -0.16
CA ARG B 59 6.29 -20.63 -1.01
C ARG B 59 7.29 -19.70 -0.30
N HIS B 60 6.80 -18.71 0.44
CA HIS B 60 7.65 -17.73 1.18
C HIS B 60 7.00 -17.39 2.52
N ASN B 61 7.81 -17.35 3.58
CA ASN B 61 7.47 -16.80 4.90
C ASN B 61 8.32 -15.55 5.11
N LEU B 62 7.70 -14.37 5.11
CA LEU B 62 8.38 -13.11 5.49
C LEU B 62 8.28 -13.11 7.01
N ASP B 63 9.38 -12.91 7.72
CA ASP B 63 9.38 -13.06 9.21
C ASP B 63 9.21 -11.66 9.80
N ILE B 64 8.06 -11.03 9.50
CA ILE B 64 7.78 -9.58 9.75
C ILE B 64 7.00 -9.41 11.07
N MET B 65 5.93 -10.17 11.31
CA MET B 65 5.04 -9.92 12.48
C MET B 65 5.68 -10.38 13.80
N ARG B 66 5.18 -9.81 14.92
CA ARG B 66 5.59 -10.14 16.32
C ARG B 66 4.42 -9.92 17.28
N GLN B 69 5.41 -4.82 18.79
CA GLN B 69 5.87 -4.27 17.48
C GLN B 69 4.89 -3.16 17.05
N ARG B 70 5.42 -2.03 16.61
CA ARG B 70 4.61 -0.85 16.24
C ARG B 70 3.84 -1.19 14.95
N LEU B 71 2.62 -0.73 14.83
CA LEU B 71 1.82 -0.93 13.59
C LEU B 71 2.56 -0.33 12.40
N SER B 72 3.04 0.91 12.51
CA SER B 72 3.75 1.63 11.41
C SER B 72 4.95 0.81 10.94
N ALA B 73 5.70 0.20 11.86
CA ALA B 73 6.93 -0.57 11.51
C ALA B 73 6.50 -1.82 10.75
N MET B 74 5.47 -2.51 11.23
CA MET B 74 5.00 -3.76 10.57
C MET B 74 4.46 -3.43 9.17
N ALA B 75 3.58 -2.44 9.04
CA ALA B 75 2.98 -2.05 7.75
C ALA B 75 4.09 -1.60 6.78
N SER B 76 5.05 -0.81 7.27
CA SER B 76 6.23 -0.37 6.48
C SER B 76 6.95 -1.59 5.90
N ARG B 77 7.19 -2.61 6.72
CA ARG B 77 7.94 -3.82 6.28
C ARG B 77 7.12 -4.54 5.21
N ILE B 78 5.81 -4.69 5.38
CA ILE B 78 5.02 -5.48 4.40
C ILE B 78 4.98 -4.71 3.08
N VAL B 79 4.69 -3.40 3.14
CA VAL B 79 4.65 -2.54 1.92
C VAL B 79 6.02 -2.63 1.21
N GLY B 80 7.10 -2.61 2.00
CA GLY B 80 8.48 -2.53 1.49
C GLY B 80 8.97 -3.83 0.91
N GLU B 81 8.55 -4.97 1.45
CA GLU B 81 9.22 -6.27 1.20
C GLU B 81 8.32 -7.26 0.44
N LEU B 82 6.99 -7.09 0.38
CA LEU B 82 6.12 -8.13 -0.20
C LEU B 82 6.21 -8.11 -1.74
N GLY B 83 6.52 -6.95 -2.33
CA GLY B 83 6.58 -6.83 -3.80
C GLY B 83 7.53 -7.84 -4.44
N ASP B 84 8.69 -8.09 -3.84
CA ASP B 84 9.77 -8.92 -4.44
C ASP B 84 9.28 -10.36 -4.58
N PRO B 85 8.82 -11.07 -3.52
CA PRO B 85 8.25 -12.40 -3.69
C PRO B 85 7.04 -12.43 -4.64
N LEU B 86 6.17 -11.41 -4.68
CA LEU B 86 5.02 -11.38 -5.62
C LEU B 86 5.54 -11.40 -7.06
N LEU B 87 6.58 -10.61 -7.34
CA LEU B 87 7.22 -10.52 -8.68
C LEU B 87 8.00 -11.81 -8.98
N ASP B 88 8.82 -12.29 -8.04
CA ASP B 88 9.63 -13.53 -8.18
C ASP B 88 8.71 -14.73 -8.49
N GLU B 89 7.52 -14.80 -7.87
CA GLU B 89 6.58 -15.94 -8.02
C GLU B 89 5.63 -15.70 -9.19
N LEU B 90 5.81 -14.61 -9.94
CA LEU B 90 5.02 -14.34 -11.17
C LEU B 90 3.52 -14.37 -10.83
N VAL B 91 3.15 -13.77 -9.71
CA VAL B 91 1.72 -13.68 -9.31
C VAL B 91 0.99 -12.82 -10.33
N ASP B 92 -0.18 -13.29 -10.80
CA ASP B 92 -1.04 -12.57 -11.77
C ASP B 92 -2.05 -11.72 -10.99
N VAL B 93 -2.62 -12.29 -9.93
CA VAL B 93 -3.72 -11.72 -9.11
C VAL B 93 -3.43 -12.07 -7.65
N ALA B 94 -3.81 -11.21 -6.70
CA ALA B 94 -3.56 -11.45 -5.26
C ALA B 94 -4.88 -11.44 -4.51
N VAL B 95 -5.06 -12.42 -3.62
CA VAL B 95 -6.22 -12.52 -2.70
C VAL B 95 -5.74 -12.25 -1.28
N VAL B 96 -6.43 -11.37 -0.57
CA VAL B 96 -6.27 -11.11 0.89
C VAL B 96 -7.63 -11.37 1.53
N GLN B 97 -7.64 -11.61 2.84
CA GLN B 97 -8.86 -12.02 3.58
C GLN B 97 -9.01 -11.14 4.81
N GLY B 98 -10.24 -10.77 5.13
CA GLY B 98 -10.59 -10.24 6.45
C GLY B 98 -10.14 -8.80 6.64
N ASP B 99 -9.64 -8.49 7.83
CA ASP B 99 -9.49 -7.11 8.32
C ASP B 99 -8.08 -6.85 8.82
N THR B 100 -7.13 -7.75 8.57
CA THR B 100 -5.78 -7.65 9.20
C THR B 100 -4.97 -6.53 8.55
N SER B 101 -3.95 -6.06 9.27
CA SER B 101 -2.95 -5.11 8.75
C SER B 101 -2.14 -5.78 7.63
N THR B 102 -1.96 -7.10 7.70
CA THR B 102 -1.39 -7.89 6.59
C THR B 102 -2.25 -7.74 5.34
N ALA B 103 -3.56 -7.95 5.47
CA ALA B 103 -4.46 -7.89 4.30
C ALA B 103 -4.34 -6.49 3.68
N PHE B 104 -4.30 -5.43 4.49
CA PHE B 104 -4.26 -4.05 3.97
C PHE B 104 -2.90 -3.80 3.31
N ALA B 105 -1.82 -4.01 4.05
CA ALA B 105 -0.45 -3.72 3.57
C ALA B 105 -0.11 -4.58 2.35
N ALA B 106 -0.56 -5.83 2.30
CA ALA B 106 -0.33 -6.73 1.14
C ALA B 106 -1.16 -6.27 -0.06
N ALA B 107 -2.40 -5.83 0.16
CA ALA B 107 -3.23 -5.33 -0.96
C ALA B 107 -2.51 -4.11 -1.55
N TYR B 108 -1.94 -3.25 -0.70
CA TYR B 108 -1.28 -2.02 -1.17
C TYR B 108 -0.01 -2.41 -1.94
N ALA B 109 0.78 -3.33 -1.39
CA ALA B 109 2.04 -3.79 -2.02
C ALA B 109 1.70 -4.38 -3.40
N ALA B 110 0.61 -5.14 -3.51
CA ALA B 110 0.18 -5.74 -4.79
C ALA B 110 -0.21 -4.63 -5.77
N ALA B 111 -1.00 -3.65 -5.31
CA ALA B 111 -1.44 -2.52 -6.14
C ALA B 111 -0.21 -1.78 -6.70
N CYS B 112 0.84 -1.59 -5.89
CA CYS B 112 2.08 -0.88 -6.30
C CYS B 112 2.73 -1.56 -7.50
N GLU B 113 2.58 -2.89 -7.63
CA GLU B 113 3.14 -3.70 -8.74
C GLU B 113 2.08 -3.91 -9.83
N ARG B 114 0.95 -3.20 -9.76
CA ARG B 114 -0.18 -3.34 -10.70
C ARG B 114 -0.65 -4.78 -10.76
N ILE B 115 -0.61 -5.48 -9.63
CA ILE B 115 -1.25 -6.82 -9.46
C ILE B 115 -2.68 -6.59 -8.98
N PRO B 116 -3.71 -6.97 -9.75
CA PRO B 116 -5.09 -6.87 -9.29
C PRO B 116 -5.34 -7.63 -7.98
N VAL B 117 -6.22 -7.10 -7.13
CA VAL B 117 -6.51 -7.69 -5.80
C VAL B 117 -7.96 -8.12 -5.70
N ALA B 118 -8.19 -9.29 -5.10
CA ALA B 118 -9.51 -9.76 -4.67
C ALA B 118 -9.56 -9.84 -3.15
N HIS B 119 -10.65 -9.42 -2.53
CA HIS B 119 -10.82 -9.45 -1.07
C HIS B 119 -11.82 -10.53 -0.69
N LEU B 120 -11.36 -11.54 0.04
CA LEU B 120 -12.22 -12.60 0.58
C LEU B 120 -12.83 -12.10 1.90
N GLU B 121 -14.15 -12.25 2.04
CA GLU B 121 -14.95 -11.82 3.21
C GLU B 121 -14.97 -10.29 3.26
N ALA B 122 -15.55 -9.69 2.22
CA ALA B 122 -15.62 -8.23 1.99
C ALA B 122 -16.94 -7.69 2.51
N GLY B 123 -16.92 -6.50 3.12
CA GLY B 123 -18.10 -5.69 3.40
C GLY B 123 -18.63 -5.80 4.82
N LEU B 124 -17.92 -6.45 5.74
CA LEU B 124 -18.39 -6.49 7.16
C LEU B 124 -18.12 -5.12 7.79
N ARG B 125 -19.12 -4.55 8.47
CA ARG B 125 -19.05 -3.22 9.09
C ARG B 125 -19.78 -3.27 10.44
N THR B 126 -19.27 -2.54 11.45
CA THR B 126 -20.05 -2.22 12.68
C THR B 126 -20.73 -0.87 12.49
N GLY B 127 -20.08 0.04 11.75
CA GLY B 127 -20.48 1.46 11.66
C GLY B 127 -19.90 2.30 12.80
N ASP B 128 -18.96 1.76 13.59
CA ASP B 128 -18.24 2.50 14.66
C ASP B 128 -16.80 2.78 14.20
N ARG B 129 -16.56 4.04 13.83
CA ARG B 129 -15.30 4.51 13.21
C ARG B 129 -14.10 4.17 14.11
N PHE B 130 -13.11 3.46 13.55
CA PHE B 130 -11.81 3.14 14.19
C PHE B 130 -12.02 2.21 15.40
N GLU B 131 -13.14 1.49 15.43
CA GLU B 131 -13.49 0.53 16.51
C GLU B 131 -13.80 -0.84 15.90
N PRO B 132 -12.94 -1.86 16.07
CA PRO B 132 -11.63 -1.70 16.69
C PRO B 132 -10.60 -1.08 15.74
N PHE B 133 -9.47 -0.62 16.29
CA PHE B 133 -8.35 -0.03 15.52
C PHE B 133 -7.21 -1.03 15.52
N PRO B 134 -6.57 -1.32 14.36
CA PRO B 134 -6.93 -0.74 13.06
C PRO B 134 -7.91 -1.49 12.14
N GLU B 135 -8.58 -2.53 12.63
CA GLU B 135 -9.33 -3.50 11.77
C GLU B 135 -10.43 -2.78 10.96
N GLU B 136 -11.15 -1.85 11.57
CA GLU B 136 -12.30 -1.17 10.92
C GLU B 136 -11.78 -0.34 9.76
N ILE B 137 -10.66 0.38 9.93
CA ILE B 137 -10.10 1.20 8.83
C ILE B 137 -9.45 0.27 7.78
N ASN B 138 -8.84 -0.83 8.20
CA ASN B 138 -8.21 -1.78 7.26
C ASN B 138 -9.23 -2.23 6.22
N ARG B 139 -10.44 -2.61 6.65
CA ARG B 139 -11.52 -3.07 5.74
C ARG B 139 -11.84 -1.99 4.70
N ARG B 140 -11.91 -0.74 5.15
CA ARG B 140 -12.34 0.39 4.27
C ARG B 140 -11.22 0.69 3.27
N LEU B 141 -9.96 0.53 3.66
CA LEU B 141 -8.80 0.71 2.75
C LEU B 141 -8.73 -0.44 1.73
N ILE B 142 -8.82 -1.68 2.21
CA ILE B 142 -8.83 -2.86 1.30
C ILE B 142 -9.97 -2.69 0.29
N THR B 143 -11.13 -2.22 0.74
CA THR B 143 -12.33 -2.04 -0.10
C THR B 143 -11.99 -1.14 -1.30
N GLN B 144 -11.23 -0.06 -1.10
CA GLN B 144 -10.84 0.84 -2.22
C GLN B 144 -9.76 0.18 -3.09
N LEU B 145 -8.89 -0.67 -2.54
CA LEU B 145 -7.77 -1.27 -3.32
C LEU B 145 -8.25 -2.46 -4.16
N ALA B 146 -9.25 -3.22 -3.69
CA ALA B 146 -9.64 -4.50 -4.33
C ALA B 146 -10.44 -4.24 -5.60
N ASP B 147 -10.13 -4.97 -6.68
CA ASP B 147 -10.92 -4.97 -7.94
C ASP B 147 -12.19 -5.82 -7.76
N LEU B 148 -12.09 -6.85 -6.94
CA LEU B 148 -13.11 -7.92 -6.81
C LEU B 148 -13.34 -8.19 -5.32
N HIS B 149 -14.59 -8.34 -4.92
CA HIS B 149 -15.03 -8.45 -3.51
C HIS B 149 -15.93 -9.67 -3.35
N PHE B 150 -15.53 -10.60 -2.49
CA PHE B 150 -16.30 -11.83 -2.14
C PHE B 150 -17.01 -11.56 -0.83
N ALA B 151 -18.26 -11.11 -0.92
CA ALA B 151 -19.10 -10.75 0.24
C ALA B 151 -19.78 -12.03 0.74
N PRO B 152 -19.80 -12.25 2.06
CA PRO B 152 -20.43 -13.44 2.61
C PRO B 152 -21.97 -13.36 2.61
N THR B 153 -22.52 -12.15 2.59
CA THR B 153 -23.98 -11.91 2.73
C THR B 153 -24.40 -10.72 1.86
N ALA B 154 -25.69 -10.62 1.58
CA ALA B 154 -26.33 -9.48 0.89
C ALA B 154 -26.08 -8.19 1.69
N ASP B 155 -26.14 -8.25 3.01
CA ASP B 155 -25.91 -7.08 3.89
C ASP B 155 -24.48 -6.54 3.64
N ALA B 156 -23.48 -7.43 3.58
CA ALA B 156 -22.07 -7.05 3.37
C ALA B 156 -21.91 -6.44 1.98
N ALA B 157 -22.57 -7.00 0.96
CA ALA B 157 -22.57 -6.46 -0.41
C ALA B 157 -23.12 -5.02 -0.39
N GLY B 158 -24.21 -4.79 0.34
CA GLY B 158 -24.80 -3.45 0.50
C GLY B 158 -23.81 -2.46 1.10
N ASN B 159 -23.02 -2.87 2.09
CA ASN B 159 -22.00 -1.99 2.72
C ASN B 159 -20.96 -1.59 1.67
N LEU B 160 -20.57 -2.51 0.79
CA LEU B 160 -19.58 -2.21 -0.27
C LEU B 160 -20.14 -1.16 -1.24
N LEU B 161 -21.39 -1.30 -1.71
CA LEU B 161 -22.03 -0.32 -2.63
C LEU B 161 -22.05 1.08 -1.98
N ALA B 162 -22.30 1.16 -0.68
CA ALA B 162 -22.39 2.45 0.05
C ALA B 162 -21.00 3.13 0.11
N GLU B 163 -19.93 2.40 -0.20
CA GLU B 163 -18.56 3.00 -0.23
C GLU B 163 -18.11 3.15 -1.68
N GLY B 164 -19.03 3.06 -2.65
CA GLY B 164 -18.78 3.43 -4.05
C GLY B 164 -18.26 2.28 -4.88
N VAL B 165 -18.29 1.07 -4.35
CA VAL B 165 -17.92 -0.14 -5.17
C VAL B 165 -19.02 -0.38 -6.21
N ARG B 166 -18.64 -0.62 -7.45
CA ARG B 166 -19.62 -0.97 -8.54
C ARG B 166 -20.19 -2.37 -8.27
N SER B 167 -21.49 -2.53 -8.49
CA SER B 167 -22.21 -3.82 -8.29
C SER B 167 -21.53 -4.98 -9.04
N ASP B 168 -20.99 -4.74 -10.21
CA ASP B 168 -20.35 -5.79 -11.06
C ASP B 168 -19.07 -6.33 -10.39
N ASP B 169 -18.50 -5.61 -9.39
CA ASP B 169 -17.24 -6.02 -8.73
C ASP B 169 -17.52 -6.80 -7.44
N VAL B 170 -18.80 -6.94 -7.10
CA VAL B 170 -19.24 -7.60 -5.84
C VAL B 170 -19.94 -8.92 -6.18
N TYR B 171 -19.46 -10.02 -5.59
CA TYR B 171 -20.11 -11.35 -5.66
C TYR B 171 -20.47 -11.77 -4.23
N VAL B 172 -21.73 -12.12 -3.99
CA VAL B 172 -22.16 -12.74 -2.70
C VAL B 172 -21.82 -14.23 -2.80
N THR B 173 -20.68 -14.65 -2.24
CA THR B 173 -20.14 -16.02 -2.35
C THR B 173 -20.53 -16.85 -1.13
N GLY B 174 -21.00 -16.19 -0.07
CA GLY B 174 -21.02 -16.76 1.28
C GLY B 174 -19.62 -16.80 1.89
N ASN B 175 -19.51 -17.30 3.12
CA ASN B 175 -18.26 -17.30 3.90
C ASN B 175 -17.60 -18.67 3.78
N THR B 176 -16.31 -18.67 3.44
CA THR B 176 -15.51 -19.91 3.30
C THR B 176 -15.33 -20.60 4.65
N VAL B 177 -15.63 -19.95 5.78
CA VAL B 177 -15.52 -20.62 7.10
C VAL B 177 -16.48 -21.82 7.14
N ILE B 178 -17.64 -21.72 6.48
CA ILE B 178 -18.60 -22.86 6.41
C ILE B 178 -17.93 -24.00 5.64
N ASP B 179 -17.31 -23.72 4.48
CA ASP B 179 -16.51 -24.74 3.73
C ASP B 179 -15.48 -25.37 4.69
N ALA B 180 -14.76 -24.56 5.45
CA ALA B 180 -13.66 -25.03 6.32
C ALA B 180 -14.21 -25.98 7.39
N MET B 181 -15.31 -25.59 8.05
CA MET B 181 -15.98 -26.43 9.07
C MET B 181 -16.28 -27.80 8.49
N HIS B 182 -16.89 -27.84 7.31
CA HIS B 182 -17.35 -29.08 6.65
C HIS B 182 -16.15 -29.99 6.39
N LEU B 183 -14.99 -29.40 6.03
CA LEU B 183 -13.76 -30.17 5.74
C LEU B 183 -13.26 -30.89 6.99
N VAL B 184 -13.43 -30.34 8.20
CA VAL B 184 -12.91 -31.00 9.43
C VAL B 184 -14.01 -31.88 10.05
N LEU B 185 -15.29 -31.55 9.88
CA LEU B 185 -16.39 -32.43 10.38
C LEU B 185 -16.36 -33.74 9.56
N ARG B 194 -9.37 -36.42 24.09
CA ARG B 194 -9.36 -37.53 25.10
C ARG B 194 -9.51 -36.95 26.52
N GLU B 195 -8.68 -35.98 26.89
CA GLU B 195 -8.88 -35.18 28.14
C GLU B 195 -10.16 -34.35 28.01
N LEU B 196 -10.43 -33.78 26.83
CA LEU B 196 -11.65 -32.97 26.57
C LEU B 196 -12.89 -33.85 26.71
N ASP B 197 -12.88 -35.04 26.09
CA ASP B 197 -13.98 -36.04 26.16
C ASP B 197 -14.27 -36.40 27.62
N ALA B 198 -13.25 -36.79 28.39
CA ALA B 198 -13.38 -37.17 29.82
C ALA B 198 -14.02 -36.01 30.59
N PHE B 199 -13.70 -34.75 30.26
CA PHE B 199 -14.17 -33.59 31.03
C PHE B 199 -15.63 -33.24 30.67
N THR B 200 -16.02 -33.43 29.41
CA THR B 200 -17.34 -32.97 28.89
C THR B 200 -18.38 -34.10 28.90
N GLU B 201 -17.98 -35.36 28.85
CA GLU B 201 -18.87 -36.54 28.53
C GLU B 201 -20.31 -36.42 29.10
N GLY B 202 -20.53 -36.47 30.40
CA GLY B 202 -21.91 -36.56 30.93
C GLY B 202 -22.52 -35.19 31.18
N ARG B 203 -21.94 -34.08 30.70
CA ARG B 203 -22.20 -32.75 31.32
C ARG B 203 -22.63 -31.72 30.27
N GLN B 204 -23.42 -30.76 30.70
CA GLN B 204 -23.71 -29.51 29.95
C GLN B 204 -22.43 -28.65 29.96
N THR B 205 -21.82 -28.46 28.79
CA THR B 205 -20.55 -27.72 28.63
C THR B 205 -20.79 -26.43 27.84
N VAL B 206 -20.48 -25.29 28.45
CA VAL B 206 -20.38 -23.96 27.76
C VAL B 206 -18.96 -23.83 27.19
N LEU B 207 -18.85 -23.53 25.89
CA LEU B 207 -17.57 -23.18 25.21
C LEU B 207 -17.42 -21.66 25.26
N LEU B 208 -16.30 -21.14 25.78
CA LEU B 208 -16.04 -19.67 25.85
C LEU B 208 -14.67 -19.38 25.22
N THR B 209 -14.63 -18.46 24.25
CA THR B 209 -13.37 -17.85 23.74
C THR B 209 -13.51 -16.34 23.82
N MET B 210 -12.43 -15.67 24.24
CA MET B 210 -12.41 -14.21 24.37
C MET B 210 -10.97 -13.72 24.20
N HIS B 211 -10.73 -12.81 23.25
CA HIS B 211 -9.36 -12.38 22.86
C HIS B 211 -9.23 -10.89 22.56
N ARG B 212 -10.31 -10.12 22.40
CA ARG B 212 -10.17 -8.77 21.80
C ARG B 212 -9.42 -7.83 22.74
N ARG B 213 -8.44 -7.12 22.18
CA ARG B 213 -7.52 -6.20 22.89
C ARG B 213 -8.34 -5.18 23.69
N GLU B 214 -9.43 -4.66 23.11
CA GLU B 214 -10.29 -3.63 23.78
C GLU B 214 -10.94 -4.19 25.05
N SER B 215 -10.91 -5.51 25.29
CA SER B 215 -11.52 -6.15 26.49
C SER B 215 -10.47 -6.64 27.48
N TRP B 216 -9.19 -6.49 27.17
CA TRP B 216 -8.08 -6.94 28.06
C TRP B 216 -8.19 -6.30 29.44
N GLY B 217 -7.80 -7.05 30.48
CA GLY B 217 -7.82 -6.60 31.88
C GLY B 217 -9.21 -6.64 32.48
N ILE B 218 -9.78 -5.49 32.81
CA ILE B 218 -11.01 -5.40 33.67
C ILE B 218 -12.19 -6.07 32.98
N PRO B 219 -12.53 -5.76 31.70
CA PRO B 219 -13.68 -6.41 31.06
C PRO B 219 -13.58 -7.95 31.03
N MET B 220 -12.42 -8.51 30.72
CA MET B 220 -12.22 -9.98 30.75
C MET B 220 -12.38 -10.49 32.18
N GLY B 221 -11.91 -9.73 33.17
CA GLY B 221 -12.10 -10.04 34.60
C GLY B 221 -13.57 -10.19 34.95
N ARG B 222 -14.41 -9.28 34.43
CA ARG B 222 -15.88 -9.34 34.67
C ARG B 222 -16.45 -10.62 34.04
N VAL B 223 -15.99 -10.98 32.84
CA VAL B 223 -16.48 -12.20 32.16
C VAL B 223 -16.08 -13.42 33.00
N ALA B 224 -14.84 -13.46 33.49
CA ALA B 224 -14.33 -14.55 34.36
C ALA B 224 -15.18 -14.65 35.63
N ALA B 225 -15.54 -13.51 36.24
CA ALA B 225 -16.40 -13.46 37.44
C ALA B 225 -17.79 -14.05 37.11
N ALA B 226 -18.35 -13.73 35.94
CA ALA B 226 -19.65 -14.29 35.47
C ALA B 226 -19.53 -15.82 35.40
N VAL B 227 -18.41 -16.32 34.87
CA VAL B 227 -18.17 -17.78 34.74
C VAL B 227 -18.15 -18.40 36.16
N ALA B 228 -17.43 -17.76 37.09
CA ALA B 228 -17.27 -18.23 38.48
C ALA B 228 -18.66 -18.33 39.13
N GLU B 229 -19.46 -17.27 39.01
CA GLU B 229 -20.83 -17.19 39.59
C GLU B 229 -21.71 -18.31 39.01
N LEU B 230 -21.73 -18.48 37.70
CA LEU B 230 -22.53 -19.55 37.04
C LEU B 230 -22.11 -20.92 37.57
N CYS B 231 -20.80 -21.14 37.74
CA CYS B 231 -20.25 -22.43 38.23
C CYS B 231 -20.73 -22.70 39.67
N ARG B 232 -20.68 -21.69 40.54
CA ARG B 232 -21.08 -21.79 41.98
C ARG B 232 -22.58 -22.15 42.05
N SER B 233 -23.41 -21.46 41.26
CA SER B 233 -24.90 -21.59 41.26
C SER B 233 -25.34 -22.90 40.58
N ARG B 234 -24.52 -23.50 39.71
CA ARG B 234 -24.93 -24.67 38.88
C ARG B 234 -23.85 -25.73 38.90
N PRO B 235 -23.80 -26.55 39.98
CA PRO B 235 -22.76 -27.56 40.15
C PRO B 235 -22.59 -28.54 38.98
N THR B 236 -23.60 -28.71 38.14
CA THR B 236 -23.60 -29.65 36.99
C THR B 236 -22.98 -28.99 35.74
N LEU B 237 -22.88 -27.67 35.72
CA LEU B 237 -22.39 -26.90 34.54
C LEU B 237 -20.88 -27.04 34.43
N ARG B 238 -20.37 -27.22 33.19
CA ARG B 238 -18.93 -27.16 32.88
C ARG B 238 -18.66 -26.04 31.87
N PHE B 239 -17.44 -25.48 31.93
CA PHE B 239 -16.90 -24.54 30.90
C PHE B 239 -15.59 -25.09 30.38
N VAL B 240 -15.41 -25.02 29.07
CA VAL B 240 -14.08 -25.17 28.40
C VAL B 240 -13.71 -23.80 27.83
N ILE B 241 -12.53 -23.30 28.21
CA ILE B 241 -12.01 -21.97 27.80
C ILE B 241 -10.64 -22.17 27.18
N PRO B 242 -10.55 -22.35 25.84
CA PRO B 242 -9.29 -22.31 25.13
C PRO B 242 -8.80 -20.85 25.17
N LEU B 243 -7.57 -20.62 25.64
CA LEU B 243 -7.08 -19.25 25.91
C LEU B 243 -6.29 -18.76 24.69
N HIS B 244 -6.59 -17.55 24.24
CA HIS B 244 -5.79 -16.84 23.23
C HIS B 244 -4.34 -16.76 23.72
N PRO B 245 -3.34 -16.96 22.84
CA PRO B 245 -1.93 -16.93 23.25
C PRO B 245 -1.44 -15.48 23.46
N ASN B 246 -1.88 -14.87 24.54
CA ASN B 246 -1.38 -13.57 25.05
C ASN B 246 -1.24 -13.71 26.55
N PRO B 247 -0.09 -13.35 27.17
CA PRO B 247 0.13 -13.62 28.59
C PRO B 247 -0.86 -12.88 29.48
N GLU B 248 -1.33 -11.70 29.07
CA GLU B 248 -2.28 -10.87 29.87
C GLU B 248 -3.65 -11.57 29.89
N VAL B 249 -4.10 -12.10 28.75
CA VAL B 249 -5.37 -12.88 28.63
C VAL B 249 -5.28 -14.13 29.53
N ARG B 250 -4.20 -14.90 29.40
CA ARG B 250 -3.99 -16.12 30.22
C ARG B 250 -4.01 -15.77 31.71
N ARG B 251 -3.35 -14.68 32.10
CA ARG B 251 -3.21 -14.27 33.53
C ARG B 251 -4.60 -13.97 34.10
N VAL B 252 -5.44 -13.23 33.38
CA VAL B 252 -6.78 -12.82 33.90
C VAL B 252 -7.62 -14.09 34.14
N PHE B 253 -7.72 -14.99 33.17
CA PHE B 253 -8.55 -16.20 33.31
C PHE B 253 -7.96 -17.10 34.40
N ARG B 254 -6.64 -17.30 34.40
CA ARG B 254 -5.93 -18.23 35.33
C ARG B 254 -6.15 -17.74 36.76
N SER B 255 -5.99 -16.44 37.01
CA SER B 255 -6.05 -15.86 38.38
C SER B 255 -7.49 -15.87 38.89
N HIS B 256 -8.50 -15.87 38.02
CA HIS B 256 -9.93 -15.90 38.42
C HIS B 256 -10.47 -17.34 38.51
N LEU B 257 -9.94 -18.30 37.75
CA LEU B 257 -10.67 -19.58 37.49
C LEU B 257 -9.83 -20.84 37.71
N SER B 258 -8.51 -20.76 37.92
CA SER B 258 -7.63 -21.96 37.88
C SER B 258 -7.99 -22.97 38.99
N SER B 259 -8.63 -22.56 40.08
CA SER B 259 -9.02 -23.47 41.19
C SER B 259 -10.40 -24.12 40.96
N LEU B 260 -11.19 -23.64 40.00
CA LEU B 260 -12.56 -24.17 39.76
C LEU B 260 -12.48 -25.46 38.95
N THR B 261 -12.85 -26.57 39.58
CA THR B 261 -12.89 -27.92 38.96
C THR B 261 -13.87 -27.94 37.78
N GLN B 262 -14.90 -27.08 37.79
CA GLN B 262 -15.93 -27.02 36.72
C GLN B 262 -15.42 -26.28 35.45
N VAL B 263 -14.26 -25.64 35.51
CA VAL B 263 -13.65 -24.91 34.36
C VAL B 263 -12.41 -25.67 33.89
N LEU B 264 -12.37 -26.03 32.61
CA LEU B 264 -11.13 -26.50 31.97
C LEU B 264 -10.54 -25.35 31.14
N LEU B 265 -9.53 -24.67 31.69
CA LEU B 265 -8.69 -23.69 30.94
C LEU B 265 -7.78 -24.48 30.01
N CYS B 266 -7.76 -24.16 28.72
CA CYS B 266 -7.04 -24.94 27.69
C CYS B 266 -6.03 -24.07 26.96
N GLU B 267 -4.99 -24.72 26.43
CA GLU B 267 -4.16 -24.19 25.32
C GLU B 267 -5.09 -24.07 24.11
N PRO B 268 -4.74 -23.20 23.12
CA PRO B 268 -5.45 -23.14 21.85
C PRO B 268 -5.62 -24.56 21.30
N LEU B 269 -6.79 -24.86 20.78
CA LEU B 269 -7.11 -26.19 20.18
C LEU B 269 -6.90 -26.15 18.67
N ARG B 270 -6.41 -27.26 18.10
CA ARG B 270 -6.40 -27.47 16.63
C ARG B 270 -7.84 -27.29 16.13
N TYR B 271 -8.01 -26.76 14.94
CA TYR B 271 -9.33 -26.38 14.35
C TYR B 271 -10.30 -27.59 14.38
N SER B 272 -9.83 -28.78 14.00
CA SER B 272 -10.69 -30.01 13.95
C SER B 272 -11.21 -30.30 15.38
N GLU B 273 -10.35 -30.21 16.39
CA GLU B 273 -10.71 -30.49 17.81
C GLU B 273 -11.64 -29.39 18.33
N PHE B 274 -11.42 -28.14 17.92
CA PHE B 274 -12.22 -26.98 18.36
C PHE B 274 -13.65 -27.12 17.82
N ILE B 275 -13.79 -27.49 16.55
CA ILE B 275 -15.12 -27.66 15.90
C ILE B 275 -15.84 -28.85 16.57
N ARG B 276 -15.15 -29.95 16.87
CA ARG B 276 -15.77 -31.11 17.56
C ARG B 276 -16.27 -30.67 18.94
N LEU B 277 -15.46 -29.93 19.69
CA LEU B 277 -15.85 -29.40 21.04
C LEU B 277 -17.10 -28.53 20.90
N MET B 278 -17.13 -27.66 19.89
CA MET B 278 -18.26 -26.71 19.68
C MET B 278 -19.53 -27.51 19.42
N HIS B 279 -19.43 -28.60 18.65
CA HIS B 279 -20.57 -29.53 18.34
C HIS B 279 -21.13 -30.15 19.62
N ARG B 280 -20.29 -30.43 20.62
CA ARG B 280 -20.65 -31.08 21.91
C ARG B 280 -21.18 -30.05 22.90
N ALA B 281 -20.85 -28.76 22.74
CA ALA B 281 -21.20 -27.70 23.71
C ALA B 281 -22.71 -27.45 23.67
N VAL B 282 -23.28 -27.01 24.77
CA VAL B 282 -24.72 -26.66 24.81
C VAL B 282 -24.88 -25.24 24.27
N LEU B 283 -23.92 -24.36 24.56
CA LEU B 283 -23.93 -23.01 23.97
C LEU B 283 -22.52 -22.40 24.00
N VAL B 284 -22.36 -21.28 23.30
CA VAL B 284 -21.02 -20.66 23.01
C VAL B 284 -21.10 -19.20 23.43
N LEU B 285 -20.15 -18.76 24.25
CA LEU B 285 -19.88 -17.35 24.59
C LEU B 285 -18.57 -16.97 23.90
N THR B 286 -18.54 -15.92 23.09
CA THR B 286 -17.34 -15.59 22.29
C THR B 286 -17.32 -14.12 21.92
N ASP B 287 -16.12 -13.60 21.69
CA ASP B 287 -15.96 -12.30 20.97
C ASP B 287 -15.31 -12.58 19.61
N SER B 288 -15.19 -13.84 19.21
CA SER B 288 -14.64 -14.25 17.90
C SER B 288 -15.65 -13.99 16.77
N GLY B 289 -15.19 -13.39 15.66
CA GLY B 289 -15.96 -13.26 14.42
C GLY B 289 -16.32 -14.61 13.83
N GLY B 290 -15.33 -15.47 13.63
CA GLY B 290 -15.49 -16.80 13.01
C GLY B 290 -16.44 -17.69 13.83
N VAL B 291 -16.34 -17.67 15.15
CA VAL B 291 -17.18 -18.53 16.02
C VAL B 291 -18.64 -18.07 15.91
N GLN B 292 -18.89 -16.77 15.72
CA GLN B 292 -20.26 -16.25 15.47
C GLN B 292 -20.86 -16.84 14.19
N GLU B 293 -20.02 -17.28 13.26
CA GLU B 293 -20.45 -17.87 11.97
C GLU B 293 -20.53 -19.40 12.14
N GLU B 294 -19.58 -19.99 12.85
CA GLU B 294 -19.47 -21.47 12.97
C GLU B 294 -20.60 -22.00 13.89
N ALA B 295 -20.80 -21.37 15.04
CA ALA B 295 -21.67 -21.90 16.10
C ALA B 295 -23.11 -22.04 15.60
N PRO B 296 -23.74 -21.00 14.99
CA PRO B 296 -25.11 -21.12 14.49
C PRO B 296 -25.27 -22.25 13.44
N THR B 297 -24.22 -22.49 12.66
CA THR B 297 -24.19 -23.56 11.63
C THR B 297 -24.27 -24.93 12.32
N LEU B 298 -23.80 -25.06 13.57
CA LEU B 298 -23.93 -26.33 14.35
C LEU B 298 -25.16 -26.29 15.25
N GLY B 299 -26.03 -25.29 15.09
CA GLY B 299 -27.26 -25.12 15.89
C GLY B 299 -26.96 -24.77 17.34
N LYS B 300 -25.84 -24.08 17.61
CA LYS B 300 -25.51 -23.66 19.00
C LYS B 300 -25.83 -22.19 19.17
N PRO B 301 -26.70 -21.84 20.14
CA PRO B 301 -26.92 -20.44 20.48
C PRO B 301 -25.59 -19.78 20.85
N VAL B 302 -25.41 -18.54 20.40
CA VAL B 302 -24.18 -17.73 20.65
C VAL B 302 -24.55 -16.50 21.47
N LEU B 303 -23.83 -16.28 22.57
CA LEU B 303 -23.86 -15.01 23.31
C LEU B 303 -22.54 -14.28 23.00
N VAL B 304 -22.63 -13.06 22.48
CA VAL B 304 -21.46 -12.34 21.92
C VAL B 304 -20.92 -11.38 22.98
N LEU B 305 -19.67 -11.60 23.38
CA LEU B 305 -19.01 -10.85 24.48
C LEU B 305 -18.42 -9.54 23.92
N ARG B 306 -19.26 -8.73 23.27
CA ARG B 306 -18.90 -7.42 22.68
C ARG B 306 -20.09 -6.48 22.76
N ASP B 307 -19.85 -5.19 22.57
CA ASP B 307 -20.90 -4.13 22.51
C ASP B 307 -21.34 -3.90 21.07
N ARG B 308 -20.66 -4.54 20.11
CA ARG B 308 -20.94 -4.41 18.66
C ARG B 308 -20.61 -5.74 17.99
N THR B 309 -21.15 -6.00 16.82
CA THR B 309 -20.77 -7.13 15.96
C THR B 309 -20.76 -6.72 14.48
N GLU B 310 -19.88 -7.37 13.73
CA GLU B 310 -19.82 -7.33 12.26
C GLU B 310 -20.72 -8.43 11.67
N ARG B 311 -21.38 -9.22 12.52
CA ARG B 311 -22.33 -10.28 12.08
C ARG B 311 -23.75 -9.94 12.54
N PRO B 312 -24.37 -8.87 12.02
CA PRO B 312 -25.73 -8.49 12.41
C PRO B 312 -26.78 -9.52 11.95
N GLU B 313 -26.47 -10.33 10.94
CA GLU B 313 -27.41 -11.32 10.36
C GLU B 313 -27.83 -12.30 11.48
N GLY B 314 -26.89 -12.79 12.29
CA GLY B 314 -27.18 -13.75 13.37
C GLY B 314 -28.02 -13.11 14.46
N ILE B 315 -27.79 -11.82 14.72
CA ILE B 315 -28.57 -11.02 15.72
C ILE B 315 -30.03 -10.94 15.21
N ALA B 316 -30.23 -10.50 13.96
CA ALA B 316 -31.56 -10.27 13.35
C ALA B 316 -32.33 -11.60 13.30
N ALA B 317 -31.66 -12.72 13.02
CA ALA B 317 -32.31 -14.05 12.90
C ALA B 317 -32.51 -14.70 14.28
N GLY B 318 -32.00 -14.10 15.36
CA GLY B 318 -32.13 -14.63 16.73
C GLY B 318 -31.15 -15.74 17.08
N CYS B 319 -30.20 -16.09 16.20
CA CYS B 319 -29.09 -17.08 16.38
C CYS B 319 -28.11 -16.63 17.47
N ALA B 320 -27.97 -15.32 17.66
CA ALA B 320 -26.93 -14.68 18.48
C ALA B 320 -27.52 -13.50 19.21
N ARG B 321 -27.01 -13.19 20.40
CA ARG B 321 -27.40 -11.99 21.18
C ARG B 321 -26.14 -11.32 21.71
N LEU B 322 -26.08 -9.99 21.67
CA LEU B 322 -25.01 -9.17 22.30
C LEU B 322 -25.22 -9.18 23.81
N VAL B 323 -24.14 -9.37 24.55
CA VAL B 323 -24.12 -9.53 26.03
C VAL B 323 -22.99 -8.66 26.61
N GLY B 324 -22.07 -8.18 25.78
CA GLY B 324 -20.97 -7.30 26.21
C GLY B 324 -20.11 -7.98 27.26
N THR B 325 -19.66 -7.24 28.27
CA THR B 325 -18.82 -7.75 29.37
C THR B 325 -19.47 -7.42 30.72
N ASP B 326 -20.80 -7.34 30.72
CA ASP B 326 -21.65 -7.12 31.93
C ASP B 326 -21.91 -8.47 32.60
N PRO B 327 -21.32 -8.73 33.79
CA PRO B 327 -21.43 -10.05 34.43
C PRO B 327 -22.88 -10.44 34.79
N ALA B 328 -23.68 -9.49 35.27
CA ALA B 328 -25.11 -9.73 35.63
C ALA B 328 -25.88 -10.20 34.38
N LEU B 329 -25.70 -9.50 33.25
CA LEU B 329 -26.39 -9.85 31.97
C LEU B 329 -25.92 -11.24 31.49
N ILE B 330 -24.62 -11.53 31.56
CA ILE B 330 -24.07 -12.84 31.10
C ILE B 330 -24.70 -13.95 31.95
N VAL B 331 -24.71 -13.79 33.27
CA VAL B 331 -25.30 -14.78 34.21
C VAL B 331 -26.78 -14.99 33.83
N LYS B 332 -27.51 -13.89 33.65
CA LYS B 332 -28.97 -13.91 33.32
C LYS B 332 -29.18 -14.66 31.99
N GLU B 333 -28.47 -14.25 30.94
CA GLU B 333 -28.68 -14.76 29.57
C GLU B 333 -28.30 -16.23 29.49
N VAL B 334 -27.21 -16.65 30.14
CA VAL B 334 -26.80 -18.09 30.13
C VAL B 334 -27.87 -18.88 30.89
N GLY B 335 -28.35 -18.36 32.03
CA GLY B 335 -29.40 -18.98 32.85
C GLY B 335 -30.67 -19.26 32.04
N ARG B 336 -31.18 -18.21 31.37
CA ARG B 336 -32.36 -18.28 30.47
C ARG B 336 -32.22 -19.47 29.52
N LEU B 337 -31.05 -19.64 28.88
CA LEU B 337 -30.87 -20.66 27.82
C LEU B 337 -30.81 -22.07 28.44
N LEU B 338 -30.21 -22.19 29.62
CA LEU B 338 -30.06 -23.51 30.28
C LEU B 338 -31.40 -23.96 30.89
N ASP B 339 -32.24 -23.02 31.33
CA ASP B 339 -33.43 -23.29 32.19
C ASP B 339 -34.73 -23.35 31.38
N ASP B 340 -34.82 -22.60 30.28
CA ASP B 340 -36.06 -22.40 29.48
C ASP B 340 -35.87 -22.98 28.08
N PRO B 341 -36.34 -24.22 27.80
CA PRO B 341 -36.11 -24.86 26.50
C PRO B 341 -36.69 -24.09 25.30
N GLU B 342 -37.67 -23.22 25.55
CA GLU B 342 -38.32 -22.38 24.50
C GLU B 342 -37.36 -21.25 24.09
N ALA B 343 -36.69 -20.61 25.05
CA ALA B 343 -35.66 -19.58 24.82
C ALA B 343 -34.48 -20.20 24.05
N TYR B 344 -34.10 -21.44 24.41
CA TYR B 344 -32.99 -22.20 23.77
C TYR B 344 -33.37 -22.43 22.30
N GLU B 345 -34.57 -22.97 22.04
CA GLU B 345 -35.02 -23.31 20.66
C GLU B 345 -35.18 -22.04 19.83
N ALA B 346 -35.55 -20.92 20.43
CA ALA B 346 -35.71 -19.63 19.71
C ALA B 346 -34.36 -19.17 19.11
N MET B 347 -33.23 -19.67 19.63
CA MET B 347 -31.87 -19.26 19.17
C MET B 347 -31.30 -20.30 18.19
N ARG B 348 -32.06 -21.34 17.84
CA ARG B 348 -31.69 -22.37 16.84
C ARG B 348 -32.73 -22.41 15.72
N ARG B 349 -32.51 -23.16 14.66
CA ARG B 349 -33.40 -23.16 13.46
C ARG B 349 -33.57 -24.58 12.96
N VAL B 353 -29.92 -20.21 6.58
CA VAL B 353 -28.45 -20.01 6.58
C VAL B 353 -28.18 -18.50 6.53
N CYS B 354 -27.44 -17.99 7.52
CA CYS B 354 -27.01 -16.58 7.60
C CYS B 354 -25.75 -16.34 6.75
N TYR B 355 -24.79 -17.28 6.70
CA TYR B 355 -23.40 -16.97 6.27
C TYR B 355 -22.95 -17.85 5.11
N GLY B 356 -23.88 -18.56 4.46
CA GLY B 356 -23.62 -19.36 3.24
C GLY B 356 -23.77 -20.86 3.47
N GLU B 357 -23.67 -21.63 2.39
CA GLU B 357 -24.07 -23.07 2.33
C GLU B 357 -22.85 -23.99 2.37
N GLY B 358 -21.63 -23.43 2.34
CA GLY B 358 -20.40 -24.24 2.35
C GLY B 358 -19.86 -24.50 0.96
N ASP B 359 -20.32 -23.76 -0.05
CA ASP B 359 -19.80 -23.80 -1.45
C ASP B 359 -19.14 -22.45 -1.80
N ALA B 360 -18.64 -21.71 -0.82
CA ALA B 360 -18.11 -20.34 -1.03
C ALA B 360 -16.84 -20.40 -1.89
N ALA B 361 -15.99 -21.41 -1.69
CA ALA B 361 -14.73 -21.55 -2.45
C ALA B 361 -15.05 -21.63 -3.95
N ALA B 362 -16.03 -22.45 -4.32
CA ALA B 362 -16.40 -22.69 -5.74
C ALA B 362 -16.96 -21.39 -6.32
N ARG B 363 -17.74 -20.64 -5.56
CA ARG B 363 -18.33 -19.36 -6.05
C ARG B 363 -17.20 -18.33 -6.22
N CYS B 364 -16.20 -18.31 -5.35
CA CYS B 364 -15.01 -17.43 -5.52
C CYS B 364 -14.28 -17.83 -6.82
N LEU B 365 -14.09 -19.13 -7.04
CA LEU B 365 -13.31 -19.64 -8.21
C LEU B 365 -13.98 -19.16 -9.48
N GLU B 366 -15.31 -19.31 -9.57
CA GLU B 366 -16.07 -18.93 -10.79
C GLU B 366 -16.01 -17.43 -10.99
N ALA B 367 -16.02 -16.62 -9.92
CA ALA B 367 -15.87 -15.14 -10.04
C ALA B 367 -14.46 -14.85 -10.58
N LEU B 368 -13.43 -15.54 -10.10
CA LEU B 368 -12.03 -15.31 -10.58
C LEU B 368 -11.94 -15.67 -12.06
N ARG B 369 -12.55 -16.80 -12.47
CA ARG B 369 -12.50 -17.29 -13.88
C ARG B 369 -13.22 -16.27 -14.77
N GLU B 370 -14.39 -15.81 -14.36
CA GLU B 370 -15.19 -14.81 -15.13
C GLU B 370 -14.37 -13.52 -15.32
N ARG B 371 -13.69 -13.03 -14.28
CA ARG B 371 -13.01 -11.72 -14.31
C ARG B 371 -11.67 -11.83 -15.04
N TRP B 372 -10.85 -12.85 -14.75
CA TRP B 372 -9.43 -12.87 -15.14
C TRP B 372 -9.05 -14.04 -16.04
N LEU B 373 -9.99 -14.94 -16.39
CA LEU B 373 -9.71 -16.05 -17.34
C LEU B 373 -10.76 -16.03 -18.44
N SER B 374 -11.18 -14.84 -18.84
CA SER B 374 -12.16 -14.59 -19.92
C SER B 374 -11.63 -13.48 -20.83
N SER B 375 -12.07 -13.47 -22.08
CA SER B 375 -11.80 -12.41 -23.08
C SER B 375 -13.12 -12.09 -23.80
N PRO B 376 -13.36 -10.81 -24.18
CA PRO B 376 -14.66 -10.41 -24.69
C PRO B 376 -15.09 -11.06 -26.02
N SER C 1 -43.66 32.90 -37.88
CA SER C 1 -44.11 31.96 -38.97
C SER C 1 -43.07 30.84 -39.20
N HIS C 2 -41.85 30.97 -38.68
CA HIS C 2 -40.84 29.88 -38.65
C HIS C 2 -41.43 28.68 -37.86
N MET C 3 -41.05 27.48 -38.24
CA MET C 3 -41.55 26.22 -37.64
C MET C 3 -41.14 26.22 -36.15
N ALA C 4 -42.11 25.99 -35.26
CA ALA C 4 -41.84 25.73 -33.82
C ALA C 4 -41.97 24.22 -33.55
N LEU C 5 -41.06 23.64 -32.76
CA LEU C 5 -41.27 22.29 -32.16
C LEU C 5 -42.47 22.37 -31.23
N ARG C 6 -43.57 21.69 -31.56
CA ARG C 6 -44.80 21.68 -30.75
C ARG C 6 -44.66 20.58 -29.67
N VAL C 7 -44.59 21.01 -28.42
CA VAL C 7 -44.29 20.14 -27.26
C VAL C 7 -45.60 19.96 -26.48
N GLY C 8 -46.16 18.76 -26.57
CA GLY C 8 -47.30 18.32 -25.74
C GLY C 8 -46.88 18.28 -24.28
N ILE C 9 -47.72 18.83 -23.42
CA ILE C 9 -47.51 18.88 -21.94
C ILE C 9 -48.77 18.26 -21.34
N VAL C 10 -48.64 17.10 -20.73
CA VAL C 10 -49.81 16.33 -20.23
C VAL C 10 -49.65 16.08 -18.75
N TYR C 11 -50.66 16.47 -17.98
CA TYR C 11 -50.70 16.34 -16.51
C TYR C 11 -52.15 16.35 -16.04
N GLY C 12 -52.37 15.88 -14.82
CA GLY C 12 -53.70 15.82 -14.20
C GLY C 12 -53.72 16.33 -12.77
N THR C 13 -52.58 16.68 -12.16
CA THR C 13 -52.50 16.96 -10.70
C THR C 13 -51.66 18.20 -10.42
N ARG C 14 -51.86 18.75 -9.22
CA ARG C 14 -51.13 19.94 -8.71
C ARG C 14 -49.61 19.71 -8.76
N PRO C 15 -49.03 18.64 -8.16
CA PRO C 15 -47.59 18.50 -8.15
C PRO C 15 -46.99 18.47 -9.56
N GLU C 16 -47.66 17.82 -10.52
CA GLU C 16 -47.22 17.79 -11.94
C GLU C 16 -47.25 19.22 -12.50
N ALA C 17 -48.34 19.94 -12.31
CA ALA C 17 -48.53 21.32 -12.82
C ALA C 17 -47.42 22.22 -12.29
N ILE C 18 -47.11 22.13 -11.00
CA ILE C 18 -46.05 22.94 -10.36
C ILE C 18 -44.71 22.63 -11.03
N LYS C 19 -44.40 21.36 -11.24
CA LYS C 19 -43.08 20.97 -11.76
C LYS C 19 -43.00 21.23 -13.27
N LEU C 20 -44.12 21.18 -13.99
CA LEU C 20 -44.12 21.44 -15.45
C LEU C 20 -44.19 22.94 -15.74
N ALA C 21 -44.70 23.77 -14.83
CA ALA C 21 -44.95 25.21 -15.08
C ALA C 21 -43.68 25.90 -15.56
N PRO C 22 -42.51 25.76 -14.92
CA PRO C 22 -41.30 26.41 -15.40
C PRO C 22 -40.87 25.98 -16.80
N LEU C 23 -41.10 24.70 -17.16
CA LEU C 23 -40.81 24.18 -18.52
C LEU C 23 -41.79 24.82 -19.52
N VAL C 24 -43.08 24.88 -19.20
CA VAL C 24 -44.08 25.54 -20.07
C VAL C 24 -43.66 26.99 -20.30
N LEU C 25 -43.31 27.73 -19.24
CA LEU C 25 -42.92 29.16 -19.36
C LEU C 25 -41.68 29.29 -20.25
N ALA C 26 -40.68 28.41 -20.09
CA ALA C 26 -39.45 28.47 -20.90
C ALA C 26 -39.79 28.14 -22.37
N LEU C 27 -40.65 27.15 -22.61
CA LEU C 27 -41.07 26.77 -23.98
C LEU C 27 -41.84 27.94 -24.63
N ASP C 28 -42.72 28.60 -23.88
CA ASP C 28 -43.52 29.76 -24.36
C ASP C 28 -42.56 30.90 -24.75
N ALA C 29 -41.60 31.26 -23.91
CA ALA C 29 -40.68 32.40 -24.14
C ALA C 29 -39.74 32.10 -25.31
N ASP C 30 -39.33 30.85 -25.52
CA ASP C 30 -38.34 30.52 -26.58
C ASP C 30 -39.09 30.47 -27.91
N PRO C 31 -38.58 31.16 -28.95
CA PRO C 31 -39.27 31.19 -30.25
C PRO C 31 -39.19 29.84 -30.99
N GLY C 32 -38.23 28.98 -30.68
CA GLY C 32 -38.07 27.65 -31.31
C GLY C 32 -39.14 26.64 -30.90
N PHE C 33 -39.99 26.94 -29.91
CA PHE C 33 -40.92 25.95 -29.30
C PHE C 33 -42.31 26.54 -29.10
N GLU C 34 -43.29 25.65 -29.04
CA GLU C 34 -44.69 25.99 -28.69
C GLU C 34 -45.20 24.91 -27.73
N PRO C 35 -45.48 25.25 -26.45
CA PRO C 35 -46.10 24.29 -25.54
C PRO C 35 -47.59 24.13 -25.83
N VAL C 36 -48.08 22.89 -25.79
CA VAL C 36 -49.49 22.53 -26.01
C VAL C 36 -49.94 21.69 -24.82
N ILE C 37 -50.76 22.25 -23.95
CA ILE C 37 -51.17 21.62 -22.68
C ILE C 37 -52.44 20.83 -22.89
N ILE C 38 -52.44 19.56 -22.45
CA ILE C 38 -53.64 18.70 -22.35
C ILE C 38 -53.70 18.19 -20.92
N THR C 39 -54.79 18.47 -20.22
CA THR C 39 -55.02 18.04 -18.82
C THR C 39 -55.94 16.83 -18.83
N THR C 40 -55.88 16.01 -17.78
CA THR C 40 -56.67 14.78 -17.64
C THR C 40 -57.53 14.88 -16.37
N LEU C 47 -56.32 22.97 -9.49
CA LEU C 47 -55.55 22.97 -10.78
C LEU C 47 -55.76 24.29 -11.52
N ASP C 48 -57.00 24.78 -11.63
CA ASP C 48 -57.33 26.12 -12.19
C ASP C 48 -56.47 27.19 -11.50
N GLU C 49 -56.37 27.09 -10.17
CA GLU C 49 -55.65 28.05 -9.30
C GLU C 49 -54.16 28.05 -9.65
N ILE C 50 -53.56 26.87 -9.85
CA ILE C 50 -52.13 26.73 -10.24
C ILE C 50 -51.96 27.22 -11.69
N ASN C 51 -52.88 26.86 -12.58
CA ASN C 51 -52.87 27.34 -14.00
C ASN C 51 -52.90 28.87 -14.01
N GLU C 52 -53.79 29.50 -13.24
CA GLU C 52 -53.93 30.99 -13.14
C GLU C 52 -52.60 31.58 -12.64
N LEU C 53 -52.03 31.05 -11.56
CA LEU C 53 -50.82 31.60 -10.91
C LEU C 53 -49.65 31.65 -11.90
N PHE C 54 -49.41 30.58 -12.66
CA PHE C 54 -48.25 30.50 -13.57
C PHE C 54 -48.62 30.92 -15.00
N GLY C 55 -49.91 31.18 -15.26
CA GLY C 55 -50.40 31.56 -16.61
C GLY C 55 -50.34 30.41 -17.59
N LEU C 56 -50.69 29.20 -17.15
CA LEU C 56 -50.82 27.99 -18.01
C LEU C 56 -52.24 28.00 -18.61
N ARG C 57 -52.37 27.81 -19.93
CA ARG C 57 -53.67 27.82 -20.65
C ARG C 57 -53.83 26.49 -21.39
N PRO C 58 -54.51 25.50 -20.76
CA PRO C 58 -54.79 24.22 -21.40
C PRO C 58 -55.56 24.37 -22.72
N ARG C 59 -55.11 23.71 -23.78
CA ARG C 59 -55.83 23.65 -25.09
C ARG C 59 -57.00 22.66 -24.97
N HIS C 60 -56.83 21.57 -24.20
CA HIS C 60 -57.84 20.53 -24.00
C HIS C 60 -57.81 20.04 -22.56
N ASN C 61 -58.99 19.87 -21.96
CA ASN C 61 -59.22 19.18 -20.67
C ASN C 61 -60.02 17.92 -20.98
N LEU C 62 -59.43 16.74 -20.85
CA LEU C 62 -60.14 15.46 -20.92
C LEU C 62 -60.71 15.29 -19.51
N ASP C 63 -62.00 15.02 -19.36
CA ASP C 63 -62.61 14.95 -18.00
C ASP C 63 -62.63 13.47 -17.59
N ILE C 64 -61.44 12.88 -17.44
CA ILE C 64 -61.23 11.41 -17.24
C ILE C 64 -61.08 11.08 -15.75
N MET C 65 -60.25 11.81 -15.00
CA MET C 65 -59.91 11.47 -13.60
C MET C 65 -61.06 11.80 -12.62
N GLN C 69 -62.55 5.82 -8.84
CA GLN C 69 -62.50 5.18 -10.17
C GLN C 69 -61.43 4.09 -10.17
N ARG C 70 -61.67 2.98 -10.85
CA ARG C 70 -60.70 1.87 -11.02
C ARG C 70 -59.50 2.40 -11.83
N LEU C 71 -58.29 1.97 -11.46
CA LEU C 71 -57.06 2.29 -12.20
C LEU C 71 -57.21 1.86 -13.67
N SER C 72 -57.63 0.61 -13.91
CA SER C 72 -57.77 0.03 -15.27
C SER C 72 -58.71 0.89 -16.12
N ALA C 73 -59.81 1.39 -15.54
CA ALA C 73 -60.79 2.20 -16.30
C ALA C 73 -60.14 3.54 -16.65
N MET C 74 -59.45 4.17 -15.72
CA MET C 74 -58.80 5.49 -15.97
C MET C 74 -57.71 5.32 -17.03
N ALA C 75 -56.82 4.33 -16.88
CA ALA C 75 -55.71 4.10 -17.84
C ALA C 75 -56.30 3.78 -19.23
N SER C 76 -57.34 2.94 -19.28
CA SER C 76 -58.06 2.61 -20.53
C SER C 76 -58.51 3.89 -21.22
N ARG C 77 -59.11 4.82 -20.48
CA ARG C 77 -59.67 6.07 -21.07
C ARG C 77 -58.51 6.91 -21.60
N ILE C 78 -57.39 7.04 -20.87
CA ILE C 78 -56.30 7.93 -21.34
C ILE C 78 -55.67 7.31 -22.59
N VAL C 79 -55.38 6.01 -22.56
CA VAL C 79 -54.79 5.29 -23.73
C VAL C 79 -55.73 5.46 -24.94
N GLY C 80 -57.04 5.37 -24.69
CA GLY C 80 -58.06 5.38 -25.75
C GLY C 80 -58.29 6.75 -26.35
N GLU C 81 -58.20 7.81 -25.54
CA GLU C 81 -58.76 9.14 -25.89
C GLU C 81 -57.68 10.22 -26.05
N LEU C 82 -56.46 10.04 -25.55
CA LEU C 82 -55.45 11.13 -25.59
C LEU C 82 -54.89 11.29 -27.01
N GLY C 83 -54.86 10.22 -27.80
CA GLY C 83 -54.30 10.27 -29.16
C GLY C 83 -54.94 11.35 -30.02
N ASP C 84 -56.26 11.53 -29.95
CA ASP C 84 -57.00 12.45 -30.86
C ASP C 84 -56.57 13.90 -30.63
N PRO C 85 -56.63 14.46 -29.40
CA PRO C 85 -56.09 15.79 -29.17
C PRO C 85 -54.60 15.94 -29.49
N LEU C 86 -53.76 14.91 -29.29
CA LEU C 86 -52.32 15.00 -29.63
C LEU C 86 -52.19 15.18 -31.15
N LEU C 87 -52.97 14.42 -31.93
CA LEU C 87 -52.97 14.50 -33.42
C LEU C 87 -53.61 15.82 -33.87
N ASP C 88 -54.77 16.20 -33.34
CA ASP C 88 -55.49 17.45 -33.68
C ASP C 88 -54.60 18.67 -33.43
N GLU C 89 -53.80 18.66 -32.35
CA GLU C 89 -52.93 19.82 -31.98
C GLU C 89 -51.57 19.72 -32.66
N LEU C 90 -51.34 18.71 -33.50
CA LEU C 90 -50.10 18.61 -34.31
C LEU C 90 -48.90 18.58 -33.38
N VAL C 91 -49.00 17.82 -32.28
CA VAL C 91 -47.86 17.70 -31.33
C VAL C 91 -46.72 16.97 -32.03
N ASP C 92 -45.50 17.47 -31.90
CA ASP C 92 -44.27 16.87 -32.45
C ASP C 92 -43.65 15.92 -31.43
N VAL C 93 -43.62 16.35 -30.16
CA VAL C 93 -42.95 15.67 -29.02
C VAL C 93 -43.84 15.84 -27.80
N ALA C 94 -43.88 14.85 -26.88
CA ALA C 94 -44.71 14.92 -25.67
C ALA C 94 -43.82 14.82 -24.43
N VAL C 95 -44.06 15.71 -23.48
CA VAL C 95 -43.42 15.69 -22.13
C VAL C 95 -44.44 15.25 -21.10
N VAL C 96 -44.07 14.25 -20.29
CA VAL C 96 -44.81 13.85 -19.07
C VAL C 96 -43.86 14.01 -17.89
N GLN C 97 -44.43 14.15 -16.69
CA GLN C 97 -43.67 14.45 -15.45
C GLN C 97 -44.02 13.43 -14.38
N GLY C 98 -43.02 12.99 -13.62
CA GLY C 98 -43.23 12.30 -12.33
C GLY C 98 -43.70 10.88 -12.50
N ASP C 99 -44.67 10.46 -11.68
CA ASP C 99 -44.93 9.04 -11.46
C ASP C 99 -46.42 8.71 -11.63
N THR C 100 -47.21 9.62 -12.15
CA THR C 100 -48.69 9.46 -12.18
C THR C 100 -49.09 8.43 -13.26
N SER C 101 -50.28 7.90 -13.11
CA SER C 101 -50.93 7.01 -14.11
C SER C 101 -51.22 7.83 -15.38
N THR C 102 -51.45 9.13 -15.25
CA THR C 102 -51.52 10.06 -16.41
C THR C 102 -50.21 10.05 -17.17
N ALA C 103 -49.09 10.22 -16.47
CA ALA C 103 -47.77 10.27 -17.11
C ALA C 103 -47.56 8.97 -17.89
N PHE C 104 -47.90 7.82 -17.29
CA PHE C 104 -47.66 6.51 -17.94
C PHE C 104 -48.59 6.36 -19.14
N ALA C 105 -49.89 6.49 -18.92
CA ALA C 105 -50.91 6.26 -19.97
C ALA C 105 -50.73 7.26 -21.11
N ALA C 106 -50.36 8.51 -20.82
CA ALA C 106 -50.11 9.53 -21.87
C ALA C 106 -48.84 9.19 -22.64
N ALA C 107 -47.78 8.73 -21.97
CA ALA C 107 -46.55 8.33 -22.67
C ALA C 107 -46.90 7.20 -23.64
N TYR C 108 -47.74 6.26 -23.20
CA TYR C 108 -48.10 5.10 -24.06
C TYR C 108 -48.93 5.59 -25.25
N ALA C 109 -49.91 6.45 -24.99
CA ALA C 109 -50.81 6.99 -26.03
C ALA C 109 -49.95 7.74 -27.07
N ALA C 110 -48.94 8.49 -26.61
CA ALA C 110 -48.03 9.23 -27.51
C ALA C 110 -47.21 8.25 -28.34
N ALA C 111 -46.66 7.21 -27.70
CA ALA C 111 -45.88 6.17 -28.40
C ALA C 111 -46.73 5.50 -29.50
N CYS C 112 -48.01 5.27 -29.25
CA CYS C 112 -48.93 4.62 -30.21
C CYS C 112 -49.05 5.45 -31.50
N GLU C 113 -48.89 6.78 -31.40
CA GLU C 113 -48.96 7.73 -32.53
C GLU C 113 -47.55 8.05 -33.03
N ARG C 114 -46.52 7.32 -32.57
CA ARG C 114 -45.10 7.54 -32.91
C ARG C 114 -44.70 8.99 -32.60
N ILE C 115 -45.26 9.57 -31.54
CA ILE C 115 -44.81 10.86 -30.96
C ILE C 115 -43.71 10.58 -29.94
N PRO C 116 -42.46 11.04 -30.15
CA PRO C 116 -41.41 10.87 -29.15
C PRO C 116 -41.77 11.47 -27.79
N VAL C 117 -41.29 10.83 -26.72
CA VAL C 117 -41.64 11.25 -25.34
C VAL C 117 -40.37 11.65 -24.58
N ALA C 118 -40.50 12.70 -23.79
CA ALA C 118 -39.48 13.12 -22.80
C ALA C 118 -40.09 13.02 -21.41
N HIS C 119 -39.32 12.52 -20.44
CA HIS C 119 -39.79 12.37 -19.04
C HIS C 119 -39.09 13.40 -18.15
N LEU C 120 -39.86 14.33 -17.62
CA LEU C 120 -39.35 15.32 -16.63
C LEU C 120 -39.35 14.66 -15.25
N GLU C 121 -38.23 14.78 -14.54
CA GLU C 121 -37.98 14.19 -13.20
C GLU C 121 -37.92 12.67 -13.32
N ALA C 122 -36.94 12.20 -14.09
CA ALA C 122 -36.70 10.77 -14.40
C ALA C 122 -35.70 10.16 -13.43
N GLY C 123 -35.94 8.93 -13.02
CA GLY C 123 -34.96 8.05 -12.35
C GLY C 123 -35.12 7.99 -10.84
N LEU C 124 -36.16 8.55 -10.24
CA LEU C 124 -36.34 8.40 -8.77
C LEU C 124 -36.81 6.96 -8.49
N ARG C 125 -36.18 6.30 -7.53
CA ARG C 125 -36.47 4.90 -7.13
C ARG C 125 -36.37 4.79 -5.60
N THR C 126 -37.24 3.98 -4.99
CA THR C 126 -37.07 3.49 -3.58
C THR C 126 -36.30 2.17 -3.60
N GLY C 127 -36.50 1.37 -4.66
CA GLY C 127 -36.04 -0.02 -4.73
C GLY C 127 -37.01 -0.99 -4.07
N ASP C 128 -38.23 -0.54 -3.74
CA ASP C 128 -39.31 -1.38 -3.15
C ASP C 128 -40.37 -1.61 -4.24
N ARG C 129 -40.39 -2.82 -4.80
CA ARG C 129 -41.25 -3.21 -5.94
C ARG C 129 -42.73 -2.98 -5.61
N PHE C 130 -43.42 -2.19 -6.45
CA PHE C 130 -44.89 -1.94 -6.39
C PHE C 130 -45.25 -1.16 -5.11
N GLU C 131 -44.28 -0.45 -4.52
CA GLU C 131 -44.46 0.36 -3.29
C GLU C 131 -43.97 1.78 -3.53
N PRO C 132 -44.87 2.79 -3.60
CA PRO C 132 -46.32 2.57 -3.63
C PRO C 132 -46.79 2.09 -5.02
N PHE C 133 -48.03 1.60 -5.06
CA PHE C 133 -48.70 1.11 -6.29
C PHE C 133 -49.76 2.12 -6.66
N PRO C 134 -49.86 2.56 -7.93
CA PRO C 134 -48.96 2.13 -9.01
C PRO C 134 -47.72 2.98 -9.33
N GLU C 135 -47.36 3.94 -8.49
CA GLU C 135 -46.36 4.99 -8.83
C GLU C 135 -45.01 4.38 -9.19
N GLU C 136 -44.57 3.37 -8.43
CA GLU C 136 -43.23 2.76 -8.59
C GLU C 136 -43.17 2.09 -9.97
N ILE C 137 -44.22 1.37 -10.37
CA ILE C 137 -44.24 0.67 -11.69
C ILE C 137 -44.41 1.72 -12.80
N ASN C 138 -45.20 2.77 -12.57
CA ASN C 138 -45.40 3.84 -13.56
C ASN C 138 -44.04 4.39 -14.02
N ARG C 139 -43.15 4.71 -13.07
CA ARG C 139 -41.80 5.25 -13.39
C ARG C 139 -41.02 4.30 -14.29
N ARG C 140 -41.10 3.01 -13.98
CA ARG C 140 -40.30 1.99 -14.72
C ARG C 140 -40.88 1.80 -16.14
N LEU C 141 -42.18 1.91 -16.31
CA LEU C 141 -42.84 1.85 -17.63
C LEU C 141 -42.53 3.13 -18.44
N ILE C 142 -42.68 4.30 -17.85
CA ILE C 142 -42.34 5.58 -18.53
C ILE C 142 -40.88 5.52 -18.97
N THR C 143 -40.00 4.98 -18.13
CA THR C 143 -38.55 4.91 -18.39
C THR C 143 -38.31 4.15 -19.71
N GLN C 144 -39.04 3.07 -19.97
CA GLN C 144 -38.89 2.29 -21.23
C GLN C 144 -39.52 3.06 -22.40
N LEU C 145 -40.58 3.85 -22.18
CA LEU C 145 -41.29 4.54 -23.29
C LEU C 145 -40.56 5.82 -23.71
N ALA C 146 -39.88 6.51 -22.79
CA ALA C 146 -39.30 7.86 -23.05
C ALA C 146 -38.03 7.74 -23.89
N ASP C 147 -37.88 8.60 -24.89
CA ASP C 147 -36.64 8.75 -25.69
C ASP C 147 -35.61 9.55 -24.90
N LEU C 148 -36.09 10.50 -24.09
CA LEU C 148 -35.25 11.51 -23.41
C LEU C 148 -35.67 11.59 -21.94
N HIS C 149 -34.70 11.69 -21.04
CA HIS C 149 -34.91 11.63 -19.57
C HIS C 149 -34.22 12.82 -18.92
N PHE C 150 -34.97 13.66 -18.21
CA PHE C 150 -34.48 14.82 -17.43
C PHE C 150 -34.40 14.39 -15.97
N ALA C 151 -33.24 13.93 -15.57
CA ALA C 151 -32.93 13.42 -14.22
C ALA C 151 -32.58 14.61 -13.34
N PRO C 152 -33.13 14.67 -12.11
CA PRO C 152 -32.85 15.79 -11.21
C PRO C 152 -31.46 15.70 -10.58
N THR C 153 -30.90 14.49 -10.48
CA THR C 153 -29.65 14.23 -9.74
C THR C 153 -28.84 13.15 -10.45
N ALA C 154 -27.56 13.08 -10.14
CA ALA C 154 -26.62 12.02 -10.58
C ALA C 154 -27.13 10.65 -10.12
N ASP C 155 -27.66 10.56 -8.91
CA ASP C 155 -28.22 9.30 -8.37
C ASP C 155 -29.36 8.80 -9.29
N ALA C 156 -30.27 9.70 -9.69
CA ALA C 156 -31.44 9.36 -10.51
C ALA C 156 -30.94 8.92 -11.90
N ALA C 157 -29.93 9.60 -12.46
CA ALA C 157 -29.32 9.23 -13.75
C ALA C 157 -28.76 7.79 -13.65
N GLY C 158 -28.08 7.47 -12.55
CA GLY C 158 -27.58 6.11 -12.30
C GLY C 158 -28.69 5.06 -12.31
N ASN C 159 -29.85 5.36 -11.72
CA ASN C 159 -31.00 4.43 -11.70
C ASN C 159 -31.49 4.18 -13.14
N LEU C 160 -31.49 5.20 -13.98
CA LEU C 160 -31.91 5.04 -15.40
C LEU C 160 -30.94 4.11 -16.15
N LEU C 161 -29.62 4.27 -15.99
CA LEU C 161 -28.61 3.42 -16.67
C LEU C 161 -28.81 1.96 -16.23
N ALA C 162 -29.16 1.71 -14.97
CA ALA C 162 -29.35 0.35 -14.41
C ALA C 162 -30.58 -0.31 -15.03
N GLU C 163 -31.44 0.46 -15.70
CA GLU C 163 -32.64 -0.11 -16.38
C GLU C 163 -32.42 -0.08 -17.89
N GLY C 164 -31.17 0.10 -18.33
CA GLY C 164 -30.77 -0.11 -19.73
C GLY C 164 -30.89 1.13 -20.56
N VAL C 165 -31.17 2.28 -19.96
CA VAL C 165 -31.24 3.56 -20.72
C VAL C 165 -29.81 3.95 -21.14
N ARG C 166 -29.63 4.32 -22.40
CA ARG C 166 -28.31 4.78 -22.93
C ARG C 166 -27.97 6.14 -22.30
N SER C 167 -26.71 6.33 -21.92
CA SER C 167 -26.18 7.57 -21.32
C SER C 167 -26.53 8.81 -22.14
N ASP C 168 -26.53 8.72 -23.47
CA ASP C 168 -26.81 9.89 -24.36
C ASP C 168 -28.27 10.33 -24.25
N ASP C 169 -29.17 9.49 -23.68
CA ASP C 169 -30.62 9.82 -23.58
C ASP C 169 -30.93 10.43 -22.21
N VAL C 170 -29.93 10.52 -21.34
CA VAL C 170 -30.09 11.01 -19.94
C VAL C 170 -29.38 12.35 -19.78
N TYR C 171 -30.10 13.36 -19.34
CA TYR C 171 -29.53 14.69 -18.97
C TYR C 171 -29.84 14.95 -17.50
N VAL C 172 -28.82 15.23 -16.69
CA VAL C 172 -29.00 15.71 -15.29
C VAL C 172 -29.31 17.21 -15.37
N THR C 173 -30.59 17.58 -15.31
CA THR C 173 -31.10 18.96 -15.50
C THR C 173 -31.29 19.63 -14.13
N GLY C 174 -31.30 18.84 -13.06
CA GLY C 174 -31.88 19.24 -11.78
C GLY C 174 -33.40 19.22 -11.83
N ASN C 175 -34.01 19.58 -10.70
CA ASN C 175 -35.48 19.53 -10.54
C ASN C 175 -36.09 20.90 -10.80
N THR C 176 -37.11 20.97 -11.65
CA THR C 176 -37.81 22.21 -12.00
C THR C 176 -38.57 22.75 -10.79
N VAL C 177 -38.76 21.98 -9.72
CA VAL C 177 -39.47 22.51 -8.52
C VAL C 177 -38.67 23.67 -7.93
N ILE C 178 -37.33 23.62 -8.02
CA ILE C 178 -36.48 24.76 -7.54
C ILE C 178 -36.81 25.99 -8.41
N ASP C 179 -36.86 25.84 -9.75
CA ASP C 179 -37.29 26.94 -10.66
C ASP C 179 -38.65 27.47 -10.20
N ALA C 180 -39.60 26.59 -9.91
CA ALA C 180 -40.99 26.97 -9.58
C ALA C 180 -40.99 27.82 -8.29
N MET C 181 -40.28 27.36 -7.28
CA MET C 181 -40.15 28.08 -5.99
C MET C 181 -39.66 29.52 -6.26
N HIS C 182 -38.60 29.65 -7.05
CA HIS C 182 -37.93 30.95 -7.35
C HIS C 182 -38.93 31.88 -8.03
N LEU C 183 -39.80 31.34 -8.89
CA LEU C 183 -40.81 32.14 -9.63
C LEU C 183 -41.81 32.77 -8.67
N VAL C 184 -42.17 32.10 -7.57
CA VAL C 184 -43.19 32.65 -6.64
C VAL C 184 -42.52 33.46 -5.52
N LEU C 185 -41.27 33.16 -5.15
CA LEU C 185 -40.49 34.00 -4.21
C LEU C 185 -40.30 35.39 -4.85
N ARG C 194 -52.05 36.88 5.43
CA ARG C 194 -52.49 37.90 6.43
C ARG C 194 -52.98 37.21 7.72
N GLU C 195 -53.90 36.25 7.61
CA GLU C 195 -54.26 35.35 8.75
C GLU C 195 -53.05 34.48 9.12
N LEU C 196 -52.29 34.00 8.12
CA LEU C 196 -51.08 33.15 8.33
C LEU C 196 -50.02 33.98 9.08
N ASP C 197 -49.78 35.21 8.62
CA ASP C 197 -48.83 36.18 9.25
C ASP C 197 -49.19 36.41 10.72
N ALA C 198 -50.45 36.77 11.00
CA ALA C 198 -50.96 37.01 12.37
C ALA C 198 -50.71 35.77 13.24
N PHE C 199 -50.85 34.57 12.70
CA PHE C 199 -50.75 33.32 13.50
C PHE C 199 -49.28 32.96 13.77
N THR C 200 -48.38 33.23 12.81
CA THR C 200 -46.96 32.79 12.89
C THR C 200 -46.04 33.88 13.49
N GLU C 201 -46.42 35.16 13.36
CA GLU C 201 -45.55 36.33 13.73
C GLU C 201 -45.00 36.13 15.16
N GLY C 202 -43.69 36.08 15.31
CA GLY C 202 -43.02 36.02 16.63
C GLY C 202 -43.01 34.64 17.25
N ARG C 203 -43.44 33.60 16.52
CA ARG C 203 -43.47 32.22 17.09
C ARG C 203 -42.67 31.27 16.20
N GLN C 204 -42.13 30.23 16.83
CA GLN C 204 -41.57 29.04 16.16
C GLN C 204 -42.73 28.24 15.58
N THR C 205 -42.80 28.17 14.24
CA THR C 205 -43.89 27.48 13.49
C THR C 205 -43.31 26.27 12.76
N VAL C 206 -43.82 25.08 13.06
CA VAL C 206 -43.61 23.83 12.30
C VAL C 206 -44.65 23.78 11.17
N LEU C 207 -44.20 23.59 9.91
CA LEU C 207 -45.07 23.34 8.73
C LEU C 207 -45.19 21.82 8.57
N LEU C 208 -46.43 21.29 8.54
CA LEU C 208 -46.64 19.84 8.35
C LEU C 208 -47.60 19.61 7.17
N THR C 209 -47.20 18.77 6.20
CA THR C 209 -48.12 18.22 5.17
C THR C 209 -48.01 16.70 5.20
N MET C 210 -49.12 16.02 5.04
CA MET C 210 -49.17 14.55 5.01
C MET C 210 -50.38 14.11 4.19
N HIS C 211 -50.17 13.28 3.15
CA HIS C 211 -51.24 12.93 2.17
C HIS C 211 -51.20 11.48 1.71
N ARG C 212 -50.15 10.69 1.96
CA ARG C 212 -49.97 9.41 1.23
C ARG C 212 -51.03 8.40 1.68
N ARG C 213 -51.67 7.76 0.70
CA ARG C 213 -52.79 6.79 0.85
C ARG C 213 -52.35 5.70 1.84
N GLU C 214 -51.10 5.22 1.75
CA GLU C 214 -50.57 4.12 2.60
C GLU C 214 -50.52 4.57 4.07
N SER C 215 -50.66 5.85 4.39
CA SER C 215 -50.64 6.37 5.79
C SER C 215 -52.04 6.78 6.29
N TRP C 216 -53.06 6.68 5.45
CA TRP C 216 -54.45 7.08 5.82
C TRP C 216 -54.92 6.34 7.07
N GLY C 217 -55.72 7.01 7.91
CA GLY C 217 -56.29 6.43 9.14
C GLY C 217 -55.29 6.42 10.27
N ILE C 218 -54.88 5.23 10.72
CA ILE C 218 -54.14 5.04 12.00
C ILE C 218 -52.78 5.74 11.92
N PRO C 219 -51.93 5.52 10.88
CA PRO C 219 -50.63 6.19 10.84
C PRO C 219 -50.74 7.73 10.90
N MET C 220 -51.67 8.33 10.17
CA MET C 220 -51.89 9.80 10.26
C MET C 220 -52.34 10.18 11.67
N GLY C 221 -53.18 9.36 12.28
CA GLY C 221 -53.63 9.55 13.68
C GLY C 221 -52.44 9.61 14.64
N ARG C 222 -51.44 8.74 14.46
CA ARG C 222 -50.21 8.74 15.30
C ARG C 222 -49.45 10.05 15.08
N VAL C 223 -49.38 10.53 13.85
CA VAL C 223 -48.65 11.79 13.54
C VAL C 223 -49.38 12.94 14.24
N ALA C 224 -50.73 12.97 14.14
CA ALA C 224 -51.57 14.01 14.80
C ALA C 224 -51.35 13.96 16.33
N ALA C 225 -51.26 12.76 16.92
CA ALA C 225 -51.01 12.60 18.37
C ALA C 225 -49.62 13.18 18.71
N ALA C 226 -48.60 12.95 17.87
CA ALA C 226 -47.25 13.52 18.06
C ALA C 226 -47.36 15.04 18.07
N VAL C 227 -48.15 15.62 17.16
CA VAL C 227 -48.34 17.09 17.10
C VAL C 227 -48.97 17.57 18.42
N ALA C 228 -50.01 16.88 18.89
CA ALA C 228 -50.75 17.22 20.12
C ALA C 228 -49.77 17.22 21.30
N GLU C 229 -48.98 16.15 21.44
CA GLU C 229 -47.98 15.99 22.53
C GLU C 229 -46.95 17.14 22.48
N LEU C 230 -46.38 17.43 21.32
CA LEU C 230 -45.39 18.54 21.17
C LEU C 230 -46.04 19.87 21.59
N CYS C 231 -47.30 20.10 21.22
CA CYS C 231 -48.04 21.35 21.55
C CYS C 231 -48.21 21.46 23.08
N ARG C 232 -48.60 20.37 23.75
CA ARG C 232 -48.83 20.34 25.22
C ARG C 232 -47.51 20.67 25.94
N SER C 233 -46.41 20.03 25.53
CA SER C 233 -45.07 20.13 26.15
C SER C 233 -44.41 21.48 25.84
N ARG C 234 -44.80 22.19 24.77
CA ARG C 234 -44.10 23.41 24.30
C ARG C 234 -45.13 24.49 23.96
N PRO C 235 -45.65 25.19 24.99
CA PRO C 235 -46.69 26.21 24.81
C PRO C 235 -46.40 27.29 23.76
N THR C 236 -45.13 27.55 23.46
CA THR C 236 -44.71 28.62 22.50
C THR C 236 -44.67 28.08 21.06
N LEU C 237 -44.71 26.76 20.87
CA LEU C 237 -44.65 26.11 19.54
C LEU C 237 -45.99 26.29 18.81
N ARG C 238 -45.93 26.58 17.51
CA ARG C 238 -47.12 26.59 16.60
C ARG C 238 -46.91 25.57 15.47
N PHE C 239 -48.02 25.05 14.94
CA PHE C 239 -48.08 24.23 13.71
C PHE C 239 -49.05 24.86 12.74
N VAL C 240 -48.67 24.91 11.46
CA VAL C 240 -49.59 25.18 10.32
C VAL C 240 -49.67 23.89 9.50
N ILE C 241 -50.90 23.39 9.30
CA ILE C 241 -51.14 22.10 8.59
C ILE C 241 -52.16 22.37 7.47
N PRO C 242 -51.67 22.68 6.25
CA PRO C 242 -52.53 22.74 5.08
C PRO C 242 -52.93 21.30 4.76
N LEU C 243 -54.24 21.04 4.63
CA LEU C 243 -54.74 19.64 4.53
C LEU C 243 -54.90 19.26 3.05
N HIS C 244 -54.42 18.09 2.69
CA HIS C 244 -54.67 17.45 1.37
C HIS C 244 -56.20 17.37 1.16
N PRO C 245 -56.71 17.67 -0.05
CA PRO C 245 -58.15 17.63 -0.30
C PRO C 245 -58.67 16.19 -0.44
N ASN C 246 -58.73 15.49 0.69
CA ASN C 246 -59.39 14.16 0.82
C ASN C 246 -60.14 14.20 2.14
N PRO C 247 -61.44 13.83 2.19
CA PRO C 247 -62.24 13.98 3.40
C PRO C 247 -61.71 13.14 4.57
N GLU C 248 -61.10 12.00 4.29
CA GLU C 248 -60.57 11.08 5.34
C GLU C 248 -59.34 11.73 6.00
N VAL C 249 -58.47 12.34 5.19
CA VAL C 249 -57.27 13.07 5.69
C VAL C 249 -57.73 14.26 6.55
N ARG C 250 -58.67 15.07 6.05
CA ARG C 250 -59.22 16.23 6.80
C ARG C 250 -59.80 15.76 8.13
N ARG C 251 -60.55 14.64 8.13
CA ARG C 251 -61.26 14.13 9.31
C ARG C 251 -60.25 13.74 10.39
N VAL C 252 -59.16 13.05 10.03
CA VAL C 252 -58.17 12.58 11.05
C VAL C 252 -57.52 13.81 11.71
N PHE C 253 -57.05 14.78 10.96
CA PHE C 253 -56.37 15.97 11.54
C PHE C 253 -57.39 16.80 12.34
N ARG C 254 -58.60 17.01 11.79
CA ARG C 254 -59.66 17.85 12.41
C ARG C 254 -60.04 17.25 13.76
N SER C 255 -60.26 15.94 13.81
CA SER C 255 -60.77 15.25 15.02
C SER C 255 -59.69 15.20 16.11
N HIS C 256 -58.41 15.27 15.74
CA HIS C 256 -57.27 15.21 16.70
C HIS C 256 -56.85 16.61 17.14
N LEU C 257 -57.04 17.66 16.33
CA LEU C 257 -56.30 18.94 16.54
C LEU C 257 -57.18 20.19 16.50
N SER C 258 -58.46 20.10 16.09
CA SER C 258 -59.28 21.33 15.80
C SER C 258 -59.46 22.23 17.03
N SER C 259 -59.33 21.72 18.25
CA SER C 259 -59.49 22.51 19.50
C SER C 259 -58.16 23.14 19.95
N LEU C 260 -57.02 22.72 19.39
CA LEU C 260 -55.69 23.22 19.84
C LEU C 260 -55.42 24.59 19.22
N THR C 261 -55.39 25.63 20.04
CA THR C 261 -55.11 27.03 19.61
C THR C 261 -53.72 27.13 18.95
N GLN C 262 -52.80 26.24 19.29
CA GLN C 262 -51.40 26.21 18.74
C GLN C 262 -51.34 25.60 17.33
N VAL C 263 -52.42 24.99 16.84
CA VAL C 263 -52.49 24.38 15.47
C VAL C 263 -53.42 25.20 14.60
N LEU C 264 -52.93 25.71 13.46
CA LEU C 264 -53.81 26.28 12.41
C LEU C 264 -53.98 25.23 11.31
N LEU C 265 -55.12 24.55 11.29
CA LEU C 265 -55.55 23.67 10.16
C LEU C 265 -55.96 24.57 9.02
N CYS C 266 -55.42 24.32 7.82
CA CYS C 266 -55.68 25.18 6.64
C CYS C 266 -56.31 24.37 5.51
N GLU C 267 -57.08 25.06 4.68
CA GLU C 267 -57.41 24.63 3.31
C GLU C 267 -56.09 24.57 2.55
N PRO C 268 -56.03 23.81 1.43
CA PRO C 268 -54.88 23.83 0.55
C PRO C 268 -54.50 25.29 0.25
N LEU C 269 -53.20 25.60 0.30
CA LEU C 269 -52.73 26.98 0.04
C LEU C 269 -52.31 27.09 -1.42
N ARG C 270 -52.55 28.25 -2.03
CA ARG C 270 -51.94 28.64 -3.31
C ARG C 270 -50.42 28.49 -3.15
N TYR C 271 -49.73 28.08 -4.20
CA TYR C 271 -48.29 27.68 -4.15
C TYR C 271 -47.45 28.85 -3.61
N SER C 272 -47.73 30.08 -4.05
CA SER C 272 -47.03 31.32 -3.61
C SER C 272 -47.13 31.46 -2.09
N GLU C 273 -48.32 31.29 -1.53
CA GLU C 273 -48.60 31.42 -0.07
C GLU C 273 -47.93 30.25 0.67
N PHE C 274 -47.95 29.05 0.07
CA PHE C 274 -47.36 27.83 0.69
C PHE C 274 -45.83 28.01 0.83
N ILE C 275 -45.19 28.51 -0.22
CA ILE C 275 -43.72 28.71 -0.22
C ILE C 275 -43.36 29.83 0.77
N ARG C 276 -44.13 30.90 0.84
CA ARG C 276 -43.88 31.99 1.83
C ARG C 276 -43.98 31.40 3.24
N LEU C 277 -45.01 30.60 3.52
CA LEU C 277 -45.18 29.97 4.85
C LEU C 277 -43.96 29.08 5.17
N MET C 278 -43.49 28.31 4.19
CA MET C 278 -42.37 27.37 4.39
C MET C 278 -41.12 28.17 4.75
N HIS C 279 -40.92 29.33 4.11
CA HIS C 279 -39.78 30.25 4.38
C HIS C 279 -39.79 30.73 5.84
N ARG C 280 -40.98 30.93 6.43
CA ARG C 280 -41.17 31.45 7.80
C ARG C 280 -41.07 30.31 8.83
N ALA C 281 -41.28 29.06 8.43
CA ALA C 281 -41.30 27.90 9.33
C ALA C 281 -39.90 27.64 9.89
N VAL C 282 -39.80 27.07 11.09
CA VAL C 282 -38.50 26.70 11.70
C VAL C 282 -38.11 25.33 11.17
N LEU C 283 -39.08 24.44 10.95
CA LEU C 283 -38.80 23.14 10.30
C LEU C 283 -40.07 22.57 9.67
N VAL C 284 -39.90 21.51 8.87
CA VAL C 284 -40.97 20.94 8.03
C VAL C 284 -41.02 19.44 8.32
N LEU C 285 -42.24 18.95 8.58
CA LEU C 285 -42.59 17.51 8.64
C LEU C 285 -43.46 17.23 7.42
N THR C 286 -43.13 16.24 6.61
CA THR C 286 -43.87 16.01 5.35
C THR C 286 -43.69 14.57 4.89
N ASP C 287 -44.67 14.07 4.16
CA ASP C 287 -44.47 12.85 3.33
C ASP C 287 -44.50 13.22 1.85
N SER C 288 -44.51 14.53 1.54
CA SER C 288 -44.55 15.05 0.15
C SER C 288 -43.17 14.89 -0.49
N GLY C 289 -43.12 14.39 -1.74
CA GLY C 289 -41.88 14.39 -2.54
C GLY C 289 -41.38 15.79 -2.83
N GLY C 290 -42.23 16.67 -3.32
CA GLY C 290 -41.88 18.06 -3.68
C GLY C 290 -41.37 18.84 -2.46
N VAL C 291 -42.01 18.69 -1.32
CA VAL C 291 -41.63 19.47 -0.09
C VAL C 291 -40.25 18.99 0.38
N GLN C 292 -39.92 17.71 0.20
CA GLN C 292 -38.55 17.20 0.49
C GLN C 292 -37.49 17.91 -0.35
N GLU C 293 -37.87 18.45 -1.50
CA GLU C 293 -36.97 19.16 -2.43
C GLU C 293 -37.02 20.65 -2.11
N GLU C 294 -38.19 21.20 -1.82
CA GLU C 294 -38.38 22.66 -1.60
C GLU C 294 -37.75 23.07 -0.25
N ALA C 295 -38.02 22.32 0.81
CA ALA C 295 -37.66 22.72 2.19
C ALA C 295 -36.14 22.91 2.33
N PRO C 296 -35.29 21.94 1.91
CA PRO C 296 -33.83 22.11 2.02
C PRO C 296 -33.31 23.33 1.26
N THR C 297 -33.96 23.66 0.15
CA THR C 297 -33.61 24.82 -0.71
C THR C 297 -33.86 26.11 0.07
N LEU C 298 -34.80 26.12 1.04
CA LEU C 298 -35.05 27.30 1.92
C LEU C 298 -34.26 27.18 3.23
N GLY C 299 -33.37 26.20 3.34
CA GLY C 299 -32.57 25.93 4.54
C GLY C 299 -33.43 25.45 5.71
N LYS C 300 -34.53 24.75 5.44
CA LYS C 300 -35.39 24.20 6.52
C LYS C 300 -35.12 22.71 6.69
N PRO C 301 -34.71 22.28 7.89
CA PRO C 301 -34.58 20.86 8.17
C PRO C 301 -35.91 20.17 7.90
N VAL C 302 -35.85 18.96 7.34
CA VAL C 302 -37.05 18.16 6.96
C VAL C 302 -37.03 16.85 7.73
N LEU C 303 -38.14 16.54 8.38
CA LEU C 303 -38.37 15.20 8.94
C LEU C 303 -39.42 14.53 8.06
N VAL C 304 -39.09 13.37 7.52
CA VAL C 304 -39.89 12.72 6.46
C VAL C 304 -40.79 11.68 7.10
N LEU C 305 -42.11 11.86 6.93
CA LEU C 305 -43.15 11.03 7.59
C LEU C 305 -43.40 9.79 6.73
N ARG C 306 -42.35 9.03 6.42
CA ARG C 306 -42.40 7.78 5.63
C ARG C 306 -41.31 6.84 6.12
N ASP C 307 -41.40 5.56 5.74
CA ASP C 307 -40.40 4.51 6.06
C ASP C 307 -39.39 4.40 4.91
N ARG C 308 -39.62 5.11 3.80
CA ARG C 308 -38.78 5.09 2.58
C ARG C 308 -38.87 6.47 1.94
N THR C 309 -37.90 6.83 1.11
CA THR C 309 -37.97 8.05 0.27
C THR C 309 -37.38 7.79 -1.11
N GLU C 310 -37.88 8.51 -2.10
CA GLU C 310 -37.31 8.63 -3.45
C GLU C 310 -36.32 9.80 -3.49
N ARG C 311 -36.10 10.49 -2.37
CA ARG C 311 -35.10 11.59 -2.26
C ARG C 311 -33.98 11.20 -1.28
N PRO C 312 -33.16 10.18 -1.60
CA PRO C 312 -32.06 9.75 -0.73
C PRO C 312 -30.95 10.81 -0.63
N GLU C 313 -30.88 11.74 -1.58
CA GLU C 313 -29.82 12.77 -1.64
C GLU C 313 -29.89 13.62 -0.36
N GLY C 314 -31.09 14.03 0.05
CA GLY C 314 -31.28 14.88 1.26
C GLY C 314 -30.92 14.12 2.51
N ILE C 315 -31.20 12.81 2.53
CA ILE C 315 -30.85 11.90 3.66
C ILE C 315 -29.32 11.85 3.76
N ALA C 316 -28.63 11.52 2.67
CA ALA C 316 -27.16 11.34 2.61
C ALA C 316 -26.47 12.65 3.00
N ALA C 317 -26.99 13.80 2.60
CA ALA C 317 -26.38 15.12 2.90
C ALA C 317 -26.78 15.63 4.29
N GLY C 318 -27.67 14.94 5.01
CA GLY C 318 -28.11 15.30 6.38
C GLY C 318 -29.17 16.41 6.43
N CYS C 319 -29.70 16.83 5.28
CA CYS C 319 -30.80 17.84 5.08
C CYS C 319 -32.14 17.32 5.62
N ALA C 320 -32.30 16.01 5.60
CA ALA C 320 -33.56 15.31 5.86
C ALA C 320 -33.29 14.04 6.65
N ARG C 321 -34.23 13.62 7.49
CA ARG C 321 -34.17 12.35 8.23
C ARG C 321 -35.53 11.66 8.14
N LEU C 322 -35.53 10.34 7.94
CA LEU C 322 -36.73 9.48 7.98
C LEU C 322 -37.17 9.32 9.44
N VAL C 323 -38.46 9.48 9.68
CA VAL C 323 -39.06 9.39 11.04
C VAL C 323 -40.32 8.49 10.99
N GLY C 324 -40.82 8.20 9.82
CA GLY C 324 -41.99 7.31 9.67
C GLY C 324 -43.20 7.93 10.32
N THR C 325 -44.04 7.11 10.94
CA THR C 325 -45.28 7.55 11.63
C THR C 325 -45.25 7.08 13.08
N ASP C 326 -44.04 6.94 13.65
CA ASP C 326 -43.79 6.60 15.08
C ASP C 326 -43.85 7.88 15.91
N PRO C 327 -44.90 8.05 16.75
CA PRO C 327 -45.09 9.31 17.48
C PRO C 327 -43.94 9.62 18.46
N ALA C 328 -43.40 8.63 19.15
CA ALA C 328 -42.26 8.81 20.09
C ALA C 328 -41.04 9.36 19.34
N LEU C 329 -40.71 8.77 18.19
CA LEU C 329 -39.56 9.22 17.35
C LEU C 329 -39.81 10.64 16.84
N ILE C 330 -41.03 10.96 16.37
CA ILE C 330 -41.35 12.32 15.84
C ILE C 330 -41.16 13.34 16.97
N VAL C 331 -41.72 13.07 18.16
CA VAL C 331 -41.60 13.96 19.35
C VAL C 331 -40.11 14.17 19.64
N LYS C 332 -39.35 13.07 19.69
CA LYS C 332 -37.89 13.11 20.01
C LYS C 332 -37.15 13.96 18.96
N GLU C 333 -37.35 13.66 17.68
CA GLU C 333 -36.59 14.29 16.58
C GLU C 333 -36.95 15.76 16.47
N VAL C 334 -38.21 16.14 16.64
CA VAL C 334 -38.61 17.59 16.59
C VAL C 334 -37.97 18.30 17.79
N GLY C 335 -38.01 17.65 18.97
CA GLY C 335 -37.41 18.17 20.22
C GLY C 335 -35.94 18.47 20.04
N ARG C 336 -35.16 17.50 19.57
CA ARG C 336 -33.72 17.62 19.25
C ARG C 336 -33.48 18.89 18.44
N LEU C 337 -34.27 19.16 17.40
CA LEU C 337 -34.00 20.29 16.47
C LEU C 337 -34.36 21.61 17.13
N LEU C 338 -35.39 21.63 17.97
CA LEU C 338 -35.84 22.90 18.63
C LEU C 338 -34.89 23.26 19.79
N ASP C 339 -34.29 22.25 20.44
CA ASP C 339 -33.57 22.39 21.74
C ASP C 339 -32.06 22.50 21.54
N ASP C 340 -31.50 21.87 20.50
CA ASP C 340 -30.04 21.73 20.27
C ASP C 340 -29.66 22.44 18.97
N PRO C 341 -29.15 23.70 19.03
CA PRO C 341 -28.85 24.47 17.82
C PRO C 341 -27.79 23.83 16.91
N GLU C 342 -26.98 22.91 17.46
CA GLU C 342 -25.93 22.18 16.70
C GLU C 342 -26.59 21.11 15.80
N ALA C 343 -27.58 20.38 16.33
CA ALA C 343 -28.40 19.40 15.58
C ALA C 343 -29.15 20.12 14.46
N TYR C 344 -29.69 21.31 14.75
CA TYR C 344 -30.46 22.16 13.82
C TYR C 344 -29.53 22.55 12.66
N GLU C 345 -28.35 23.09 12.97
CA GLU C 345 -27.39 23.60 11.95
C GLU C 345 -26.85 22.43 11.12
N ALA C 346 -26.71 21.23 11.70
CA ALA C 346 -26.21 20.04 10.97
C ALA C 346 -27.19 19.67 9.83
N MET C 347 -28.45 20.12 9.89
CA MET C 347 -29.48 19.78 8.86
C MET C 347 -29.64 20.91 7.84
N ARG C 348 -28.86 21.99 7.97
CA ARG C 348 -28.91 23.16 7.07
C ARG C 348 -27.55 23.46 6.45
N ARG C 349 -26.51 22.72 6.80
CA ARG C 349 -25.11 23.03 6.37
C ARG C 349 -25.14 23.45 4.90
N PRO C 350 -24.57 24.64 4.55
CA PRO C 350 -24.54 25.07 3.16
C PRO C 350 -23.43 24.28 2.43
N GLY C 351 -23.44 24.36 1.10
CA GLY C 351 -22.33 23.90 0.24
C GLY C 351 -22.73 22.74 -0.66
N ILE C 352 -23.47 21.76 -0.13
CA ILE C 352 -23.94 20.56 -0.92
C ILE C 352 -25.26 20.93 -1.58
N VAL C 353 -25.39 20.68 -2.89
CA VAL C 353 -26.65 20.98 -3.64
C VAL C 353 -27.29 19.65 -4.05
N CYS C 354 -28.49 19.39 -3.52
CA CYS C 354 -29.11 18.06 -3.64
C CYS C 354 -29.90 17.95 -4.96
N TYR C 355 -30.69 18.95 -5.31
CA TYR C 355 -31.81 18.79 -6.30
C TYR C 355 -31.71 19.81 -7.44
N GLY C 356 -30.59 20.55 -7.53
CA GLY C 356 -30.33 21.49 -8.65
C GLY C 356 -30.34 22.97 -8.24
N GLU C 357 -30.09 23.86 -9.17
CA GLU C 357 -29.74 25.29 -8.91
C GLU C 357 -30.92 26.22 -9.21
N GLY C 358 -31.98 25.70 -9.81
CA GLY C 358 -33.13 26.54 -10.24
C GLY C 358 -33.04 26.98 -11.69
N ASP C 359 -32.17 26.36 -12.48
CA ASP C 359 -32.05 26.58 -13.95
C ASP C 359 -32.47 25.30 -14.72
N ALA C 360 -33.31 24.44 -14.12
CA ALA C 360 -33.64 23.11 -14.69
C ALA C 360 -34.45 23.30 -15.98
N ALA C 361 -35.34 24.27 -16.05
CA ALA C 361 -36.18 24.51 -17.25
C ALA C 361 -35.28 24.78 -18.45
N ALA C 362 -34.26 25.63 -18.27
CA ALA C 362 -33.35 26.04 -19.37
C ALA C 362 -32.54 24.80 -19.80
N ARG C 363 -32.12 23.97 -18.88
CA ARG C 363 -31.33 22.74 -19.20
C ARG C 363 -32.24 21.75 -19.95
N CYS C 364 -33.51 21.63 -19.59
CA CYS C 364 -34.50 20.81 -20.34
C CYS C 364 -34.62 21.36 -21.77
N LEU C 365 -34.75 22.67 -21.91
CA LEU C 365 -34.97 23.31 -23.25
C LEU C 365 -33.79 22.98 -24.15
N GLU C 366 -32.57 23.13 -23.64
CA GLU C 366 -31.34 22.89 -24.43
C GLU C 366 -31.25 21.40 -24.80
N ALA C 367 -31.67 20.48 -23.92
CA ALA C 367 -31.69 19.04 -24.27
C ALA C 367 -32.72 18.83 -25.40
N LEU C 368 -33.89 19.45 -25.31
CA LEU C 368 -34.93 19.30 -26.37
C LEU C 368 -34.39 19.83 -27.71
N ARG C 369 -33.72 20.98 -27.69
CA ARG C 369 -33.18 21.65 -28.92
C ARG C 369 -32.12 20.73 -29.53
N GLU C 370 -31.20 20.21 -28.72
CA GLU C 370 -30.12 19.31 -29.17
C GLU C 370 -30.72 18.06 -29.82
N ARG C 371 -31.76 17.46 -29.24
CA ARG C 371 -32.31 16.16 -29.71
C ARG C 371 -33.22 16.39 -30.93
N TRP C 372 -34.12 17.36 -30.91
CA TRP C 372 -35.25 17.44 -31.87
C TRP C 372 -35.24 18.73 -32.71
N LEU C 373 -34.29 19.64 -32.52
CA LEU C 373 -34.17 20.87 -33.35
C LEU C 373 -32.73 20.96 -33.87
N SER C 374 -32.14 19.82 -34.18
CA SER C 374 -30.79 19.69 -34.76
C SER C 374 -30.85 18.70 -35.93
N SER C 375 -29.90 18.83 -36.85
CA SER C 375 -29.66 17.91 -38.00
C SER C 375 -28.17 17.66 -38.09
N PRO C 376 -27.74 16.44 -38.49
CA PRO C 376 -26.31 16.07 -38.46
C PRO C 376 -25.40 16.90 -39.39
N SER D 1 -60.24 -31.16 -4.56
CA SER D 1 -60.78 -30.05 -3.70
C SER D 1 -59.65 -29.26 -3.01
N HIS D 2 -58.40 -29.77 -3.00
CA HIS D 2 -57.21 -29.01 -2.54
C HIS D 2 -57.07 -27.74 -3.40
N MET D 3 -56.56 -26.66 -2.83
CA MET D 3 -56.36 -25.37 -3.53
C MET D 3 -55.37 -25.60 -4.68
N ALA D 4 -55.76 -25.20 -5.90
CA ALA D 4 -54.85 -25.15 -7.07
C ALA D 4 -54.44 -23.68 -7.30
N LEU D 5 -53.19 -23.42 -7.64
CA LEU D 5 -52.76 -22.10 -8.19
C LEU D 5 -53.46 -21.91 -9.54
N ARG D 6 -54.38 -20.96 -9.64
CA ARG D 6 -55.14 -20.67 -10.87
C ARG D 6 -54.30 -19.71 -11.74
N VAL D 7 -53.82 -20.23 -12.87
CA VAL D 7 -52.86 -19.53 -13.76
C VAL D 7 -53.62 -19.06 -15.00
N GLY D 8 -53.84 -17.76 -15.09
CA GLY D 8 -54.35 -17.08 -16.29
C GLY D 8 -53.36 -17.24 -17.43
N ILE D 9 -53.87 -17.59 -18.60
CA ILE D 9 -53.09 -17.77 -19.85
C ILE D 9 -53.78 -16.88 -20.88
N VAL D 10 -53.12 -15.80 -21.31
CA VAL D 10 -53.73 -14.78 -22.19
C VAL D 10 -52.90 -14.68 -23.47
N TYR D 11 -53.56 -14.82 -24.61
CA TYR D 11 -52.94 -14.77 -25.96
C TYR D 11 -54.01 -14.41 -26.98
N GLY D 12 -53.57 -13.98 -28.15
CA GLY D 12 -54.47 -13.64 -29.26
C GLY D 12 -54.03 -14.17 -30.60
N THR D 13 -52.88 -14.84 -30.72
CA THR D 13 -52.27 -15.19 -32.02
C THR D 13 -51.74 -16.62 -32.03
N ARG D 14 -51.54 -17.14 -33.22
CA ARG D 14 -50.99 -18.49 -33.50
C ARG D 14 -49.65 -18.68 -32.80
N PRO D 15 -48.61 -17.83 -33.01
CA PRO D 15 -47.32 -18.07 -32.40
C PRO D 15 -47.39 -18.16 -30.87
N GLU D 16 -48.20 -17.31 -30.23
CA GLU D 16 -48.42 -17.33 -28.77
C GLU D 16 -49.06 -18.67 -28.37
N ALA D 17 -50.11 -19.10 -29.06
CA ALA D 17 -50.84 -20.36 -28.76
C ALA D 17 -49.87 -21.54 -28.84
N ILE D 18 -49.05 -21.58 -29.89
CA ILE D 18 -48.07 -22.68 -30.09
C ILE D 18 -47.10 -22.71 -28.91
N LYS D 19 -46.59 -21.55 -28.50
CA LYS D 19 -45.55 -21.50 -27.44
C LYS D 19 -46.19 -21.69 -26.06
N LEU D 20 -47.44 -21.31 -25.86
CA LEU D 20 -48.12 -21.48 -24.56
C LEU D 20 -48.67 -22.91 -24.41
N ALA D 21 -48.96 -23.61 -25.52
CA ALA D 21 -49.67 -24.92 -25.49
C ALA D 21 -48.97 -25.90 -24.55
N PRO D 22 -47.63 -26.11 -24.65
CA PRO D 22 -46.95 -27.06 -23.76
C PRO D 22 -47.04 -26.67 -22.27
N LEU D 23 -47.05 -25.36 -21.98
CA LEU D 23 -47.21 -24.87 -20.58
C LEU D 23 -48.66 -25.16 -20.11
N VAL D 24 -49.65 -24.89 -20.95
CA VAL D 24 -51.07 -25.18 -20.61
C VAL D 24 -51.18 -26.69 -20.29
N LEU D 25 -50.64 -27.56 -21.16
CA LEU D 25 -50.73 -29.03 -20.98
C LEU D 25 -50.07 -29.43 -19.65
N ALA D 26 -48.91 -28.86 -19.32
CA ALA D 26 -48.19 -29.18 -18.07
C ALA D 26 -49.00 -28.70 -16.87
N LEU D 27 -49.59 -27.50 -16.96
CA LEU D 27 -50.42 -26.93 -15.86
C LEU D 27 -51.66 -27.83 -15.66
N ASP D 28 -52.30 -28.26 -16.74
CA ASP D 28 -53.51 -29.13 -16.71
C ASP D 28 -53.16 -30.44 -16.02
N ALA D 29 -52.07 -31.12 -16.40
CA ALA D 29 -51.69 -32.44 -15.86
C ALA D 29 -51.31 -32.36 -14.37
N ASP D 30 -50.69 -31.26 -13.94
CA ASP D 30 -50.19 -31.14 -12.55
C ASP D 30 -51.36 -30.80 -11.64
N PRO D 31 -51.54 -31.55 -10.52
CA PRO D 31 -52.67 -31.31 -9.62
C PRO D 31 -52.54 -29.98 -8.83
N GLY D 32 -51.34 -29.44 -8.68
CA GLY D 32 -51.10 -28.17 -7.97
C GLY D 32 -51.55 -26.93 -8.73
N PHE D 33 -51.97 -27.06 -9.99
CA PHE D 33 -52.27 -25.89 -10.87
C PHE D 33 -53.57 -26.10 -11.65
N GLU D 34 -54.18 -25.00 -12.03
CA GLU D 34 -55.33 -24.96 -12.96
C GLU D 34 -55.08 -23.85 -13.97
N PRO D 35 -54.86 -24.16 -15.26
CA PRO D 35 -54.79 -23.14 -16.30
C PRO D 35 -56.17 -22.58 -16.63
N VAL D 36 -56.25 -21.26 -16.83
CA VAL D 36 -57.48 -20.53 -17.24
C VAL D 36 -57.12 -19.71 -18.46
N ILE D 37 -57.59 -20.11 -19.64
CA ILE D 37 -57.25 -19.44 -20.92
C ILE D 37 -58.27 -18.34 -21.20
N ILE D 38 -57.76 -17.13 -21.49
CA ILE D 38 -58.54 -15.98 -22.01
C ILE D 38 -57.87 -15.53 -23.30
N THR D 39 -58.59 -15.59 -24.41
CA THR D 39 -58.11 -15.17 -25.74
C THR D 39 -58.62 -13.75 -26.03
N THR D 40 -57.91 -13.02 -26.87
CA THR D 40 -58.23 -11.62 -27.24
C THR D 40 -58.49 -11.55 -28.75
N GLY D 41 -58.21 -12.62 -29.50
CA GLY D 41 -58.21 -12.65 -30.97
C GLY D 41 -59.33 -13.51 -31.50
N LEU D 47 -56.58 -20.18 -35.13
CA LEU D 47 -56.46 -20.30 -33.65
C LEU D 47 -57.31 -21.46 -33.12
N ASP D 48 -58.56 -21.62 -33.59
CA ASP D 48 -59.40 -22.81 -33.29
C ASP D 48 -58.63 -24.08 -33.65
N GLU D 49 -57.95 -24.07 -34.80
CA GLU D 49 -57.17 -25.20 -35.35
C GLU D 49 -56.03 -25.56 -34.39
N ILE D 50 -55.31 -24.57 -33.85
CA ILE D 50 -54.20 -24.79 -32.88
C ILE D 50 -54.82 -25.26 -31.54
N ASN D 51 -55.91 -24.63 -31.11
CA ASN D 51 -56.63 -25.03 -29.86
C ASN D 51 -57.05 -26.51 -29.97
N GLU D 52 -57.64 -26.92 -31.10
CA GLU D 52 -58.07 -28.32 -31.34
C GLU D 52 -56.86 -29.26 -31.27
N LEU D 53 -55.78 -28.94 -31.98
CA LEU D 53 -54.58 -29.80 -32.10
C LEU D 53 -53.98 -30.09 -30.72
N PHE D 54 -53.84 -29.08 -29.85
CA PHE D 54 -53.18 -29.25 -28.53
C PHE D 54 -54.21 -29.48 -27.42
N GLY D 55 -55.50 -29.40 -27.73
CA GLY D 55 -56.59 -29.60 -26.76
C GLY D 55 -56.68 -28.46 -25.76
N LEU D 56 -56.51 -27.22 -26.23
CA LEU D 56 -56.68 -25.97 -25.43
C LEU D 56 -58.15 -25.58 -25.46
N ARG D 57 -58.76 -25.29 -24.29
CA ARG D 57 -60.20 -24.92 -24.18
C ARG D 57 -60.31 -23.55 -23.51
N PRO D 58 -60.39 -22.45 -24.30
CA PRO D 58 -60.54 -21.11 -23.74
C PRO D 58 -61.82 -20.96 -22.89
N ARG D 59 -61.69 -20.40 -21.68
CA ARG D 59 -62.84 -20.09 -20.79
C ARG D 59 -63.55 -18.83 -21.28
N HIS D 60 -62.81 -17.87 -21.85
CA HIS D 60 -63.33 -16.60 -22.37
C HIS D 60 -62.58 -16.22 -23.65
N ASN D 61 -63.34 -15.78 -24.66
CA ASN D 61 -62.85 -15.09 -25.88
C ASN D 61 -63.37 -13.66 -25.81
N LEU D 62 -62.48 -12.68 -25.59
CA LEU D 62 -62.81 -11.25 -25.71
C LEU D 62 -62.71 -10.99 -27.22
N ASP D 63 -63.71 -10.39 -27.84
CA ASP D 63 -63.70 -10.22 -29.32
C ASP D 63 -63.16 -8.81 -29.62
N ILE D 64 -61.90 -8.56 -29.22
CA ILE D 64 -61.24 -7.22 -29.22
C ILE D 64 -60.41 -7.03 -30.50
N MET D 65 -59.58 -7.98 -30.88
CA MET D 65 -58.61 -7.81 -32.02
C MET D 65 -59.33 -7.88 -33.38
N ARG D 66 -58.71 -7.31 -34.42
CA ARG D 66 -59.17 -7.32 -35.84
C ARG D 66 -57.96 -7.15 -36.78
N GLY D 68 -58.48 -4.33 -39.07
CA GLY D 68 -57.98 -2.96 -39.31
C GLY D 68 -58.35 -2.02 -38.17
N GLN D 69 -57.56 -2.04 -37.08
CA GLN D 69 -57.86 -1.29 -35.82
C GLN D 69 -56.59 -0.58 -35.34
N ARG D 70 -56.76 0.59 -34.77
CA ARG D 70 -55.67 1.41 -34.19
C ARG D 70 -55.10 0.67 -32.96
N LEU D 71 -53.79 0.72 -32.79
CA LEU D 71 -53.11 0.12 -31.61
C LEU D 71 -53.73 0.67 -30.31
N SER D 72 -53.86 1.99 -30.20
CA SER D 72 -54.39 2.67 -28.98
C SER D 72 -55.78 2.15 -28.64
N ALA D 73 -56.64 1.90 -29.64
CA ALA D 73 -58.03 1.44 -29.41
C ALA D 73 -57.96 0.01 -28.89
N MET D 74 -57.14 -0.84 -29.50
CA MET D 74 -57.01 -2.26 -29.08
C MET D 74 -56.46 -2.32 -27.64
N ALA D 75 -55.36 -1.62 -27.37
CA ALA D 75 -54.72 -1.62 -26.03
C ALA D 75 -55.71 -1.06 -24.98
N SER D 76 -56.42 0.01 -25.32
CA SER D 76 -57.48 0.61 -24.46
C SER D 76 -58.51 -0.47 -24.08
N ARG D 77 -58.97 -1.24 -25.05
CA ARG D 77 -60.01 -2.27 -24.81
C ARG D 77 -59.44 -3.36 -23.89
N ILE D 78 -58.20 -3.80 -24.11
CA ILE D 78 -57.66 -4.92 -23.30
C ILE D 78 -57.46 -4.41 -21.86
N VAL D 79 -56.86 -3.23 -21.70
CA VAL D 79 -56.62 -2.63 -20.35
C VAL D 79 -57.98 -2.49 -19.64
N GLY D 80 -59.00 -2.05 -20.39
CA GLY D 80 -60.33 -1.73 -19.83
C GLY D 80 -61.13 -2.96 -19.47
N GLU D 81 -61.01 -4.05 -20.22
CA GLU D 81 -62.00 -5.17 -20.21
C GLU D 81 -61.39 -6.48 -19.72
N LEU D 82 -60.07 -6.66 -19.66
CA LEU D 82 -59.50 -7.99 -19.29
C LEU D 82 -59.63 -8.22 -17.78
N GLY D 83 -59.64 -7.16 -16.98
CA GLY D 83 -59.76 -7.25 -15.51
C GLY D 83 -60.97 -8.08 -15.07
N ASP D 84 -62.12 -7.93 -15.73
CA ASP D 84 -63.40 -8.55 -15.28
C ASP D 84 -63.28 -10.08 -15.38
N PRO D 85 -62.96 -10.68 -16.55
CA PRO D 85 -62.75 -12.12 -16.60
C PRO D 85 -61.61 -12.62 -15.68
N LEU D 86 -60.54 -11.86 -15.47
CA LEU D 86 -59.44 -12.29 -14.55
C LEU D 86 -60.01 -12.42 -13.12
N LEU D 87 -60.84 -11.46 -12.71
CA LEU D 87 -61.48 -11.44 -11.36
C LEU D 87 -62.56 -12.53 -11.30
N ASP D 88 -63.45 -12.61 -12.30
CA ASP D 88 -64.55 -13.61 -12.38
C ASP D 88 -63.97 -15.04 -12.30
N GLU D 89 -62.82 -15.30 -12.94
CA GLU D 89 -62.22 -16.65 -13.00
C GLU D 89 -61.29 -16.88 -11.80
N LEU D 90 -61.20 -15.93 -10.88
CA LEU D 90 -60.41 -16.10 -9.63
C LEU D 90 -58.96 -16.45 -9.99
N VAL D 91 -58.40 -15.76 -10.99
CA VAL D 91 -56.99 -15.98 -11.39
C VAL D 91 -56.10 -15.56 -10.23
N ASP D 92 -55.10 -16.37 -9.88
CA ASP D 92 -54.10 -16.07 -8.83
C ASP D 92 -52.89 -15.39 -9.46
N VAL D 93 -52.45 -15.89 -10.61
CA VAL D 93 -51.21 -15.45 -11.34
C VAL D 93 -51.54 -15.48 -12.83
N ALA D 94 -50.94 -14.57 -13.62
CA ALA D 94 -51.19 -14.49 -15.07
C ALA D 94 -49.87 -14.69 -15.81
N VAL D 95 -49.91 -15.53 -16.85
CA VAL D 95 -48.78 -15.75 -17.79
C VAL D 95 -49.13 -15.11 -19.13
N VAL D 96 -48.19 -14.32 -19.67
CA VAL D 96 -48.23 -13.79 -21.06
C VAL D 96 -46.97 -14.28 -21.76
N GLN D 97 -46.99 -14.32 -23.08
CA GLN D 97 -45.90 -14.87 -23.91
C GLN D 97 -45.49 -13.84 -24.96
N GLY D 98 -44.20 -13.74 -25.23
CA GLY D 98 -43.68 -13.09 -26.43
C GLY D 98 -43.78 -11.57 -26.38
N ASP D 99 -44.16 -10.95 -27.48
CA ASP D 99 -43.92 -9.50 -27.71
C ASP D 99 -45.20 -8.80 -28.14
N THR D 100 -46.37 -9.44 -28.03
CA THR D 100 -47.62 -8.90 -28.61
C THR D 100 -48.14 -7.74 -27.74
N SER D 101 -48.97 -6.92 -28.33
CA SER D 101 -49.71 -5.84 -27.64
C SER D 101 -50.71 -6.48 -26.66
N THR D 102 -51.22 -7.67 -26.96
CA THR D 102 -52.01 -8.47 -25.98
C THR D 102 -51.17 -8.77 -24.75
N ALA D 103 -49.95 -9.27 -24.94
CA ALA D 103 -49.09 -9.65 -23.81
C ALA D 103 -48.88 -8.41 -22.95
N PHE D 104 -48.62 -7.25 -23.55
CA PHE D 104 -48.34 -6.02 -22.77
C PHE D 104 -49.60 -5.55 -22.06
N ALA D 105 -50.68 -5.33 -22.82
CA ALA D 105 -51.95 -4.80 -22.27
C ALA D 105 -52.52 -5.74 -21.20
N ALA D 106 -52.41 -7.06 -21.40
CA ALA D 106 -52.89 -8.06 -20.42
C ALA D 106 -52.01 -8.03 -19.16
N ALA D 107 -50.69 -7.90 -19.31
CA ALA D 107 -49.79 -7.80 -18.14
C ALA D 107 -50.20 -6.56 -17.33
N TYR D 108 -50.52 -5.46 -18.01
CA TYR D 108 -50.86 -4.20 -17.31
C TYR D 108 -52.21 -4.39 -16.59
N ALA D 109 -53.18 -4.96 -17.30
CA ALA D 109 -54.55 -5.21 -16.76
C ALA D 109 -54.42 -6.09 -15.51
N ALA D 110 -53.55 -7.11 -15.56
CA ALA D 110 -53.33 -8.02 -14.41
C ALA D 110 -52.72 -7.23 -13.25
N ALA D 111 -51.69 -6.42 -13.53
CA ALA D 111 -51.02 -5.59 -12.51
C ALA D 111 -52.05 -4.68 -11.82
N CYS D 112 -52.99 -4.10 -12.56
CA CYS D 112 -54.02 -3.18 -12.02
C CYS D 112 -54.87 -3.87 -10.95
N GLU D 113 -55.05 -5.20 -11.07
CA GLU D 113 -55.83 -6.03 -10.12
C GLU D 113 -54.89 -6.70 -9.10
N ARG D 114 -53.61 -6.29 -9.06
CA ARG D 114 -52.57 -6.86 -8.17
C ARG D 114 -52.48 -8.39 -8.38
N ILE D 115 -52.68 -8.84 -9.62
CA ILE D 115 -52.39 -10.24 -10.04
C ILE D 115 -50.94 -10.31 -10.50
N PRO D 116 -50.06 -11.09 -9.83
CA PRO D 116 -48.69 -11.26 -10.30
C PRO D 116 -48.60 -11.82 -11.73
N VAL D 117 -47.58 -11.39 -12.47
CA VAL D 117 -47.41 -11.76 -13.89
C VAL D 117 -46.10 -12.52 -14.09
N ALA D 118 -46.16 -13.58 -14.91
CA ALA D 118 -44.98 -14.30 -15.42
C ALA D 118 -44.90 -14.13 -16.93
N HIS D 119 -43.69 -13.96 -17.47
CA HIS D 119 -43.46 -13.72 -18.90
C HIS D 119 -42.77 -14.95 -19.48
N LEU D 120 -43.47 -15.67 -20.37
CA LEU D 120 -42.88 -16.80 -21.12
C LEU D 120 -42.14 -16.25 -22.33
N GLU D 121 -40.89 -16.70 -22.51
CA GLU D 121 -39.96 -16.29 -23.59
C GLU D 121 -39.57 -14.82 -23.36
N ALA D 122 -38.90 -14.56 -22.25
CA ALA D 122 -38.47 -13.23 -21.77
C ALA D 122 -37.03 -12.98 -22.18
N GLY D 123 -36.74 -11.73 -22.54
CA GLY D 123 -35.36 -11.21 -22.70
C GLY D 123 -34.85 -11.18 -24.12
N LEU D 124 -35.68 -11.46 -25.14
CA LEU D 124 -35.20 -11.36 -26.54
C LEU D 124 -35.09 -9.88 -26.91
N ARG D 125 -33.94 -9.47 -27.49
CA ARG D 125 -33.65 -8.07 -27.85
C ARG D 125 -32.90 -8.04 -29.19
N THR D 126 -33.18 -7.06 -30.04
CA THR D 126 -32.34 -6.72 -31.22
C THR D 126 -31.30 -5.67 -30.83
N GLY D 127 -31.68 -4.78 -29.92
CA GLY D 127 -30.92 -3.56 -29.58
C GLY D 127 -31.24 -2.41 -30.53
N ASP D 128 -32.29 -2.53 -31.37
CA ASP D 128 -32.76 -1.45 -32.27
C ASP D 128 -34.09 -0.91 -31.72
N ARG D 129 -34.02 0.28 -31.11
CA ARG D 129 -35.15 0.94 -30.40
C ARG D 129 -36.36 1.09 -31.34
N PHE D 130 -37.52 0.55 -30.92
CA PHE D 130 -38.83 0.70 -31.59
C PHE D 130 -38.81 0.00 -32.97
N GLU D 131 -37.91 -0.98 -33.13
CA GLU D 131 -37.79 -1.79 -34.37
C GLU D 131 -37.85 -3.28 -34.02
N PRO D 132 -38.94 -4.01 -34.36
CA PRO D 132 -40.14 -3.40 -34.92
C PRO D 132 -41.00 -2.70 -33.85
N PHE D 133 -41.96 -1.90 -34.30
CA PHE D 133 -42.92 -1.18 -33.43
C PHE D 133 -44.27 -1.83 -33.61
N PRO D 134 -45.01 -2.17 -32.53
CA PRO D 134 -44.58 -1.94 -31.15
C PRO D 134 -43.86 -3.08 -30.39
N GLU D 135 -43.44 -4.14 -31.07
CA GLU D 135 -43.00 -5.41 -30.41
C GLU D 135 -41.79 -5.16 -29.49
N GLU D 136 -40.83 -4.36 -29.93
CA GLU D 136 -39.56 -4.14 -29.18
C GLU D 136 -39.91 -3.41 -27.88
N ILE D 137 -40.79 -2.41 -27.92
CA ILE D 137 -41.18 -1.67 -26.68
C ILE D 137 -42.08 -2.57 -25.82
N ASN D 138 -42.95 -3.37 -26.42
CA ASN D 138 -43.84 -4.29 -25.65
C ASN D 138 -42.99 -5.16 -24.72
N ARG D 139 -41.91 -5.76 -25.22
CA ARG D 139 -41.02 -6.64 -24.42
C ARG D 139 -40.45 -5.87 -23.22
N ARG D 140 -40.04 -4.63 -23.44
CA ARG D 140 -39.39 -3.84 -22.37
C ARG D 140 -40.44 -3.41 -21.32
N LEU D 141 -41.68 -3.17 -21.73
CA LEU D 141 -42.80 -2.87 -20.80
C LEU D 141 -43.18 -4.13 -20.01
N ILE D 142 -43.38 -5.25 -20.68
CA ILE D 142 -43.71 -6.54 -20.00
C ILE D 142 -42.59 -6.85 -18.99
N THR D 143 -41.34 -6.60 -19.36
CA THR D 143 -40.17 -6.88 -18.51
C THR D 143 -40.32 -6.14 -17.17
N GLN D 144 -40.77 -4.89 -17.18
CA GLN D 144 -40.96 -4.11 -15.93
C GLN D 144 -42.19 -4.62 -15.16
N LEU D 145 -43.23 -5.12 -15.83
CA LEU D 145 -44.48 -5.54 -15.16
C LEU D 145 -44.33 -6.93 -14.54
N ALA D 146 -43.56 -7.83 -15.15
CA ALA D 146 -43.52 -9.27 -14.77
C ALA D 146 -42.72 -9.46 -13.48
N ASP D 147 -43.25 -10.28 -12.56
CA ASP D 147 -42.53 -10.71 -11.33
C ASP D 147 -41.53 -11.81 -11.69
N LEU D 148 -41.86 -12.62 -12.69
CA LEU D 148 -41.13 -13.86 -13.02
C LEU D 148 -40.91 -13.91 -14.53
N HIS D 149 -39.71 -14.32 -14.96
CA HIS D 149 -39.26 -14.29 -16.37
C HIS D 149 -38.71 -15.66 -16.74
N PHE D 150 -39.27 -16.29 -17.76
CA PHE D 150 -38.83 -17.58 -18.35
C PHE D 150 -38.03 -17.25 -19.60
N ALA D 151 -36.72 -17.17 -19.44
CA ALA D 151 -35.77 -16.83 -20.52
C ALA D 151 -35.41 -18.11 -21.26
N PRO D 152 -35.39 -18.08 -22.60
CA PRO D 152 -35.06 -19.28 -23.37
C PRO D 152 -33.57 -19.60 -23.36
N THR D 153 -32.72 -18.59 -23.14
CA THR D 153 -31.25 -18.70 -23.28
C THR D 153 -30.57 -17.84 -22.23
N ALA D 154 -29.29 -18.13 -21.95
CA ALA D 154 -28.43 -17.33 -21.07
C ALA D 154 -28.31 -15.91 -21.61
N ASP D 155 -28.21 -15.74 -22.92
CA ASP D 155 -28.14 -14.40 -23.56
C ASP D 155 -29.40 -13.57 -23.19
N ALA D 156 -30.59 -14.17 -23.29
CA ALA D 156 -31.86 -13.49 -22.99
C ALA D 156 -31.90 -13.12 -21.50
N ALA D 157 -31.44 -14.00 -20.61
CA ALA D 157 -31.38 -13.74 -19.17
C ALA D 157 -30.46 -12.52 -18.93
N GLY D 158 -29.32 -12.45 -19.60
CA GLY D 158 -28.42 -11.29 -19.53
C GLY D 158 -29.09 -9.99 -19.91
N ASN D 159 -29.94 -9.99 -20.95
CA ASN D 159 -30.69 -8.79 -21.38
C ASN D 159 -31.62 -8.33 -20.27
N LEU D 160 -32.26 -9.27 -19.57
CA LEU D 160 -33.17 -8.92 -18.46
C LEU D 160 -32.41 -8.24 -17.32
N LEU D 161 -31.25 -8.78 -16.91
CA LEU D 161 -30.44 -8.19 -15.80
C LEU D 161 -30.03 -6.75 -16.17
N ALA D 162 -29.74 -6.47 -17.44
CA ALA D 162 -29.31 -5.14 -17.92
C ALA D 162 -30.48 -4.15 -17.86
N GLU D 163 -31.71 -4.63 -17.68
CA GLU D 163 -32.90 -3.74 -17.53
C GLU D 163 -33.34 -3.74 -16.08
N GLY D 164 -32.48 -4.21 -15.16
CA GLY D 164 -32.68 -4.03 -13.71
C GLY D 164 -33.45 -5.18 -13.08
N VAL D 165 -33.73 -6.24 -13.82
CA VAL D 165 -34.42 -7.43 -13.24
C VAL D 165 -33.45 -8.14 -12.29
N ARG D 166 -33.91 -8.49 -11.10
CA ARG D 166 -33.11 -9.25 -10.10
C ARG D 166 -32.91 -10.68 -10.62
N SER D 167 -31.70 -11.22 -10.44
CA SER D 167 -31.33 -12.59 -10.88
C SER D 167 -32.31 -13.64 -10.35
N ASP D 168 -32.83 -13.49 -9.14
CA ASP D 168 -33.76 -14.47 -8.52
C ASP D 168 -35.10 -14.53 -9.27
N ASP D 169 -35.42 -13.52 -10.11
CA ASP D 169 -36.72 -13.46 -10.82
C ASP D 169 -36.59 -14.03 -12.23
N VAL D 170 -35.38 -14.44 -12.62
CA VAL D 170 -35.08 -14.93 -13.99
C VAL D 170 -34.73 -16.42 -13.91
N TYR D 171 -35.45 -17.25 -14.68
CA TYR D 171 -35.14 -18.69 -14.87
C TYR D 171 -34.86 -18.95 -16.34
N VAL D 172 -33.72 -19.55 -16.66
CA VAL D 172 -33.41 -20.00 -18.04
C VAL D 172 -34.10 -21.37 -18.22
N THR D 173 -35.29 -21.37 -18.83
CA THR D 173 -36.16 -22.55 -18.97
C THR D 173 -35.96 -23.23 -20.33
N GLY D 174 -35.30 -22.53 -21.25
CA GLY D 174 -35.40 -22.81 -22.69
C GLY D 174 -36.74 -22.38 -23.27
N ASN D 175 -36.92 -22.62 -24.56
CA ASN D 175 -38.13 -22.16 -25.30
C ASN D 175 -39.12 -23.32 -25.43
N THR D 176 -40.37 -23.08 -25.07
CA THR D 176 -41.46 -24.07 -25.15
C THR D 176 -41.76 -24.45 -26.60
N VAL D 177 -41.26 -23.70 -27.59
CA VAL D 177 -41.51 -24.07 -29.01
C VAL D 177 -40.85 -25.42 -29.29
N ILE D 178 -39.73 -25.73 -28.64
CA ILE D 178 -39.07 -27.05 -28.80
C ILE D 178 -40.03 -28.13 -28.25
N ASP D 179 -40.62 -27.93 -27.06
CA ASP D 179 -41.65 -28.83 -26.50
C ASP D 179 -42.75 -29.02 -27.56
N ALA D 180 -43.25 -27.92 -28.14
CA ALA D 180 -44.39 -27.96 -29.08
C ALA D 180 -44.04 -28.80 -30.31
N MET D 181 -42.86 -28.55 -30.89
CA MET D 181 -42.39 -29.31 -32.07
C MET D 181 -42.42 -30.81 -31.79
N HIS D 182 -41.87 -31.21 -30.64
CA HIS D 182 -41.72 -32.63 -30.24
C HIS D 182 -43.09 -33.27 -30.12
N LEU D 183 -44.09 -32.52 -29.65
CA LEU D 183 -45.47 -33.04 -29.49
C LEU D 183 -46.08 -33.39 -30.86
N VAL D 184 -45.75 -32.66 -31.93
CA VAL D 184 -46.37 -32.95 -33.27
C VAL D 184 -45.47 -33.91 -34.07
N LEU D 185 -44.16 -33.92 -33.86
CA LEU D 185 -43.25 -34.93 -34.46
C LEU D 185 -43.64 -36.33 -33.95
N ARG D 194 -50.52 -34.71 -48.58
CA ARG D 194 -50.91 -35.55 -49.77
C ARG D 194 -50.74 -34.72 -51.06
N GLU D 195 -51.34 -33.53 -51.13
CA GLU D 195 -51.04 -32.56 -52.23
C GLU D 195 -49.58 -32.07 -52.09
N LEU D 196 -49.11 -31.86 -50.86
CA LEU D 196 -47.71 -31.43 -50.58
C LEU D 196 -46.74 -32.52 -51.03
N ASP D 197 -47.00 -33.78 -50.69
CA ASP D 197 -46.20 -34.98 -51.10
C ASP D 197 -46.10 -35.04 -52.62
N ALA D 198 -47.23 -34.99 -53.33
CA ALA D 198 -47.30 -35.02 -54.81
C ALA D 198 -46.45 -33.89 -55.40
N PHE D 199 -46.42 -32.71 -54.77
CA PHE D 199 -45.70 -31.54 -55.31
C PHE D 199 -44.19 -31.65 -55.05
N THR D 200 -43.78 -32.20 -53.91
CA THR D 200 -42.35 -32.17 -53.46
C THR D 200 -41.62 -33.47 -53.86
N GLU D 201 -42.33 -34.59 -54.06
CA GLU D 201 -41.77 -35.94 -54.36
C GLU D 201 -40.62 -35.83 -55.37
N GLY D 202 -39.43 -36.25 -54.97
CA GLY D 202 -38.29 -36.36 -55.90
C GLY D 202 -37.54 -35.06 -56.07
N ARG D 203 -37.93 -33.96 -55.42
CA ARG D 203 -37.25 -32.65 -55.63
C ARG D 203 -36.77 -32.03 -54.33
N GLN D 204 -35.69 -31.27 -54.43
CA GLN D 204 -35.20 -30.33 -53.39
C GLN D 204 -36.23 -29.19 -53.25
N THR D 205 -36.80 -29.10 -52.05
CA THR D 205 -37.88 -28.12 -51.73
C THR D 205 -37.37 -27.12 -50.69
N VAL D 206 -37.39 -25.83 -51.05
CA VAL D 206 -37.16 -24.70 -50.09
C VAL D 206 -38.50 -24.34 -49.45
N LEU D 207 -38.56 -24.26 -48.13
CA LEU D 207 -39.72 -23.72 -47.37
C LEU D 207 -39.48 -22.21 -47.13
N LEU D 208 -40.43 -21.35 -47.51
CA LEU D 208 -40.32 -19.89 -47.30
C LEU D 208 -41.58 -19.38 -46.58
N THR D 209 -41.41 -18.68 -45.44
CA THR D 209 -42.50 -17.88 -44.81
C THR D 209 -41.99 -16.46 -44.61
N MET D 210 -42.87 -15.49 -44.84
CA MET D 210 -42.52 -14.06 -44.70
C MET D 210 -43.80 -13.29 -44.38
N HIS D 211 -43.82 -12.57 -43.24
CA HIS D 211 -45.05 -11.88 -42.76
C HIS D 211 -44.81 -10.47 -42.21
N ARG D 212 -43.58 -10.02 -41.97
CA ARG D 212 -43.40 -8.81 -41.11
C ARG D 212 -43.87 -7.56 -41.85
N ARG D 213 -44.65 -6.75 -41.15
CA ARG D 213 -45.31 -5.51 -41.65
C ARG D 213 -44.24 -4.60 -42.27
N GLU D 214 -43.07 -4.48 -41.64
CA GLU D 214 -41.99 -3.57 -42.13
C GLU D 214 -41.47 -4.03 -43.50
N SER D 215 -41.80 -5.25 -43.96
CA SER D 215 -41.36 -5.78 -45.27
C SER D 215 -42.48 -5.79 -46.31
N TRP D 216 -43.69 -5.38 -45.95
CA TRP D 216 -44.85 -5.38 -46.87
C TRP D 216 -44.58 -4.54 -48.13
N GLY D 217 -45.11 -4.99 -49.27
CA GLY D 217 -44.96 -4.32 -50.58
C GLY D 217 -43.61 -4.59 -51.20
N ILE D 218 -42.77 -3.56 -51.34
CA ILE D 218 -41.55 -3.62 -52.17
C ILE D 218 -40.57 -4.67 -51.63
N PRO D 219 -40.19 -4.69 -50.34
CA PRO D 219 -39.24 -5.68 -49.84
C PRO D 219 -39.71 -7.13 -50.08
N MET D 220 -40.99 -7.44 -49.85
CA MET D 220 -41.54 -8.78 -50.15
C MET D 220 -41.46 -9.06 -51.66
N GLY D 221 -41.73 -8.04 -52.47
CA GLY D 221 -41.60 -8.13 -53.94
C GLY D 221 -40.18 -8.53 -54.34
N ARG D 222 -39.15 -7.98 -53.69
CA ARG D 222 -37.73 -8.35 -53.96
C ARG D 222 -37.52 -9.82 -53.61
N VAL D 223 -38.08 -10.28 -52.50
CA VAL D 223 -37.91 -11.69 -52.06
C VAL D 223 -38.58 -12.58 -53.11
N ALA D 224 -39.79 -12.22 -53.56
CA ALA D 224 -40.53 -12.98 -54.59
C ALA D 224 -39.72 -13.03 -55.89
N ALA D 225 -39.07 -11.92 -56.28
CA ALA D 225 -38.20 -11.86 -57.48
C ALA D 225 -37.01 -12.82 -57.31
N ALA D 226 -36.40 -12.88 -56.12
CA ALA D 226 -35.28 -13.81 -55.81
C ALA D 226 -35.78 -15.24 -56.00
N VAL D 227 -36.99 -15.56 -55.55
CA VAL D 227 -37.60 -16.90 -55.71
C VAL D 227 -37.73 -17.22 -57.21
N ALA D 228 -38.25 -16.28 -57.98
CA ALA D 228 -38.49 -16.41 -59.43
C ALA D 228 -37.13 -16.68 -60.12
N GLU D 229 -36.11 -15.90 -59.82
CA GLU D 229 -34.74 -16.03 -60.39
C GLU D 229 -34.16 -17.42 -60.07
N LEU D 230 -34.21 -17.85 -58.81
CA LEU D 230 -33.72 -19.19 -58.40
C LEU D 230 -34.46 -20.29 -59.19
N CYS D 231 -35.78 -20.13 -59.37
CA CYS D 231 -36.62 -21.11 -60.11
C CYS D 231 -36.18 -21.18 -61.58
N ARG D 232 -35.95 -20.04 -62.23
CA ARG D 232 -35.54 -19.96 -63.67
C ARG D 232 -34.20 -20.66 -63.84
N SER D 233 -33.22 -20.37 -62.95
CA SER D 233 -31.83 -20.87 -63.03
C SER D 233 -31.74 -22.34 -62.63
N ARG D 234 -32.71 -22.89 -61.87
CA ARG D 234 -32.62 -24.26 -61.29
C ARG D 234 -33.94 -25.00 -61.50
N PRO D 235 -34.18 -25.53 -62.72
CA PRO D 235 -35.44 -26.19 -63.07
C PRO D 235 -35.90 -27.29 -62.12
N THR D 236 -35.00 -27.90 -61.36
CA THR D 236 -35.30 -29.05 -60.45
C THR D 236 -35.71 -28.52 -59.06
N LEU D 237 -35.46 -27.25 -58.76
CA LEU D 237 -35.77 -26.64 -57.44
C LEU D 237 -37.28 -26.43 -57.29
N ARG D 238 -37.84 -26.74 -56.11
CA ARG D 238 -39.23 -26.39 -55.74
C ARG D 238 -39.23 -25.45 -54.53
N PHE D 239 -40.27 -24.63 -54.43
CA PHE D 239 -40.58 -23.81 -53.22
C PHE D 239 -42.00 -24.11 -52.80
N VAL D 240 -42.19 -24.23 -51.48
CA VAL D 240 -43.53 -24.20 -50.82
C VAL D 240 -43.55 -22.92 -49.98
N ILE D 241 -44.56 -22.08 -50.20
CA ILE D 241 -44.73 -20.76 -49.53
C ILE D 241 -46.12 -20.72 -48.91
N PRO D 242 -46.27 -21.12 -47.64
CA PRO D 242 -47.49 -20.92 -46.89
C PRO D 242 -47.62 -19.40 -46.65
N LEU D 243 -48.74 -18.80 -47.00
CA LEU D 243 -48.89 -17.33 -46.98
C LEU D 243 -49.53 -16.90 -45.67
N HIS D 244 -48.94 -15.92 -45.00
CA HIS D 244 -49.53 -15.22 -43.83
C HIS D 244 -50.92 -14.70 -44.24
N PRO D 245 -51.95 -14.84 -43.37
CA PRO D 245 -53.30 -14.40 -43.70
C PRO D 245 -53.44 -12.86 -43.64
N ASN D 246 -52.87 -12.20 -44.63
CA ASN D 246 -53.02 -10.73 -44.86
C ASN D 246 -53.17 -10.57 -46.37
N PRO D 247 -54.19 -9.84 -46.87
CA PRO D 247 -54.46 -9.77 -48.30
C PRO D 247 -53.31 -9.15 -49.09
N GLU D 248 -52.56 -8.23 -48.48
CA GLU D 248 -51.45 -7.51 -49.16
C GLU D 248 -50.28 -8.51 -49.36
N VAL D 249 -49.99 -9.33 -48.35
CA VAL D 249 -48.94 -10.38 -48.42
C VAL D 249 -49.32 -11.39 -49.51
N ARG D 250 -50.56 -11.90 -49.49
CA ARG D 250 -51.04 -12.86 -50.51
C ARG D 250 -50.90 -12.26 -51.92
N ARG D 251 -51.28 -10.99 -52.08
CA ARG D 251 -51.30 -10.32 -53.40
C ARG D 251 -49.86 -10.22 -53.94
N VAL D 252 -48.87 -9.86 -53.12
CA VAL D 252 -47.47 -9.69 -53.60
C VAL D 252 -46.95 -11.05 -54.09
N PHE D 253 -47.09 -12.12 -53.31
CA PHE D 253 -46.57 -13.44 -53.72
C PHE D 253 -47.34 -13.95 -54.93
N ARG D 254 -48.67 -13.82 -54.92
CA ARG D 254 -49.57 -14.35 -55.99
C ARG D 254 -49.21 -13.66 -57.31
N SER D 255 -49.05 -12.34 -57.31
CA SER D 255 -48.82 -11.55 -58.54
C SER D 255 -47.42 -11.80 -59.11
N HIS D 256 -46.46 -12.21 -58.27
CA HIS D 256 -45.06 -12.48 -58.70
C HIS D 256 -44.88 -13.96 -59.08
N LEU D 257 -45.64 -14.90 -58.51
CA LEU D 257 -45.25 -16.34 -58.55
C LEU D 257 -46.36 -17.29 -58.99
N SER D 258 -47.63 -16.86 -59.11
CA SER D 258 -48.77 -17.80 -59.30
C SER D 258 -48.65 -18.63 -60.60
N SER D 259 -47.91 -18.16 -61.62
CA SER D 259 -47.74 -18.90 -62.90
C SER D 259 -46.55 -19.88 -62.84
N LEU D 260 -45.67 -19.79 -61.84
CA LEU D 260 -44.49 -20.70 -61.73
C LEU D 260 -44.92 -22.06 -61.20
N THR D 261 -44.81 -23.07 -62.04
CA THR D 261 -45.07 -24.50 -61.72
C THR D 261 -44.14 -24.95 -60.59
N GLN D 262 -42.96 -24.33 -60.43
CA GLN D 262 -41.96 -24.72 -59.38
C GLN D 262 -42.33 -24.16 -58.00
N VAL D 263 -43.31 -23.26 -57.91
CA VAL D 263 -43.75 -22.64 -56.61
C VAL D 263 -45.14 -23.16 -56.26
N LEU D 264 -45.31 -23.71 -55.06
CA LEU D 264 -46.64 -23.99 -54.50
C LEU D 264 -46.93 -22.92 -53.44
N LEU D 265 -47.76 -21.94 -53.79
CA LEU D 265 -48.34 -20.99 -52.80
C LEU D 265 -49.42 -21.74 -52.02
N CYS D 266 -49.37 -21.67 -50.69
CA CYS D 266 -50.27 -22.41 -49.79
C CYS D 266 -51.06 -21.46 -48.91
N GLU D 267 -52.23 -21.93 -48.47
CA GLU D 267 -52.93 -21.41 -47.26
C GLU D 267 -52.02 -21.73 -46.08
N PRO D 268 -52.16 -21.00 -44.94
CA PRO D 268 -51.48 -21.34 -43.71
C PRO D 268 -51.65 -22.84 -43.43
N LEU D 269 -50.58 -23.51 -43.03
CA LEU D 269 -50.62 -24.96 -42.72
C LEU D 269 -50.85 -25.17 -41.22
N ARG D 270 -51.62 -26.19 -40.86
CA ARG D 270 -51.74 -26.68 -39.47
C ARG D 270 -50.32 -26.99 -38.97
N TYR D 271 -50.06 -26.76 -37.69
CA TYR D 271 -48.70 -26.81 -37.08
C TYR D 271 -48.04 -28.17 -37.37
N SER D 272 -48.78 -29.27 -37.21
CA SER D 272 -48.23 -30.64 -37.43
C SER D 272 -47.77 -30.78 -38.90
N GLU D 273 -48.57 -30.31 -39.86
CA GLU D 273 -48.24 -30.37 -41.31
C GLU D 273 -47.08 -29.43 -41.64
N PHE D 274 -47.01 -28.28 -40.97
CA PHE D 274 -45.96 -27.26 -41.20
C PHE D 274 -44.61 -27.82 -40.74
N ILE D 275 -44.58 -28.46 -39.56
CA ILE D 275 -43.34 -29.06 -39.00
C ILE D 275 -42.91 -30.23 -39.89
N ARG D 276 -43.84 -31.07 -40.38
CA ARG D 276 -43.51 -32.21 -41.29
C ARG D 276 -42.89 -31.64 -42.56
N LEU D 277 -43.46 -30.58 -43.15
CA LEU D 277 -42.93 -29.94 -44.37
C LEU D 277 -41.52 -29.41 -44.11
N MET D 278 -41.30 -28.79 -42.96
CA MET D 278 -39.98 -28.21 -42.59
C MET D 278 -38.94 -29.33 -42.50
N HIS D 279 -39.33 -30.49 -41.96
CA HIS D 279 -38.46 -31.71 -41.85
C HIS D 279 -38.04 -32.18 -43.26
N ARG D 280 -38.92 -32.07 -44.26
CA ARG D 280 -38.69 -32.53 -45.67
C ARG D 280 -37.90 -31.49 -46.45
N ALA D 281 -37.91 -30.22 -46.03
CA ALA D 281 -37.31 -29.09 -46.79
C ALA D 281 -35.79 -29.23 -46.74
N VAL D 282 -35.12 -28.75 -47.78
CA VAL D 282 -33.63 -28.75 -47.79
C VAL D 282 -33.15 -27.52 -47.03
N LEU D 283 -33.87 -26.41 -47.13
CA LEU D 283 -33.54 -25.23 -46.28
C LEU D 283 -34.77 -24.33 -46.14
N VAL D 284 -34.67 -23.39 -45.21
CA VAL D 284 -35.81 -22.53 -44.79
C VAL D 284 -35.35 -21.07 -44.93
N LEU D 285 -36.16 -20.28 -45.63
CA LEU D 285 -36.06 -18.80 -45.71
C LEU D 285 -37.25 -18.26 -44.93
N THR D 286 -37.02 -17.39 -43.95
CA THR D 286 -38.12 -16.94 -43.07
C THR D 286 -37.78 -15.59 -42.45
N ASP D 287 -38.82 -14.85 -42.08
CA ASP D 287 -38.65 -13.73 -41.11
C ASP D 287 -39.37 -14.08 -39.81
N SER D 288 -39.82 -15.33 -39.66
CA SER D 288 -40.49 -15.82 -38.42
C SER D 288 -39.46 -16.02 -37.30
N GLY D 289 -39.78 -15.56 -36.10
CA GLY D 289 -39.03 -15.86 -34.86
C GLY D 289 -39.04 -17.34 -34.53
N GLY D 290 -40.22 -17.95 -34.50
CA GLY D 290 -40.40 -19.38 -34.16
C GLY D 290 -39.67 -20.29 -35.13
N VAL D 291 -39.71 -19.99 -36.43
CA VAL D 291 -39.09 -20.86 -37.46
C VAL D 291 -37.56 -20.80 -37.29
N GLN D 292 -37.02 -19.66 -36.86
CA GLN D 292 -35.57 -19.55 -36.54
C GLN D 292 -35.18 -20.50 -35.40
N GLU D 293 -36.12 -20.89 -34.55
CA GLU D 293 -35.89 -21.80 -33.40
C GLU D 293 -36.18 -23.24 -33.87
N GLU D 294 -37.24 -23.44 -34.65
CA GLU D 294 -37.69 -24.80 -35.05
C GLU D 294 -36.72 -25.40 -36.07
N ALA D 295 -36.34 -24.64 -37.09
CA ALA D 295 -35.60 -25.16 -38.27
C ALA D 295 -34.25 -25.73 -37.82
N PRO D 296 -33.41 -25.02 -37.03
CA PRO D 296 -32.13 -25.56 -36.60
C PRO D 296 -32.27 -26.86 -35.80
N THR D 297 -33.36 -27.00 -35.05
CA THR D 297 -33.66 -28.20 -34.24
C THR D 297 -33.89 -29.39 -35.19
N LEU D 298 -34.35 -29.16 -36.43
CA LEU D 298 -34.52 -30.23 -37.45
C LEU D 298 -33.28 -30.33 -38.36
N GLY D 299 -32.21 -29.62 -38.02
CA GLY D 299 -30.96 -29.61 -38.80
C GLY D 299 -31.12 -28.91 -40.14
N LYS D 300 -32.03 -27.93 -40.25
CA LYS D 300 -32.23 -27.20 -41.52
C LYS D 300 -31.57 -25.84 -41.42
N PRO D 301 -30.63 -25.52 -42.33
CA PRO D 301 -30.06 -24.19 -42.40
C PRO D 301 -31.20 -23.18 -42.60
N VAL D 302 -31.08 -22.04 -41.92
CA VAL D 302 -32.08 -20.94 -41.99
C VAL D 302 -31.40 -19.70 -42.57
N LEU D 303 -32.01 -19.12 -43.60
CA LEU D 303 -31.65 -17.78 -44.09
C LEU D 303 -32.75 -16.83 -43.65
N VAL D 304 -32.37 -15.79 -42.91
CA VAL D 304 -33.35 -14.93 -42.20
C VAL D 304 -33.61 -13.69 -43.05
N LEU D 305 -34.85 -13.51 -43.46
CA LEU D 305 -35.29 -12.43 -44.38
C LEU D 305 -35.54 -11.16 -43.56
N ARG D 306 -34.54 -10.71 -42.81
CA ARG D 306 -34.59 -9.48 -41.98
C ARG D 306 -33.19 -8.88 -41.91
N ASP D 307 -33.09 -7.64 -41.47
CA ASP D 307 -31.83 -6.89 -41.23
C ASP D 307 -31.37 -7.08 -39.79
N ARG D 308 -32.19 -7.71 -38.95
CA ARG D 308 -31.90 -7.92 -37.51
C ARG D 308 -32.60 -9.21 -37.06
N THR D 309 -32.17 -9.79 -35.96
CA THR D 309 -32.85 -10.94 -35.33
C THR D 309 -32.79 -10.80 -33.81
N GLU D 310 -33.81 -11.35 -33.16
CA GLU D 310 -33.87 -11.57 -31.70
C GLU D 310 -33.31 -12.95 -31.36
N ARG D 311 -32.83 -13.70 -32.36
CA ARG D 311 -32.19 -15.03 -32.14
C ARG D 311 -30.72 -14.98 -32.55
N PRO D 312 -29.86 -14.19 -31.85
CA PRO D 312 -28.44 -14.10 -32.19
C PRO D 312 -27.69 -15.42 -31.94
N GLU D 313 -28.23 -16.30 -31.09
CA GLU D 313 -27.59 -17.59 -30.75
C GLU D 313 -27.39 -18.41 -32.02
N GLY D 314 -28.40 -18.48 -32.90
CA GLY D 314 -28.34 -19.25 -34.16
C GLY D 314 -27.34 -18.65 -35.12
N ILE D 315 -27.23 -17.31 -35.13
CA ILE D 315 -26.25 -16.57 -35.97
C ILE D 315 -24.83 -16.96 -35.48
N ALA D 316 -24.56 -16.83 -34.18
CA ALA D 316 -23.23 -17.08 -33.57
C ALA D 316 -22.83 -18.55 -33.79
N ALA D 317 -23.77 -19.48 -33.72
CA ALA D 317 -23.48 -20.93 -33.88
C ALA D 317 -23.42 -21.33 -35.36
N GLY D 318 -23.73 -20.43 -36.29
CA GLY D 318 -23.70 -20.67 -37.75
C GLY D 318 -24.92 -21.43 -38.28
N CYS D 319 -25.95 -21.68 -37.45
CA CYS D 319 -27.26 -22.33 -37.79
C CYS D 319 -28.09 -21.44 -38.75
N ALA D 320 -27.88 -20.12 -38.67
CA ALA D 320 -28.71 -19.11 -39.34
C ALA D 320 -27.81 -18.00 -39.85
N ARG D 321 -28.21 -17.37 -40.95
CA ARG D 321 -27.52 -16.18 -41.52
C ARG D 321 -28.57 -15.15 -41.89
N LEU D 322 -28.29 -13.87 -41.61
CA LEU D 322 -29.09 -12.71 -42.07
C LEU D 322 -28.86 -12.50 -43.55
N VAL D 323 -29.93 -12.29 -44.29
CA VAL D 323 -29.96 -12.15 -45.78
C VAL D 323 -30.81 -10.93 -46.16
N GLY D 324 -31.60 -10.40 -45.23
CA GLY D 324 -32.45 -9.22 -45.47
C GLY D 324 -33.43 -9.46 -46.59
N THR D 325 -33.65 -8.45 -47.42
CA THR D 325 -34.58 -8.54 -48.58
C THR D 325 -33.83 -8.14 -49.86
N ASP D 326 -32.52 -8.39 -49.89
CA ASP D 326 -31.61 -8.16 -51.05
C ASP D 326 -31.68 -9.38 -51.97
N PRO D 327 -32.29 -9.26 -53.17
CA PRO D 327 -32.50 -10.42 -54.04
C PRO D 327 -31.19 -11.09 -54.51
N ALA D 328 -30.15 -10.30 -54.82
CA ALA D 328 -28.84 -10.82 -55.25
C ALA D 328 -28.23 -11.70 -54.13
N LEU D 329 -28.25 -11.20 -52.88
CA LEU D 329 -27.72 -11.93 -51.71
C LEU D 329 -28.52 -13.22 -51.47
N ILE D 330 -29.86 -13.16 -51.57
CA ILE D 330 -30.73 -14.34 -51.34
C ILE D 330 -30.38 -15.42 -52.39
N VAL D 331 -30.31 -15.02 -53.66
CA VAL D 331 -29.97 -15.94 -54.79
C VAL D 331 -28.60 -16.58 -54.49
N LYS D 332 -27.62 -15.77 -54.11
CA LYS D 332 -26.23 -16.21 -53.84
C LYS D 332 -26.24 -17.23 -52.69
N GLU D 333 -26.84 -16.85 -51.56
CA GLU D 333 -26.78 -17.64 -50.30
C GLU D 333 -27.55 -18.95 -50.49
N VAL D 334 -28.69 -18.95 -51.18
CA VAL D 334 -29.46 -20.20 -51.43
C VAL D 334 -28.62 -21.10 -52.35
N GLY D 335 -28.01 -20.52 -53.38
CA GLY D 335 -27.12 -21.22 -54.33
C GLY D 335 -25.98 -21.95 -53.63
N ARG D 336 -25.23 -21.22 -52.79
CA ARG D 336 -24.13 -21.75 -51.95
C ARG D 336 -24.59 -23.02 -51.22
N LEU D 337 -25.79 -23.01 -50.62
CA LEU D 337 -26.25 -24.12 -49.76
C LEU D 337 -26.67 -25.31 -50.61
N LEU D 338 -27.23 -25.06 -51.80
CA LEU D 338 -27.72 -26.14 -52.68
C LEU D 338 -26.54 -26.81 -53.38
N ASP D 339 -25.46 -26.06 -53.66
CA ASP D 339 -24.36 -26.46 -54.58
C ASP D 339 -23.16 -27.03 -53.81
N ASP D 340 -22.91 -26.55 -52.58
CA ASP D 340 -21.68 -26.84 -51.80
C ASP D 340 -22.04 -27.57 -50.52
N PRO D 341 -21.94 -28.93 -50.47
CA PRO D 341 -22.36 -29.68 -49.28
C PRO D 341 -21.58 -29.34 -48.01
N GLU D 342 -20.41 -28.74 -48.14
CA GLU D 342 -19.56 -28.28 -46.99
C GLU D 342 -20.18 -27.02 -46.36
N ALA D 343 -20.63 -26.07 -47.18
CA ALA D 343 -21.36 -24.86 -46.73
C ALA D 343 -22.68 -25.27 -46.05
N TYR D 344 -23.37 -26.27 -46.59
CA TYR D 344 -24.64 -26.83 -46.06
C TYR D 344 -24.37 -27.39 -44.67
N GLU D 345 -23.35 -28.25 -44.54
CA GLU D 345 -23.03 -28.94 -43.25
C GLU D 345 -22.55 -27.91 -42.23
N ALA D 346 -21.89 -26.83 -42.65
CA ALA D 346 -21.42 -25.77 -41.71
C ALA D 346 -22.62 -25.08 -41.03
N MET D 347 -23.83 -25.18 -41.59
CA MET D 347 -25.06 -24.53 -41.05
C MET D 347 -25.90 -25.52 -40.24
N ARG D 348 -25.41 -26.75 -40.05
CA ARG D 348 -26.04 -27.78 -39.16
C ARG D 348 -25.08 -28.12 -38.01
N ARG D 349 -25.59 -28.06 -36.78
CA ARG D 349 -24.85 -28.42 -35.55
C ARG D 349 -25.70 -29.42 -34.80
N PRO D 350 -25.79 -30.68 -35.27
CA PRO D 350 -26.45 -31.73 -34.49
C PRO D 350 -25.60 -32.08 -33.26
N GLY D 351 -26.28 -32.30 -32.12
CA GLY D 351 -25.67 -32.45 -30.77
C GLY D 351 -25.95 -31.27 -29.85
N ILE D 352 -25.74 -30.04 -30.37
CA ILE D 352 -25.74 -28.76 -29.59
C ILE D 352 -27.11 -28.10 -29.75
N VAL D 353 -27.59 -27.47 -28.69
CA VAL D 353 -28.97 -26.89 -28.61
C VAL D 353 -28.80 -25.39 -28.32
N CYS D 354 -29.37 -24.55 -29.16
CA CYS D 354 -29.39 -23.07 -28.97
C CYS D 354 -30.55 -22.66 -28.06
N TYR D 355 -31.73 -23.30 -28.17
CA TYR D 355 -33.01 -22.74 -27.69
C TYR D 355 -33.70 -23.66 -26.68
N GLY D 356 -33.01 -24.68 -26.17
CA GLY D 356 -33.48 -25.58 -25.10
C GLY D 356 -33.73 -27.00 -25.57
N GLU D 357 -34.06 -27.90 -24.64
CA GLU D 357 -33.99 -29.37 -24.83
C GLU D 357 -35.39 -29.97 -25.04
N GLY D 358 -36.43 -29.16 -24.93
CA GLY D 358 -37.83 -29.62 -25.09
C GLY D 358 -38.47 -29.97 -23.76
N ASP D 359 -37.88 -29.55 -22.62
CA ASP D 359 -38.45 -29.71 -21.25
C ASP D 359 -38.75 -28.33 -20.65
N ALA D 360 -39.00 -27.31 -21.49
CA ALA D 360 -39.18 -25.91 -21.02
C ALA D 360 -40.46 -25.81 -20.18
N ALA D 361 -41.53 -26.51 -20.55
CA ALA D 361 -42.81 -26.46 -19.81
C ALA D 361 -42.57 -26.89 -18.35
N ALA D 362 -41.85 -27.98 -18.15
CA ALA D 362 -41.60 -28.55 -16.81
C ALA D 362 -40.76 -27.57 -16.00
N ARG D 363 -39.78 -26.92 -16.62
CA ARG D 363 -38.91 -25.94 -15.93
C ARG D 363 -39.75 -24.71 -15.53
N CYS D 364 -40.68 -24.28 -16.39
CA CYS D 364 -41.62 -23.18 -16.04
C CYS D 364 -42.45 -23.59 -14.83
N LEU D 365 -43.00 -24.81 -14.85
CA LEU D 365 -43.91 -25.29 -13.77
C LEU D 365 -43.18 -25.23 -12.44
N GLU D 366 -41.94 -25.73 -12.40
CA GLU D 366 -41.15 -25.81 -11.15
C GLU D 366 -40.82 -24.38 -10.68
N ALA D 367 -40.56 -23.43 -11.58
CA ALA D 367 -40.36 -22.01 -11.20
C ALA D 367 -41.65 -21.48 -10.59
N LEU D 368 -42.80 -21.76 -11.19
CA LEU D 368 -44.11 -21.27 -10.66
C LEU D 368 -44.34 -21.85 -9.25
N ARG D 369 -44.06 -23.14 -9.06
CA ARG D 369 -44.28 -23.85 -7.75
C ARG D 369 -43.36 -23.22 -6.70
N GLU D 370 -42.10 -23.00 -7.03
CA GLU D 370 -41.09 -22.38 -6.12
C GLU D 370 -41.56 -20.98 -5.70
N ARG D 371 -42.07 -20.17 -6.63
CA ARG D 371 -42.39 -18.74 -6.36
C ARG D 371 -43.75 -18.65 -5.64
N TRP D 372 -44.77 -19.36 -6.11
CA TRP D 372 -46.17 -19.08 -5.70
C TRP D 372 -46.85 -20.26 -4.98
N LEU D 373 -46.18 -21.39 -4.81
CA LEU D 373 -46.76 -22.55 -4.06
C LEU D 373 -45.77 -23.00 -2.99
N SER D 374 -45.06 -22.05 -2.40
CA SER D 374 -44.07 -22.29 -1.33
C SER D 374 -44.27 -21.22 -0.25
N SER D 375 -43.86 -21.53 0.98
CA SER D 375 -43.90 -20.61 2.15
C SER D 375 -42.57 -20.74 2.90
N PRO D 376 -42.06 -19.64 3.52
CA PRO D 376 -40.75 -19.66 4.15
C PRO D 376 -40.60 -20.64 5.35
N SER E 1 15.15 33.38 -17.22
CA SER E 1 14.03 32.39 -16.98
C SER E 1 13.78 31.50 -18.22
N HIS E 2 14.30 31.86 -19.40
CA HIS E 2 14.27 31.02 -20.62
C HIS E 2 14.99 29.69 -20.31
N MET E 3 14.56 28.61 -20.95
CA MET E 3 15.16 27.27 -20.76
C MET E 3 16.63 27.32 -21.18
N ALA E 4 17.54 26.87 -20.31
CA ALA E 4 18.97 26.65 -20.60
C ALA E 4 19.19 25.14 -20.80
N LEU E 5 20.00 24.73 -21.79
CA LEU E 5 20.55 23.35 -21.85
C LEU E 5 21.46 23.15 -20.63
N ARG E 6 21.07 22.28 -19.71
CA ARG E 6 21.84 22.00 -18.48
C ARG E 6 22.87 20.92 -18.80
N VAL E 7 24.14 21.31 -18.74
CA VAL E 7 25.28 20.46 -19.21
C VAL E 7 26.03 20.01 -17.97
N GLY E 8 25.90 18.73 -17.64
CA GLY E 8 26.70 18.04 -16.64
C GLY E 8 28.15 18.02 -17.06
N ILE E 9 29.05 18.34 -16.13
CA ILE E 9 30.52 18.37 -16.32
C ILE E 9 31.08 17.48 -15.21
N VAL E 10 31.64 16.33 -15.56
CA VAL E 10 32.06 15.31 -14.59
C VAL E 10 33.55 15.05 -14.78
N TYR E 11 34.32 15.20 -13.71
CA TYR E 11 35.79 15.00 -13.70
C TYR E 11 36.23 14.68 -12.29
N GLY E 12 37.44 14.13 -12.17
CA GLY E 12 38.03 13.79 -10.88
C GLY E 12 39.49 14.18 -10.76
N THR E 13 40.12 14.70 -11.82
CA THR E 13 41.59 14.91 -11.85
C THR E 13 41.96 16.28 -12.42
N ARG E 14 43.18 16.70 -12.12
CA ARG E 14 43.77 18.00 -12.57
C ARG E 14 43.70 18.11 -14.10
N PRO E 15 44.24 17.16 -14.90
CA PRO E 15 44.24 17.34 -16.35
C PRO E 15 42.83 17.50 -16.93
N GLU E 16 41.85 16.77 -16.40
CA GLU E 16 40.42 16.88 -16.81
C GLU E 16 39.93 18.31 -16.49
N ALA E 17 40.18 18.79 -15.27
CA ALA E 17 39.69 20.10 -14.80
C ALA E 17 40.28 21.20 -15.69
N ILE E 18 41.57 21.11 -16.01
CA ILE E 18 42.24 22.11 -16.90
C ILE E 18 41.56 22.11 -18.26
N LYS E 19 41.30 20.94 -18.83
CA LYS E 19 40.76 20.85 -20.20
C LYS E 19 39.26 21.21 -20.21
N LEU E 20 38.54 20.95 -19.11
CA LEU E 20 37.10 21.29 -19.05
C LEU E 20 36.88 22.75 -18.68
N ALA E 21 37.82 23.41 -18.00
CA ALA E 21 37.64 24.78 -17.45
C ALA E 21 37.19 25.74 -18.55
N PRO E 22 37.84 25.81 -19.74
CA PRO E 22 37.40 26.74 -20.78
C PRO E 22 35.97 26.46 -21.29
N LEU E 23 35.57 25.18 -21.32
CA LEU E 23 34.19 24.79 -21.72
C LEU E 23 33.20 25.23 -20.63
N VAL E 24 33.52 25.03 -19.37
CA VAL E 24 32.68 25.51 -18.24
C VAL E 24 32.49 27.02 -18.37
N LEU E 25 33.57 27.77 -18.55
CA LEU E 25 33.52 29.25 -18.62
C LEU E 25 32.66 29.67 -19.81
N ALA E 26 32.79 29.01 -20.97
CA ALA E 26 32.00 29.34 -22.18
C ALA E 26 30.53 29.02 -21.94
N LEU E 27 30.23 27.88 -21.30
CA LEU E 27 28.84 27.48 -20.99
C LEU E 27 28.23 28.50 -20.01
N ASP E 28 28.99 28.93 -18.99
CA ASP E 28 28.55 29.93 -17.97
C ASP E 28 28.21 31.24 -18.67
N ALA E 29 29.07 31.75 -19.55
CA ALA E 29 28.90 33.08 -20.20
C ALA E 29 27.72 33.04 -21.18
N ASP E 30 27.47 31.91 -21.86
CA ASP E 30 26.42 31.83 -22.89
C ASP E 30 25.07 31.67 -22.19
N PRO E 31 24.05 32.50 -22.53
CA PRO E 31 22.75 32.42 -21.86
C PRO E 31 21.96 31.15 -22.24
N GLY E 32 22.27 30.51 -23.36
CA GLY E 32 21.59 29.27 -23.80
C GLY E 32 21.96 28.02 -22.99
N PHE E 33 22.94 28.10 -22.10
CA PHE E 33 23.50 26.93 -21.38
C PHE E 33 23.69 27.21 -19.90
N GLU E 34 23.70 26.14 -19.12
CA GLU E 34 24.05 26.17 -17.67
C GLU E 34 24.95 24.98 -17.40
N PRO E 35 26.25 25.19 -17.05
CA PRO E 35 27.12 24.10 -16.62
C PRO E 35 26.77 23.65 -15.19
N VAL E 36 26.81 22.35 -14.96
CA VAL E 36 26.59 21.72 -13.64
C VAL E 36 27.76 20.78 -13.39
N ILE E 37 28.65 21.14 -12.49
CA ILE E 37 29.88 20.36 -12.21
C ILE E 37 29.62 19.34 -11.11
N ILE E 38 29.98 18.08 -11.37
CA ILE E 38 30.01 16.97 -10.37
C ILE E 38 31.41 16.38 -10.40
N THR E 39 32.10 16.42 -9.27
CA THR E 39 33.48 15.90 -9.12
C THR E 39 33.40 14.51 -8.48
N THR E 40 34.39 13.68 -8.73
CA THR E 40 34.46 12.28 -8.23
C THR E 40 35.71 12.09 -7.39
N GLY E 41 36.59 13.08 -7.34
CA GLY E 41 37.94 12.99 -6.74
C GLY E 41 38.05 13.84 -5.50
N ASP E 45 45.60 18.93 -2.42
CA ASP E 45 44.48 19.86 -2.77
C ASP E 45 44.74 20.45 -4.17
N MET E 46 45.13 19.59 -5.11
CA MET E 46 45.41 19.96 -6.53
C MET E 46 44.13 20.50 -7.19
N LEU E 47 42.97 19.90 -6.91
CA LEU E 47 41.70 20.15 -7.64
C LEU E 47 41.03 21.43 -7.16
N ASP E 48 40.99 21.66 -5.84
CA ASP E 48 40.51 22.93 -5.22
C ASP E 48 41.27 24.11 -5.85
N GLU E 49 42.58 23.94 -6.00
CA GLU E 49 43.52 24.98 -6.52
C GLU E 49 43.12 25.32 -7.98
N ILE E 50 42.84 24.32 -8.81
CA ILE E 50 42.40 24.53 -10.23
C ILE E 50 41.00 25.15 -10.23
N ASN E 51 40.09 24.64 -9.38
CA ASN E 51 38.72 25.21 -9.24
C ASN E 51 38.80 26.69 -8.88
N GLU E 52 39.63 27.05 -7.90
CA GLU E 52 39.83 28.46 -7.44
C GLU E 52 40.35 29.31 -8.61
N LEU E 53 41.38 28.84 -9.31
CA LEU E 53 42.07 29.61 -10.38
C LEU E 53 41.07 29.96 -11.50
N PHE E 54 40.24 29.01 -11.96
CA PHE E 54 39.34 29.24 -13.11
C PHE E 54 37.94 29.64 -12.63
N GLY E 55 37.70 29.64 -11.31
CA GLY E 55 36.38 29.99 -10.74
C GLY E 55 35.33 28.92 -11.06
N LEU E 56 35.71 27.64 -10.98
CA LEU E 56 34.79 26.48 -11.12
C LEU E 56 34.16 26.20 -9.74
N ARG E 57 32.84 26.06 -9.67
CA ARG E 57 32.10 25.81 -8.41
C ARG E 57 31.31 24.51 -8.56
N PRO E 58 31.88 23.37 -8.09
CA PRO E 58 31.17 22.09 -8.10
C PRO E 58 29.84 22.15 -7.32
N ARG E 59 28.76 21.64 -7.91
CA ARG E 59 27.44 21.48 -7.25
C ARG E 59 27.49 20.26 -6.32
N HIS E 60 28.24 19.20 -6.70
CA HIS E 60 28.36 17.97 -5.89
C HIS E 60 29.78 17.40 -6.01
N ASN E 61 30.35 16.98 -4.88
CA ASN E 61 31.61 16.22 -4.78
C ASN E 61 31.26 14.84 -4.24
N LEU E 62 31.39 13.79 -5.06
CA LEU E 62 31.07 12.41 -4.62
C LEU E 62 32.07 11.74 -3.67
N ASP E 63 33.35 12.11 -3.56
CA ASP E 63 34.27 11.50 -2.56
C ASP E 63 34.32 9.96 -2.76
N ILE E 64 34.43 9.52 -4.01
CA ILE E 64 34.58 8.10 -4.45
C ILE E 64 36.06 7.74 -4.63
N MET E 65 36.83 8.54 -5.36
CA MET E 65 38.26 8.27 -5.68
C MET E 65 39.11 8.62 -4.46
N GLY E 68 44.36 4.49 -2.96
CA GLY E 68 44.70 3.06 -3.07
C GLY E 68 43.46 2.16 -3.08
N GLN E 69 42.78 2.07 -4.23
CA GLN E 69 41.42 1.48 -4.37
C GLN E 69 41.38 0.67 -5.67
N ARG E 70 40.72 -0.50 -5.63
CA ARG E 70 40.55 -1.38 -6.80
C ARG E 70 39.70 -0.67 -7.87
N LEU E 71 40.05 -0.86 -9.12
CA LEU E 71 39.35 -0.23 -10.27
C LEU E 71 37.87 -0.63 -10.22
N SER E 72 37.57 -1.92 -10.10
CA SER E 72 36.18 -2.45 -10.11
C SER E 72 35.35 -1.78 -9.01
N ALA E 73 35.92 -1.54 -7.83
CA ALA E 73 35.17 -0.94 -6.70
C ALA E 73 34.88 0.53 -7.03
N MET E 74 35.86 1.24 -7.57
CA MET E 74 35.69 2.66 -7.94
C MET E 74 34.63 2.79 -9.04
N ALA E 75 34.76 2.01 -10.12
CA ALA E 75 33.81 2.05 -11.27
C ALA E 75 32.40 1.67 -10.78
N SER E 76 32.31 0.64 -9.95
CA SER E 76 31.03 0.21 -9.33
C SER E 76 30.37 1.39 -8.62
N ARG E 77 31.13 2.13 -7.82
CA ARG E 77 30.58 3.28 -7.04
C ARG E 77 30.10 4.36 -8.00
N ILE E 78 30.86 4.67 -9.06
CA ILE E 78 30.45 5.79 -9.97
C ILE E 78 29.19 5.37 -10.72
N VAL E 79 29.17 4.16 -11.27
CA VAL E 79 27.98 3.64 -12.01
C VAL E 79 26.78 3.67 -11.05
N GLY E 80 26.99 3.29 -9.79
CA GLY E 80 25.92 3.14 -8.79
C GLY E 80 25.38 4.46 -8.29
N GLU E 81 26.22 5.48 -8.17
CA GLU E 81 25.91 6.69 -7.35
C GLU E 81 25.83 7.96 -8.17
N LEU E 82 26.36 8.02 -9.40
CA LEU E 82 26.38 9.30 -10.17
C LEU E 82 24.98 9.64 -10.70
N GLY E 83 24.15 8.63 -10.96
CA GLY E 83 22.80 8.85 -11.51
C GLY E 83 21.98 9.83 -10.67
N ASP E 84 22.03 9.74 -9.33
CA ASP E 84 21.16 10.54 -8.43
C ASP E 84 21.46 12.04 -8.56
N PRO E 85 22.72 12.52 -8.39
CA PRO E 85 23.02 13.92 -8.63
C PRO E 85 22.71 14.37 -10.07
N LEU E 86 22.89 13.54 -11.09
CA LEU E 86 22.57 13.92 -12.49
C LEU E 86 21.06 14.18 -12.59
N LEU E 87 20.24 13.33 -11.98
CA LEU E 87 18.75 13.48 -11.96
C LEU E 87 18.34 14.67 -11.07
N ASP E 88 18.89 14.76 -9.85
CA ASP E 88 18.60 15.87 -8.88
C ASP E 88 18.91 17.22 -9.53
N GLU E 89 19.99 17.32 -10.31
CA GLU E 89 20.42 18.60 -10.94
C GLU E 89 19.75 18.82 -12.29
N LEU E 90 18.85 17.93 -12.69
CA LEU E 90 18.07 18.07 -13.95
C LEU E 90 19.03 18.26 -15.13
N VAL E 91 20.10 17.48 -15.17
CA VAL E 91 21.07 17.52 -16.29
C VAL E 91 20.35 17.07 -17.55
N ASP E 92 20.54 17.80 -18.65
CA ASP E 92 19.96 17.47 -19.97
C ASP E 92 20.97 16.62 -20.75
N VAL E 93 22.25 17.00 -20.68
CA VAL E 93 23.37 16.41 -21.46
C VAL E 93 24.58 16.35 -20.54
N ALA E 94 25.43 15.34 -20.68
CA ALA E 94 26.64 15.18 -19.84
C ALA E 94 27.88 15.20 -20.73
N VAL E 95 28.87 15.99 -20.31
CA VAL E 95 30.20 16.04 -20.95
C VAL E 95 31.22 15.38 -20.04
N VAL E 96 31.98 14.43 -20.61
CA VAL E 96 33.17 13.82 -19.97
C VAL E 96 34.37 14.11 -20.85
N GLN E 97 35.56 14.09 -20.27
CA GLN E 97 36.82 14.50 -20.95
C GLN E 97 37.85 13.37 -20.83
N GLY E 98 38.60 13.13 -21.90
CA GLY E 98 39.84 12.36 -21.82
C GLY E 98 39.60 10.88 -21.67
N ASP E 99 40.39 10.22 -20.81
CA ASP E 99 40.55 8.75 -20.85
C ASP E 99 40.36 8.14 -19.45
N THR E 100 39.85 8.90 -18.50
CA THR E 100 39.79 8.43 -17.08
C THR E 100 38.69 7.39 -16.90
N SER E 101 38.81 6.60 -15.85
CA SER E 101 37.76 5.65 -15.41
C SER E 101 36.53 6.45 -14.94
N THR E 102 36.72 7.67 -14.43
CA THR E 102 35.60 8.61 -14.17
C THR E 102 34.84 8.90 -15.47
N ALA E 103 35.55 9.27 -16.52
CA ALA E 103 34.93 9.63 -17.80
C ALA E 103 34.10 8.43 -18.28
N PHE E 104 34.65 7.22 -18.19
CA PHE E 104 33.94 6.01 -18.70
C PHE E 104 32.73 5.72 -17.81
N ALA E 105 32.95 5.56 -16.51
CA ALA E 105 31.88 5.18 -15.55
C ALA E 105 30.77 6.25 -15.52
N ALA E 106 31.13 7.53 -15.63
CA ALA E 106 30.14 8.63 -15.67
C ALA E 106 29.35 8.60 -16.99
N ALA E 107 30.02 8.34 -18.12
CA ALA E 107 29.32 8.24 -19.40
C ALA E 107 28.30 7.10 -19.31
N TYR E 108 28.68 5.98 -18.68
CA TYR E 108 27.79 4.81 -18.58
C TYR E 108 26.61 5.16 -17.67
N ALA E 109 26.90 5.79 -16.52
CA ALA E 109 25.86 6.19 -15.55
C ALA E 109 24.87 7.13 -16.24
N ALA E 110 25.37 8.06 -17.07
CA ALA E 110 24.51 9.00 -17.80
C ALA E 110 23.65 8.22 -18.81
N ALA E 111 24.24 7.30 -19.56
CA ALA E 111 23.52 6.48 -20.54
C ALA E 111 22.38 5.69 -19.85
N CYS E 112 22.62 5.19 -18.65
CA CYS E 112 21.62 4.41 -17.86
C CYS E 112 20.37 5.26 -17.59
N GLU E 113 20.52 6.58 -17.48
CA GLU E 113 19.42 7.55 -17.23
C GLU E 113 18.94 8.16 -18.55
N ARG E 114 19.39 7.63 -19.70
CA ARG E 114 19.07 8.17 -21.04
C ARG E 114 19.45 9.66 -21.11
N ILE E 115 20.52 10.06 -20.44
CA ILE E 115 21.16 11.39 -20.61
C ILE E 115 22.19 11.29 -21.73
N PRO E 116 22.02 12.03 -22.85
CA PRO E 116 23.03 12.03 -23.92
C PRO E 116 24.40 12.48 -23.42
N VAL E 117 25.46 11.91 -24.03
CA VAL E 117 26.87 12.19 -23.60
C VAL E 117 27.63 12.79 -24.76
N ALA E 118 28.45 13.80 -24.43
CA ALA E 118 29.45 14.39 -25.34
C ALA E 118 30.83 14.12 -24.76
N HIS E 119 31.80 13.75 -25.61
CA HIS E 119 33.18 13.43 -25.20
C HIS E 119 34.11 14.55 -25.65
N LEU E 120 34.70 15.25 -24.71
CA LEU E 120 35.71 16.30 -24.98
C LEU E 120 37.06 15.61 -25.12
N GLU E 121 37.79 15.95 -26.20
CA GLU E 121 39.10 15.37 -26.56
C GLU E 121 38.93 13.90 -26.95
N ALA E 122 38.17 13.65 -28.00
CA ALA E 122 37.78 12.33 -28.52
C ALA E 122 38.74 11.90 -29.64
N GLY E 123 39.07 10.61 -29.66
CA GLY E 123 39.71 9.95 -30.82
C GLY E 123 41.22 9.79 -30.69
N LEU E 124 41.84 10.11 -29.55
CA LEU E 124 43.30 9.90 -29.40
C LEU E 124 43.53 8.38 -29.24
N ARG E 125 44.49 7.85 -30.01
CA ARG E 125 44.83 6.41 -30.04
C ARG E 125 46.36 6.28 -30.17
N THR E 126 46.94 5.29 -29.51
CA THR E 126 48.32 4.79 -29.77
C THR E 126 48.24 3.67 -30.81
N GLY E 127 47.17 2.88 -30.78
CA GLY E 127 47.06 1.62 -31.54
C GLY E 127 47.66 0.44 -30.78
N ASP E 128 48.01 0.60 -29.50
CA ASP E 128 48.53 -0.49 -28.62
C ASP E 128 47.43 -0.87 -27.63
N ARG E 129 46.81 -2.04 -27.87
CA ARG E 129 45.64 -2.56 -27.12
C ARG E 129 45.97 -2.65 -25.62
N PHE E 130 45.15 -2.00 -24.77
CA PHE E 130 45.21 -2.08 -23.29
C PHE E 130 46.51 -1.46 -22.78
N GLU E 131 47.13 -0.58 -23.57
CA GLU E 131 48.39 0.12 -23.21
C GLU E 131 48.20 1.63 -23.38
N PRO E 132 48.15 2.41 -22.27
CA PRO E 132 48.09 1.88 -20.91
C PRO E 132 46.69 1.36 -20.55
N PHE E 133 46.61 0.60 -19.45
CA PHE E 133 45.35 0.03 -18.91
C PHE E 133 45.03 0.81 -17.64
N PRO E 134 43.78 1.27 -17.44
CA PRO E 134 42.68 1.09 -18.39
C PRO E 134 42.40 2.20 -19.43
N GLU E 135 43.28 3.18 -19.58
CA GLU E 135 42.99 4.44 -20.32
C GLU E 135 42.63 4.13 -21.79
N GLU E 136 43.35 3.22 -22.42
CA GLU E 136 43.17 2.94 -23.88
C GLU E 136 41.79 2.33 -24.08
N ILE E 137 41.36 1.42 -23.21
CA ILE E 137 40.01 0.79 -23.32
C ILE E 137 38.95 1.82 -22.92
N ASN E 138 39.20 2.66 -21.93
CA ASN E 138 38.22 3.69 -21.50
C ASN E 138 37.81 4.54 -22.70
N ARG E 139 38.77 5.01 -23.52
CA ARG E 139 38.50 5.85 -24.71
C ARG E 139 37.57 5.10 -25.66
N ARG E 140 37.82 3.80 -25.88
CA ARG E 140 37.05 3.02 -26.88
C ARG E 140 35.64 2.76 -26.34
N LEU E 141 35.46 2.59 -25.03
CA LEU E 141 34.13 2.45 -24.40
C LEU E 141 33.36 3.79 -24.45
N ILE E 142 34.00 4.88 -24.05
CA ILE E 142 33.37 6.23 -24.12
C ILE E 142 32.95 6.49 -25.56
N THR E 143 33.79 6.12 -26.52
CA THR E 143 33.53 6.35 -27.97
C THR E 143 32.19 5.72 -28.35
N GLN E 144 31.87 4.52 -27.88
CA GLN E 144 30.58 3.87 -28.20
C GLN E 144 29.43 4.53 -27.43
N LEU E 145 29.67 5.05 -26.23
CA LEU E 145 28.57 5.64 -25.38
C LEU E 145 28.21 7.04 -25.83
N ALA E 146 29.17 7.83 -26.33
CA ALA E 146 28.98 9.27 -26.64
C ALA E 146 28.15 9.46 -27.90
N ASP E 147 27.18 10.39 -27.86
CA ASP E 147 26.39 10.83 -29.04
C ASP E 147 27.23 11.81 -29.86
N LEU E 148 28.10 12.58 -29.20
CA LEU E 148 28.82 13.72 -29.79
C LEU E 148 30.29 13.65 -29.37
N HIS E 149 31.21 13.92 -30.30
CA HIS E 149 32.67 13.76 -30.10
C HIS E 149 33.36 15.05 -30.52
N PHE E 150 34.12 15.67 -29.61
CA PHE E 150 34.94 16.87 -29.85
C PHE E 150 36.39 16.42 -30.03
N ALA E 151 36.77 16.20 -31.29
CA ALA E 151 38.12 15.72 -31.68
C ALA E 151 39.05 16.92 -31.76
N PRO E 152 40.26 16.82 -31.19
CA PRO E 152 41.22 17.92 -31.25
C PRO E 152 41.88 18.08 -32.62
N THR E 153 41.93 17.01 -33.41
CA THR E 153 42.66 17.00 -34.72
C THR E 153 41.89 16.14 -35.72
N ALA E 154 42.19 16.33 -37.00
CA ALA E 154 41.68 15.52 -38.12
C ALA E 154 42.08 14.06 -37.93
N ASP E 155 43.29 13.80 -37.46
CA ASP E 155 43.76 12.41 -37.19
C ASP E 155 42.84 11.74 -36.15
N ALA E 156 42.50 12.43 -35.08
CA ALA E 156 41.63 11.90 -34.00
C ALA E 156 40.22 11.62 -34.56
N ALA E 157 39.71 12.52 -35.41
CA ALA E 157 38.40 12.34 -36.06
C ALA E 157 38.43 11.05 -36.91
N GLY E 158 39.51 10.84 -37.66
CA GLY E 158 39.69 9.60 -38.45
C GLY E 158 39.66 8.34 -37.58
N ASN E 159 40.27 8.38 -36.40
CA ASN E 159 40.24 7.22 -35.46
C ASN E 159 38.81 6.91 -35.04
N LEU E 160 37.99 7.94 -34.82
CA LEU E 160 36.58 7.73 -34.42
C LEU E 160 35.79 7.05 -35.56
N LEU E 161 35.94 7.49 -36.81
CA LEU E 161 35.22 6.88 -37.97
C LEU E 161 35.62 5.41 -38.11
N ALA E 162 36.86 5.04 -37.83
CA ALA E 162 37.37 3.65 -37.92
C ALA E 162 36.73 2.78 -36.85
N GLU E 163 36.08 3.37 -35.85
CA GLU E 163 35.38 2.60 -34.78
C GLU E 163 33.87 2.71 -35.00
N GLY E 164 33.44 3.16 -36.18
CA GLY E 164 32.05 3.09 -36.63
C GLY E 164 31.26 4.32 -36.25
N VAL E 165 31.91 5.37 -35.73
CA VAL E 165 31.19 6.62 -35.40
C VAL E 165 30.76 7.32 -36.70
N ARG E 166 29.52 7.76 -36.78
CA ARG E 166 29.02 8.54 -37.95
C ARG E 166 29.71 9.91 -38.01
N SER E 167 30.10 10.33 -39.21
CA SER E 167 30.79 11.62 -39.44
C SER E 167 30.03 12.81 -38.84
N ASP E 168 28.69 12.76 -38.87
CA ASP E 168 27.81 13.86 -38.37
C ASP E 168 27.97 14.01 -36.85
N ASP E 169 28.49 13.00 -36.13
CA ASP E 169 28.60 13.02 -34.65
C ASP E 169 29.99 13.50 -34.23
N VAL E 170 30.87 13.79 -35.19
CA VAL E 170 32.28 14.16 -34.92
C VAL E 170 32.51 15.61 -35.35
N TYR E 171 33.00 16.44 -34.43
CA TYR E 171 33.43 17.84 -34.73
C TYR E 171 34.90 17.98 -34.38
N VAL E 172 35.71 18.47 -35.33
CA VAL E 172 37.14 18.82 -35.03
C VAL E 172 37.12 20.22 -34.40
N THR E 173 37.20 20.29 -33.09
CA THR E 173 37.07 21.54 -32.29
C THR E 173 38.45 22.10 -31.97
N GLY E 174 39.50 21.28 -32.13
CA GLY E 174 40.79 21.52 -31.48
C GLY E 174 40.73 21.19 -30.00
N ASN E 175 41.84 21.37 -29.31
CA ASN E 175 42.00 20.99 -27.88
C ASN E 175 41.79 22.22 -27.01
N THR E 176 40.92 22.11 -26.01
CA THR E 176 40.63 23.19 -25.04
C THR E 176 41.84 23.50 -24.18
N VAL E 177 42.88 22.65 -24.16
CA VAL E 177 44.11 22.98 -23.38
C VAL E 177 44.74 24.26 -23.92
N ILE E 178 44.64 24.50 -25.23
CA ILE E 178 45.17 25.76 -25.82
C ILE E 178 44.35 26.93 -25.26
N ASP E 179 43.02 26.83 -25.23
CA ASP E 179 42.14 27.84 -24.57
C ASP E 179 42.61 28.07 -23.14
N ALA E 180 42.88 27.00 -22.40
CA ALA E 180 43.24 27.08 -20.97
C ALA E 180 44.55 27.86 -20.81
N MET E 181 45.56 27.50 -21.61
CA MET E 181 46.87 28.18 -21.60
C MET E 181 46.67 29.70 -21.78
N HIS E 182 45.89 30.08 -22.78
CA HIS E 182 45.65 31.48 -23.18
C HIS E 182 45.00 32.23 -22.02
N LEU E 183 44.12 31.57 -21.27
CA LEU E 183 43.41 32.19 -20.12
C LEU E 183 44.40 32.57 -19.03
N VAL E 184 45.46 31.78 -18.82
CA VAL E 184 46.42 32.06 -17.70
C VAL E 184 47.57 32.93 -18.20
N LEU E 185 47.94 32.87 -19.49
CA LEU E 185 48.93 33.82 -20.09
C LEU E 185 48.38 35.25 -19.98
N ASP E 186 47.06 35.43 -19.96
CA ASP E 186 46.35 36.74 -19.87
C ASP E 186 46.20 37.18 -18.41
N ARG E 187 46.86 36.52 -17.47
CA ARG E 187 46.80 36.82 -16.02
C ARG E 187 48.20 36.80 -15.42
N PRO E 188 49.07 37.77 -15.79
CA PRO E 188 50.46 37.79 -15.31
C PRO E 188 50.59 37.88 -13.79
N GLY E 189 49.75 38.71 -13.16
CA GLY E 189 49.67 38.88 -11.69
C GLY E 189 49.58 37.55 -10.96
N ASP E 190 48.68 36.66 -11.41
CA ASP E 190 48.38 35.32 -10.80
C ASP E 190 49.46 34.29 -11.22
N SER E 191 50.16 34.53 -12.33
CA SER E 191 51.18 33.61 -12.94
C SER E 191 52.55 33.76 -12.23
N ALA E 192 52.73 34.80 -11.41
CA ALA E 192 54.04 35.16 -10.80
C ALA E 192 54.43 34.16 -9.71
N ASN E 193 55.73 33.91 -9.55
CA ASN E 193 56.30 32.97 -8.55
C ASN E 193 57.74 33.39 -8.23
N ARG E 194 57.90 34.03 -7.06
CA ARG E 194 59.17 34.57 -6.52
C ARG E 194 60.24 33.45 -6.48
N GLU E 195 59.92 32.29 -5.90
CA GLU E 195 60.95 31.25 -5.63
C GLU E 195 61.46 30.66 -6.94
N LEU E 196 60.56 30.45 -7.90
CA LEU E 196 60.91 29.87 -9.23
C LEU E 196 61.83 30.86 -9.98
N ASP E 197 61.46 32.15 -9.99
CA ASP E 197 62.27 33.24 -10.62
C ASP E 197 63.69 33.28 -10.00
N ALA E 198 63.79 33.33 -8.68
CA ALA E 198 65.09 33.34 -7.94
C ALA E 198 65.94 32.12 -8.34
N PHE E 199 65.32 30.95 -8.58
CA PHE E 199 66.09 29.71 -8.89
C PHE E 199 66.55 29.72 -10.35
N THR E 200 65.74 30.24 -11.27
CA THR E 200 65.98 30.11 -12.74
C THR E 200 66.73 31.35 -13.30
N GLU E 201 66.66 32.51 -12.63
CA GLU E 201 67.25 33.80 -13.08
C GLU E 201 68.70 33.58 -13.55
N GLY E 202 68.98 33.89 -14.81
CA GLY E 202 70.36 33.87 -15.33
C GLY E 202 70.79 32.50 -15.79
N ARG E 203 69.94 31.46 -15.73
CA ARG E 203 70.35 30.10 -16.15
C ARG E 203 69.38 29.51 -17.16
N GLN E 204 69.89 28.62 -18.00
CA GLN E 204 69.12 27.72 -18.89
C GLN E 204 68.43 26.68 -18.02
N THR E 205 67.09 26.69 -18.04
CA THR E 205 66.25 25.77 -17.21
C THR E 205 65.50 24.77 -18.09
N VAL E 206 65.70 23.47 -17.83
CA VAL E 206 64.88 22.36 -18.39
C VAL E 206 63.68 22.12 -17.44
N LEU E 207 62.47 22.08 -17.99
CA LEU E 207 61.24 21.66 -17.24
C LEU E 207 61.01 20.16 -17.46
N LEU E 208 60.89 19.37 -16.40
CA LEU E 208 60.62 17.90 -16.50
C LEU E 208 59.40 17.52 -15.67
N THR E 209 58.40 16.86 -16.25
CA THR E 209 57.30 16.18 -15.51
C THR E 209 57.23 14.74 -15.96
N MET E 210 57.00 13.84 -15.01
CA MET E 210 56.89 12.40 -15.31
C MET E 210 56.02 11.74 -14.23
N HIS E 211 54.95 11.05 -14.64
CA HIS E 211 53.93 10.51 -13.70
C HIS E 211 53.42 9.11 -14.08
N ARG E 212 53.67 8.58 -15.28
CA ARG E 212 52.89 7.40 -15.75
C ARG E 212 53.25 6.15 -14.95
N ARG E 213 52.22 5.45 -14.49
CA ARG E 213 52.29 4.25 -13.62
C ARG E 213 53.24 3.22 -14.25
N GLU E 214 53.17 3.02 -15.56
CA GLU E 214 54.00 2.02 -16.29
C GLU E 214 55.50 2.37 -16.18
N SER E 215 55.86 3.59 -15.75
CA SER E 215 57.27 4.02 -15.62
C SER E 215 57.74 4.10 -14.17
N TRP E 216 56.85 3.83 -13.20
CA TRP E 216 57.19 3.89 -11.75
C TRP E 216 58.37 2.96 -11.44
N GLY E 217 59.21 3.38 -10.49
CA GLY E 217 60.39 2.61 -10.05
C GLY E 217 61.56 2.76 -11.01
N ILE E 218 61.94 1.67 -11.67
CA ILE E 218 63.24 1.59 -12.40
C ILE E 218 63.26 2.59 -13.56
N PRO E 219 62.26 2.64 -14.46
CA PRO E 219 62.29 3.59 -15.58
C PRO E 219 62.42 5.06 -15.13
N MET E 220 61.68 5.47 -14.10
CA MET E 220 61.82 6.83 -13.54
C MET E 220 63.22 7.03 -12.97
N GLY E 221 63.77 6.01 -12.33
CA GLY E 221 65.16 6.02 -11.82
C GLY E 221 66.15 6.30 -12.93
N ARG E 222 65.98 5.69 -14.11
CA ARG E 222 66.86 5.95 -15.27
C ARG E 222 66.72 7.40 -15.73
N VAL E 223 65.51 7.95 -15.73
CA VAL E 223 65.29 9.36 -16.14
C VAL E 223 66.01 10.27 -15.14
N ALA E 224 65.87 9.98 -13.84
CA ALA E 224 66.54 10.76 -12.76
C ALA E 224 68.07 10.68 -12.94
N ALA E 225 68.61 9.52 -13.29
CA ALA E 225 70.06 9.33 -13.54
C ALA E 225 70.49 10.20 -14.74
N ALA E 226 69.68 10.26 -15.80
CA ALA E 226 69.95 11.12 -16.98
C ALA E 226 70.03 12.57 -16.52
N VAL E 227 69.11 13.00 -15.65
CA VAL E 227 69.11 14.39 -15.11
C VAL E 227 70.42 14.63 -14.35
N ALA E 228 70.81 13.69 -13.49
CA ALA E 228 72.03 13.79 -12.65
C ALA E 228 73.25 13.94 -13.57
N GLU E 229 73.36 13.08 -14.58
CA GLU E 229 74.50 13.08 -15.55
C GLU E 229 74.55 14.44 -16.28
N LEU E 230 73.44 14.92 -16.82
CA LEU E 230 73.39 16.23 -17.51
C LEU E 230 73.85 17.35 -16.57
N CYS E 231 73.43 17.30 -15.31
CA CYS E 231 73.78 18.31 -14.28
C CYS E 231 75.31 18.29 -14.03
N ARG E 232 75.92 17.12 -13.89
CA ARG E 232 77.37 16.94 -13.63
C ARG E 232 78.15 17.53 -14.81
N SER E 233 77.76 17.20 -16.05
CA SER E 233 78.44 17.60 -17.31
C SER E 233 78.22 19.08 -17.62
N ARG E 234 77.17 19.72 -17.09
CA ARG E 234 76.78 21.11 -17.48
C ARG E 234 76.46 21.93 -16.24
N PRO E 235 77.49 22.41 -15.52
CA PRO E 235 77.30 23.13 -14.26
C PRO E 235 76.34 24.32 -14.29
N THR E 236 76.12 24.91 -15.46
CA THR E 236 75.25 26.12 -15.62
C THR E 236 73.78 25.70 -15.87
N LEU E 237 73.53 24.43 -16.18
CA LEU E 237 72.17 23.90 -16.46
C LEU E 237 71.36 23.80 -15.16
N ARG E 238 70.08 24.19 -15.20
CA ARG E 238 69.10 23.97 -14.09
C ARG E 238 67.94 23.11 -14.59
N PHE E 239 67.32 22.37 -13.66
CA PHE E 239 66.07 21.61 -13.86
C PHE E 239 65.07 22.04 -12.81
N VAL E 240 63.82 22.22 -13.22
CA VAL E 240 62.64 22.31 -12.33
C VAL E 240 61.77 21.08 -12.59
N ILE E 241 61.48 20.32 -11.52
CA ILE E 241 60.74 19.03 -11.60
C ILE E 241 59.59 19.10 -10.60
N PRO E 242 58.40 19.56 -11.04
CA PRO E 242 57.19 19.47 -10.23
C PRO E 242 56.83 17.96 -10.14
N LEU E 243 56.62 17.47 -8.93
CA LEU E 243 56.44 16.00 -8.70
C LEU E 243 54.93 15.70 -8.66
N HIS E 244 54.51 14.71 -9.41
CA HIS E 244 53.14 14.13 -9.32
C HIS E 244 52.90 13.70 -7.86
N PRO E 245 51.71 13.94 -7.29
CA PRO E 245 51.43 13.59 -5.89
C PRO E 245 51.18 12.09 -5.73
N ASN E 246 52.25 11.31 -5.82
CA ASN E 246 52.29 9.85 -5.53
C ASN E 246 53.57 9.61 -4.75
N PRO E 247 53.52 8.92 -3.58
CA PRO E 247 54.71 8.80 -2.72
C PRO E 247 55.86 8.06 -3.42
N GLU E 248 55.54 7.13 -4.30
CA GLU E 248 56.56 6.30 -5.01
C GLU E 248 57.31 7.20 -6.01
N VAL E 249 56.59 8.05 -6.73
CA VAL E 249 57.18 9.02 -7.70
C VAL E 249 58.08 9.99 -6.92
N ARG E 250 57.58 10.59 -5.85
CA ARG E 250 58.36 11.54 -5.00
C ARG E 250 59.63 10.87 -4.50
N ARG E 251 59.54 9.62 -4.04
CA ARG E 251 60.69 8.90 -3.43
C ARG E 251 61.77 8.69 -4.49
N VAL E 252 61.42 8.28 -5.71
CA VAL E 252 62.45 7.99 -6.76
C VAL E 252 63.20 9.29 -7.08
N PHE E 253 62.49 10.40 -7.34
CA PHE E 253 63.18 11.66 -7.72
C PHE E 253 63.98 12.18 -6.52
N ARG E 254 63.40 12.15 -5.31
CA ARG E 254 64.03 12.69 -4.07
C ARG E 254 65.33 11.93 -3.82
N SER E 255 65.31 10.60 -3.89
CA SER E 255 66.46 9.74 -3.52
C SER E 255 67.58 9.88 -4.58
N HIS E 256 67.25 10.25 -5.82
CA HIS E 256 68.25 10.43 -6.91
C HIS E 256 68.77 11.86 -7.00
N LEU E 257 67.98 12.88 -6.60
CA LEU E 257 68.27 14.28 -7.02
C LEU E 257 68.27 15.29 -5.87
N SER E 258 67.82 14.95 -4.66
CA SER E 258 67.56 15.96 -3.61
C SER E 258 68.84 16.71 -3.20
N SER E 259 70.04 16.16 -3.40
CA SER E 259 71.31 16.84 -3.01
C SER E 259 71.84 17.76 -4.14
N LEU E 260 71.32 17.65 -5.36
CA LEU E 260 71.81 18.47 -6.51
C LEU E 260 71.22 19.88 -6.42
N THR E 261 72.08 20.86 -6.18
CA THR E 261 71.74 22.31 -6.15
C THR E 261 71.17 22.75 -7.49
N GLN E 262 71.50 22.06 -8.59
CA GLN E 262 71.03 22.38 -9.97
C GLN E 262 69.58 21.94 -10.21
N VAL E 263 69.00 21.11 -9.32
CA VAL E 263 67.61 20.58 -9.48
C VAL E 263 66.72 21.21 -8.41
N LEU E 264 65.63 21.84 -8.82
CA LEU E 264 64.57 22.25 -7.88
C LEU E 264 63.41 21.25 -8.03
N LEU E 265 63.32 20.29 -7.09
CA LEU E 265 62.14 19.41 -6.92
C LEU E 265 61.02 20.26 -6.33
N CYS E 266 59.84 20.22 -6.94
CA CYS E 266 58.70 21.07 -6.56
C CYS E 266 57.50 20.23 -6.18
N GLU E 267 56.64 20.81 -5.32
CA GLU E 267 55.23 20.41 -5.18
C GLU E 267 54.56 20.73 -6.53
N PRO E 268 53.42 20.08 -6.85
CA PRO E 268 52.63 20.45 -8.02
C PRO E 268 52.45 21.97 -8.06
N LEU E 269 52.63 22.58 -9.24
CA LEU E 269 52.50 24.05 -9.39
C LEU E 269 51.09 24.40 -9.84
N ARG E 270 50.56 25.53 -9.37
CA ARG E 270 49.30 26.12 -9.90
C ARG E 270 49.50 26.30 -11.41
N TYR E 271 48.46 26.07 -12.20
CA TYR E 271 48.54 25.97 -13.67
C TYR E 271 49.13 27.27 -14.25
N SER E 272 48.73 28.43 -13.75
CA SER E 272 49.23 29.75 -14.17
C SER E 272 50.75 29.83 -14.03
N GLU E 273 51.27 29.40 -12.90
CA GLU E 273 52.71 29.44 -12.57
C GLU E 273 53.44 28.40 -13.41
N PHE E 274 52.81 27.23 -13.64
CA PHE E 274 53.42 26.13 -14.43
C PHE E 274 53.59 26.59 -15.89
N ILE E 275 52.58 27.24 -16.46
CA ILE E 275 52.64 27.73 -17.86
C ILE E 275 53.69 28.85 -17.96
N ARG E 276 53.78 29.76 -16.99
CA ARG E 276 54.80 30.83 -17.00
C ARG E 276 56.20 30.17 -16.96
N LEU E 277 56.41 29.18 -16.10
CA LEU E 277 57.71 28.44 -16.00
C LEU E 277 58.03 27.80 -17.36
N MET E 278 57.05 27.17 -17.99
CA MET E 278 57.23 26.44 -19.27
C MET E 278 57.66 27.46 -20.33
N HIS E 279 57.08 28.67 -20.32
CA HIS E 279 57.43 29.78 -21.24
C HIS E 279 58.90 30.19 -21.08
N ARG E 280 59.45 30.14 -19.86
CA ARG E 280 60.84 30.54 -19.53
C ARG E 280 61.82 29.39 -19.83
N ALA E 281 61.36 28.14 -19.88
CA ALA E 281 62.23 26.94 -19.98
C ALA E 281 62.87 26.91 -21.37
N VAL E 282 64.04 26.31 -21.50
CA VAL E 282 64.70 26.17 -22.82
C VAL E 282 64.12 24.94 -23.51
N LEU E 283 63.81 23.88 -22.75
CA LEU E 283 63.12 22.72 -23.34
C LEU E 283 62.39 21.92 -22.26
N VAL E 284 61.55 20.99 -22.70
CA VAL E 284 60.59 20.28 -21.82
C VAL E 284 60.78 18.79 -22.07
N LEU E 285 60.96 18.02 -20.98
CA LEU E 285 60.92 16.55 -20.98
C LEU E 285 59.66 16.14 -20.22
N THR E 286 58.82 15.28 -20.79
CA THR E 286 57.54 14.96 -20.15
C THR E 286 57.01 13.62 -20.63
N ASP E 287 56.20 12.96 -19.80
CA ASP E 287 55.31 11.88 -20.29
C ASP E 287 53.86 12.34 -20.21
N SER E 288 53.63 13.63 -19.95
CA SER E 288 52.27 14.22 -19.87
C SER E 288 51.69 14.40 -21.27
N GLY E 289 50.44 14.02 -21.48
CA GLY E 289 49.69 14.31 -22.71
C GLY E 289 49.50 15.80 -22.92
N GLY E 290 49.03 16.53 -21.90
CA GLY E 290 48.76 17.96 -21.97
C GLY E 290 50.02 18.77 -22.26
N VAL E 291 51.15 18.42 -21.64
CA VAL E 291 52.41 19.18 -21.81
C VAL E 291 52.90 18.98 -23.25
N GLN E 292 52.66 17.83 -23.86
CA GLN E 292 52.99 17.61 -25.29
C GLN E 292 52.21 18.56 -26.20
N GLU E 293 51.07 19.06 -25.74
CA GLU E 293 50.19 20.00 -26.47
C GLU E 293 50.63 21.43 -26.12
N GLU E 294 50.92 21.69 -24.84
CA GLU E 294 51.19 23.07 -24.34
C GLU E 294 52.57 23.52 -24.83
N ALA E 295 53.60 22.68 -24.69
CA ALA E 295 55.01 23.08 -24.90
C ALA E 295 55.22 23.56 -26.34
N PRO E 296 54.81 22.81 -27.39
CA PRO E 296 55.01 23.26 -28.77
C PRO E 296 54.30 24.61 -29.06
N THR E 297 53.18 24.86 -28.40
CA THR E 297 52.40 26.11 -28.55
C THR E 297 53.23 27.28 -27.99
N LEU E 298 54.13 27.04 -27.03
CA LEU E 298 55.05 28.10 -26.50
C LEU E 298 56.41 28.05 -27.22
N GLY E 299 56.52 27.28 -28.30
CA GLY E 299 57.75 27.15 -29.09
C GLY E 299 58.85 26.42 -28.33
N LYS E 300 58.49 25.50 -27.42
CA LYS E 300 59.50 24.74 -26.65
C LYS E 300 59.61 23.33 -27.21
N PRO E 301 60.81 22.91 -27.66
CA PRO E 301 61.00 21.54 -28.09
C PRO E 301 60.64 20.60 -26.93
N VAL E 302 60.01 19.48 -27.26
CA VAL E 302 59.54 18.47 -26.28
C VAL E 302 60.23 17.15 -26.57
N LEU E 303 60.84 16.56 -25.52
CA LEU E 303 61.33 15.17 -25.57
C LEU E 303 60.35 14.34 -24.72
N VAL E 304 59.76 13.31 -25.33
CA VAL E 304 58.63 12.58 -24.72
C VAL E 304 59.17 11.32 -24.05
N LEU E 305 58.97 11.22 -22.74
CA LEU E 305 59.53 10.14 -21.88
C LEU E 305 58.61 8.93 -21.94
N ARG E 306 58.31 8.43 -23.14
CA ARG E 306 57.44 7.26 -23.39
C ARG E 306 57.93 6.56 -24.67
N ASP E 307 57.47 5.33 -24.86
CA ASP E 307 57.73 4.48 -26.05
C ASP E 307 56.62 4.67 -27.08
N ARG E 308 55.57 5.41 -26.74
CA ARG E 308 54.38 5.65 -27.62
C ARG E 308 53.82 7.03 -27.26
N THR E 309 53.05 7.64 -28.15
CA THR E 309 52.29 8.87 -27.85
C THR E 309 50.92 8.81 -28.54
N GLU E 310 49.94 9.47 -27.90
CA GLU E 310 48.61 9.78 -28.47
C GLU E 310 48.67 11.12 -29.20
N ARG E 311 49.82 11.78 -29.25
CA ARG E 311 50.02 13.05 -29.99
C ARG E 311 51.01 12.85 -31.14
N PRO E 312 50.66 12.04 -32.17
CA PRO E 312 51.57 11.80 -33.30
C PRO E 312 51.81 13.05 -34.15
N GLU E 313 50.90 14.05 -34.07
CA GLU E 313 50.99 15.29 -34.89
C GLU E 313 52.31 15.99 -34.55
N GLY E 314 52.67 16.12 -33.27
CA GLY E 314 53.91 16.81 -32.84
C GLY E 314 55.15 16.06 -33.31
N ILE E 315 55.07 14.73 -33.34
CA ILE E 315 56.17 13.86 -33.83
C ILE E 315 56.35 14.12 -35.33
N ALA E 316 55.29 14.03 -36.12
CA ALA E 316 55.30 14.18 -37.59
C ALA E 316 55.80 15.58 -37.96
N ALA E 317 55.43 16.62 -37.20
CA ALA E 317 55.82 18.01 -37.49
C ALA E 317 57.23 18.32 -36.95
N GLY E 318 57.86 17.41 -36.20
CA GLY E 318 59.21 17.59 -35.62
C GLY E 318 59.26 18.44 -34.36
N CYS E 319 58.09 18.82 -33.79
CA CYS E 319 57.91 19.60 -32.53
C CYS E 319 58.37 18.76 -31.32
N ALA E 320 58.26 17.45 -31.43
CA ALA E 320 58.43 16.48 -30.33
C ALA E 320 59.17 15.25 -30.87
N ARG E 321 59.94 14.61 -30.01
CA ARG E 321 60.63 13.34 -30.32
C ARG E 321 60.43 12.38 -29.15
N LEU E 322 60.18 11.11 -29.47
CA LEU E 322 60.13 10.01 -28.47
C LEU E 322 61.56 9.69 -28.03
N VAL E 323 61.75 9.55 -26.73
CA VAL E 323 63.06 9.36 -26.06
C VAL E 323 62.95 8.21 -25.06
N GLY E 324 61.72 7.78 -24.73
CA GLY E 324 61.48 6.66 -23.79
C GLY E 324 62.12 6.97 -22.43
N THR E 325 62.71 5.97 -21.79
CA THR E 325 63.35 6.09 -20.47
C THR E 325 64.81 5.58 -20.56
N ASP E 326 65.42 5.73 -21.73
CA ASP E 326 66.84 5.38 -22.03
C ASP E 326 67.74 6.54 -21.63
N PRO E 327 68.54 6.42 -20.54
CA PRO E 327 69.31 7.56 -20.04
C PRO E 327 70.36 8.08 -21.04
N ALA E 328 71.02 7.19 -21.78
CA ALA E 328 72.03 7.57 -22.80
C ALA E 328 71.36 8.44 -23.89
N LEU E 329 70.20 8.01 -24.39
CA LEU E 329 69.44 8.75 -25.44
C LEU E 329 68.97 10.10 -24.88
N ILE E 330 68.48 10.16 -23.66
CA ILE E 330 67.99 11.42 -23.03
C ILE E 330 69.16 12.40 -22.93
N VAL E 331 70.30 11.94 -22.42
CA VAL E 331 71.52 12.78 -22.28
C VAL E 331 71.90 13.32 -23.69
N LYS E 332 71.93 12.43 -24.67
CA LYS E 332 72.32 12.77 -26.07
C LYS E 332 71.35 13.81 -26.64
N GLU E 333 70.05 13.54 -26.56
CA GLU E 333 68.99 14.38 -27.21
C GLU E 333 68.94 15.76 -26.52
N VAL E 334 69.08 15.83 -25.19
CA VAL E 334 69.09 17.14 -24.48
C VAL E 334 70.35 17.91 -24.91
N GLY E 335 71.49 17.22 -24.97
CA GLY E 335 72.79 17.78 -25.39
C GLY E 335 72.71 18.42 -26.76
N ARG E 336 72.21 17.66 -27.74
CA ARG E 336 71.98 18.12 -29.14
C ARG E 336 71.24 19.45 -29.13
N LEU E 337 70.17 19.59 -28.32
CA LEU E 337 69.30 20.80 -28.36
C LEU E 337 70.00 21.98 -27.70
N LEU E 338 70.80 21.73 -26.65
CA LEU E 338 71.49 22.81 -25.91
C LEU E 338 72.69 23.32 -26.74
N ASP E 339 73.34 22.44 -27.52
CA ASP E 339 74.68 22.66 -28.12
C ASP E 339 74.58 23.12 -29.58
N ASP E 340 73.56 22.67 -30.30
CA ASP E 340 73.40 22.85 -31.78
C ASP E 340 72.15 23.69 -32.07
N PRO E 341 72.27 25.02 -32.29
CA PRO E 341 71.11 25.89 -32.49
C PRO E 341 70.23 25.51 -33.69
N GLU E 342 70.78 24.77 -34.66
CA GLU E 342 70.07 24.28 -35.87
C GLU E 342 69.10 23.14 -35.47
N ALA E 343 69.56 22.21 -34.62
CA ALA E 343 68.75 21.11 -34.07
C ALA E 343 67.60 21.70 -33.23
N TYR E 344 67.90 22.74 -32.44
CA TYR E 344 66.94 23.46 -31.58
C TYR E 344 65.84 24.07 -32.47
N GLU E 345 66.25 24.82 -33.49
CA GLU E 345 65.29 25.54 -34.39
C GLU E 345 64.48 24.54 -35.20
N ALA E 346 65.02 23.37 -35.54
CA ALA E 346 64.28 22.32 -36.29
C ALA E 346 63.07 21.82 -35.49
N MET E 347 63.07 21.99 -34.15
CA MET E 347 61.98 21.49 -33.28
C MET E 347 60.98 22.61 -32.94
N ARG E 348 61.08 23.82 -33.53
CA ARG E 348 60.05 24.90 -33.47
C ARG E 348 59.66 25.26 -34.92
N VAL E 353 49.99 25.12 -36.28
CA VAL E 353 49.21 24.70 -35.07
C VAL E 353 48.85 23.23 -35.24
N CYS E 354 49.29 22.39 -34.31
CA CYS E 354 49.02 20.94 -34.29
C CYS E 354 47.67 20.67 -33.59
N TYR E 355 47.34 21.39 -32.53
CA TYR E 355 46.30 20.96 -31.54
C TYR E 355 45.19 22.00 -31.39
N GLY E 356 45.11 22.99 -32.29
CA GLY E 356 44.04 24.00 -32.34
C GLY E 356 44.51 25.41 -32.01
N GLU E 357 43.63 26.40 -32.16
CA GLU E 357 43.96 27.86 -32.21
C GLU E 357 43.60 28.54 -30.87
N GLY E 358 42.98 27.82 -29.94
CA GLY E 358 42.57 28.40 -28.65
C GLY E 358 41.13 28.86 -28.66
N ASP E 359 40.32 28.44 -29.64
CA ASP E 359 38.86 28.73 -29.73
C ASP E 359 38.05 27.42 -29.61
N ALA E 360 38.61 26.39 -28.98
CA ALA E 360 37.98 25.04 -28.93
C ALA E 360 36.69 25.11 -28.11
N ALA E 361 36.64 25.88 -27.03
CA ALA E 361 35.43 25.99 -26.18
C ALA E 361 34.26 26.49 -27.02
N ALA E 362 34.48 27.52 -27.83
CA ALA E 362 33.42 28.14 -28.67
C ALA E 362 32.97 27.12 -29.71
N ARG E 363 33.87 26.35 -30.28
CA ARG E 363 33.51 25.32 -31.29
C ARG E 363 32.70 24.20 -30.62
N CYS E 364 33.04 23.81 -29.38
CA CYS E 364 32.24 22.83 -28.60
C CYS E 364 30.83 23.41 -28.40
N LEU E 365 30.74 24.68 -28.00
CA LEU E 365 29.43 25.30 -27.67
C LEU E 365 28.53 25.25 -28.90
N GLU E 366 29.06 25.63 -30.06
CA GLU E 366 28.29 25.66 -31.32
C GLU E 366 27.86 24.25 -31.71
N ALA E 367 28.69 23.23 -31.48
CA ALA E 367 28.28 21.82 -31.74
C ALA E 367 27.13 21.45 -30.80
N LEU E 368 27.23 21.83 -29.52
CA LEU E 368 26.15 21.51 -28.54
C LEU E 368 24.84 22.19 -28.98
N ARG E 369 24.91 23.46 -29.40
CA ARG E 369 23.73 24.26 -29.81
C ARG E 369 23.09 23.61 -31.04
N GLU E 370 23.90 23.24 -32.03
CA GLU E 370 23.43 22.58 -33.28
C GLU E 370 22.72 21.26 -32.95
N ARG E 371 23.26 20.44 -32.03
CA ARG E 371 22.74 19.08 -31.77
C ARG E 371 21.51 19.17 -30.85
N TRP E 372 21.58 19.95 -29.76
CA TRP E 372 20.60 19.82 -28.65
C TRP E 372 19.79 21.11 -28.41
N LEU E 373 20.03 22.18 -29.17
CA LEU E 373 19.24 23.44 -29.04
C LEU E 373 18.72 23.83 -30.42
N SER E 374 18.37 22.82 -31.23
CA SER E 374 17.80 22.98 -32.57
C SER E 374 16.59 22.05 -32.71
N SER E 375 15.67 22.40 -33.60
CA SER E 375 14.45 21.64 -33.95
C SER E 375 14.30 21.64 -35.47
N PRO E 376 13.79 20.55 -36.08
CA PRO E 376 13.87 20.38 -37.54
C PRO E 376 13.07 21.41 -38.36
N SER F 1 46.03 -33.91 -14.22
CA SER F 1 46.88 -32.93 -13.49
C SER F 1 47.54 -31.93 -14.45
N HIS F 2 47.53 -32.17 -15.77
CA HIS F 2 47.98 -31.18 -16.79
C HIS F 2 47.14 -29.90 -16.65
N MET F 3 47.74 -28.75 -16.94
CA MET F 3 47.08 -27.44 -16.82
C MET F 3 45.92 -27.39 -17.82
N ALA F 4 44.71 -27.05 -17.36
CA ALA F 4 43.55 -26.74 -18.23
C ALA F 4 43.37 -25.22 -18.33
N LEU F 5 43.04 -24.69 -19.52
CA LEU F 5 42.53 -23.29 -19.64
C LEU F 5 41.20 -23.21 -18.91
N ARG F 6 41.13 -22.46 -17.82
CA ARG F 6 39.88 -22.31 -17.03
C ARG F 6 39.05 -21.17 -17.64
N VAL F 7 37.91 -21.53 -18.20
CA VAL F 7 37.06 -20.63 -19.01
C VAL F 7 35.83 -20.28 -18.19
N GLY F 8 35.77 -19.04 -17.69
CA GLY F 8 34.60 -18.45 -17.05
C GLY F 8 33.46 -18.36 -18.03
N ILE F 9 32.28 -18.75 -17.61
CA ILE F 9 31.02 -18.72 -18.40
C ILE F 9 30.03 -17.96 -17.54
N VAL F 10 29.64 -16.76 -17.97
CA VAL F 10 28.80 -15.84 -17.14
C VAL F 10 27.53 -15.53 -17.94
N TYR F 11 26.38 -15.77 -17.31
CA TYR F 11 25.05 -15.53 -17.89
C TYR F 11 24.03 -15.38 -16.77
N GLY F 12 22.89 -14.81 -17.11
CA GLY F 12 21.78 -14.62 -16.16
C GLY F 12 20.43 -14.93 -16.73
N THR F 13 20.31 -15.37 -17.99
CA THR F 13 18.99 -15.56 -18.66
C THR F 13 18.95 -16.86 -19.46
N ARG F 14 17.73 -17.31 -19.75
CA ARG F 14 17.44 -18.53 -20.55
C ARG F 14 18.15 -18.48 -21.91
N PRO F 15 17.97 -17.43 -22.75
CA PRO F 15 18.56 -17.44 -24.08
C PRO F 15 20.09 -17.56 -24.03
N GLU F 16 20.74 -16.90 -23.05
CA GLU F 16 22.20 -17.02 -22.85
C GLU F 16 22.56 -18.46 -22.51
N ALA F 17 21.85 -19.07 -21.56
CA ALA F 17 22.13 -20.44 -21.09
C ALA F 17 22.02 -21.42 -22.28
N ILE F 18 20.97 -21.27 -23.10
CA ILE F 18 20.75 -22.16 -24.28
C ILE F 18 21.94 -22.01 -25.23
N LYS F 19 22.39 -20.78 -25.50
CA LYS F 19 23.44 -20.55 -26.49
C LYS F 19 24.82 -20.92 -25.91
N LEU F 20 25.01 -20.83 -24.60
CA LEU F 20 26.31 -21.18 -23.96
C LEU F 20 26.40 -22.69 -23.72
N ALA F 21 25.27 -23.39 -23.58
CA ALA F 21 25.25 -24.82 -23.18
C ALA F 21 26.15 -25.67 -24.09
N PRO F 22 26.06 -25.57 -25.44
CA PRO F 22 26.93 -26.38 -26.31
C PRO F 22 28.41 -26.07 -26.14
N LEU F 23 28.76 -24.81 -25.86
CA LEU F 23 30.17 -24.41 -25.59
C LEU F 23 30.62 -25.03 -24.25
N VAL F 24 29.79 -24.95 -23.22
CA VAL F 24 30.11 -25.57 -21.90
C VAL F 24 30.36 -27.06 -22.12
N LEU F 25 29.48 -27.76 -22.81
CA LEU F 25 29.59 -29.23 -23.04
C LEU F 25 30.90 -29.53 -23.78
N ALA F 26 31.26 -28.73 -24.81
CA ALA F 26 32.50 -28.95 -25.58
C ALA F 26 33.72 -28.69 -24.68
N LEU F 27 33.67 -27.64 -23.85
CA LEU F 27 34.78 -27.30 -22.91
C LEU F 27 34.94 -28.44 -21.90
N ASP F 28 33.83 -28.96 -21.36
CA ASP F 28 33.83 -30.07 -20.37
C ASP F 28 34.47 -31.32 -20.99
N ALA F 29 34.08 -31.71 -22.21
CA ALA F 29 34.57 -32.95 -22.87
C ALA F 29 36.06 -32.83 -23.22
N ASP F 30 36.54 -31.64 -23.59
CA ASP F 30 37.94 -31.47 -24.05
C ASP F 30 38.85 -31.41 -22.84
N PRO F 31 39.94 -32.21 -22.81
CA PRO F 31 40.83 -32.23 -21.64
C PRO F 31 41.67 -30.94 -21.50
N GLY F 32 41.83 -30.16 -22.57
CA GLY F 32 42.58 -28.89 -22.55
C GLY F 32 41.86 -27.76 -21.83
N PHE F 33 40.59 -27.93 -21.44
CA PHE F 33 39.75 -26.83 -20.91
C PHE F 33 38.96 -27.27 -19.68
N GLU F 34 38.60 -26.30 -18.85
CA GLU F 34 37.67 -26.47 -17.72
C GLU F 34 36.69 -25.31 -17.74
N PRO F 35 35.38 -25.53 -17.99
CA PRO F 35 34.38 -24.48 -17.85
C PRO F 35 34.07 -24.18 -16.38
N VAL F 36 33.92 -22.90 -16.04
CA VAL F 36 33.57 -22.43 -14.68
C VAL F 36 32.38 -21.48 -14.82
N ILE F 37 31.20 -21.93 -14.40
CA ILE F 37 29.94 -21.17 -14.61
C ILE F 37 29.68 -20.27 -13.41
N ILE F 38 29.43 -18.98 -13.67
CA ILE F 38 28.93 -17.99 -12.67
C ILE F 38 27.67 -17.36 -13.24
N THR F 39 26.55 -17.51 -12.51
CA THR F 39 25.22 -16.99 -12.87
C THR F 39 25.02 -15.66 -12.14
N THR F 40 24.20 -14.79 -12.69
CA THR F 40 23.86 -13.46 -12.11
C THR F 40 22.36 -13.37 -11.84
N GLY F 41 21.58 -14.35 -12.31
CA GLY F 41 20.10 -14.32 -12.34
C GLY F 41 19.50 -15.31 -11.36
N MET F 46 13.18 -21.38 -14.23
CA MET F 46 13.38 -21.38 -15.70
C MET F 46 14.86 -21.66 -16.03
N LEU F 47 15.80 -21.09 -15.27
CA LEU F 47 17.27 -21.27 -15.47
C LEU F 47 17.73 -22.62 -14.91
N ASP F 48 17.27 -23.01 -13.72
CA ASP F 48 17.51 -24.36 -13.13
C ASP F 48 17.09 -25.43 -14.14
N GLU F 49 15.96 -25.22 -14.79
CA GLU F 49 15.35 -26.16 -15.79
C GLU F 49 16.31 -26.33 -16.98
N ILE F 50 16.88 -25.24 -17.49
CA ILE F 50 17.86 -25.28 -18.63
C ILE F 50 19.15 -25.92 -18.12
N ASN F 51 19.62 -25.55 -16.93
CA ASN F 51 20.83 -26.14 -16.30
C ASN F 51 20.67 -27.66 -16.19
N GLU F 52 19.52 -28.13 -15.68
CA GLU F 52 19.20 -29.57 -15.52
C GLU F 52 19.24 -30.26 -16.90
N LEU F 53 18.56 -29.70 -17.90
CA LEU F 53 18.40 -30.31 -19.24
C LEU F 53 19.78 -30.54 -19.89
N PHE F 54 20.69 -29.56 -19.83
CA PHE F 54 22.01 -29.66 -20.53
C PHE F 54 23.10 -30.15 -19.58
N GLY F 55 22.78 -30.32 -18.28
CA GLY F 55 23.76 -30.75 -17.26
C GLY F 55 24.81 -29.68 -16.99
N LEU F 56 24.37 -28.41 -16.90
CA LEU F 56 25.22 -27.26 -16.50
C LEU F 56 25.21 -27.17 -14.97
N ARG F 57 26.39 -27.06 -14.32
CA ARG F 57 26.50 -26.97 -12.83
C ARG F 57 27.21 -25.69 -12.45
N PRO F 58 26.47 -24.59 -12.17
CA PRO F 58 27.06 -23.35 -11.71
C PRO F 58 27.91 -23.48 -10.45
N ARG F 59 29.12 -22.93 -10.45
CA ARG F 59 30.02 -22.88 -9.27
C ARG F 59 29.55 -21.77 -8.32
N HIS F 60 29.01 -20.67 -8.85
CA HIS F 60 28.51 -19.52 -8.05
C HIS F 60 27.27 -18.90 -8.71
N ASN F 61 26.27 -18.59 -7.90
CA ASN F 61 25.05 -17.84 -8.28
C ASN F 61 25.10 -16.52 -7.48
N LEU F 62 25.30 -15.39 -8.14
CA LEU F 62 25.37 -14.07 -7.45
C LEU F 62 24.05 -13.49 -6.96
N ASP F 63 22.86 -13.84 -7.45
CA ASP F 63 21.60 -13.33 -6.85
C ASP F 63 21.58 -11.78 -6.87
N ILE F 64 21.99 -11.19 -8.00
CA ILE F 64 22.00 -9.73 -8.30
C ILE F 64 20.72 -9.33 -9.05
N MET F 65 20.34 -10.05 -10.10
CA MET F 65 19.24 -9.66 -11.02
C MET F 65 17.87 -9.85 -10.35
N ARG F 66 16.85 -9.14 -10.84
CA ARG F 66 15.58 -8.82 -10.13
C ARG F 66 14.56 -8.33 -11.15
N PRO F 67 13.24 -8.41 -10.86
CA PRO F 67 12.24 -7.95 -11.81
C PRO F 67 12.21 -6.41 -11.88
N GLY F 68 12.15 -5.74 -10.72
CA GLY F 68 12.07 -4.27 -10.61
C GLY F 68 13.34 -3.69 -10.00
N GLN F 69 14.38 -3.52 -10.81
CA GLN F 69 15.69 -2.93 -10.38
C GLN F 69 16.19 -1.97 -11.47
N ARG F 70 16.79 -0.86 -11.06
CA ARG F 70 17.43 0.13 -11.96
C ARG F 70 18.62 -0.54 -12.66
N LEU F 71 18.83 -0.21 -13.92
CA LEU F 71 19.99 -0.70 -14.71
C LEU F 71 21.29 -0.34 -13.97
N SER F 72 21.46 0.92 -13.58
CA SER F 72 22.68 1.41 -12.90
C SER F 72 22.98 0.59 -11.63
N ALA F 73 21.96 0.23 -10.85
CA ALA F 73 22.15 -0.53 -9.60
C ALA F 73 22.62 -1.95 -9.96
N MET F 74 21.98 -2.57 -10.94
CA MET F 74 22.35 -3.95 -11.37
C MET F 74 23.79 -3.95 -11.92
N ALA F 75 24.10 -3.04 -12.85
CA ALA F 75 25.45 -2.97 -13.47
C ALA F 75 26.50 -2.69 -12.39
N SER F 76 26.20 -1.77 -11.47
CA SER F 76 27.09 -1.45 -10.31
C SER F 76 27.39 -2.73 -9.54
N ARG F 77 26.38 -3.54 -9.24
CA ARG F 77 26.57 -4.77 -8.43
C ARG F 77 27.45 -5.76 -9.22
N ILE F 78 27.23 -5.93 -10.52
CA ILE F 78 28.00 -6.95 -11.27
C ILE F 78 29.45 -6.47 -11.37
N VAL F 79 29.67 -5.20 -11.72
CA VAL F 79 31.05 -4.63 -11.80
C VAL F 79 31.73 -4.79 -10.45
N GLY F 80 31.00 -4.55 -9.37
CA GLY F 80 31.56 -4.53 -8.00
C GLY F 80 31.86 -5.91 -7.46
N GLU F 81 31.06 -6.92 -7.82
CA GLU F 81 31.04 -8.21 -7.08
C GLU F 81 31.47 -9.41 -7.92
N LEU F 82 31.53 -9.31 -9.25
CA LEU F 82 31.87 -10.51 -10.08
C LEU F 82 33.36 -10.81 -9.99
N GLY F 83 34.20 -9.80 -9.75
CA GLY F 83 35.66 -9.99 -9.67
C GLY F 83 36.07 -11.07 -8.68
N ASP F 84 35.43 -11.14 -7.52
CA ASP F 84 35.84 -12.03 -6.40
C ASP F 84 35.69 -13.50 -6.83
N PRO F 85 34.49 -13.98 -7.26
CA PRO F 85 34.38 -15.34 -7.78
C PRO F 85 35.28 -15.63 -8.97
N LEU F 86 35.54 -14.67 -9.88
CA LEU F 86 36.45 -14.90 -11.04
C LEU F 86 37.86 -15.19 -10.50
N LEU F 87 38.30 -14.43 -9.50
CA LEU F 87 39.65 -14.61 -8.87
C LEU F 87 39.67 -15.91 -8.03
N ASP F 88 38.66 -16.12 -7.18
CA ASP F 88 38.53 -17.34 -6.33
C ASP F 88 38.57 -18.61 -7.18
N GLU F 89 37.93 -18.61 -8.37
CA GLU F 89 37.85 -19.80 -9.25
C GLU F 89 39.04 -19.86 -10.21
N LEU F 90 39.99 -18.95 -10.09
CA LEU F 90 41.25 -18.97 -10.89
C LEU F 90 40.89 -19.00 -12.39
N VAL F 91 39.91 -18.20 -12.79
CA VAL F 91 39.51 -18.11 -14.22
C VAL F 91 40.68 -17.53 -15.00
N ASP F 92 41.01 -18.13 -16.15
CA ASP F 92 42.08 -17.66 -17.05
C ASP F 92 41.49 -16.72 -18.10
N VAL F 93 40.33 -17.08 -18.64
CA VAL F 93 39.62 -16.39 -19.76
C VAL F 93 38.14 -16.41 -19.45
N ALA F 94 37.39 -15.38 -19.85
CA ALA F 94 35.94 -15.28 -19.60
C ALA F 94 35.21 -15.20 -20.94
N VAL F 95 34.14 -15.99 -21.06
CA VAL F 95 33.19 -15.93 -22.20
C VAL F 95 31.88 -15.32 -21.72
N VAL F 96 31.41 -14.30 -22.45
CA VAL F 96 30.04 -13.74 -22.31
C VAL F 96 29.32 -13.92 -23.65
N GLN F 97 28.00 -13.94 -23.61
CA GLN F 97 27.16 -14.24 -24.80
C GLN F 97 26.15 -13.11 -25.02
N GLY F 98 25.92 -12.74 -26.27
CA GLY F 98 24.73 -11.96 -26.64
C GLY F 98 24.86 -10.49 -26.27
N ASP F 99 23.78 -9.91 -25.76
CA ASP F 99 23.60 -8.44 -25.70
C ASP F 99 23.17 -8.02 -24.29
N THR F 100 23.24 -8.88 -23.30
CA THR F 100 22.67 -8.59 -21.95
C THR F 100 23.58 -7.60 -21.20
N SER F 101 23.00 -6.92 -20.22
CA SER F 101 23.74 -6.05 -19.27
C SER F 101 24.67 -6.91 -18.42
N THR F 102 24.33 -8.18 -18.17
CA THR F 102 25.24 -9.15 -17.55
C THR F 102 26.48 -9.32 -18.42
N ALA F 103 26.30 -9.57 -19.72
CA ALA F 103 27.43 -9.79 -20.63
C ALA F 103 28.34 -8.57 -20.57
N PHE F 104 27.78 -7.36 -20.60
CA PHE F 104 28.60 -6.13 -20.63
C PHE F 104 29.31 -5.97 -19.27
N ALA F 105 28.56 -5.95 -18.18
CA ALA F 105 29.11 -5.70 -16.82
C ALA F 105 30.12 -6.78 -16.46
N ALA F 106 29.88 -8.04 -16.83
CA ALA F 106 30.82 -9.15 -16.57
C ALA F 106 32.09 -8.99 -17.40
N ALA F 107 31.96 -8.59 -18.67
CA ALA F 107 33.14 -8.37 -19.51
C ALA F 107 33.99 -7.27 -18.86
N TYR F 108 33.36 -6.22 -18.34
CA TYR F 108 34.09 -5.08 -17.74
C TYR F 108 34.77 -5.56 -16.45
N ALA F 109 34.04 -6.31 -15.62
CA ALA F 109 34.57 -6.85 -14.34
C ALA F 109 35.78 -7.73 -14.66
N ALA F 110 35.71 -8.55 -15.72
CA ALA F 110 36.82 -9.42 -16.13
C ALA F 110 38.02 -8.58 -16.57
N ALA F 111 37.76 -7.54 -17.39
CA ALA F 111 38.82 -6.63 -17.87
C ALA F 111 39.53 -5.98 -16.68
N CYS F 112 38.80 -5.61 -15.63
CA CYS F 112 39.36 -4.95 -14.43
C CYS F 112 40.40 -5.85 -13.76
N GLU F 113 40.25 -7.18 -13.86
CA GLU F 113 41.16 -8.19 -13.28
C GLU F 113 42.15 -8.68 -14.35
N ARG F 114 42.22 -8.02 -15.50
CA ARG F 114 43.09 -8.39 -16.64
C ARG F 114 42.82 -9.86 -17.05
N ILE F 115 41.57 -10.29 -16.96
CA ILE F 115 41.11 -11.59 -17.53
C ILE F 115 40.65 -11.33 -18.96
N PRO F 116 41.30 -11.93 -19.98
CA PRO F 116 40.85 -11.76 -21.37
C PRO F 116 39.41 -12.25 -21.58
N VAL F 117 38.69 -11.59 -22.48
CA VAL F 117 37.25 -11.88 -22.73
C VAL F 117 37.06 -12.36 -24.18
N ALA F 118 36.21 -13.37 -24.34
CA ALA F 118 35.69 -13.82 -25.65
C ALA F 118 34.18 -13.58 -25.68
N HIS F 119 33.66 -13.09 -26.80
CA HIS F 119 32.22 -12.81 -26.98
C HIS F 119 31.60 -13.85 -27.91
N LEU F 120 30.70 -14.65 -27.38
CA LEU F 120 29.91 -15.63 -28.15
C LEU F 120 28.72 -14.89 -28.80
N GLU F 121 28.54 -15.09 -30.11
CA GLU F 121 27.49 -14.46 -30.94
C GLU F 121 27.76 -12.95 -31.02
N ALA F 122 28.88 -12.62 -31.65
CA ALA F 122 29.40 -11.24 -31.80
C ALA F 122 28.98 -10.69 -33.17
N GLY F 123 28.66 -9.40 -33.22
CA GLY F 123 28.55 -8.61 -34.46
C GLY F 123 27.13 -8.43 -34.97
N LEU F 124 26.10 -8.82 -34.21
CA LEU F 124 24.70 -8.58 -34.66
C LEU F 124 24.39 -7.09 -34.48
N ARG F 125 23.84 -6.45 -35.53
CA ARG F 125 23.55 -5.00 -35.56
C ARG F 125 22.22 -4.75 -36.28
N THR F 126 21.42 -3.80 -35.81
CA THR F 126 20.26 -3.25 -36.55
C THR F 126 20.72 -2.02 -37.31
N GLY F 127 21.66 -1.27 -36.74
CA GLY F 127 22.04 0.09 -37.20
C GLY F 127 21.14 1.17 -36.64
N ASP F 128 20.28 0.86 -35.66
CA ASP F 128 19.40 1.85 -34.96
C ASP F 128 19.97 2.09 -33.55
N ARG F 129 20.60 3.25 -33.37
CA ARG F 129 21.34 3.63 -32.14
C ARG F 129 20.41 3.56 -30.91
N PHE F 130 20.81 2.79 -29.89
CA PHE F 130 20.13 2.69 -28.57
C PHE F 130 18.74 2.05 -28.74
N GLU F 131 18.54 1.29 -29.81
CA GLU F 131 17.26 0.58 -30.10
C GLU F 131 17.54 -0.89 -30.35
N PRO F 132 17.16 -1.82 -29.44
CA PRO F 132 16.61 -1.46 -28.12
C PRO F 132 17.71 -0.99 -27.14
N PHE F 133 17.29 -0.38 -26.03
CA PHE F 133 18.19 0.08 -24.95
C PHE F 133 17.97 -0.82 -23.76
N PRO F 134 19.03 -1.35 -23.11
CA PRO F 134 20.42 -1.09 -23.48
C PRO F 134 21.14 -2.08 -24.42
N GLU F 135 20.42 -3.01 -25.04
CA GLU F 135 21.04 -4.19 -25.74
C GLU F 135 21.97 -3.73 -26.86
N GLU F 136 21.57 -2.73 -27.64
CA GLU F 136 22.33 -2.28 -28.84
C GLU F 136 23.66 -1.68 -28.36
N ILE F 137 23.65 -0.88 -27.29
CA ILE F 137 24.91 -0.29 -26.76
C ILE F 137 25.74 -1.38 -26.07
N ASN F 138 25.11 -2.33 -25.39
CA ASN F 138 25.83 -3.44 -24.73
C ASN F 138 26.74 -4.15 -25.74
N ARG F 139 26.22 -4.49 -26.91
CA ARG F 139 26.99 -5.21 -27.99
C ARG F 139 28.23 -4.38 -28.35
N ARG F 140 28.08 -3.05 -28.48
CA ARG F 140 29.16 -2.19 -28.96
C ARG F 140 30.22 -2.03 -27.86
N LEU F 141 29.81 -2.02 -26.60
CA LEU F 141 30.74 -1.99 -25.43
C LEU F 141 31.48 -3.33 -25.31
N ILE F 142 30.77 -4.44 -25.35
CA ILE F 142 31.39 -5.79 -25.29
C ILE F 142 32.40 -5.91 -26.44
N THR F 143 32.04 -5.41 -27.62
CA THR F 143 32.90 -5.49 -28.83
C THR F 143 34.26 -4.84 -28.54
N GLN F 144 34.30 -3.70 -27.84
CA GLN F 144 35.58 -3.03 -27.51
C GLN F 144 36.31 -3.81 -26.41
N LEU F 145 35.61 -4.46 -25.48
CA LEU F 145 36.27 -5.15 -24.34
C LEU F 145 36.83 -6.51 -24.75
N ALA F 146 36.20 -7.21 -25.69
CA ALA F 146 36.51 -8.62 -26.02
C ALA F 146 37.80 -8.70 -26.84
N ASP F 147 38.68 -9.64 -26.50
CA ASP F 147 39.90 -9.98 -27.29
C ASP F 147 39.50 -10.84 -28.49
N LEU F 148 38.48 -11.66 -28.34
CA LEU F 148 38.10 -12.70 -29.34
C LEU F 148 36.59 -12.64 -29.57
N HIS F 149 36.15 -12.76 -30.82
CA HIS F 149 34.74 -12.58 -31.23
C HIS F 149 34.31 -13.78 -32.07
N PHE F 150 33.27 -14.49 -31.62
CA PHE F 150 32.67 -15.65 -32.31
C PHE F 150 31.41 -15.15 -33.04
N ALA F 151 31.57 -14.81 -34.30
CA ALA F 151 30.50 -14.27 -35.17
C ALA F 151 29.73 -15.45 -35.75
N PRO F 152 28.38 -15.38 -35.75
CA PRO F 152 27.58 -16.45 -36.32
C PRO F 152 27.58 -16.48 -37.84
N THR F 153 27.85 -15.35 -38.48
CA THR F 153 27.74 -15.16 -39.95
C THR F 153 28.85 -14.24 -40.43
N ALA F 154 29.12 -14.28 -41.74
CA ALA F 154 30.08 -13.38 -42.40
C ALA F 154 29.56 -11.94 -42.29
N ASP F 155 28.25 -11.72 -42.39
CA ASP F 155 27.66 -10.38 -42.20
C ASP F 155 28.04 -9.80 -40.81
N ALA F 156 27.90 -10.60 -39.76
CA ALA F 156 28.21 -10.18 -38.36
C ALA F 156 29.70 -9.88 -38.23
N ALA F 157 30.55 -10.70 -38.85
CA ALA F 157 32.02 -10.47 -38.87
C ALA F 157 32.32 -9.13 -39.53
N GLY F 158 31.65 -8.81 -40.64
CA GLY F 158 31.78 -7.50 -41.30
C GLY F 158 31.44 -6.34 -40.37
N ASN F 159 30.38 -6.47 -39.58
CA ASN F 159 29.97 -5.40 -38.62
C ASN F 159 31.09 -5.18 -37.59
N LEU F 160 31.75 -6.25 -37.14
CA LEU F 160 32.86 -6.13 -36.16
C LEU F 160 34.03 -5.35 -36.76
N LEU F 161 34.46 -5.66 -38.00
CA LEU F 161 35.58 -4.95 -38.67
C LEU F 161 35.25 -3.46 -38.78
N ALA F 162 33.99 -3.09 -39.03
CA ALA F 162 33.57 -1.67 -39.20
C ALA F 162 33.66 -0.94 -37.85
N GLU F 163 33.81 -1.66 -36.74
CA GLU F 163 33.99 -1.01 -35.40
C GLU F 163 35.44 -1.14 -34.96
N GLY F 164 36.35 -1.47 -35.89
CA GLY F 164 37.80 -1.37 -35.70
C GLY F 164 38.38 -2.63 -35.10
N VAL F 165 37.60 -3.71 -35.05
CA VAL F 165 38.14 -5.02 -34.58
C VAL F 165 39.12 -5.54 -35.66
N ARG F 166 40.29 -5.99 -35.24
CA ARG F 166 41.29 -6.60 -36.16
C ARG F 166 40.75 -7.96 -36.65
N SER F 167 40.94 -8.25 -37.93
CA SER F 167 40.47 -9.48 -38.61
C SER F 167 40.92 -10.74 -37.86
N ASP F 168 42.13 -10.74 -37.29
CA ASP F 168 42.68 -11.94 -36.57
C ASP F 168 41.89 -12.23 -35.30
N ASP F 169 41.09 -11.28 -34.79
CA ASP F 169 40.34 -11.44 -33.52
C ASP F 169 38.91 -11.92 -33.80
N VAL F 170 38.55 -12.07 -35.08
CA VAL F 170 37.17 -12.43 -35.49
C VAL F 170 37.17 -13.82 -36.12
N TYR F 171 36.36 -14.73 -35.60
CA TYR F 171 36.13 -16.06 -36.21
C TYR F 171 34.64 -16.22 -36.51
N VAL F 172 34.28 -16.57 -37.74
CA VAL F 172 32.90 -17.00 -38.11
C VAL F 172 32.72 -18.45 -37.67
N THR F 173 32.10 -18.66 -36.52
CA THR F 173 31.91 -19.98 -35.88
C THR F 173 30.55 -20.56 -36.26
N GLY F 174 29.65 -19.71 -36.76
CA GLY F 174 28.20 -20.01 -36.74
C GLY F 174 27.61 -19.83 -35.34
N ASN F 175 26.31 -20.06 -35.21
CA ASN F 175 25.55 -19.84 -33.95
C ASN F 175 25.42 -21.15 -33.20
N THR F 176 25.76 -21.17 -31.92
CA THR F 176 25.67 -22.35 -31.05
C THR F 176 24.21 -22.75 -30.82
N VAL F 177 23.24 -21.88 -31.14
CA VAL F 177 21.81 -22.25 -30.97
C VAL F 177 21.49 -23.44 -31.89
N ILE F 178 22.13 -23.52 -33.06
CA ILE F 178 21.92 -24.69 -33.97
C ILE F 178 22.46 -25.94 -33.27
N ASP F 179 23.66 -25.89 -32.66
CA ASP F 179 24.20 -27.00 -31.85
C ASP F 179 23.16 -27.39 -30.79
N ALA F 180 22.59 -26.41 -30.09
CA ALA F 180 21.67 -26.66 -28.95
C ALA F 180 20.41 -27.38 -29.46
N MET F 181 19.84 -26.90 -30.56
CA MET F 181 18.64 -27.52 -31.18
C MET F 181 18.92 -29.01 -31.44
N HIS F 182 20.05 -29.30 -32.06
CA HIS F 182 20.42 -30.67 -32.50
C HIS F 182 20.53 -31.58 -31.26
N LEU F 183 21.01 -31.03 -30.14
CA LEU F 183 21.17 -31.80 -28.88
C LEU F 183 19.80 -32.26 -28.35
N VAL F 184 18.75 -31.46 -28.51
CA VAL F 184 17.42 -31.82 -27.94
C VAL F 184 16.58 -32.57 -28.98
N LEU F 185 16.79 -32.34 -30.28
CA LEU F 185 16.15 -33.16 -31.35
C LEU F 185 16.61 -34.63 -31.22
N ASP F 186 17.82 -34.87 -30.74
CA ASP F 186 18.32 -36.23 -30.39
C ASP F 186 18.10 -36.42 -28.88
N ARG F 194 2.43 -33.85 -24.14
CA ARG F 194 1.23 -34.73 -23.99
C ARG F 194 -0.06 -33.91 -24.04
N GLU F 195 -0.18 -32.84 -23.24
CA GLU F 195 -1.28 -31.84 -23.41
C GLU F 195 -1.07 -31.10 -24.74
N LEU F 196 0.19 -30.79 -25.08
CA LEU F 196 0.54 -30.07 -26.34
C LEU F 196 0.18 -30.96 -27.53
N ASP F 197 0.56 -32.25 -27.48
CA ASP F 197 0.25 -33.27 -28.52
C ASP F 197 -1.26 -33.34 -28.75
N ALA F 198 -2.05 -33.54 -27.69
CA ALA F 198 -3.54 -33.61 -27.75
C ALA F 198 -4.10 -32.35 -28.43
N PHE F 199 -3.51 -31.17 -28.16
CA PHE F 199 -4.05 -29.89 -28.68
C PHE F 199 -3.68 -29.69 -30.15
N THR F 200 -2.50 -30.13 -30.58
CA THR F 200 -1.97 -29.85 -31.94
C THR F 200 -2.25 -31.00 -32.92
N GLU F 201 -2.44 -32.23 -32.45
CA GLU F 201 -2.44 -33.50 -33.27
C GLU F 201 -2.96 -33.33 -34.71
N GLY F 202 -4.26 -33.11 -34.93
CA GLY F 202 -4.83 -33.15 -36.28
C GLY F 202 -4.77 -31.80 -36.98
N ARG F 203 -4.06 -30.79 -36.46
CA ARG F 203 -4.42 -29.36 -36.77
C ARG F 203 -3.21 -28.59 -37.26
N GLN F 204 -3.46 -27.59 -38.11
CA GLN F 204 -2.47 -26.55 -38.46
C GLN F 204 -2.28 -25.65 -37.23
N THR F 205 -1.08 -25.66 -36.65
CA THR F 205 -0.73 -24.91 -35.41
C THR F 205 0.30 -23.84 -35.74
N VAL F 206 -0.04 -22.58 -35.47
CA VAL F 206 0.92 -21.43 -35.46
C VAL F 206 1.55 -21.36 -34.05
N LEU F 207 2.89 -21.34 -33.99
CA LEU F 207 3.66 -21.08 -32.73
C LEU F 207 3.95 -19.58 -32.65
N LEU F 208 3.57 -18.93 -31.55
CA LEU F 208 3.81 -17.45 -31.37
C LEU F 208 4.53 -17.22 -30.04
N THR F 209 5.67 -16.53 -30.07
CA THR F 209 6.32 -15.95 -28.86
C THR F 209 6.53 -14.46 -29.08
N MET F 210 6.30 -13.68 -28.05
CA MET F 210 6.49 -12.22 -28.10
C MET F 210 6.81 -11.72 -26.68
N HIS F 211 7.93 -11.00 -26.52
CA HIS F 211 8.44 -10.61 -25.17
C HIS F 211 9.05 -9.20 -25.13
N ARG F 212 9.34 -8.54 -26.25
CA ARG F 212 10.21 -7.33 -26.20
C ARG F 212 9.50 -6.17 -25.50
N ARG F 213 10.22 -5.54 -24.58
CA ARG F 213 9.74 -4.44 -23.69
C ARG F 213 9.15 -3.33 -24.56
N GLU F 214 9.78 -3.00 -25.69
CA GLU F 214 9.32 -1.90 -26.58
C GLU F 214 7.93 -2.21 -27.17
N SER F 215 7.44 -3.45 -27.08
CA SER F 215 6.12 -3.86 -27.63
C SER F 215 5.08 -4.08 -26.54
N TRP F 216 5.45 -3.95 -25.26
CA TRP F 216 4.52 -4.14 -24.12
C TRP F 216 3.30 -3.24 -24.24
N GLY F 217 2.14 -3.74 -23.80
CA GLY F 217 0.86 -3.01 -23.83
C GLY F 217 0.24 -3.01 -25.21
N ILE F 218 0.13 -1.84 -25.84
CA ILE F 218 -0.73 -1.63 -27.04
C ILE F 218 -0.22 -2.49 -28.21
N PRO F 219 1.09 -2.46 -28.58
CA PRO F 219 1.55 -3.28 -29.71
C PRO F 219 1.27 -4.78 -29.53
N MET F 220 1.49 -5.33 -28.34
CA MET F 220 1.16 -6.75 -28.07
C MET F 220 -0.36 -6.96 -28.18
N GLY F 221 -1.15 -5.99 -27.73
CA GLY F 221 -2.62 -6.02 -27.89
C GLY F 221 -3.02 -6.13 -29.35
N ARG F 222 -2.36 -5.41 -30.24
CA ARG F 222 -2.63 -5.49 -31.71
C ARG F 222 -2.30 -6.89 -32.22
N VAL F 223 -1.20 -7.48 -31.75
CA VAL F 223 -0.79 -8.84 -32.19
C VAL F 223 -1.85 -9.83 -31.71
N ALA F 224 -2.30 -9.70 -30.46
CA ALA F 224 -3.37 -10.56 -29.88
C ALA F 224 -4.67 -10.41 -30.70
N ALA F 225 -5.02 -9.20 -31.12
CA ALA F 225 -6.22 -8.93 -31.97
C ALA F 225 -6.06 -9.66 -33.31
N ALA F 226 -4.86 -9.62 -33.92
CA ALA F 226 -4.56 -10.34 -35.18
C ALA F 226 -4.80 -11.84 -34.98
N VAL F 227 -4.36 -12.38 -33.84
CA VAL F 227 -4.56 -13.83 -33.52
C VAL F 227 -6.06 -14.11 -33.45
N ALA F 228 -6.82 -13.27 -32.75
CA ALA F 228 -8.28 -13.41 -32.55
C ALA F 228 -8.96 -13.44 -33.92
N GLU F 229 -8.64 -12.46 -34.78
CA GLU F 229 -9.23 -12.34 -36.14
C GLU F 229 -8.93 -13.61 -36.97
N LEU F 230 -7.67 -14.06 -37.01
CA LEU F 230 -7.29 -15.28 -37.75
C LEU F 230 -8.10 -16.49 -37.24
N CYS F 231 -8.28 -16.59 -35.91
CA CYS F 231 -9.01 -17.71 -35.28
C CYS F 231 -10.49 -17.68 -35.71
N ARG F 232 -11.12 -16.50 -35.71
CA ARG F 232 -12.56 -16.32 -36.08
C ARG F 232 -12.74 -16.75 -37.54
N SER F 233 -11.85 -16.29 -38.43
CA SER F 233 -11.92 -16.51 -39.90
C SER F 233 -11.55 -17.95 -40.27
N ARG F 234 -10.81 -18.68 -39.43
CA ARG F 234 -10.26 -20.02 -39.79
C ARG F 234 -10.46 -20.99 -38.63
N PRO F 235 -11.69 -21.54 -38.50
CA PRO F 235 -12.03 -22.43 -37.38
C PRO F 235 -11.10 -23.63 -37.17
N THR F 236 -10.36 -24.04 -38.19
CA THR F 236 -9.44 -25.22 -38.16
C THR F 236 -8.05 -24.81 -37.63
N LEU F 237 -7.74 -23.51 -37.62
CA LEU F 237 -6.41 -22.99 -37.21
C LEU F 237 -6.27 -23.09 -35.68
N ARG F 238 -5.10 -23.48 -35.19
CA ARG F 238 -4.72 -23.43 -33.75
C ARG F 238 -3.49 -22.53 -33.57
N PHE F 239 -3.37 -21.93 -32.38
CA PHE F 239 -2.19 -21.20 -31.90
C PHE F 239 -1.74 -21.78 -30.58
N VAL F 240 -0.43 -21.96 -30.42
CA VAL F 240 0.24 -22.20 -29.11
C VAL F 240 1.09 -20.97 -28.81
N ILE F 241 0.87 -20.35 -27.66
CA ILE F 241 1.56 -19.11 -27.22
C ILE F 241 2.15 -19.36 -25.83
N PRO F 242 3.42 -19.82 -25.76
CA PRO F 242 4.17 -19.86 -24.51
C PRO F 242 4.43 -18.40 -24.11
N LEU F 243 4.07 -18.02 -22.89
CA LEU F 243 4.10 -16.59 -22.47
C LEU F 243 5.42 -16.32 -21.75
N HIS F 244 6.10 -15.25 -22.12
CA HIS F 244 7.27 -14.69 -21.38
C HIS F 244 6.85 -14.46 -19.92
N PRO F 245 7.71 -14.82 -18.92
CA PRO F 245 7.35 -14.65 -17.52
C PRO F 245 7.44 -13.18 -17.07
N ASN F 246 6.50 -12.36 -17.54
CA ASN F 246 6.29 -10.97 -17.12
C ASN F 246 4.79 -10.79 -16.95
N PRO F 247 4.30 -10.24 -15.81
CA PRO F 247 2.87 -10.20 -15.54
C PRO F 247 2.10 -9.35 -16.57
N GLU F 248 2.74 -8.32 -17.11
CA GLU F 248 2.10 -7.39 -18.08
C GLU F 248 1.90 -8.12 -19.42
N VAL F 249 2.88 -8.91 -19.85
CA VAL F 249 2.80 -9.74 -21.08
C VAL F 249 1.68 -10.77 -20.91
N ARG F 250 1.66 -11.50 -19.80
CA ARG F 250 0.62 -12.51 -19.51
C ARG F 250 -0.76 -11.85 -19.54
N ARG F 251 -0.89 -10.68 -18.93
CA ARG F 251 -2.21 -9.98 -18.80
C ARG F 251 -2.74 -9.62 -20.19
N VAL F 252 -1.90 -9.09 -21.09
CA VAL F 252 -2.37 -8.65 -22.43
C VAL F 252 -2.87 -9.87 -23.21
N PHE F 253 -2.11 -10.96 -23.27
CA PHE F 253 -2.53 -12.16 -24.04
C PHE F 253 -3.77 -12.78 -23.38
N ARG F 254 -3.78 -12.91 -22.05
CA ARG F 254 -4.86 -13.58 -21.29
C ARG F 254 -6.17 -12.82 -21.51
N SER F 255 -6.14 -11.48 -21.42
CA SER F 255 -7.35 -10.63 -21.49
C SER F 255 -7.90 -10.60 -22.93
N HIS F 256 -7.07 -10.85 -23.94
CA HIS F 256 -7.50 -10.87 -25.37
C HIS F 256 -7.89 -12.27 -25.83
N LEU F 257 -7.35 -13.35 -25.25
CA LEU F 257 -7.39 -14.70 -25.91
C LEU F 257 -7.85 -15.84 -24.99
N SER F 258 -8.01 -15.64 -23.68
CA SER F 258 -8.20 -16.77 -22.72
C SER F 258 -9.50 -17.54 -23.00
N SER F 259 -10.52 -16.97 -23.66
CA SER F 259 -11.80 -17.66 -23.97
C SER F 259 -11.73 -18.43 -25.31
N LEU F 260 -10.72 -18.17 -26.14
CA LEU F 260 -10.64 -18.76 -27.51
C LEU F 260 -10.12 -20.19 -27.41
N THR F 261 -10.98 -21.15 -27.73
CA THR F 261 -10.67 -22.61 -27.66
C THR F 261 -9.52 -22.96 -28.61
N GLN F 262 -9.34 -22.16 -29.67
CA GLN F 262 -8.31 -22.37 -30.73
C GLN F 262 -6.92 -21.90 -30.27
N VAL F 263 -6.81 -21.18 -29.14
CA VAL F 263 -5.51 -20.68 -28.59
C VAL F 263 -5.18 -21.45 -27.33
N LEU F 264 -4.01 -22.08 -27.28
CA LEU F 264 -3.45 -22.62 -26.01
C LEU F 264 -2.39 -21.64 -25.51
N LEU F 265 -2.73 -20.82 -24.52
CA LEU F 265 -1.77 -20.00 -23.75
C LEU F 265 -0.99 -20.95 -22.83
N CYS F 266 0.33 -20.89 -22.84
CA CYS F 266 1.21 -21.81 -22.09
C CYS F 266 2.12 -21.05 -21.13
N GLU F 267 2.53 -21.73 -20.06
CA GLU F 267 3.74 -21.39 -19.29
C GLU F 267 4.93 -21.57 -20.23
N PRO F 268 6.07 -20.89 -19.95
CA PRO F 268 7.31 -21.15 -20.69
C PRO F 268 7.56 -22.66 -20.78
N LEU F 269 7.95 -23.14 -21.94
CA LEU F 269 8.19 -24.59 -22.18
C LEU F 269 9.69 -24.89 -21.99
N ARG F 270 10.00 -26.06 -21.46
CA ARG F 270 11.38 -26.61 -21.44
C ARG F 270 11.86 -26.64 -22.89
N TYR F 271 13.16 -26.39 -23.12
CA TYR F 271 13.72 -26.14 -24.46
C TYR F 271 13.43 -27.32 -25.40
N SER F 272 13.58 -28.54 -24.91
CA SER F 272 13.33 -29.80 -25.66
C SER F 272 11.87 -29.82 -26.17
N GLU F 273 10.91 -29.48 -25.31
CA GLU F 273 9.46 -29.48 -25.63
C GLU F 273 9.16 -28.34 -26.59
N PHE F 274 9.84 -27.20 -26.42
CA PHE F 274 9.63 -26.00 -27.27
C PHE F 274 10.09 -26.32 -28.70
N ILE F 275 11.25 -26.94 -28.85
CA ILE F 275 11.81 -27.30 -30.19
C ILE F 275 10.90 -28.36 -30.85
N ARG F 276 10.41 -29.35 -30.08
CA ARG F 276 9.49 -30.38 -30.64
C ARG F 276 8.22 -29.68 -31.16
N LEU F 277 7.65 -28.75 -30.38
CA LEU F 277 6.44 -27.99 -30.79
C LEU F 277 6.73 -27.21 -32.07
N MET F 278 7.89 -26.57 -32.16
CA MET F 278 8.26 -25.73 -33.32
C MET F 278 8.33 -26.62 -34.56
N HIS F 279 8.86 -27.84 -34.42
CA HIS F 279 8.94 -28.84 -35.52
C HIS F 279 7.54 -29.22 -36.05
N ARG F 280 6.54 -29.26 -35.18
CA ARG F 280 5.14 -29.65 -35.50
C ARG F 280 4.36 -28.45 -36.06
N ALA F 281 4.79 -27.21 -35.78
CA ALA F 281 4.07 -25.98 -36.16
C ALA F 281 4.12 -25.81 -37.67
N VAL F 282 3.11 -25.17 -38.25
CA VAL F 282 3.09 -24.89 -39.71
C VAL F 282 3.89 -23.61 -39.95
N LEU F 283 3.81 -22.64 -39.03
CA LEU F 283 4.68 -21.45 -39.12
C LEU F 283 4.84 -20.79 -37.74
N VAL F 284 5.76 -19.84 -37.65
CA VAL F 284 6.19 -19.25 -36.36
C VAL F 284 6.10 -17.73 -36.50
N LEU F 285 5.45 -17.10 -35.54
CA LEU F 285 5.41 -15.62 -35.37
C LEU F 285 6.19 -15.32 -34.09
N THR F 286 7.19 -14.44 -34.14
CA THR F 286 8.07 -14.23 -32.98
C THR F 286 8.71 -12.85 -33.04
N ASP F 287 9.09 -12.33 -31.88
CA ASP F 287 10.08 -11.23 -31.82
C ASP F 287 11.37 -11.74 -31.17
N SER F 288 11.49 -13.05 -30.96
CA SER F 288 12.68 -13.69 -30.36
C SER F 288 13.83 -13.74 -31.39
N GLY F 289 15.05 -13.36 -30.97
CA GLY F 289 16.27 -13.54 -31.76
C GLY F 289 16.55 -15.01 -32.07
N GLY F 290 16.56 -15.84 -31.04
CA GLY F 290 16.87 -17.29 -31.13
C GLY F 290 15.87 -18.02 -32.03
N VAL F 291 14.58 -17.70 -31.92
CA VAL F 291 13.53 -18.40 -32.69
C VAL F 291 13.70 -18.05 -34.17
N GLN F 292 14.16 -16.83 -34.49
CA GLN F 292 14.47 -16.46 -35.89
C GLN F 292 15.57 -17.34 -36.48
N GLU F 293 16.43 -17.92 -35.63
CA GLU F 293 17.55 -18.79 -36.05
C GLU F 293 17.06 -20.24 -36.05
N GLU F 294 16.25 -20.63 -35.06
CA GLU F 294 15.82 -22.03 -34.89
C GLU F 294 14.80 -22.40 -35.97
N ALA F 295 13.80 -21.56 -36.20
CA ALA F 295 12.62 -21.91 -37.02
C ALA F 295 13.05 -22.22 -38.47
N PRO F 296 13.86 -21.37 -39.15
CA PRO F 296 14.30 -21.66 -40.51
C PRO F 296 15.08 -22.99 -40.62
N THR F 297 15.81 -23.35 -39.56
CA THR F 297 16.60 -24.60 -39.51
C THR F 297 15.63 -25.80 -39.51
N LEU F 298 14.39 -25.64 -39.02
CA LEU F 298 13.36 -26.72 -39.07
C LEU F 298 12.45 -26.55 -40.30
N GLY F 299 12.81 -25.64 -41.22
CA GLY F 299 12.04 -25.38 -42.45
C GLY F 299 10.70 -24.71 -42.15
N LYS F 300 10.60 -23.92 -41.07
CA LYS F 300 9.35 -23.20 -40.75
C LYS F 300 9.47 -21.74 -41.13
N PRO F 301 8.59 -21.24 -42.01
CA PRO F 301 8.56 -19.82 -42.32
C PRO F 301 8.37 -19.03 -41.02
N VAL F 302 9.06 -17.90 -40.90
CA VAL F 302 9.03 -17.01 -39.71
C VAL F 302 8.49 -15.66 -40.11
N LEU F 303 7.48 -15.17 -39.38
CA LEU F 303 7.04 -13.77 -39.48
C LEU F 303 7.51 -13.06 -38.21
N VAL F 304 8.28 -12.00 -38.38
CA VAL F 304 9.00 -11.35 -37.26
C VAL F 304 8.18 -10.15 -36.77
N LEU F 305 7.76 -10.21 -35.52
CA LEU F 305 6.86 -9.21 -34.89
C LEU F 305 7.70 -8.03 -34.37
N ARG F 306 8.48 -7.41 -35.26
CA ARG F 306 9.33 -6.23 -34.97
C ARG F 306 9.44 -5.37 -36.23
N ASP F 307 9.90 -4.13 -36.08
CA ASP F 307 10.15 -3.18 -37.19
C ASP F 307 11.62 -3.28 -37.65
N ARG F 308 12.43 -4.06 -36.94
CA ARG F 308 13.88 -4.23 -37.24
C ARG F 308 14.28 -5.65 -36.82
N THR F 309 15.37 -6.18 -37.35
CA THR F 309 15.96 -7.46 -36.90
C THR F 309 17.49 -7.37 -36.93
N GLU F 310 18.10 -8.10 -36.00
CA GLU F 310 19.55 -8.38 -35.96
C GLU F 310 19.85 -9.64 -36.77
N ARG F 311 18.85 -10.27 -37.39
CA ARG F 311 19.03 -11.45 -38.28
C ARG F 311 18.62 -11.10 -39.71
N PRO F 312 19.34 -10.18 -40.40
CA PRO F 312 19.01 -9.80 -41.77
C PRO F 312 19.22 -10.96 -42.77
N GLU F 313 20.05 -11.94 -42.40
CA GLU F 313 20.39 -13.09 -43.28
C GLU F 313 19.09 -13.83 -43.65
N GLY F 314 18.22 -14.09 -42.68
CA GLY F 314 16.94 -14.80 -42.90
C GLY F 314 15.99 -13.99 -43.78
N ILE F 315 16.03 -12.66 -43.64
CA ILE F 315 15.22 -11.73 -44.47
C ILE F 315 15.71 -11.84 -45.92
N ALA F 316 17.01 -11.66 -46.14
CA ALA F 316 17.64 -11.65 -47.49
C ALA F 316 17.42 -13.02 -48.18
N ALA F 317 17.46 -14.13 -47.44
CA ALA F 317 17.31 -15.49 -48.00
C ALA F 317 15.84 -15.88 -48.14
N GLY F 318 14.91 -15.04 -47.69
CA GLY F 318 13.44 -15.26 -47.82
C GLY F 318 12.85 -16.18 -46.76
N CYS F 319 13.65 -16.63 -45.78
CA CYS F 319 13.28 -17.53 -44.65
C CYS F 319 12.32 -16.82 -43.69
N ALA F 320 12.43 -15.50 -43.61
CA ALA F 320 11.77 -14.65 -42.59
C ALA F 320 11.31 -13.37 -43.25
N ARG F 321 10.23 -12.78 -42.75
CA ARG F 321 9.71 -11.46 -43.20
C ARG F 321 9.35 -10.63 -41.97
N LEU F 322 9.69 -9.35 -41.99
CA LEU F 322 9.26 -8.35 -40.98
C LEU F 322 7.77 -8.04 -41.18
N VAL F 323 7.02 -8.02 -40.10
CA VAL F 323 5.55 -7.88 -40.07
C VAL F 323 5.16 -6.85 -38.99
N GLY F 324 6.10 -6.50 -38.10
CA GLY F 324 5.88 -5.50 -37.04
C GLY F 324 4.74 -5.91 -36.15
N THR F 325 3.93 -4.94 -35.73
CA THR F 325 2.76 -5.17 -34.83
C THR F 325 1.51 -4.58 -35.49
N ASP F 326 1.48 -4.59 -36.82
CA ASP F 326 0.32 -4.17 -37.66
C ASP F 326 -0.62 -5.36 -37.83
N PRO F 327 -1.82 -5.33 -37.19
CA PRO F 327 -2.72 -6.49 -37.21
C PRO F 327 -3.21 -6.87 -38.63
N ALA F 328 -3.51 -5.90 -39.48
CA ALA F 328 -3.96 -6.13 -40.87
C ALA F 328 -2.85 -6.89 -41.64
N LEU F 329 -1.60 -6.44 -41.54
CA LEU F 329 -0.44 -7.08 -42.22
C LEU F 329 -0.24 -8.50 -41.68
N ILE F 330 -0.34 -8.71 -40.37
CA ILE F 330 -0.14 -10.05 -39.75
C ILE F 330 -1.22 -11.00 -40.29
N VAL F 331 -2.48 -10.57 -40.27
CA VAL F 331 -3.62 -11.39 -40.79
C VAL F 331 -3.33 -11.73 -42.26
N LYS F 332 -2.95 -10.73 -43.06
CA LYS F 332 -2.68 -10.89 -44.51
C LYS F 332 -1.54 -11.91 -44.71
N GLU F 333 -0.41 -11.69 -44.04
CA GLU F 333 0.83 -12.49 -44.26
C GLU F 333 0.61 -13.93 -43.78
N VAL F 334 -0.07 -14.14 -42.67
CA VAL F 334 -0.35 -15.53 -42.18
C VAL F 334 -1.28 -16.21 -43.18
N GLY F 335 -2.32 -15.49 -43.66
CA GLY F 335 -3.29 -15.97 -44.66
C GLY F 335 -2.62 -16.45 -45.93
N ARG F 336 -1.77 -15.59 -46.51
CA ARG F 336 -0.95 -15.90 -47.72
C ARG F 336 -0.25 -17.26 -47.54
N LEU F 337 0.38 -17.50 -46.38
CA LEU F 337 1.22 -18.71 -46.17
C LEU F 337 0.33 -19.94 -46.01
N LEU F 338 -0.84 -19.79 -45.39
CA LEU F 338 -1.75 -20.94 -45.14
C LEU F 338 -2.49 -21.32 -46.44
N ASP F 339 -2.76 -20.35 -47.31
CA ASP F 339 -3.70 -20.48 -48.47
C ASP F 339 -2.98 -20.79 -49.78
N ASP F 340 -1.75 -20.29 -49.93
CA ASP F 340 -0.95 -20.36 -51.19
C ASP F 340 0.30 -21.20 -50.96
N PRO F 341 0.31 -22.50 -51.33
CA PRO F 341 1.46 -23.37 -51.07
C PRO F 341 2.76 -22.92 -51.75
N GLU F 342 2.67 -22.08 -52.78
CA GLU F 342 3.85 -21.51 -53.51
C GLU F 342 4.51 -20.43 -52.64
N ALA F 343 3.72 -19.57 -51.99
CA ALA F 343 4.19 -18.54 -51.04
C ALA F 343 4.86 -19.23 -49.83
N TYR F 344 4.27 -20.33 -49.36
CA TYR F 344 4.78 -21.15 -48.23
C TYR F 344 6.16 -21.69 -48.61
N GLU F 345 6.26 -22.35 -49.78
CA GLU F 345 7.51 -23.00 -50.23
C GLU F 345 8.59 -21.96 -50.50
N ALA F 346 8.23 -20.75 -50.94
CA ALA F 346 9.20 -19.66 -51.18
C ALA F 346 9.92 -19.25 -49.87
N MET F 347 9.36 -19.57 -48.70
CA MET F 347 9.98 -19.21 -47.39
C MET F 347 10.76 -20.40 -46.80
N ARG F 348 10.81 -21.54 -47.52
CA ARG F 348 11.56 -22.74 -47.10
C ARG F 348 12.55 -23.18 -48.17
N ARG F 349 12.71 -22.44 -49.26
CA ARG F 349 13.55 -22.89 -50.42
C ARG F 349 14.88 -23.41 -49.88
N PRO F 350 15.35 -24.60 -50.32
CA PRO F 350 16.67 -25.09 -49.94
C PRO F 350 17.77 -24.29 -50.66
N GLY F 351 19.02 -24.49 -50.25
CA GLY F 351 20.23 -24.08 -50.99
C GLY F 351 21.06 -23.08 -50.22
N ILE F 352 20.62 -22.66 -49.02
CA ILE F 352 21.33 -21.64 -48.20
C ILE F 352 21.26 -22.07 -46.73
N VAL F 353 22.39 -21.99 -46.01
CA VAL F 353 22.43 -22.14 -44.53
C VAL F 353 22.81 -20.78 -43.93
N CYS F 354 21.94 -20.18 -43.14
CA CYS F 354 22.08 -18.75 -42.71
C CYS F 354 22.97 -18.63 -41.46
N TYR F 355 22.83 -19.53 -40.47
CA TYR F 355 23.31 -19.27 -39.10
C TYR F 355 24.29 -20.35 -38.62
N GLY F 356 24.73 -21.23 -39.53
CA GLY F 356 25.70 -22.32 -39.24
C GLY F 356 25.09 -23.70 -39.34
N GLU F 357 25.94 -24.74 -39.32
CA GLU F 357 25.54 -26.16 -39.52
C GLU F 357 25.48 -26.93 -38.21
N GLY F 358 25.70 -26.29 -37.06
CA GLY F 358 25.56 -26.98 -35.76
C GLY F 358 26.90 -27.49 -35.25
N ASP F 359 28.02 -26.96 -35.77
CA ASP F 359 29.39 -27.27 -35.27
C ASP F 359 30.05 -26.05 -34.63
N ALA F 360 29.25 -25.10 -34.13
CA ALA F 360 29.75 -23.78 -33.69
C ALA F 360 30.59 -23.96 -32.42
N ALA F 361 30.19 -24.86 -31.52
CA ALA F 361 30.93 -25.08 -30.25
C ALA F 361 32.36 -25.51 -30.57
N ALA F 362 32.53 -26.43 -31.52
CA ALA F 362 33.86 -26.99 -31.87
C ALA F 362 34.70 -25.87 -32.49
N ARG F 363 34.11 -25.01 -33.31
CA ARG F 363 34.85 -23.88 -33.94
C ARG F 363 35.25 -22.87 -32.86
N CYS F 364 34.40 -22.62 -31.86
CA CYS F 364 34.77 -21.75 -30.71
C CYS F 364 35.97 -22.38 -29.98
N LEU F 365 35.90 -23.68 -29.72
CA LEU F 365 36.96 -24.37 -28.92
C LEU F 365 38.31 -24.21 -29.62
N GLU F 366 38.33 -24.43 -30.94
CA GLU F 366 39.59 -24.39 -31.71
C GLU F 366 40.11 -22.94 -31.75
N ALA F 367 39.23 -21.93 -31.80
CA ALA F 367 39.66 -20.51 -31.72
C ALA F 367 40.28 -20.26 -30.33
N LEU F 368 39.68 -20.78 -29.27
CA LEU F 368 40.24 -20.59 -27.92
C LEU F 368 41.62 -21.23 -27.81
N ARG F 369 41.78 -22.45 -28.34
CA ARG F 369 43.07 -23.20 -28.27
C ARG F 369 44.13 -22.42 -29.04
N GLU F 370 43.80 -21.93 -30.23
CA GLU F 370 44.77 -21.17 -31.06
C GLU F 370 45.20 -19.90 -30.33
N ARG F 371 44.29 -19.21 -29.66
CA ARG F 371 44.61 -17.90 -29.05
C ARG F 371 45.33 -18.11 -27.70
N TRP F 372 44.84 -19.01 -26.84
CA TRP F 372 45.24 -19.03 -25.40
C TRP F 372 45.91 -20.35 -24.99
N LEU F 373 46.04 -21.33 -25.89
CA LEU F 373 46.74 -22.60 -25.58
C LEU F 373 47.80 -22.85 -26.65
N SER F 374 48.42 -21.78 -27.12
CA SER F 374 49.52 -21.78 -28.11
C SER F 374 50.59 -20.80 -27.63
N SER F 375 51.83 -20.97 -28.07
CA SER F 375 52.97 -20.05 -27.83
C SER F 375 53.72 -19.84 -29.15
N PRO F 376 54.26 -18.63 -29.41
CA PRO F 376 54.73 -18.27 -30.75
C PRO F 376 55.93 -19.09 -31.26
N SER G 1 42.70 25.28 39.81
CA SER G 1 43.53 24.05 39.49
C SER G 1 43.45 23.00 40.61
N HIS G 2 42.95 23.34 41.81
CA HIS G 2 42.69 22.34 42.89
C HIS G 2 41.69 21.30 42.37
N MET G 3 41.81 20.06 42.84
CA MET G 3 40.91 18.96 42.42
C MET G 3 39.49 19.32 42.88
N ALA G 4 38.52 19.26 41.97
CA ALA G 4 37.07 19.34 42.29
C ALA G 4 36.48 17.92 42.22
N LEU G 5 35.58 17.56 43.16
CA LEU G 5 34.73 16.35 43.01
C LEU G 5 33.81 16.57 41.80
N ARG G 6 33.98 15.77 40.75
CA ARG G 6 33.18 15.90 39.52
C ARG G 6 31.91 15.06 39.69
N VAL G 7 30.76 15.75 39.74
CA VAL G 7 29.45 15.13 40.11
C VAL G 7 28.63 15.07 38.84
N GLY G 8 28.45 13.88 38.31
CA GLY G 8 27.53 13.58 37.20
C GLY G 8 26.11 13.83 37.65
N ILE G 9 25.34 14.51 36.81
CA ILE G 9 23.91 14.86 37.04
C ILE G 9 23.17 14.32 35.83
N VAL G 10 22.36 13.28 35.99
CA VAL G 10 21.72 12.56 34.87
C VAL G 10 20.19 12.62 35.05
N TYR G 11 19.51 13.13 34.03
CA TYR G 11 18.04 13.31 34.02
C TYR G 11 17.54 13.38 32.59
N GLY G 12 16.25 13.17 32.41
CA GLY G 12 15.61 13.22 31.08
C GLY G 12 14.33 14.02 31.05
N THR G 13 13.81 14.50 32.20
CA THR G 13 12.44 15.06 32.29
C THR G 13 12.40 16.36 33.11
N ARG G 14 11.33 17.11 32.93
CA ARG G 14 11.06 18.40 33.60
C ARG G 14 11.11 18.23 35.12
N PRO G 15 10.35 17.31 35.76
CA PRO G 15 10.35 17.23 37.22
C PRO G 15 11.76 16.96 37.77
N GLU G 16 12.56 16.12 37.10
CA GLU G 16 13.96 15.82 37.49
C GLU G 16 14.79 17.12 37.40
N ALA G 17 14.70 17.83 36.29
CA ALA G 17 15.46 19.08 36.04
C ALA G 17 15.15 20.11 37.14
N ILE G 18 13.86 20.27 37.47
CA ILE G 18 13.41 21.24 38.50
C ILE G 18 14.03 20.86 39.84
N LYS G 19 14.00 19.59 40.20
CA LYS G 19 14.47 19.15 41.53
C LYS G 19 16.01 19.13 41.56
N LEU G 20 16.69 18.90 40.44
CA LEU G 20 18.17 18.86 40.40
C LEU G 20 18.75 20.28 40.28
N ALA G 21 17.99 21.24 39.76
CA ALA G 21 18.51 22.61 39.44
C ALA G 21 19.17 23.23 40.68
N PRO G 22 18.54 23.25 41.86
CA PRO G 22 19.16 23.85 43.04
C PRO G 22 20.47 23.16 43.45
N LEU G 23 20.55 21.83 43.26
CA LEU G 23 21.79 21.06 43.56
C LEU G 23 22.87 21.44 42.54
N VAL G 24 22.53 21.53 41.26
CA VAL G 24 23.49 21.96 40.21
C VAL G 24 24.03 23.34 40.57
N LEU G 25 23.15 24.29 40.91
CA LEU G 25 23.56 25.69 41.25
C LEU G 25 24.51 25.66 42.45
N ALA G 26 24.20 24.88 43.49
CA ALA G 26 25.04 24.80 44.70
C ALA G 26 26.40 24.19 44.34
N LEU G 27 26.41 23.13 43.52
CA LEU G 27 27.66 22.46 43.10
C LEU G 27 28.52 23.46 42.29
N ASP G 28 27.89 24.22 41.38
CA ASP G 28 28.58 25.21 40.51
C ASP G 28 29.23 26.28 41.40
N ALA G 29 28.50 26.85 42.37
CA ALA G 29 28.99 27.96 43.22
C ALA G 29 30.12 27.49 44.15
N ASP G 30 30.08 26.24 44.62
CA ASP G 30 31.06 25.75 45.61
C ASP G 30 32.34 25.37 44.85
N PRO G 31 33.51 25.85 45.31
CA PRO G 31 34.77 25.56 44.61
C PRO G 31 35.22 24.10 44.74
N GLY G 32 34.73 23.36 45.76
CA GLY G 32 35.09 21.94 45.97
C GLY G 32 34.44 20.98 44.97
N PHE G 33 33.50 21.45 44.12
CA PHE G 33 32.69 20.57 43.24
C PHE G 33 32.59 21.12 41.82
N GLU G 34 32.35 20.22 40.88
CA GLU G 34 32.04 20.58 39.49
C GLU G 34 30.88 19.69 39.04
N PRO G 35 29.67 20.27 38.78
CA PRO G 35 28.57 19.49 38.21
C PRO G 35 28.81 19.22 36.72
N VAL G 36 28.49 18.00 36.27
CA VAL G 36 28.59 17.57 34.86
C VAL G 36 27.23 16.99 34.48
N ILE G 37 26.47 17.70 33.67
CA ILE G 37 25.07 17.29 33.34
C ILE G 37 25.10 16.44 32.06
N ILE G 38 24.46 15.28 32.12
CA ILE G 38 24.18 14.38 30.96
C ILE G 38 22.67 14.14 30.94
N THR G 39 22.02 14.55 29.86
CA THR G 39 20.56 14.42 29.61
C THR G 39 20.33 13.19 28.76
N THR G 40 19.15 12.58 28.87
CA THR G 40 18.76 11.36 28.13
C THR G 40 17.55 11.64 27.27
N GLY G 41 16.92 12.81 27.44
CA GLY G 41 15.63 13.19 26.83
C GLY G 41 15.82 14.27 25.78
N MET G 46 10.51 21.79 26.44
CA MET G 46 10.17 21.87 27.89
C MET G 46 11.46 21.90 28.73
N LEU G 47 12.47 21.10 28.34
CA LEU G 47 13.72 20.90 29.13
C LEU G 47 14.69 22.06 28.88
N ASP G 48 14.84 22.50 27.62
CA ASP G 48 15.63 23.70 27.25
C ASP G 48 15.14 24.91 28.07
N GLU G 49 13.81 25.03 28.20
CA GLU G 49 13.14 26.14 28.91
C GLU G 49 13.55 26.13 30.39
N ILE G 50 13.57 24.96 31.04
CA ILE G 50 13.98 24.82 32.47
C ILE G 50 15.49 25.06 32.56
N ASN G 51 16.28 24.52 31.62
CA ASN G 51 17.76 24.71 31.58
C ASN G 51 18.05 26.22 31.47
N GLU G 52 17.37 26.94 30.59
CA GLU G 52 17.53 28.42 30.39
C GLU G 52 17.19 29.15 31.71
N LEU G 53 16.05 28.84 32.32
CA LEU G 53 15.54 29.55 33.51
C LEU G 53 16.55 29.44 34.67
N PHE G 54 17.10 28.26 34.93
CA PHE G 54 18.01 28.04 36.09
C PHE G 54 19.48 28.15 35.67
N GLY G 55 19.76 28.32 34.38
CA GLY G 55 21.14 28.42 33.85
C GLY G 55 21.89 27.09 33.94
N LEU G 56 21.21 25.99 33.63
CA LEU G 56 21.82 24.63 33.55
C LEU G 56 22.40 24.44 32.14
N ARG G 57 23.65 23.97 32.04
CA ARG G 57 24.35 23.77 30.75
C ARG G 57 24.78 22.30 30.63
N PRO G 58 23.96 21.44 29.97
CA PRO G 58 24.34 20.05 29.70
C PRO G 58 25.65 19.92 28.93
N ARG G 59 26.56 19.05 29.38
CA ARG G 59 27.80 18.67 28.65
C ARG G 59 27.46 17.70 27.51
N HIS G 60 26.46 16.83 27.70
CA HIS G 60 26.04 15.79 26.73
C HIS G 60 24.53 15.62 26.79
N ASN G 61 23.89 15.52 25.63
CA ASN G 61 22.53 14.98 25.40
C ASN G 61 22.67 13.65 24.67
N LEU G 62 22.37 12.53 25.33
CA LEU G 62 22.13 11.24 24.65
C LEU G 62 20.72 11.34 24.08
N ASP G 63 20.52 11.06 22.80
CA ASP G 63 19.20 11.26 22.16
C ASP G 63 18.47 9.91 22.20
N ILE G 64 18.24 9.37 23.41
CA ILE G 64 17.74 7.98 23.65
C ILE G 64 16.21 7.96 23.82
N MET G 65 15.64 8.82 24.66
CA MET G 65 14.18 8.77 25.00
C MET G 65 13.31 9.29 23.83
N GLN G 69 8.04 4.18 22.81
CA GLN G 69 9.33 3.41 22.84
C GLN G 69 9.22 2.29 23.88
N ARG G 70 9.69 1.08 23.55
CA ARG G 70 9.62 -0.07 24.49
C ARG G 70 10.57 0.21 25.67
N LEU G 71 10.14 -0.15 26.89
CA LEU G 71 10.97 0.09 28.10
C LEU G 71 12.32 -0.63 27.93
N SER G 72 12.30 -1.91 27.54
CA SER G 72 13.51 -2.76 27.39
C SER G 72 14.51 -2.10 26.43
N ALA G 73 14.02 -1.51 25.32
CA ALA G 73 14.91 -0.89 24.31
C ALA G 73 15.55 0.34 24.92
N MET G 74 14.76 1.17 25.60
CA MET G 74 15.27 2.43 26.21
C MET G 74 16.30 2.08 27.29
N ALA G 75 15.96 1.19 28.22
CA ALA G 75 16.87 0.80 29.34
C ALA G 75 18.14 0.19 28.76
N SER G 76 18.02 -0.69 27.75
CA SER G 76 19.18 -1.29 27.04
C SER G 76 20.11 -0.19 26.53
N ARG G 77 19.56 0.85 25.89
CA ARG G 77 20.39 1.94 25.31
C ARG G 77 21.11 2.69 26.45
N ILE G 78 20.42 2.99 27.55
CA ILE G 78 21.06 3.81 28.63
C ILE G 78 22.16 2.96 29.27
N VAL G 79 21.87 1.71 29.60
CA VAL G 79 22.87 0.79 30.23
C VAL G 79 24.07 0.67 29.28
N GLY G 80 23.81 0.58 27.98
CA GLY G 80 24.84 0.34 26.95
C GLY G 80 25.69 1.56 26.68
N GLU G 81 25.13 2.76 26.74
CA GLU G 81 25.75 3.97 26.13
C GLU G 81 26.12 5.04 27.17
N LEU G 82 25.60 5.02 28.40
CA LEU G 82 25.86 6.13 29.35
C LEU G 82 27.29 6.04 29.91
N GLY G 83 27.85 4.84 29.99
CA GLY G 83 29.22 4.62 30.50
C GLY G 83 30.25 5.51 29.82
N ASP G 84 30.19 5.66 28.49
CA ASP G 84 31.25 6.37 27.71
C ASP G 84 31.31 7.84 28.10
N PRO G 85 30.21 8.64 28.03
CA PRO G 85 30.26 10.01 28.51
C PRO G 85 30.64 10.13 30.00
N LEU G 86 30.24 9.20 30.87
CA LEU G 86 30.62 9.26 32.32
C LEU G 86 32.14 9.14 32.43
N LEU G 87 32.75 8.23 31.67
CA LEU G 87 34.22 8.01 31.66
C LEU G 87 34.91 9.19 30.96
N ASP G 88 34.45 9.61 29.79
CA ASP G 88 35.00 10.76 29.01
C ASP G 88 35.02 12.03 29.86
N GLU G 89 33.99 12.27 30.68
CA GLU G 89 33.85 13.49 31.51
C GLU G 89 34.54 13.31 32.86
N LEU G 90 35.17 12.17 33.10
CA LEU G 90 35.96 11.91 34.34
C LEU G 90 35.05 12.15 35.54
N VAL G 91 33.81 11.67 35.48
CA VAL G 91 32.85 11.77 36.61
C VAL G 91 33.42 10.95 37.77
N ASP G 92 33.40 11.50 38.97
CA ASP G 92 33.84 10.83 40.21
C ASP G 92 32.66 10.14 40.87
N VAL G 93 31.50 10.81 40.87
CA VAL G 93 30.26 10.38 41.58
C VAL G 93 29.10 10.78 40.68
N ALA G 94 28.02 9.99 40.70
CA ALA G 94 26.81 10.28 39.86
C ALA G 94 25.61 10.46 40.77
N VAL G 95 24.86 11.52 40.51
CA VAL G 95 23.56 11.81 41.19
C VAL G 95 22.42 11.56 40.19
N VAL G 96 21.44 10.76 40.61
CA VAL G 96 20.16 10.56 39.90
C VAL G 96 19.05 11.02 40.85
N GLN G 97 17.91 11.39 40.29
CA GLN G 97 16.77 11.96 41.06
C GLN G 97 15.51 11.16 40.77
N GLY G 98 14.70 10.92 41.80
CA GLY G 98 13.30 10.48 41.62
C GLY G 98 13.18 9.03 41.21
N ASP G 99 12.29 8.72 40.27
CA ASP G 99 11.79 7.34 40.08
C ASP G 99 11.86 6.93 38.61
N THR G 100 12.53 7.69 37.76
CA THR G 100 12.49 7.48 36.28
C THR G 100 13.30 6.24 35.90
N SER G 101 13.03 5.70 34.73
CA SER G 101 13.83 4.60 34.11
C SER G 101 15.22 5.13 33.76
N THR G 102 15.35 6.43 33.48
CA THR G 102 16.67 7.09 33.35
C THR G 102 17.44 6.97 34.66
N ALA G 103 16.81 7.34 35.79
CA ALA G 103 17.50 7.32 37.09
C ALA G 103 17.98 5.88 37.34
N PHE G 104 17.16 4.87 37.06
CA PHE G 104 17.53 3.47 37.35
C PHE G 104 18.65 3.03 36.40
N ALA G 105 18.44 3.16 35.09
CA ALA G 105 19.41 2.69 34.06
C ALA G 105 20.74 3.45 34.21
N ALA G 106 20.71 4.74 34.52
CA ALA G 106 21.93 5.55 34.74
C ALA G 106 22.66 5.09 36.01
N ALA G 107 21.92 4.81 37.09
CA ALA G 107 22.54 4.31 38.33
C ALA G 107 23.24 2.99 38.02
N TYR G 108 22.62 2.13 37.22
CA TYR G 108 23.19 0.80 36.90
C TYR G 108 24.44 0.99 36.03
N ALA G 109 24.35 1.86 35.02
CA ALA G 109 25.47 2.16 34.10
C ALA G 109 26.63 2.69 34.92
N ALA G 110 26.37 3.56 35.90
CA ALA G 110 27.42 4.14 36.76
C ALA G 110 28.04 3.02 37.62
N ALA G 111 27.22 2.17 38.21
CA ALA G 111 27.70 1.04 39.04
C ALA G 111 28.61 0.13 38.21
N CYS G 112 28.30 -0.11 36.93
CA CYS G 112 29.10 -0.98 36.03
C CYS G 112 30.52 -0.43 35.89
N GLU G 113 30.70 0.90 35.98
CA GLU G 113 32.00 1.59 35.86
C GLU G 113 32.58 1.85 37.27
N ARG G 114 31.99 1.29 38.32
CA ARG G 114 32.38 1.50 39.73
C ARG G 114 32.39 3.01 40.06
N ILE G 115 31.47 3.77 39.48
CA ILE G 115 31.18 5.18 39.87
C ILE G 115 30.15 5.18 40.97
N PRO G 116 30.47 5.66 42.20
CA PRO G 116 29.49 5.74 43.27
C PRO G 116 28.26 6.55 42.89
N VAL G 117 27.09 6.15 43.41
CA VAL G 117 25.80 6.84 43.06
C VAL G 117 25.17 7.45 44.31
N ALA G 118 24.66 8.67 44.17
CA ALA G 118 23.80 9.33 45.17
C ALA G 118 22.39 9.52 44.58
N HIS G 119 21.36 9.27 45.39
CA HIS G 119 19.95 9.37 44.96
C HIS G 119 19.31 10.59 45.63
N LEU G 120 18.94 11.58 44.83
CA LEU G 120 18.20 12.78 45.29
C LEU G 120 16.72 12.43 45.34
N GLU G 121 16.07 12.73 46.49
CA GLU G 121 14.65 12.41 46.78
C GLU G 121 14.48 10.90 46.88
N ALA G 122 15.12 10.32 47.88
CA ALA G 122 15.16 8.87 48.14
C ALA G 122 14.11 8.50 49.18
N GLY G 123 13.48 7.33 48.99
CA GLY G 123 12.68 6.67 50.04
C GLY G 123 11.17 6.88 49.92
N LEU G 124 10.67 7.50 48.86
CA LEU G 124 9.19 7.64 48.70
C LEU G 124 8.60 6.30 48.31
N ARG G 125 7.54 5.86 48.99
CA ARG G 125 6.87 4.55 48.79
C ARG G 125 5.35 4.71 48.90
N THR G 126 4.58 3.98 48.11
CA THR G 126 3.12 3.83 48.30
C THR G 126 2.86 2.56 49.13
N GLY G 127 3.70 1.54 48.93
CA GLY G 127 3.46 0.19 49.46
C GLY G 127 2.62 -0.66 48.52
N ASP G 128 2.35 -0.20 47.30
CA ASP G 128 1.60 -0.97 46.26
C ASP G 128 2.58 -1.43 45.18
N ARG G 129 2.89 -2.73 45.19
CA ARG G 129 3.93 -3.37 44.34
C ARG G 129 3.63 -3.12 42.85
N PHE G 130 4.59 -2.55 42.12
CA PHE G 130 4.56 -2.35 40.66
C PHE G 130 3.45 -1.34 40.28
N GLU G 131 3.05 -0.49 41.22
CA GLU G 131 2.01 0.54 41.02
C GLU G 131 2.56 1.91 41.44
N PRO G 132 2.83 2.84 40.49
CA PRO G 132 2.79 2.55 39.06
C PRO G 132 4.01 1.76 38.58
N PHE G 133 3.93 1.21 37.36
CA PHE G 133 5.02 0.47 36.70
C PHE G 133 5.56 1.34 35.58
N PRO G 134 6.89 1.52 35.45
CA PRO G 134 7.88 0.92 36.34
C PRO G 134 8.41 1.73 37.54
N GLU G 135 7.78 2.86 37.87
CA GLU G 135 8.35 3.88 38.82
C GLU G 135 8.58 3.25 40.20
N GLU G 136 7.66 2.45 40.69
CA GLU G 136 7.72 1.87 42.06
C GLU G 136 8.92 0.91 42.13
N ILE G 137 9.14 0.09 41.11
CA ILE G 137 10.30 -0.86 41.09
C ILE G 137 11.60 -0.06 40.85
N ASN G 138 11.56 0.98 40.02
CA ASN G 138 12.77 1.82 39.76
C ASN G 138 13.34 2.33 41.10
N ARG G 139 12.51 2.86 41.98
CA ARG G 139 12.94 3.39 43.30
C ARG G 139 13.66 2.30 44.10
N ARG G 140 13.11 1.09 44.09
CA ARG G 140 13.64 -0.02 44.91
C ARG G 140 14.97 -0.50 44.33
N LEU G 141 15.13 -0.47 43.01
CA LEU G 141 16.41 -0.82 42.33
C LEU G 141 17.46 0.27 42.60
N ILE G 142 17.11 1.54 42.40
CA ILE G 142 18.04 2.67 42.67
C ILE G 142 18.49 2.58 44.14
N THR G 143 17.56 2.26 45.05
CA THR G 143 17.85 2.19 46.50
C THR G 143 19.00 1.20 46.76
N GLN G 144 19.02 0.05 46.08
CA GLN G 144 20.11 -0.95 46.25
C GLN G 144 21.41 -0.46 45.59
N LEU G 145 21.33 0.31 44.51
CA LEU G 145 22.54 0.73 43.75
C LEU G 145 23.21 1.92 44.42
N ALA G 146 22.46 2.81 45.07
CA ALA G 146 22.99 4.10 45.58
C ALA G 146 23.81 3.89 46.85
N ASP G 147 24.96 4.56 46.94
CA ASP G 147 25.81 4.61 48.16
C ASP G 147 25.20 5.62 49.14
N LEU G 148 24.59 6.67 48.63
CA LEU G 148 24.15 7.85 49.45
C LEU G 148 22.72 8.22 49.04
N HIS G 149 21.88 8.53 50.01
CA HIS G 149 20.42 8.77 49.83
C HIS G 149 20.04 10.10 50.49
N PHE G 150 19.50 11.03 49.71
CA PHE G 150 18.98 12.34 50.17
C PHE G 150 17.46 12.21 50.30
N ALA G 151 17.01 11.90 51.51
CA ALA G 151 15.58 11.67 51.85
C ALA G 151 14.96 13.03 52.17
N PRO G 152 13.76 13.32 51.61
CA PRO G 152 13.11 14.59 51.87
C PRO G 152 12.48 14.68 53.28
N THR G 153 12.15 13.54 53.87
CA THR G 153 11.41 13.47 55.15
C THR G 153 11.92 12.30 55.99
N ALA G 154 11.63 12.35 57.28
CA ALA G 154 11.88 11.26 58.25
C ALA G 154 11.17 9.98 57.79
N ASP G 155 9.95 10.10 57.30
CA ASP G 155 9.16 8.93 56.82
C ASP G 155 9.93 8.25 55.66
N ALA G 156 10.44 9.02 54.71
CA ALA G 156 11.19 8.47 53.53
C ALA G 156 12.47 7.80 54.02
N ALA G 157 13.17 8.39 55.00
CA ALA G 157 14.38 7.79 55.60
C ALA G 157 14.02 6.44 56.22
N GLY G 158 12.90 6.36 56.94
CA GLY G 158 12.39 5.10 57.51
C GLY G 158 12.19 4.03 56.45
N ASN G 159 11.63 4.39 55.29
CA ASN G 159 11.39 3.41 54.19
C ASN G 159 12.75 2.86 53.70
N LEU G 160 13.77 3.71 53.62
CA LEU G 160 15.12 3.26 53.18
C LEU G 160 15.69 2.24 54.17
N LEU G 161 15.62 2.50 55.48
CA LEU G 161 16.17 1.56 56.52
C LEU G 161 15.46 0.22 56.40
N ALA G 162 14.16 0.19 56.10
CA ALA G 162 13.36 -1.04 55.99
C ALA G 162 13.79 -1.86 54.76
N GLU G 163 14.56 -1.26 53.85
CA GLU G 163 15.08 -1.99 52.65
C GLU G 163 16.58 -2.24 52.84
N GLY G 164 17.08 -2.11 54.07
CA GLY G 164 18.42 -2.60 54.44
C GLY G 164 19.49 -1.53 54.28
N VAL G 165 19.11 -0.29 53.98
CA VAL G 165 20.08 0.82 53.84
C VAL G 165 20.62 1.16 55.24
N ARG G 166 21.94 1.29 55.38
CA ARG G 166 22.58 1.68 56.67
C ARG G 166 22.24 3.13 56.97
N SER G 167 21.93 3.44 58.22
CA SER G 167 21.58 4.82 58.67
C SER G 167 22.65 5.82 58.27
N ASP G 168 23.94 5.45 58.24
CA ASP G 168 25.05 6.39 57.89
C ASP G 168 24.96 6.82 56.41
N ASP G 169 24.21 6.10 55.57
CA ASP G 169 24.12 6.38 54.11
C ASP G 169 22.88 7.24 53.81
N VAL G 170 22.09 7.56 54.83
CA VAL G 170 20.80 8.29 54.68
C VAL G 170 20.94 9.65 55.34
N TYR G 171 20.68 10.72 54.58
CA TYR G 171 20.59 12.10 55.09
C TYR G 171 19.18 12.62 54.82
N VAL G 172 18.48 13.09 55.85
CA VAL G 172 17.20 13.82 55.68
C VAL G 172 17.57 15.26 55.31
N THR G 173 17.54 15.59 54.01
CA THR G 173 17.98 16.89 53.46
C THR G 173 16.78 17.80 53.27
N GLY G 174 15.56 17.24 53.32
CA GLY G 174 14.36 17.91 52.76
C GLY G 174 14.37 17.82 51.24
N ASN G 175 13.32 18.37 50.61
CA ASN G 175 13.13 18.25 49.15
C ASN G 175 13.64 19.52 48.48
N THR G 176 14.49 19.37 47.45
CA THR G 176 15.05 20.49 46.69
C THR G 176 13.97 21.22 45.91
N VAL G 177 12.77 20.67 45.78
CA VAL G 177 11.66 21.40 45.07
C VAL G 177 11.32 22.66 45.85
N ILE G 178 11.42 22.65 47.17
CA ILE G 178 11.21 23.88 48.01
C ILE G 178 12.30 24.90 47.65
N ASP G 179 13.57 24.49 47.57
CA ASP G 179 14.67 25.39 47.08
C ASP G 179 14.29 25.99 45.74
N ALA G 180 13.81 25.15 44.81
CA ALA G 180 13.51 25.59 43.43
C ALA G 180 12.40 26.65 43.48
N MET G 181 11.33 26.37 44.22
CA MET G 181 10.18 27.31 44.37
C MET G 181 10.70 28.68 44.82
N HIS G 182 11.53 28.70 45.86
CA HIS G 182 12.05 29.93 46.51
C HIS G 182 12.87 30.72 45.50
N LEU G 183 13.61 30.04 44.62
CA LEU G 183 14.46 30.70 43.59
C LEU G 183 13.59 31.46 42.61
N VAL G 184 12.39 30.98 42.27
CA VAL G 184 11.54 31.66 41.24
C VAL G 184 10.58 32.64 41.93
N LEU G 185 10.16 32.41 43.17
CA LEU G 185 9.34 33.36 43.95
C LEU G 185 10.07 34.69 44.11
N ASP G 186 11.42 34.70 44.19
CA ASP G 186 12.13 36.02 44.39
C ASP G 186 12.62 36.51 43.02
N ARG G 187 11.85 36.25 41.95
CA ARG G 187 12.17 36.74 40.58
C ARG G 187 10.93 37.38 39.96
N ALA G 192 6.29 36.91 35.13
CA ALA G 192 5.11 37.65 34.61
C ALA G 192 4.45 36.89 33.45
N ASN G 193 3.13 36.98 33.33
CA ASN G 193 2.30 36.38 32.25
C ASN G 193 0.98 37.15 32.14
N ARG G 194 0.87 38.00 31.11
CA ARG G 194 -0.27 38.91 30.85
C ARG G 194 -1.57 38.11 30.80
N GLU G 195 -1.64 37.05 29.99
CA GLU G 195 -2.91 36.34 29.68
C GLU G 195 -3.42 35.64 30.95
N LEU G 196 -2.52 35.03 31.73
CA LEU G 196 -2.88 34.31 32.98
C LEU G 196 -3.44 35.31 34.00
N ASP G 197 -2.75 36.44 34.18
CA ASP G 197 -3.17 37.54 35.11
C ASP G 197 -4.57 38.02 34.73
N ALA G 198 -4.78 38.39 33.46
CA ALA G 198 -6.08 38.87 32.93
C ALA G 198 -7.19 37.84 33.24
N PHE G 199 -6.88 36.54 33.15
CA PHE G 199 -7.91 35.48 33.30
C PHE G 199 -8.23 35.25 34.77
N THR G 200 -7.24 35.36 35.67
CA THR G 200 -7.39 35.00 37.11
C THR G 200 -7.76 36.21 37.98
N GLU G 201 -7.39 37.44 37.56
CA GLU G 201 -7.52 38.67 38.39
C GLU G 201 -8.96 38.78 38.89
N GLY G 202 -9.17 38.81 40.21
CA GLY G 202 -10.50 39.03 40.81
C GLY G 202 -11.40 37.81 40.81
N ARG G 203 -10.87 36.63 40.47
CA ARG G 203 -11.69 35.38 40.47
C ARG G 203 -11.04 34.31 41.34
N GLN G 204 -11.90 33.45 41.90
CA GLN G 204 -11.49 32.17 42.51
C GLN G 204 -11.04 31.24 41.38
N THR G 205 -9.77 30.89 41.34
CA THR G 205 -9.14 30.05 40.30
C THR G 205 -8.66 28.75 40.93
N VAL G 206 -9.18 27.61 40.45
CA VAL G 206 -8.64 26.25 40.74
C VAL G 206 -7.53 25.95 39.72
N LEU G 207 -6.33 25.57 40.20
CA LEU G 207 -5.22 25.07 39.35
C LEU G 207 -5.31 23.53 39.28
N LEU G 208 -5.36 22.96 38.08
CA LEU G 208 -5.47 21.49 37.90
C LEU G 208 -4.34 21.02 36.96
N THR G 209 -3.55 20.03 37.38
CA THR G 209 -2.61 19.28 36.49
C THR G 209 -2.91 17.80 36.66
N MET G 210 -2.89 17.07 35.55
CA MET G 210 -3.13 15.62 35.56
C MET G 210 -2.41 14.99 34.37
N HIS G 211 -1.55 14.00 34.61
CA HIS G 211 -0.66 13.43 33.56
C HIS G 211 -0.48 11.91 33.66
N ARG G 212 -0.87 11.24 34.74
CA ARG G 212 -0.40 9.85 34.96
C ARG G 212 -1.05 8.89 33.95
N ARG G 213 -0.20 8.06 33.35
CA ARG G 213 -0.52 7.09 32.27
C ARG G 213 -1.69 6.22 32.73
N GLU G 214 -1.69 5.76 33.98
CA GLU G 214 -2.76 4.85 34.50
C GLU G 214 -4.12 5.55 34.50
N SER G 215 -4.19 6.88 34.32
CA SER G 215 -5.47 7.65 34.32
C SER G 215 -5.86 8.09 32.90
N TRP G 216 -5.05 7.81 31.89
CA TRP G 216 -5.32 8.23 30.48
C TRP G 216 -6.68 7.68 30.02
N GLY G 217 -7.38 8.45 29.18
CA GLY G 217 -8.69 8.10 28.63
C GLY G 217 -9.81 8.33 29.63
N ILE G 218 -10.46 7.27 30.07
CA ILE G 218 -11.77 7.34 30.80
C ILE G 218 -11.59 8.08 32.12
N PRO G 219 -10.61 7.71 33.00
CA PRO G 219 -10.45 8.42 34.27
C PRO G 219 -10.22 9.93 34.11
N MET G 220 -9.39 10.35 33.16
CA MET G 220 -9.19 11.80 32.88
C MET G 220 -10.50 12.42 32.39
N GLY G 221 -11.26 11.69 31.57
CA GLY G 221 -12.60 12.13 31.13
C GLY G 221 -13.52 12.40 32.30
N ARG G 222 -13.51 11.56 33.34
CA ARG G 222 -14.32 11.76 34.56
C ARG G 222 -13.87 13.04 35.27
N VAL G 223 -12.58 13.28 35.34
CA VAL G 223 -12.05 14.49 36.03
C VAL G 223 -12.51 15.72 35.23
N ALA G 224 -12.41 15.67 33.90
CA ALA G 224 -12.87 16.77 33.00
C ALA G 224 -14.37 17.02 33.20
N ALA G 225 -15.18 15.96 33.33
CA ALA G 225 -16.64 16.06 33.59
C ALA G 225 -16.87 16.77 34.94
N ALA G 226 -16.10 16.42 35.98
CA ALA G 226 -16.19 17.07 37.30
C ALA G 226 -15.92 18.57 37.14
N VAL G 227 -14.91 18.93 36.34
CA VAL G 227 -14.56 20.36 36.11
C VAL G 227 -15.77 21.04 35.44
N ALA G 228 -16.34 20.42 34.42
CA ALA G 228 -17.48 20.95 33.63
C ALA G 228 -18.66 21.20 34.58
N GLU G 229 -19.00 20.22 35.42
CA GLU G 229 -20.11 20.29 36.40
C GLU G 229 -19.87 21.46 37.38
N LEU G 230 -18.69 21.56 37.97
CA LEU G 230 -18.34 22.66 38.90
C LEU G 230 -18.49 24.01 38.20
N CYS G 231 -18.08 24.12 36.93
CA CYS G 231 -18.16 25.36 36.14
C CYS G 231 -19.63 25.76 35.93
N ARG G 232 -20.49 24.80 35.57
CA ARG G 232 -21.95 25.03 35.31
C ARG G 232 -22.61 25.54 36.60
N SER G 233 -22.33 24.89 37.73
CA SER G 233 -22.93 25.16 39.06
C SER G 233 -22.39 26.46 39.66
N ARG G 234 -21.20 26.94 39.27
CA ARG G 234 -20.51 28.08 39.94
C ARG G 234 -19.97 29.06 38.90
N PRO G 235 -20.83 29.91 38.33
CA PRO G 235 -20.44 30.82 37.25
C PRO G 235 -19.23 31.70 37.53
N THR G 236 -18.90 31.96 38.80
CA THR G 236 -17.77 32.84 39.19
C THR G 236 -16.45 32.05 39.29
N LEU G 237 -16.51 30.72 39.31
CA LEU G 237 -15.32 29.84 39.43
C LEU G 237 -14.55 29.82 38.11
N ARG G 238 -13.21 29.87 38.18
CA ARG G 238 -12.30 29.65 37.03
C ARG G 238 -11.40 28.44 37.29
N PHE G 239 -10.95 27.78 36.22
CA PHE G 239 -9.91 26.74 36.22
C PHE G 239 -8.82 27.12 35.25
N VAL G 240 -7.56 26.91 35.64
CA VAL G 240 -6.38 26.93 34.74
C VAL G 240 -5.82 25.50 34.71
N ILE G 241 -5.70 24.93 33.51
CA ILE G 241 -5.24 23.54 33.29
C ILE G 241 -4.09 23.57 32.31
N PRO G 242 -2.83 23.66 32.79
CA PRO G 242 -1.66 23.45 31.96
C PRO G 242 -1.64 21.96 31.57
N LEU G 243 -1.55 21.65 30.29
CA LEU G 243 -1.71 20.26 29.79
C LEU G 243 -0.32 19.64 29.63
N HIS G 244 -0.16 18.43 30.16
CA HIS G 244 1.02 17.57 29.94
C HIS G 244 1.20 17.38 28.43
N PRO G 245 2.44 17.44 27.90
CA PRO G 245 2.69 17.27 26.47
C PRO G 245 2.56 15.82 26.02
N ASN G 246 1.34 15.33 25.96
CA ASN G 246 0.97 14.02 25.38
C ASN G 246 -0.32 14.25 24.60
N PRO G 247 -0.41 13.84 23.31
CA PRO G 247 -1.56 14.19 22.48
C PRO G 247 -2.87 13.62 23.02
N GLU G 248 -2.82 12.45 23.68
CA GLU G 248 -4.02 11.76 24.22
C GLU G 248 -4.56 12.57 25.41
N VAL G 249 -3.67 13.05 26.29
CA VAL G 249 -4.04 13.90 27.45
C VAL G 249 -4.66 15.20 26.93
N ARG G 250 -4.01 15.88 25.99
CA ARG G 250 -4.52 17.14 25.41
C ARG G 250 -5.91 16.90 24.81
N ARG G 251 -6.11 15.79 24.09
CA ARG G 251 -7.36 15.50 23.37
C ARG G 251 -8.51 15.32 24.36
N VAL G 252 -8.30 14.61 25.48
CA VAL G 252 -9.38 14.37 26.46
C VAL G 252 -9.82 15.72 27.07
N PHE G 253 -8.90 16.54 27.54
CA PHE G 253 -9.26 17.83 28.16
C PHE G 253 -9.90 18.76 27.10
N ARG G 254 -9.30 18.83 25.91
CA ARG G 254 -9.74 19.76 24.82
C ARG G 254 -11.17 19.41 24.43
N SER G 255 -11.46 18.13 24.24
CA SER G 255 -12.77 17.65 23.74
C SER G 255 -13.86 17.83 24.81
N HIS G 256 -13.50 17.86 26.09
CA HIS G 256 -14.47 18.05 27.21
C HIS G 256 -14.62 19.52 27.59
N LEU G 257 -13.61 20.38 27.40
CA LEU G 257 -13.56 21.70 28.10
C LEU G 257 -13.27 22.89 27.18
N SER G 258 -12.88 22.70 25.91
CA SER G 258 -12.35 23.84 25.09
C SER G 258 -13.40 24.93 24.86
N SER G 259 -14.69 24.64 24.96
CA SER G 259 -15.78 25.65 24.76
C SER G 259 -16.13 26.39 26.07
N LEU G 260 -15.67 25.91 27.23
CA LEU G 260 -16.00 26.56 28.54
C LEU G 260 -15.15 27.80 28.75
N THR G 261 -15.78 28.98 28.74
CA THR G 261 -15.14 30.29 28.99
C THR G 261 -14.47 30.32 30.37
N GLN G 262 -14.95 29.51 31.33
CA GLN G 262 -14.44 29.48 32.72
C GLN G 262 -13.16 28.64 32.83
N VAL G 263 -12.77 27.89 31.78
CA VAL G 263 -11.55 27.04 31.78
C VAL G 263 -10.52 27.65 30.84
N LEU G 264 -9.31 27.93 31.33
CA LEU G 264 -8.16 28.25 30.48
C LEU G 264 -7.29 27.00 30.36
N LEU G 265 -7.40 26.29 29.23
CA LEU G 265 -6.44 25.21 28.85
C LEU G 265 -5.15 25.87 28.41
N CYS G 266 -4.02 25.45 28.97
CA CYS G 266 -2.71 26.07 28.72
C CYS G 266 -1.73 25.05 28.15
N GLU G 267 -0.75 25.56 27.41
CA GLU G 267 0.53 24.87 27.15
C GLU G 267 1.23 24.74 28.49
N PRO G 268 2.17 23.78 28.63
CA PRO G 268 2.99 23.69 29.84
C PRO G 268 3.57 25.07 30.15
N LEU G 269 3.55 25.48 31.42
CA LEU G 269 4.02 26.82 31.83
C LEU G 269 5.48 26.74 32.28
N ARG G 270 6.25 27.78 31.98
CA ARG G 270 7.60 27.98 32.58
C ARG G 270 7.42 27.95 34.10
N TYR G 271 8.40 27.37 34.80
CA TYR G 271 8.25 27.01 36.23
C TYR G 271 7.92 28.28 37.06
N SER G 272 8.59 29.40 36.76
CA SER G 272 8.37 30.72 37.42
C SER G 272 6.90 31.13 37.32
N GLU G 273 6.32 31.03 36.13
CA GLU G 273 4.91 31.43 35.84
C GLU G 273 3.97 30.44 36.53
N PHE G 274 4.34 29.15 36.54
CA PHE G 274 3.51 28.08 37.14
C PHE G 274 3.41 28.30 38.65
N ILE G 275 4.52 28.61 39.30
CA ILE G 275 4.56 28.85 40.78
C ILE G 275 3.77 30.12 41.11
N ARG G 276 3.90 31.18 40.31
CA ARG G 276 3.12 32.44 40.53
C ARG G 276 1.62 32.10 40.42
N LEU G 277 1.20 31.34 39.40
CA LEU G 277 -0.21 30.93 39.22
C LEU G 277 -0.68 30.14 40.44
N MET G 278 0.15 29.21 40.94
CA MET G 278 -0.22 28.35 42.08
C MET G 278 -0.45 29.23 43.32
N HIS G 279 0.39 30.27 43.51
CA HIS G 279 0.27 31.25 44.62
C HIS G 279 -1.10 31.97 44.55
N ARG G 280 -1.60 32.26 43.34
CA ARG G 280 -2.86 33.01 43.09
C ARG G 280 -4.08 32.09 43.18
N ALA G 281 -3.90 30.77 43.03
CA ALA G 281 -5.01 29.79 43.00
C ALA G 281 -5.63 29.69 44.39
N VAL G 282 -6.92 29.37 44.46
CA VAL G 282 -7.61 29.15 45.75
C VAL G 282 -7.34 27.72 46.20
N LEU G 283 -7.26 26.77 45.26
CA LEU G 283 -6.85 25.40 45.60
C LEU G 283 -6.32 24.67 44.36
N VAL G 284 -5.73 23.49 44.58
CA VAL G 284 -4.98 22.76 43.54
C VAL G 284 -5.52 21.32 43.51
N LEU G 285 -5.87 20.85 42.32
CA LEU G 285 -6.20 19.43 42.03
C LEU G 285 -5.07 18.89 41.15
N THR G 286 -4.45 17.80 41.53
CA THR G 286 -3.24 17.31 40.82
C THR G 286 -3.06 15.82 41.04
N ASP G 287 -2.39 15.16 40.10
CA ASP G 287 -1.79 13.84 40.34
C ASP G 287 -0.27 13.96 40.32
N SER G 288 0.26 15.18 40.29
CA SER G 288 1.72 15.46 40.29
C SER G 288 2.30 15.23 41.71
N GLY G 289 3.43 14.53 41.81
CA GLY G 289 4.21 14.43 43.06
C GLY G 289 4.73 15.79 43.52
N GLY G 290 5.38 16.54 42.65
CA GLY G 290 5.99 17.85 42.94
C GLY G 290 4.94 18.87 43.40
N VAL G 291 3.77 18.88 42.75
CA VAL G 291 2.72 19.90 43.08
C VAL G 291 2.18 19.57 44.49
N GLN G 292 2.13 18.29 44.87
CA GLN G 292 1.74 17.90 46.25
C GLN G 292 2.71 18.47 47.30
N GLU G 293 3.94 18.77 46.90
CA GLU G 293 4.99 19.34 47.79
C GLU G 293 4.93 20.85 47.69
N GLU G 294 4.73 21.41 46.49
CA GLU G 294 4.78 22.87 46.26
C GLU G 294 3.53 23.53 46.88
N ALA G 295 2.34 22.98 46.63
CA ALA G 295 1.05 23.64 46.95
C ALA G 295 0.94 23.88 48.46
N PRO G 296 1.13 22.87 49.34
CA PRO G 296 1.04 23.09 50.79
C PRO G 296 2.03 24.16 51.30
N THR G 297 3.19 24.26 50.67
CA THR G 297 4.23 25.25 51.02
C THR G 297 3.71 26.67 50.73
N LEU G 298 2.78 26.83 49.76
CA LEU G 298 2.14 28.14 49.46
C LEU G 298 0.80 28.27 50.19
N GLY G 299 0.50 27.35 51.10
CA GLY G 299 -0.75 27.35 51.89
C GLY G 299 -1.97 27.05 51.04
N LYS G 300 -1.82 26.27 49.96
CA LYS G 300 -2.97 25.90 49.10
C LYS G 300 -3.40 24.48 49.43
N PRO G 301 -4.67 24.27 49.81
CA PRO G 301 -5.21 22.93 49.96
C PRO G 301 -5.04 22.17 48.64
N VAL G 302 -4.70 20.88 48.74
CA VAL G 302 -4.46 19.99 47.58
C VAL G 302 -5.44 18.84 47.62
N LEU G 303 -6.15 18.62 46.51
CA LEU G 303 -6.95 17.40 46.30
C LEU G 303 -6.20 16.54 45.30
N VAL G 304 -5.89 15.31 45.67
CA VAL G 304 -4.97 14.45 44.90
C VAL G 304 -5.77 13.51 44.02
N LEU G 305 -5.59 13.62 42.70
CA LEU G 305 -6.36 12.88 41.69
C LEU G 305 -5.75 11.50 41.48
N ARG G 306 -5.60 10.73 42.57
CA ARG G 306 -5.05 9.36 42.56
C ARG G 306 -5.70 8.56 43.67
N ASP G 307 -5.53 7.24 43.64
CA ASP G 307 -6.00 6.29 44.68
C ASP G 307 -4.90 6.06 45.73
N ARG G 308 -3.70 6.59 45.50
CA ARG G 308 -2.51 6.42 46.38
C ARG G 308 -1.61 7.64 46.25
N THR G 309 -0.75 7.89 47.23
CA THR G 309 0.29 8.94 47.14
C THR G 309 1.58 8.47 47.79
N GLU G 310 2.69 8.97 47.28
CA GLU G 310 4.04 8.86 47.87
C GLU G 310 4.30 10.02 48.83
N ARG G 311 3.32 10.91 49.02
CA ARG G 311 3.42 12.05 49.98
C ARG G 311 2.40 11.88 51.11
N PRO G 312 2.54 10.85 51.98
CA PRO G 312 1.60 10.63 53.08
C PRO G 312 1.67 11.74 54.15
N GLU G 313 2.77 12.49 54.20
CA GLU G 313 2.98 13.55 55.23
C GLU G 313 1.85 14.59 55.09
N GLY G 314 1.55 15.02 53.86
CA GLY G 314 0.49 16.01 53.57
C GLY G 314 -0.88 15.49 53.96
N ILE G 315 -1.12 14.20 53.73
CA ILE G 315 -2.39 13.51 54.09
C ILE G 315 -2.53 13.55 55.62
N ALA G 316 -1.52 13.07 56.36
CA ALA G 316 -1.54 12.95 57.83
C ALA G 316 -1.72 14.33 58.46
N ALA G 317 -1.11 15.38 57.89
CA ALA G 317 -1.17 16.75 58.45
C ALA G 317 -2.47 17.47 58.02
N GLY G 318 -3.26 16.87 57.12
CA GLY G 318 -4.53 17.47 56.63
C GLY G 318 -4.35 18.51 55.51
N CYS G 319 -3.12 18.72 55.02
CA CYS G 319 -2.75 19.62 53.88
C CYS G 319 -3.35 19.12 52.55
N ALA G 320 -3.56 17.81 52.44
CA ALA G 320 -3.92 17.12 51.18
C ALA G 320 -4.93 16.03 51.49
N ARG G 321 -5.81 15.73 50.53
CA ARG G 321 -6.77 14.61 50.63
C ARG G 321 -6.78 13.87 49.29
N LEU G 322 -6.83 12.55 49.33
CA LEU G 322 -7.06 11.67 48.15
C LEU G 322 -8.52 11.79 47.70
N VAL G 323 -8.73 11.93 46.39
CA VAL G 323 -10.05 12.17 45.75
C VAL G 323 -10.19 11.23 44.54
N GLY G 324 -9.10 10.60 44.09
CA GLY G 324 -9.11 9.66 42.96
C GLY G 324 -9.62 10.33 41.69
N THR G 325 -10.40 9.62 40.90
CA THR G 325 -10.98 10.12 39.62
C THR G 325 -12.51 9.94 39.65
N ASP G 326 -13.10 10.00 40.85
CA ASP G 326 -14.55 9.93 41.12
C ASP G 326 -15.15 11.32 40.96
N PRO G 327 -15.95 11.59 39.91
CA PRO G 327 -16.43 12.94 39.63
C PRO G 327 -17.34 13.50 40.75
N ALA G 328 -18.21 12.67 41.33
CA ALA G 328 -19.12 13.08 42.43
C ALA G 328 -18.29 13.55 43.64
N LEU G 329 -17.27 12.77 44.02
CA LEU G 329 -16.38 13.11 45.16
C LEU G 329 -15.60 14.41 44.87
N ILE G 330 -15.08 14.58 43.66
CA ILE G 330 -14.30 15.79 43.28
C ILE G 330 -15.21 17.01 43.40
N VAL G 331 -16.41 16.92 42.83
CA VAL G 331 -17.41 18.04 42.89
C VAL G 331 -17.69 18.37 44.37
N LYS G 332 -17.95 17.34 45.18
CA LYS G 332 -18.27 17.49 46.62
C LYS G 332 -17.09 18.16 47.34
N GLU G 333 -15.88 17.63 47.19
CA GLU G 333 -14.68 18.06 47.95
C GLU G 333 -14.30 19.48 47.54
N VAL G 334 -14.38 19.83 46.25
CA VAL G 334 -14.06 21.21 45.80
C VAL G 334 -15.12 22.16 46.39
N GLY G 335 -16.40 21.76 46.34
CA GLY G 335 -17.53 22.51 46.90
C GLY G 335 -17.33 22.84 48.37
N ARG G 336 -17.05 21.83 49.19
CA ARG G 336 -16.73 21.95 50.64
C ARG G 336 -15.71 23.07 50.85
N LEU G 337 -14.62 23.09 50.06
CA LEU G 337 -13.50 24.03 50.30
C LEU G 337 -13.89 25.45 49.88
N LEU G 338 -14.71 25.59 48.84
CA LEU G 338 -15.12 26.92 48.32
C LEU G 338 -16.19 27.53 49.24
N ASP G 339 -17.03 26.70 49.86
CA ASP G 339 -18.29 27.13 50.53
C ASP G 339 -18.11 27.27 52.06
N ASP G 340 -17.23 26.46 52.67
CA ASP G 340 -17.05 26.35 54.14
C ASP G 340 -15.66 26.81 54.52
N PRO G 341 -15.46 28.08 54.98
CA PRO G 341 -14.14 28.60 55.27
C PRO G 341 -13.38 27.84 56.37
N GLU G 342 -14.09 27.08 57.21
CA GLU G 342 -13.51 26.25 58.29
C GLU G 342 -12.85 25.00 57.68
N ALA G 343 -13.50 24.36 56.71
CA ALA G 343 -12.95 23.21 55.95
C ALA G 343 -11.70 23.67 55.18
N TYR G 344 -11.73 24.86 54.59
CA TYR G 344 -10.62 25.48 53.85
C TYR G 344 -9.42 25.66 54.79
N GLU G 345 -9.66 26.30 55.95
CA GLU G 345 -8.58 26.62 56.92
C GLU G 345 -8.01 25.32 57.52
N ALA G 346 -8.82 24.27 57.66
CA ALA G 346 -8.35 22.96 58.21
C ALA G 346 -7.29 22.35 57.28
N MET G 347 -7.23 22.76 56.01
CA MET G 347 -6.28 22.18 55.01
C MET G 347 -5.05 23.09 54.85
N ARG G 348 -4.86 24.17 55.63
CA ARG G 348 -3.63 25.03 55.59
C ARG G 348 -2.90 25.07 56.95
N VAL G 353 6.01 22.62 58.24
CA VAL G 353 6.66 22.23 56.95
C VAL G 353 6.72 20.70 56.90
N CYS G 354 6.10 20.12 55.88
CA CYS G 354 6.11 18.67 55.62
C CYS G 354 7.39 18.24 54.87
N TYR G 355 7.90 19.06 53.92
CA TYR G 355 8.83 18.58 52.86
C TYR G 355 10.14 19.35 52.86
N GLY G 356 10.40 20.14 53.91
CA GLY G 356 11.71 20.81 54.15
C GLY G 356 11.61 22.33 54.06
N GLU G 357 12.73 23.02 54.33
CA GLU G 357 12.76 24.47 54.63
C GLU G 357 13.29 25.27 53.43
N GLY G 358 13.75 24.59 52.38
CA GLY G 358 14.31 25.26 51.20
C GLY G 358 15.81 25.39 51.24
N ASP G 359 16.49 24.65 52.13
CA ASP G 359 17.98 24.58 52.22
C ASP G 359 18.46 23.17 51.86
N ALA G 360 17.70 22.42 51.06
CA ALA G 360 17.99 21.00 50.76
C ALA G 360 19.28 20.89 49.94
N ALA G 361 19.52 21.81 49.01
CA ALA G 361 20.73 21.77 48.15
C ALA G 361 21.97 21.84 49.04
N ALA G 362 21.99 22.76 50.02
CA ALA G 362 23.15 22.96 50.91
C ALA G 362 23.37 21.69 51.75
N ARG G 363 22.29 21.07 52.23
CA ARG G 363 22.39 19.82 53.04
C ARG G 363 22.91 18.68 52.15
N CYS G 364 22.51 18.60 50.88
CA CYS G 364 23.06 17.59 49.93
C CYS G 364 24.57 17.85 49.77
N LEU G 365 24.97 19.11 49.59
CA LEU G 365 26.39 19.46 49.32
C LEU G 365 27.24 18.98 50.49
N GLU G 366 26.79 19.27 51.71
CA GLU G 366 27.55 18.92 52.94
C GLU G 366 27.61 17.40 53.07
N ALA G 367 26.57 16.66 52.71
CA ALA G 367 26.60 15.17 52.73
C ALA G 367 27.65 14.70 51.70
N LEU G 368 27.67 15.29 50.51
CA LEU G 368 28.65 14.89 49.46
C LEU G 368 30.08 15.15 49.97
N ARG G 369 30.31 16.31 50.60
CA ARG G 369 31.64 16.73 51.11
C ARG G 369 32.08 15.75 52.20
N GLU G 370 31.19 15.43 53.13
CA GLU G 370 31.47 14.48 54.24
C GLU G 370 31.85 13.11 53.67
N ARG G 371 31.14 12.61 52.67
CA ARG G 371 31.32 11.22 52.16
C ARG G 371 32.55 11.16 51.23
N TRP G 372 32.70 12.10 50.31
CA TRP G 372 33.64 11.94 49.16
C TRP G 372 34.74 13.02 49.12
N LEU G 373 34.74 13.99 50.03
CA LEU G 373 35.80 15.03 50.09
C LEU G 373 36.37 15.08 51.49
N SER G 374 36.45 13.93 52.13
CA SER G 374 37.01 13.76 53.49
C SER G 374 37.94 12.54 53.47
N SER G 375 38.93 12.56 54.36
CA SER G 375 39.89 11.45 54.61
C SER G 375 40.08 11.37 56.11
N PRO G 376 40.33 10.15 56.67
CA PRO G 376 40.51 9.98 58.12
C PRO G 376 41.71 10.74 58.73
N SER H 1 -4.02 -30.85 26.62
CA SER H 1 -4.65 -29.60 26.08
C SER H 1 -5.09 -28.65 27.21
N HIS H 2 -5.13 -29.10 28.48
CA HIS H 2 -5.34 -28.19 29.65
C HIS H 2 -4.21 -27.15 29.69
N MET H 3 -4.50 -25.95 30.15
CA MET H 3 -3.52 -24.84 30.24
C MET H 3 -2.42 -25.27 31.23
N ALA H 4 -1.15 -25.18 30.82
CA ALA H 4 0.03 -25.32 31.71
C ALA H 4 0.58 -23.93 32.03
N LEU H 5 0.98 -23.67 33.28
CA LEU H 5 1.81 -22.49 33.63
C LEU H 5 3.16 -22.64 32.91
N ARG H 6 3.44 -21.76 31.95
CA ARG H 6 4.70 -21.80 31.15
C ARG H 6 5.77 -21.03 31.93
N VAL H 7 6.78 -21.76 32.40
CA VAL H 7 7.82 -21.23 33.31
C VAL H 7 9.10 -21.09 32.51
N GLY H 8 9.47 -19.84 32.21
CA GLY H 8 10.78 -19.49 31.64
C GLY H 8 11.88 -19.85 32.62
N ILE H 9 12.92 -20.48 32.11
CA ILE H 9 14.13 -20.89 32.88
C ILE H 9 15.30 -20.27 32.12
N VAL H 10 15.97 -19.29 32.72
CA VAL H 10 17.06 -18.53 32.05
C VAL H 10 18.34 -18.70 32.86
N TYR H 11 19.39 -19.14 32.19
CA TYR H 11 20.75 -19.34 32.77
C TYR H 11 21.79 -19.29 31.66
N GLY H 12 23.04 -19.10 32.05
CA GLY H 12 24.17 -19.08 31.11
C GLY H 12 25.35 -19.92 31.57
N THR H 13 25.34 -20.49 32.78
CA THR H 13 26.55 -21.09 33.39
C THR H 13 26.25 -22.44 34.05
N ARG H 14 27.30 -23.22 34.27
CA ARG H 14 27.26 -24.57 34.90
C ARG H 14 26.57 -24.50 36.27
N PRO H 15 26.99 -23.66 37.23
CA PRO H 15 26.38 -23.68 38.56
C PRO H 15 24.87 -23.42 38.51
N GLU H 16 24.43 -22.50 37.64
CA GLU H 16 22.99 -22.19 37.43
C GLU H 16 22.29 -23.44 36.89
N ALA H 17 22.85 -24.07 35.85
CA ALA H 17 22.23 -25.24 35.18
C ALA H 17 22.06 -26.37 36.21
N ILE H 18 23.08 -26.61 37.03
CA ILE H 18 23.03 -27.69 38.07
C ILE H 18 21.92 -27.38 39.05
N LYS H 19 21.80 -26.15 39.51
CA LYS H 19 20.81 -25.81 40.55
C LYS H 19 19.40 -25.71 39.95
N LEU H 20 19.28 -25.37 38.66
CA LEU H 20 17.96 -25.27 38.00
C LEU H 20 17.49 -26.66 37.54
N ALA H 21 18.39 -27.60 37.27
CA ALA H 21 18.05 -28.90 36.63
C ALA H 21 16.94 -29.61 37.42
N PRO H 22 17.02 -29.77 38.76
CA PRO H 22 15.95 -30.45 39.50
C PRO H 22 14.58 -29.73 39.41
N LEU H 23 14.60 -28.39 39.34
CA LEU H 23 13.34 -27.61 39.16
C LEU H 23 12.79 -27.85 37.74
N VAL H 24 13.64 -27.83 36.72
CA VAL H 24 13.22 -28.13 35.32
C VAL H 24 12.56 -29.52 35.30
N LEU H 25 13.22 -30.53 35.89
CA LEU H 25 12.72 -31.93 35.86
C LEU H 25 11.37 -31.99 36.58
N ALA H 26 11.20 -31.31 37.73
CA ALA H 26 9.94 -31.32 38.49
C ALA H 26 8.84 -30.62 37.68
N LEU H 27 9.17 -29.50 37.02
CA LEU H 27 8.20 -28.76 36.17
C LEU H 27 7.78 -29.65 34.99
N ASP H 28 8.73 -30.34 34.36
CA ASP H 28 8.48 -31.25 33.21
C ASP H 28 7.52 -32.38 33.65
N ALA H 29 7.78 -33.04 34.78
CA ALA H 29 7.00 -34.20 35.25
C ALA H 29 5.57 -33.78 35.65
N ASP H 30 5.40 -32.57 36.21
CA ASP H 30 4.07 -32.13 36.71
C ASP H 30 3.25 -31.66 35.53
N PRO H 31 2.00 -32.14 35.36
CA PRO H 31 1.17 -31.76 34.21
C PRO H 31 0.70 -30.29 34.27
N GLY H 32 0.68 -29.67 35.46
CA GLY H 32 0.26 -28.26 35.64
C GLY H 32 1.28 -27.24 35.11
N PHE H 33 2.47 -27.66 34.71
CA PHE H 33 3.58 -26.74 34.33
C PHE H 33 4.28 -27.18 33.04
N GLU H 34 4.89 -26.22 32.36
CA GLU H 34 5.76 -26.46 31.19
C GLU H 34 7.01 -25.59 31.34
N PRO H 35 8.21 -26.18 31.55
CA PRO H 35 9.45 -25.41 31.55
C PRO H 35 9.87 -25.01 30.13
N VAL H 36 10.34 -23.76 29.97
CA VAL H 36 10.84 -23.22 28.69
C VAL H 36 12.24 -22.65 28.96
N ILE H 37 13.28 -23.31 28.48
CA ILE H 37 14.68 -22.94 28.78
C ILE H 37 15.19 -21.97 27.72
N ILE H 38 15.75 -20.83 28.16
CA ILE H 38 16.51 -19.87 27.31
C ILE H 38 17.89 -19.68 27.94
N THR H 39 18.93 -20.00 27.20
CA THR H 39 20.35 -19.91 27.60
C THR H 39 20.92 -18.60 27.06
N THR H 40 21.93 -18.05 27.73
CA THR H 40 22.57 -16.76 27.36
C THR H 40 24.05 -16.98 27.05
N GLY H 41 24.58 -18.18 27.33
CA GLY H 41 26.05 -18.40 27.45
C GLY H 41 26.60 -19.26 26.32
N MET H 46 30.87 -27.57 28.02
CA MET H 46 30.63 -27.76 29.48
C MET H 46 29.13 -27.73 29.78
N LEU H 47 28.38 -26.85 29.11
CA LEU H 47 26.92 -26.64 29.30
C LEU H 47 26.14 -27.74 28.56
N ASP H 48 26.51 -28.08 27.33
CA ASP H 48 25.95 -29.23 26.57
C ASP H 48 26.04 -30.50 27.42
N GLU H 49 27.17 -30.69 28.09
CA GLU H 49 27.47 -31.88 28.92
C GLU H 49 26.46 -31.95 30.10
N ILE H 50 26.19 -30.82 30.76
CA ILE H 50 25.21 -30.74 31.88
C ILE H 50 23.80 -30.95 31.30
N ASN H 51 23.49 -30.30 30.17
CA ASN H 51 22.17 -30.45 29.49
C ASN H 51 21.92 -31.93 29.17
N GLU H 52 22.91 -32.61 28.59
CA GLU H 52 22.83 -34.07 28.24
C GLU H 52 22.58 -34.90 29.51
N LEU H 53 23.36 -34.67 30.56
CA LEU H 53 23.32 -35.49 31.80
C LEU H 53 21.92 -35.40 32.45
N PHE H 54 21.31 -34.22 32.54
CA PHE H 54 20.00 -34.05 33.23
C PHE H 54 18.85 -34.11 32.22
N GLY H 55 19.14 -34.17 30.91
CA GLY H 55 18.09 -34.14 29.86
C GLY H 55 17.39 -32.79 29.79
N LEU H 56 18.15 -31.69 29.89
CA LEU H 56 17.67 -30.31 29.65
C LEU H 56 17.72 -30.01 28.14
N ARG H 57 16.64 -29.49 27.54
CA ARG H 57 16.57 -29.18 26.09
C ARG H 57 16.24 -27.70 25.90
N PRO H 58 17.24 -26.81 25.77
CA PRO H 58 17.00 -25.38 25.57
C PRO H 58 16.18 -25.08 24.29
N ARG H 59 15.16 -24.25 24.40
CA ARG H 59 14.33 -23.80 23.24
C ARG H 59 15.09 -22.71 22.46
N HIS H 60 15.88 -21.87 23.14
CA HIS H 60 16.64 -20.75 22.53
C HIS H 60 17.99 -20.57 23.22
N ASN H 61 19.05 -20.39 22.46
CA ASN H 61 20.42 -20.03 22.93
C ASN H 61 20.72 -18.65 22.34
N LEU H 62 20.80 -17.60 23.17
CA LEU H 62 21.09 -16.23 22.70
C LEU H 62 22.54 -15.93 22.26
N ASP H 63 23.59 -16.62 22.69
CA ASP H 63 24.97 -16.32 22.19
C ASP H 63 25.33 -14.84 22.44
N ILE H 64 25.04 -14.34 23.63
CA ILE H 64 25.41 -12.99 24.17
C ILE H 64 26.73 -13.05 24.96
N MET H 65 26.88 -13.98 25.88
CA MET H 65 28.10 -14.19 26.72
C MET H 65 27.73 -13.76 28.13
N GLN H 69 34.38 -9.36 27.85
CA GLN H 69 33.23 -8.49 27.47
C GLN H 69 32.94 -7.52 28.62
N ARG H 70 32.67 -6.24 28.32
CA ARG H 70 32.25 -5.24 29.33
C ARG H 70 30.90 -5.66 29.93
N LEU H 71 30.74 -5.47 31.24
CA LEU H 71 29.48 -5.84 31.94
C LEU H 71 28.33 -5.06 31.31
N SER H 72 28.48 -3.74 31.12
CA SER H 72 27.42 -2.84 30.58
C SER H 72 26.97 -3.35 29.20
N ALA H 73 27.90 -3.81 28.35
CA ALA H 73 27.56 -4.26 26.98
C ALA H 73 26.75 -5.56 27.09
N MET H 74 27.19 -6.48 27.95
CA MET H 74 26.49 -7.78 28.11
C MET H 74 25.08 -7.54 28.68
N ALA H 75 24.96 -6.76 29.76
CA ALA H 75 23.66 -6.47 30.42
C ALA H 75 22.74 -5.76 29.42
N SER H 76 23.27 -4.80 28.67
CA SER H 76 22.52 -4.07 27.62
C SER H 76 21.92 -5.08 26.63
N ARG H 77 22.71 -6.04 26.18
CA ARG H 77 22.25 -7.04 25.17
C ARG H 77 21.14 -7.91 25.79
N ILE H 78 21.28 -8.35 27.04
CA ILE H 78 20.26 -9.25 27.63
C ILE H 78 18.96 -8.48 27.81
N VAL H 79 19.05 -7.27 28.38
CA VAL H 79 17.85 -6.40 28.60
C VAL H 79 17.17 -6.16 27.24
N GLY H 80 17.98 -5.92 26.20
CA GLY H 80 17.49 -5.52 24.86
C GLY H 80 16.87 -6.68 24.09
N GLU H 81 17.38 -7.91 24.25
CA GLU H 81 17.10 -9.02 23.31
C GLU H 81 16.37 -10.19 23.97
N LEU H 82 16.30 -10.31 25.30
CA LEU H 82 15.64 -11.50 25.92
C LEU H 82 14.12 -11.40 25.81
N GLY H 83 13.58 -10.19 25.74
CA GLY H 83 12.12 -9.96 25.65
C GLY H 83 11.47 -10.75 24.53
N ASP H 84 12.10 -10.81 23.35
CA ASP H 84 11.48 -11.40 22.12
C ASP H 84 11.25 -12.90 22.32
N PRO H 85 12.27 -13.72 22.64
CA PRO H 85 12.02 -15.13 22.95
C PRO H 85 11.05 -15.36 24.12
N LEU H 86 11.04 -14.51 25.16
CA LEU H 86 10.09 -14.67 26.29
C LEU H 86 8.66 -14.50 25.76
N LEU H 87 8.44 -13.52 24.89
CA LEU H 87 7.10 -13.25 24.28
C LEU H 87 6.76 -14.34 23.27
N ASP H 88 7.68 -14.68 22.36
CA ASP H 88 7.50 -15.75 21.33
C ASP H 88 7.11 -17.08 22.00
N GLU H 89 7.71 -17.42 23.15
CA GLU H 89 7.47 -18.71 23.84
C GLU H 89 6.29 -18.61 24.80
N LEU H 90 5.61 -17.46 24.86
CA LEU H 90 4.38 -17.30 25.67
C LEU H 90 4.68 -17.67 27.13
N VAL H 91 5.82 -17.20 27.64
CA VAL H 91 6.19 -17.44 29.05
C VAL H 91 5.18 -16.73 29.94
N ASP H 92 4.69 -17.41 30.99
CA ASP H 92 3.75 -16.83 31.97
C ASP H 92 4.53 -16.25 33.15
N VAL H 93 5.56 -16.98 33.59
CA VAL H 93 6.38 -16.69 34.80
C VAL H 93 7.83 -17.03 34.45
N ALA H 94 8.80 -16.29 35.00
CA ALA H 94 10.23 -16.54 34.75
C ALA H 94 10.93 -16.87 36.06
N VAL H 95 11.74 -17.93 36.02
CA VAL H 95 12.65 -18.29 37.14
C VAL H 95 14.10 -17.98 36.73
N VAL H 96 14.79 -17.25 37.60
CA VAL H 96 16.26 -17.03 37.52
C VAL H 96 16.86 -17.58 38.82
N GLN H 97 18.14 -17.94 38.75
CA GLN H 97 18.87 -18.59 39.86
C GLN H 97 20.12 -17.80 40.20
N GLY H 98 20.42 -17.68 41.49
CA GLY H 98 21.76 -17.30 41.96
C GLY H 98 22.03 -15.82 41.79
N ASP H 99 23.26 -15.50 41.36
CA ASP H 99 23.80 -14.14 41.52
C ASP H 99 24.35 -13.62 40.18
N THR H 100 24.09 -14.28 39.06
CA THR H 100 24.73 -13.91 37.77
C THR H 100 24.12 -12.62 37.21
N SER H 101 24.85 -11.97 36.34
CA SER H 101 24.37 -10.79 35.56
C SER H 101 23.29 -11.25 34.59
N THR H 102 23.32 -12.51 34.14
CA THR H 102 22.19 -13.11 33.39
C THR H 102 20.93 -13.12 34.24
N ALA H 103 21.02 -13.59 35.49
CA ALA H 103 19.85 -13.68 36.37
C ALA H 103 19.27 -12.27 36.54
N PHE H 104 20.11 -11.26 36.73
CA PHE H 104 19.65 -9.88 36.97
C PHE H 104 19.02 -9.33 35.68
N ALA H 105 19.76 -9.34 34.58
CA ALA H 105 19.32 -8.74 33.30
C ALA H 105 18.07 -9.47 32.78
N ALA H 106 17.99 -10.79 32.95
CA ALA H 106 16.81 -11.58 32.54
C ALA H 106 15.60 -11.26 33.44
N ALA H 107 15.80 -11.10 34.75
CA ALA H 107 14.70 -10.74 35.64
C ALA H 107 14.17 -9.37 35.20
N TYR H 108 15.05 -8.45 34.84
CA TYR H 108 14.63 -7.07 34.45
C TYR H 108 13.88 -7.14 33.12
N ALA H 109 14.41 -7.90 32.16
CA ALA H 109 13.81 -8.08 30.82
C ALA H 109 12.40 -8.66 31.00
N ALA H 110 12.24 -9.63 31.93
CA ALA H 110 10.93 -10.25 32.21
C ALA H 110 9.99 -9.21 32.81
N ALA H 111 10.47 -8.42 33.78
CA ALA H 111 9.67 -7.36 34.42
C ALA H 111 9.17 -6.36 33.37
N CYS H 112 10.00 -6.03 32.38
CA CYS H 112 9.66 -5.06 31.31
C CYS H 112 8.44 -5.54 30.50
N GLU H 113 8.27 -6.87 30.38
CA GLU H 113 7.15 -7.53 29.66
C GLU H 113 6.03 -7.91 30.65
N ARG H 114 6.09 -7.42 31.89
CA ARG H 114 5.11 -7.73 32.96
C ARG H 114 4.99 -9.24 33.16
N ILE H 115 6.10 -9.96 32.99
CA ILE H 115 6.20 -11.41 33.35
C ILE H 115 6.68 -11.49 34.80
N PRO H 116 5.88 -12.05 35.74
CA PRO H 116 6.31 -12.22 37.12
C PRO H 116 7.58 -13.08 37.23
N VAL H 117 8.42 -12.76 38.22
CA VAL H 117 9.73 -13.45 38.40
C VAL H 117 9.78 -14.16 39.74
N ALA H 118 10.30 -15.38 39.73
CA ALA H 118 10.67 -16.12 40.96
C ALA H 118 12.19 -16.30 40.99
N HIS H 119 12.81 -16.12 42.16
CA HIS H 119 14.28 -16.22 42.31
C HIS H 119 14.61 -17.51 43.08
N LEU H 120 15.28 -18.44 42.42
CA LEU H 120 15.79 -19.67 43.06
C LEU H 120 17.10 -19.34 43.78
N GLU H 121 17.21 -19.74 45.05
CA GLU H 121 18.38 -19.54 45.91
C GLU H 121 18.49 -18.06 46.25
N ALA H 122 17.50 -17.54 46.95
CA ALA H 122 17.36 -16.12 47.34
C ALA H 122 17.87 -15.92 48.76
N GLY H 123 18.50 -14.78 49.00
CA GLY H 123 18.78 -14.24 50.35
C GLY H 123 20.21 -14.51 50.84
N LEU H 124 21.11 -15.03 50.00
CA LEU H 124 22.52 -15.23 50.45
C LEU H 124 23.22 -13.85 50.49
N ARG H 125 23.87 -13.54 51.62
CA ARG H 125 24.53 -12.25 51.87
C ARG H 125 25.87 -12.49 52.62
N THR H 126 26.90 -11.74 52.29
CA THR H 126 28.16 -11.66 53.05
C THR H 126 28.06 -10.49 54.03
N GLY H 127 27.35 -9.43 53.64
CA GLY H 127 27.35 -8.13 54.34
C GLY H 127 28.49 -7.23 53.89
N ASP H 128 29.22 -7.59 52.83
CA ASP H 128 30.32 -6.77 52.24
C ASP H 128 29.83 -6.18 50.91
N ARG H 129 29.51 -4.90 50.93
CA ARG H 129 28.89 -4.16 49.79
C ARG H 129 29.79 -4.26 48.55
N PHE H 130 29.23 -4.73 47.43
CA PHE H 130 29.87 -4.79 46.09
C PHE H 130 31.04 -5.79 46.11
N GLU H 131 31.03 -6.74 47.05
CA GLU H 131 32.08 -7.78 47.20
C GLU H 131 31.42 -9.17 47.22
N PRO H 132 31.59 -10.01 46.16
CA PRO H 132 32.23 -9.59 44.91
C PRO H 132 31.31 -8.71 44.04
N PHE H 133 31.90 -8.06 43.04
CA PHE H 133 31.18 -7.22 42.06
C PHE H 133 31.18 -7.96 40.74
N PRO H 134 30.03 -8.07 40.03
CA PRO H 134 28.75 -7.53 40.48
C PRO H 134 27.78 -8.45 41.25
N GLU H 135 28.22 -9.63 41.70
CA GLU H 135 27.32 -10.70 42.21
C GLU H 135 26.51 -10.22 43.43
N GLU H 136 27.13 -9.48 44.35
CA GLU H 136 26.49 -9.07 45.62
C GLU H 136 25.36 -8.07 45.26
N ILE H 137 25.59 -7.15 44.33
CA ILE H 137 24.54 -6.16 43.94
C ILE H 137 23.49 -6.89 43.09
N ASN H 138 23.87 -7.85 42.24
CA ASN H 138 22.91 -8.62 41.43
C ASN H 138 21.82 -9.22 42.33
N ARG H 139 22.21 -9.86 43.44
CA ARG H 139 21.25 -10.49 44.39
C ARG H 139 20.28 -9.43 44.92
N ARG H 140 20.78 -8.25 45.27
CA ARG H 140 19.93 -7.21 45.90
C ARG H 140 18.98 -6.61 44.85
N LEU H 141 19.40 -6.53 43.58
CA LEU H 141 18.52 -6.05 42.47
C LEU H 141 17.46 -7.13 42.17
N ILE H 142 17.87 -8.37 42.00
CA ILE H 142 16.92 -9.49 41.75
C ILE H 142 15.91 -9.52 42.91
N THR H 143 16.36 -9.32 44.14
CA THR H 143 15.50 -9.38 45.34
C THR H 143 14.35 -8.37 45.19
N GLN H 144 14.60 -7.17 44.69
CA GLN H 144 13.54 -6.15 44.49
C GLN H 144 12.65 -6.54 43.29
N LEU H 145 13.18 -7.19 42.25
CA LEU H 145 12.42 -7.51 41.03
C LEU H 145 11.53 -8.73 41.24
N ALA H 146 11.95 -9.72 42.04
CA ALA H 146 11.27 -11.03 42.12
C ALA H 146 9.98 -10.89 42.97
N ASP H 147 8.90 -11.50 42.51
CA ASP H 147 7.60 -11.57 43.26
C ASP H 147 7.71 -12.67 44.31
N LEU H 148 8.48 -13.73 44.01
CA LEU H 148 8.58 -14.94 44.86
C LEU H 148 10.07 -15.26 45.05
N HIS H 149 10.45 -15.66 46.27
CA HIS H 149 11.85 -15.94 46.65
C HIS H 149 11.94 -17.32 47.29
N PHE H 150 12.77 -18.20 46.72
CA PHE H 150 13.04 -19.56 47.23
C PHE H 150 14.36 -19.51 48.00
N ALA H 151 14.27 -19.34 49.31
CA ALA H 151 15.42 -19.22 50.23
C ALA H 151 15.86 -20.63 50.61
N PRO H 152 17.18 -20.90 50.58
CA PRO H 152 17.68 -22.23 50.96
C PRO H 152 17.65 -22.48 52.47
N THR H 153 17.68 -21.41 53.27
CA THR H 153 17.83 -21.51 54.75
C THR H 153 16.99 -20.42 55.41
N ALA H 154 16.69 -20.60 56.68
CA ALA H 154 16.00 -19.59 57.53
C ALA H 154 16.87 -18.34 57.63
N ASP H 155 18.20 -18.48 57.70
CA ASP H 155 19.13 -17.31 57.73
C ASP H 155 18.91 -16.46 56.46
N ALA H 156 18.84 -17.09 55.28
CA ALA H 156 18.68 -16.39 53.97
C ALA H 156 17.32 -15.69 53.95
N ALA H 157 16.28 -16.35 54.45
CA ALA H 157 14.92 -15.77 54.56
C ALA H 157 14.98 -14.50 55.44
N GLY H 158 15.69 -14.56 56.55
CA GLY H 158 15.92 -13.37 57.43
C GLY H 158 16.54 -12.20 56.67
N ASN H 159 17.53 -12.47 55.83
CA ASN H 159 18.19 -11.41 55.02
C ASN H 159 17.18 -10.76 54.07
N LEU H 160 16.27 -11.55 53.48
CA LEU H 160 15.23 -11.02 52.57
C LEU H 160 14.29 -10.06 53.31
N LEU H 161 13.81 -10.43 54.52
CA LEU H 161 12.86 -9.57 55.28
C LEU H 161 13.56 -8.24 55.63
N ALA H 162 14.88 -8.25 55.89
CA ALA H 162 15.63 -7.03 56.25
C ALA H 162 15.76 -6.11 55.01
N GLU H 163 15.43 -6.59 53.82
CA GLU H 163 15.46 -5.74 52.59
C GLU H 163 14.03 -5.43 52.16
N GLY H 164 13.06 -5.64 53.07
CA GLY H 164 11.68 -5.15 52.89
C GLY H 164 10.81 -6.13 52.12
N VAL H 165 11.30 -7.36 51.92
CA VAL H 165 10.45 -8.41 51.28
C VAL H 165 9.35 -8.80 52.27
N ARG H 166 8.11 -8.89 51.82
CA ARG H 166 6.97 -9.35 52.66
C ARG H 166 7.14 -10.85 52.92
N SER H 167 6.89 -11.29 54.15
CA SER H 167 7.00 -12.69 54.60
C SER H 167 6.27 -13.67 53.66
N ASP H 168 5.11 -13.27 53.13
CA ASP H 168 4.28 -14.17 52.27
C ASP H 168 4.98 -14.45 50.93
N ASP H 169 6.00 -13.65 50.56
CA ASP H 169 6.70 -13.80 49.25
C ASP H 169 7.97 -14.64 49.42
N VAL H 170 8.26 -15.07 50.64
CA VAL H 170 9.52 -15.81 50.96
C VAL H 170 9.16 -17.22 51.39
N TYR H 171 9.71 -18.22 50.72
CA TYR H 171 9.55 -19.65 51.09
C TYR H 171 10.93 -20.24 51.34
N VAL H 172 11.15 -20.86 52.50
CA VAL H 172 12.37 -21.67 52.78
C VAL H 172 12.17 -23.04 52.12
N THR H 173 12.74 -23.21 50.93
CA THR H 173 12.60 -24.42 50.08
C THR H 173 13.76 -25.38 50.33
N GLY H 174 14.84 -24.89 50.95
CA GLY H 174 16.17 -25.53 50.88
C GLY H 174 16.80 -25.31 49.51
N ASN H 175 18.00 -25.85 49.34
CA ASN H 175 18.81 -25.65 48.10
C ASN H 175 18.63 -26.83 47.16
N THR H 176 18.31 -26.55 45.90
CA THR H 176 18.10 -27.57 44.85
C THR H 176 19.40 -28.29 44.52
N VAL H 177 20.57 -27.76 44.97
CA VAL H 177 21.85 -28.49 44.68
C VAL H 177 21.82 -29.83 45.41
N ILE H 178 21.16 -29.93 46.56
CA ILE H 178 21.03 -31.25 47.27
C ILE H 178 20.19 -32.19 46.39
N ASP H 179 19.06 -31.71 45.84
CA ASP H 179 18.25 -32.51 44.86
C ASP H 179 19.17 -32.98 43.72
N ALA H 180 20.01 -32.09 43.17
CA ALA H 180 20.85 -32.40 42.00
C ALA H 180 21.85 -33.50 42.38
N MET H 181 22.51 -33.38 43.53
CA MET H 181 23.46 -34.40 44.04
C MET H 181 22.77 -35.77 44.05
N HIS H 182 21.56 -35.84 44.63
CA HIS H 182 20.79 -37.09 44.83
C HIS H 182 20.50 -37.73 43.47
N LEU H 183 20.24 -36.90 42.44
CA LEU H 183 19.93 -37.39 41.08
C LEU H 183 21.15 -38.12 40.49
N VAL H 184 22.38 -37.72 40.79
CA VAL H 184 23.59 -38.35 40.18
C VAL H 184 24.14 -39.46 41.10
N LEU H 185 23.94 -39.37 42.43
CA LEU H 185 24.44 -40.40 43.38
C LEU H 185 23.96 -41.82 43.04
N ASP H 186 22.76 -41.92 42.46
CA ASP H 186 21.99 -43.11 42.05
C ASP H 186 22.48 -43.65 40.69
N ARG H 187 23.64 -43.20 40.18
CA ARG H 187 24.06 -43.48 38.79
C ARG H 187 25.53 -43.86 38.75
N PRO H 188 25.92 -45.02 39.34
CA PRO H 188 27.33 -45.40 39.46
C PRO H 188 28.03 -45.57 38.11
N GLY H 189 27.36 -46.19 37.14
CA GLY H 189 27.85 -46.43 35.76
C GLY H 189 28.33 -45.14 35.11
N ASP H 190 27.55 -44.05 35.21
CA ASP H 190 27.85 -42.71 34.61
C ASP H 190 28.86 -41.93 35.46
N SER H 191 28.98 -42.26 36.75
CA SER H 191 29.86 -41.58 37.75
C SER H 191 31.30 -42.12 37.66
N ALA H 192 31.52 -43.23 36.96
CA ALA H 192 32.83 -43.89 36.80
C ALA H 192 33.69 -43.09 35.81
N ASN H 193 35.01 -43.20 35.97
CA ASN H 193 36.06 -42.55 35.12
C ASN H 193 37.34 -43.34 35.35
N ARG H 194 37.83 -44.06 34.35
CA ARG H 194 39.02 -44.96 34.40
C ARG H 194 40.22 -44.23 35.04
N GLU H 195 40.58 -43.06 34.51
CA GLU H 195 41.85 -42.39 34.88
C GLU H 195 41.77 -41.90 36.32
N LEU H 196 40.62 -41.35 36.72
CA LEU H 196 40.39 -40.84 38.10
C LEU H 196 40.45 -42.01 39.08
N ASP H 197 39.78 -43.12 38.79
CA ASP H 197 39.77 -44.36 39.64
C ASP H 197 41.21 -44.84 39.85
N ALA H 198 41.99 -45.03 38.77
CA ALA H 198 43.39 -45.49 38.81
C ALA H 198 44.21 -44.55 39.70
N PHE H 199 43.94 -43.24 39.67
CA PHE H 199 44.77 -42.26 40.41
C PHE H 199 44.39 -42.22 41.88
N THR H 200 43.11 -42.39 42.24
CA THR H 200 42.59 -42.20 43.61
C THR H 200 42.50 -43.52 44.38
N GLU H 201 42.38 -44.67 43.70
CA GLU H 201 42.09 -45.99 44.36
C GLU H 201 43.20 -46.23 45.40
N GLY H 202 42.84 -46.41 46.66
CA GLY H 202 43.82 -46.75 47.73
C GLY H 202 44.64 -45.57 48.22
N ARG H 203 44.28 -44.33 47.85
CA ARG H 203 44.99 -43.14 48.34
C ARG H 203 44.05 -42.16 49.02
N GLN H 204 44.59 -41.45 50.00
CA GLN H 204 43.98 -40.21 50.55
C GLN H 204 44.08 -39.13 49.45
N THR H 205 42.93 -38.69 48.96
CA THR H 205 42.76 -37.70 47.87
C THR H 205 42.08 -36.47 48.44
N VAL H 206 42.74 -35.31 48.31
CA VAL H 206 42.12 -33.98 48.55
C VAL H 206 41.53 -33.50 47.22
N LEU H 207 40.26 -33.09 47.21
CA LEU H 207 39.60 -32.45 46.04
C LEU H 207 39.73 -30.94 46.19
N LEU H 208 40.27 -30.24 45.17
CA LEU H 208 40.40 -28.77 45.22
C LEU H 208 39.78 -28.16 43.96
N THR H 209 38.87 -27.19 44.13
CA THR H 209 38.38 -26.32 43.03
C THR H 209 38.57 -24.87 43.45
N MET H 210 38.99 -24.05 42.50
CA MET H 210 39.22 -22.62 42.76
C MET H 210 39.06 -21.86 41.44
N HIS H 211 38.16 -20.87 41.38
CA HIS H 211 37.82 -20.17 40.12
C HIS H 211 37.60 -18.67 40.30
N ARG H 212 37.44 -18.11 41.50
CA ARG H 212 36.90 -16.73 41.65
C ARG H 212 37.92 -15.71 41.13
N ARG H 213 37.42 -14.79 40.32
CA ARG H 213 38.18 -13.73 39.61
C ARG H 213 39.02 -12.96 40.62
N GLU H 214 38.48 -12.64 41.80
CA GLU H 214 39.20 -11.84 42.83
C GLU H 214 40.43 -12.59 43.35
N SER H 215 40.58 -13.89 43.07
CA SER H 215 41.75 -14.70 43.53
C SER H 215 42.72 -15.01 42.38
N TRP H 216 42.42 -14.59 41.15
CA TRP H 216 43.29 -14.86 39.98
C TRP H 216 44.70 -14.30 40.20
N GLY H 217 45.70 -14.99 39.67
CA GLY H 217 47.11 -14.60 39.76
C GLY H 217 47.71 -14.98 41.10
N ILE H 218 48.10 -13.99 41.89
CA ILE H 218 48.96 -14.20 43.10
C ILE H 218 48.23 -15.07 44.12
N PRO H 219 46.97 -14.77 44.53
CA PRO H 219 46.30 -15.60 45.53
C PRO H 219 46.19 -17.08 45.13
N MET H 220 45.84 -17.37 43.87
CA MET H 220 45.79 -18.77 43.37
C MET H 220 47.18 -19.38 43.41
N GLY H 221 48.21 -18.59 43.08
CA GLY H 221 49.63 -19.02 43.19
C GLY H 221 49.97 -19.47 44.60
N ARG H 222 49.51 -18.74 45.62
CA ARG H 222 49.75 -19.11 47.04
C ARG H 222 49.04 -20.43 47.35
N VAL H 223 47.83 -20.62 46.85
CA VAL H 223 47.06 -21.87 47.09
C VAL H 223 47.83 -23.04 46.44
N ALA H 224 48.33 -22.85 45.21
CA ALA H 224 49.10 -23.88 44.47
C ALA H 224 50.39 -24.20 45.25
N ALA H 225 51.05 -23.20 45.84
CA ALA H 225 52.26 -23.40 46.67
C ALA H 225 51.91 -24.23 47.91
N ALA H 226 50.76 -23.97 48.55
CA ALA H 226 50.27 -24.77 49.71
C ALA H 226 50.11 -26.22 49.27
N VAL H 227 49.55 -26.46 48.08
CA VAL H 227 49.37 -27.84 47.54
C VAL H 227 50.75 -28.50 47.39
N ALA H 228 51.70 -27.78 46.81
CA ALA H 228 53.08 -28.27 46.54
C ALA H 228 53.73 -28.66 47.87
N GLU H 229 53.65 -27.79 48.88
CA GLU H 229 54.22 -28.02 50.23
C GLU H 229 53.59 -29.28 50.87
N LEU H 230 52.27 -29.39 50.88
CA LEU H 230 51.57 -30.57 51.45
C LEU H 230 52.03 -31.85 50.72
N CYS H 231 52.21 -31.80 49.40
CA CYS H 231 52.64 -32.95 48.58
C CYS H 231 54.07 -33.37 48.98
N ARG H 232 54.99 -32.41 49.16
CA ARG H 232 56.41 -32.65 49.52
C ARG H 232 56.46 -33.33 50.89
N SER H 233 55.70 -32.81 51.86
CA SER H 233 55.67 -33.25 53.28
C SER H 233 54.95 -34.59 53.42
N ARG H 234 54.06 -34.97 52.49
CA ARG H 234 53.16 -36.17 52.65
C ARG H 234 53.15 -36.96 51.34
N PRO H 235 54.21 -37.77 51.10
CA PRO H 235 54.33 -38.53 49.86
C PRO H 235 53.13 -39.41 49.48
N THR H 236 52.30 -39.80 50.45
CA THR H 236 51.14 -40.70 50.19
C THR H 236 49.89 -39.88 49.81
N LEU H 237 49.91 -38.58 50.01
CA LEU H 237 48.76 -37.67 49.73
C LEU H 237 48.62 -37.47 48.21
N ARG H 238 47.39 -37.47 47.71
CA ARG H 238 47.05 -37.10 46.31
C ARG H 238 46.10 -35.89 46.31
N PHE H 239 46.15 -35.10 45.22
CA PHE H 239 45.20 -34.01 44.92
C PHE H 239 44.62 -34.25 43.54
N VAL H 240 43.31 -34.04 43.40
CA VAL H 240 42.63 -33.89 42.09
C VAL H 240 42.12 -32.45 42.01
N ILE H 241 42.52 -31.75 40.94
CA ILE H 241 42.17 -30.32 40.73
C ILE H 241 41.55 -30.21 39.33
N PRO H 242 40.21 -30.29 39.23
CA PRO H 242 39.51 -29.98 37.98
C PRO H 242 39.64 -28.45 37.80
N LEU H 243 40.12 -28.02 36.63
CA LEU H 243 40.47 -26.59 36.40
C LEU H 243 39.28 -25.93 35.72
N HIS H 244 38.86 -24.79 36.27
CA HIS H 244 37.90 -23.87 35.64
C HIS H 244 38.40 -23.52 34.23
N PRO H 245 37.51 -23.47 33.21
CA PRO H 245 37.93 -23.17 31.85
C PRO H 245 38.22 -21.67 31.66
N ASN H 246 39.32 -21.20 32.25
CA ASN H 246 39.89 -19.85 32.03
C ASN H 246 41.38 -20.04 31.86
N PRO H 247 42.02 -19.49 30.79
CA PRO H 247 43.42 -19.78 30.50
C PRO H 247 44.35 -19.31 31.62
N GLU H 248 43.99 -18.23 32.31
CA GLU H 248 44.84 -17.65 33.39
C GLU H 248 44.82 -18.59 34.62
N VAL H 249 43.66 -19.15 34.94
CA VAL H 249 43.50 -20.14 36.05
C VAL H 249 44.31 -21.39 35.70
N ARG H 250 44.16 -21.92 34.50
CA ARG H 250 44.90 -23.12 34.04
C ARG H 250 46.41 -22.86 34.14
N ARG H 251 46.86 -21.68 33.71
CA ARG H 251 48.31 -21.34 33.66
C ARG H 251 48.89 -21.34 35.08
N VAL H 252 48.21 -20.75 36.06
CA VAL H 252 48.74 -20.65 37.45
C VAL H 252 48.89 -22.07 38.02
N PHE H 253 47.86 -22.90 37.94
CA PHE H 253 47.95 -24.28 38.51
C PHE H 253 49.00 -25.10 37.74
N ARG H 254 49.00 -25.02 36.41
CA ARG H 254 49.88 -25.82 35.52
C ARG H 254 51.34 -25.45 35.83
N SER H 255 51.66 -24.17 35.93
CA SER H 255 53.05 -23.67 36.11
C SER H 255 53.56 -24.02 37.51
N HIS H 256 52.68 -24.19 38.50
CA HIS H 256 53.08 -24.53 39.89
C HIS H 256 53.08 -26.06 40.12
N LEU H 257 52.29 -26.86 39.39
CA LEU H 257 51.97 -28.25 39.84
C LEU H 257 52.14 -29.31 38.75
N SER H 258 52.33 -28.95 37.47
CA SER H 258 52.23 -29.93 36.35
C SER H 258 53.30 -31.05 36.47
N SER H 259 54.40 -30.85 37.17
CA SER H 259 55.48 -31.88 37.33
C SER H 259 55.20 -32.81 38.53
N LEU H 260 54.28 -32.46 39.42
CA LEU H 260 54.03 -33.26 40.66
C LEU H 260 53.17 -34.47 40.32
N THR H 261 53.74 -35.67 40.42
CA THR H 261 53.03 -36.96 40.19
C THR H 261 51.87 -37.11 41.19
N GLN H 262 51.91 -36.44 42.34
CA GLN H 262 50.85 -36.51 43.39
C GLN H 262 49.63 -35.64 43.04
N VAL H 263 49.71 -34.78 42.02
CA VAL H 263 48.58 -33.88 41.61
C VAL H 263 48.06 -34.33 40.24
N LEU H 264 46.76 -34.62 40.15
CA LEU H 264 46.10 -34.80 38.84
C LEU H 264 45.32 -33.52 38.50
N LEU H 265 45.90 -32.68 37.63
CA LEU H 265 45.20 -31.51 37.04
C LEU H 265 44.22 -32.05 36.00
N CYS H 266 42.95 -31.65 36.06
CA CYS H 266 41.88 -32.21 35.20
C CYS H 266 41.20 -31.12 34.38
N GLU H 267 40.64 -31.51 33.24
CA GLU H 267 39.55 -30.76 32.56
C GLU H 267 38.35 -30.80 33.50
N PRO H 268 37.40 -29.85 33.36
CA PRO H 268 36.16 -29.87 34.12
C PRO H 268 35.53 -31.26 34.08
N LEU H 269 35.05 -31.76 35.21
CA LEU H 269 34.42 -33.11 35.29
C LEU H 269 32.90 -33.00 35.15
N ARG H 270 32.32 -33.97 34.47
CA ARG H 270 30.85 -34.18 34.42
C ARG H 270 30.37 -34.30 35.87
N TYR H 271 29.19 -33.77 36.14
CA TYR H 271 28.71 -33.52 37.54
C TYR H 271 28.64 -34.87 38.30
N SER H 272 28.20 -35.93 37.66
CA SER H 272 28.12 -37.30 38.23
C SER H 272 29.50 -37.75 38.71
N GLU H 273 30.53 -37.57 37.89
CA GLU H 273 31.93 -37.98 38.19
C GLU H 273 32.49 -37.07 39.29
N PHE H 274 32.14 -35.79 39.27
CA PHE H 274 32.64 -34.80 40.26
C PHE H 274 32.09 -35.16 41.65
N ILE H 275 30.79 -35.48 41.74
CA ILE H 275 30.16 -35.85 43.03
C ILE H 275 30.73 -37.18 43.53
N ARG H 276 30.98 -38.16 42.65
CA ARG H 276 31.59 -39.46 43.04
C ARG H 276 32.98 -39.17 43.62
N LEU H 277 33.78 -38.34 42.96
CA LEU H 277 35.15 -37.97 43.41
C LEU H 277 35.05 -37.32 44.78
N MET H 278 34.10 -36.41 44.98
CA MET H 278 33.95 -35.66 46.25
C MET H 278 33.65 -36.68 47.37
N HIS H 279 32.81 -37.68 47.09
CA HIS H 279 32.46 -38.77 48.05
C HIS H 279 33.71 -39.56 48.47
N ARG H 280 34.67 -39.75 47.56
CA ARG H 280 35.93 -40.54 47.79
C ARG H 280 36.98 -39.68 48.49
N ALA H 281 36.90 -38.35 48.38
CA ALA H 281 37.92 -37.41 48.88
C ALA H 281 37.89 -37.42 50.40
N VAL H 282 39.04 -37.14 51.00
CA VAL H 282 39.12 -37.09 52.49
C VAL H 282 38.69 -35.70 52.93
N LEU H 283 39.02 -34.68 52.12
CA LEU H 283 38.51 -33.32 52.41
C LEU H 283 38.52 -32.49 51.13
N VAL H 284 37.86 -31.34 51.22
CA VAL H 284 37.55 -30.50 50.03
C VAL H 284 38.03 -29.09 50.35
N LEU H 285 38.83 -28.55 49.44
CA LEU H 285 39.30 -27.14 49.48
C LEU H 285 38.62 -26.46 48.29
N THR H 286 37.90 -25.36 48.50
CA THR H 286 37.12 -24.77 47.40
C THR H 286 36.84 -23.30 47.67
N ASP H 287 36.65 -22.54 46.60
CA ASP H 287 36.00 -21.21 46.70
C ASP H 287 34.62 -21.27 46.04
N SER H 288 34.15 -22.46 45.67
CA SER H 288 32.82 -22.67 45.05
C SER H 288 31.72 -22.54 46.12
N GLY H 289 30.65 -21.82 45.79
CA GLY H 289 29.42 -21.75 46.59
C GLY H 289 28.75 -23.11 46.71
N GLY H 290 28.53 -23.79 45.58
CA GLY H 290 27.86 -25.08 45.49
C GLY H 290 28.59 -26.15 46.25
N VAL H 291 29.93 -26.19 46.14
CA VAL H 291 30.73 -27.26 46.79
C VAL H 291 30.64 -27.07 48.31
N GLN H 292 30.52 -25.83 48.80
CA GLN H 292 30.30 -25.58 50.25
C GLN H 292 28.99 -26.22 50.73
N GLU H 293 28.03 -26.42 49.82
CA GLU H 293 26.70 -27.01 50.15
C GLU H 293 26.79 -28.54 49.94
N GLU H 294 27.47 -28.97 48.87
CA GLU H 294 27.52 -30.41 48.49
C GLU H 294 28.41 -31.17 49.49
N ALA H 295 29.58 -30.66 49.83
CA ALA H 295 30.61 -31.41 50.57
C ALA H 295 30.09 -31.80 51.96
N PRO H 296 29.51 -30.90 52.77
CA PRO H 296 28.99 -31.30 54.09
C PRO H 296 27.90 -32.37 54.00
N THR H 297 27.13 -32.39 52.92
CA THR H 297 26.06 -33.40 52.68
C THR H 297 26.73 -34.77 52.49
N LEU H 298 27.98 -34.85 52.04
CA LEU H 298 28.74 -36.14 51.90
C LEU H 298 29.62 -36.36 53.13
N GLY H 299 29.47 -35.55 54.18
CA GLY H 299 30.26 -35.63 55.41
C GLY H 299 31.73 -35.27 55.18
N LYS H 300 32.04 -34.40 54.22
CA LYS H 300 33.43 -33.99 53.93
C LYS H 300 33.69 -32.61 54.52
N PRO H 301 34.69 -32.50 55.43
CA PRO H 301 35.04 -31.20 55.96
C PRO H 301 35.47 -30.32 54.78
N VAL H 302 35.09 -29.04 54.85
CA VAL H 302 35.38 -28.08 53.76
C VAL H 302 36.25 -26.98 54.32
N LEU H 303 37.36 -26.71 53.62
CA LEU H 303 38.18 -25.52 53.90
C LEU H 303 37.91 -24.54 52.76
N VAL H 304 37.47 -23.34 53.09
CA VAL H 304 36.94 -22.38 52.08
C VAL H 304 38.06 -21.40 51.74
N LEU H 305 38.44 -21.39 50.46
CA LEU H 305 39.57 -20.58 49.96
C LEU H 305 39.07 -19.16 49.66
N ARG H 306 38.48 -18.50 50.65
CA ARG H 306 37.95 -17.11 50.56
C ARG H 306 38.07 -16.45 51.94
N ASP H 307 37.96 -15.13 51.96
CA ASP H 307 37.99 -14.28 53.19
C ASP H 307 36.55 -14.06 53.70
N ARG H 308 35.56 -14.50 52.93
CA ARG H 308 34.12 -14.32 53.25
C ARG H 308 33.36 -15.49 52.63
N THR H 309 32.16 -15.78 53.14
CA THR H 309 31.25 -16.76 52.50
C THR H 309 29.80 -16.26 52.60
N GLU H 310 29.01 -16.66 51.62
CA GLU H 310 27.54 -16.52 51.59
C GLU H 310 26.91 -17.77 52.21
N ARG H 311 27.71 -18.71 52.70
CA ARG H 311 27.20 -19.91 53.45
C ARG H 311 27.69 -19.85 54.89
N PRO H 312 27.23 -18.86 55.71
CA PRO H 312 27.65 -18.75 57.10
C PRO H 312 27.12 -19.92 57.95
N GLU H 313 26.06 -20.59 57.48
CA GLU H 313 25.43 -21.72 58.21
C GLU H 313 26.51 -22.80 58.43
N GLY H 314 27.28 -23.15 57.41
CA GLY H 314 28.32 -24.20 57.51
C GLY H 314 29.44 -23.81 58.45
N ILE H 315 29.76 -22.51 58.50
CA ILE H 315 30.80 -21.95 59.41
C ILE H 315 30.29 -22.11 60.86
N ALA H 316 29.07 -21.63 61.14
CA ALA H 316 28.48 -21.64 62.50
C ALA H 316 28.30 -23.09 62.98
N ALA H 317 27.96 -24.03 62.09
CA ALA H 317 27.72 -25.44 62.45
C ALA H 317 29.03 -26.23 62.50
N GLY H 318 30.17 -25.63 62.13
CA GLY H 318 31.50 -26.28 62.17
C GLY H 318 31.78 -27.21 60.98
N CYS H 319 30.92 -27.26 59.97
CA CYS H 319 31.04 -28.05 58.70
C CYS H 319 32.19 -27.51 57.83
N ALA H 320 32.45 -26.21 57.96
CA ALA H 320 33.33 -25.46 57.04
C ALA H 320 34.12 -24.45 57.85
N ARG H 321 35.33 -24.13 57.40
CA ARG H 321 36.19 -23.10 58.00
C ARG H 321 36.75 -22.25 56.86
N LEU H 322 36.79 -20.93 57.07
CA LEU H 322 37.48 -19.96 56.19
C LEU H 322 38.98 -20.11 56.40
N VAL H 323 39.72 -20.14 55.30
CA VAL H 323 41.18 -20.41 55.24
C VAL H 323 41.82 -19.36 54.31
N GLY H 324 41.00 -18.64 53.51
CA GLY H 324 41.49 -17.61 52.59
C GLY H 324 42.50 -18.20 51.62
N THR H 325 43.54 -17.44 51.29
CA THR H 325 44.59 -17.85 50.33
C THR H 325 45.97 -17.73 51.02
N ASP H 326 45.99 -17.91 52.34
CA ASP H 326 47.21 -17.94 53.20
C ASP H 326 47.79 -19.35 53.17
N PRO H 327 48.96 -19.56 52.51
CA PRO H 327 49.50 -20.91 52.35
C PRO H 327 49.85 -21.60 53.68
N ALA H 328 50.40 -20.87 54.65
CA ALA H 328 50.76 -21.41 55.98
C ALA H 328 49.50 -21.95 56.67
N LEU H 329 48.40 -21.17 56.66
CA LEU H 329 47.12 -21.58 57.29
C LEU H 329 46.55 -22.80 56.56
N ILE H 330 46.59 -22.84 55.23
CA ILE H 330 46.04 -23.97 54.43
C ILE H 330 46.82 -25.24 54.79
N VAL H 331 48.16 -25.16 54.81
CA VAL H 331 49.03 -26.32 55.16
C VAL H 331 48.66 -26.78 56.58
N LYS H 332 48.55 -25.86 57.52
CA LYS H 332 48.23 -26.16 58.95
C LYS H 332 46.86 -26.84 59.03
N GLU H 333 45.84 -26.23 58.45
CA GLU H 333 44.44 -26.70 58.57
C GLU H 333 44.27 -28.06 57.89
N VAL H 334 44.88 -28.28 56.73
CA VAL H 334 44.79 -29.59 56.04
C VAL H 334 45.50 -30.64 56.91
N GLY H 335 46.68 -30.29 57.44
CA GLY H 335 47.49 -31.17 58.32
C GLY H 335 46.68 -31.63 59.52
N ARG H 336 46.08 -30.69 60.25
CA ARG H 336 45.24 -30.98 61.44
C ARG H 336 44.15 -32.00 61.07
N LEU H 337 43.50 -31.89 59.92
CA LEU H 337 42.37 -32.78 59.54
C LEU H 337 42.89 -34.16 59.17
N LEU H 338 44.06 -34.25 58.54
CA LEU H 338 44.64 -35.55 58.11
C LEU H 338 45.22 -36.30 59.32
N ASP H 339 45.73 -35.59 60.33
CA ASP H 339 46.58 -36.15 61.42
C ASP H 339 45.77 -36.43 62.68
N ASP H 340 44.72 -35.65 62.95
CA ASP H 340 43.95 -35.67 64.22
C ASP H 340 42.50 -36.08 63.95
N PRO H 341 42.12 -37.36 64.13
CA PRO H 341 40.76 -37.82 63.82
C PRO H 341 39.65 -37.12 64.63
N GLU H 342 39.99 -36.50 65.76
CA GLU H 342 39.04 -35.72 66.61
C GLU H 342 38.71 -34.38 65.92
N ALA H 343 39.71 -33.70 65.36
CA ALA H 343 39.54 -32.45 64.59
C ALA H 343 38.69 -32.74 63.34
N TYR H 344 38.94 -33.88 62.70
CA TYR H 344 38.21 -34.34 61.50
C TYR H 344 36.74 -34.53 61.86
N GLU H 345 36.47 -35.28 62.93
CA GLU H 345 35.08 -35.62 63.33
C GLU H 345 34.34 -34.35 63.80
N ALA H 346 35.04 -33.36 64.37
CA ALA H 346 34.43 -32.09 64.81
C ALA H 346 33.85 -31.32 63.61
N MET H 347 34.29 -31.61 62.39
CA MET H 347 33.81 -30.92 61.16
C MET H 347 32.73 -31.74 60.44
N ARG H 348 32.35 -32.89 60.99
CA ARG H 348 31.29 -33.77 60.41
C ARG H 348 30.20 -34.07 61.44
N ARG H 349 30.22 -33.43 62.60
CA ARG H 349 29.30 -33.77 63.73
C ARG H 349 27.88 -33.85 63.17
N PRO H 350 27.11 -34.91 63.49
CA PRO H 350 25.69 -34.97 63.11
C PRO H 350 24.87 -34.00 63.98
N GLY H 351 23.60 -33.80 63.62
CA GLY H 351 22.59 -33.09 64.43
C GLY H 351 22.06 -31.84 63.75
N ILE H 352 22.68 -31.36 62.68
CA ILE H 352 22.24 -30.14 61.94
C ILE H 352 22.20 -30.45 60.44
N VAL H 353 21.11 -30.07 59.76
CA VAL H 353 21.06 -30.04 58.27
C VAL H 353 21.00 -28.58 57.82
N CYS H 354 22.02 -28.13 57.10
CA CYS H 354 22.27 -26.69 56.85
C CYS H 354 21.48 -26.21 55.62
N TYR H 355 21.44 -27.00 54.54
CA TYR H 355 21.06 -26.47 53.20
C TYR H 355 19.86 -27.21 52.61
N GLY H 356 19.20 -28.07 53.41
CA GLY H 356 17.96 -28.80 53.05
C GLY H 356 18.18 -30.30 52.84
N GLU H 357 17.08 -31.02 52.61
CA GLU H 357 17.01 -32.50 52.63
C GLU H 357 16.96 -33.07 51.21
N GLY H 358 16.94 -32.24 50.18
CA GLY H 358 16.90 -32.72 48.79
C GLY H 358 15.48 -32.78 48.24
N ASP H 359 14.55 -32.07 48.87
CA ASP H 359 13.13 -31.91 48.43
C ASP H 359 12.85 -30.48 47.94
N ALA H 360 13.89 -29.71 47.57
CA ALA H 360 13.74 -28.27 47.31
C ALA H 360 12.91 -28.04 46.04
N ALA H 361 13.06 -28.89 45.02
CA ALA H 361 12.34 -28.72 43.73
C ALA H 361 10.85 -28.81 44.02
N ALA H 362 10.44 -29.80 44.82
CA ALA H 362 9.01 -30.04 45.13
C ALA H 362 8.46 -28.84 45.91
N ARG H 363 9.23 -28.29 46.85
CA ARG H 363 8.78 -27.12 47.64
C ARG H 363 8.66 -25.90 46.73
N CYS H 364 9.57 -25.71 45.77
CA CYS H 364 9.45 -24.63 44.75
C CYS H 364 8.15 -24.82 43.96
N LEU H 365 7.89 -26.04 43.50
CA LEU H 365 6.71 -26.32 42.63
C LEU H 365 5.44 -25.95 43.38
N GLU H 366 5.32 -26.37 44.63
CA GLU H 366 4.10 -26.12 45.44
C GLU H 366 3.96 -24.62 45.70
N ALA H 367 5.05 -23.87 45.88
CA ALA H 367 4.97 -22.40 46.04
C ALA H 367 4.47 -21.79 44.73
N LEU H 368 4.95 -22.30 43.59
CA LEU H 368 4.52 -21.79 42.27
C LEU H 368 3.02 -22.00 42.10
N ARG H 369 2.53 -23.19 42.43
CA ARG H 369 1.10 -23.53 42.22
C ARG H 369 0.23 -22.68 43.14
N GLU H 370 0.65 -22.52 44.39
CA GLU H 370 -0.12 -21.68 45.35
C GLU H 370 -0.19 -20.22 44.84
N ARG H 371 0.88 -19.70 44.28
CA ARG H 371 0.94 -18.27 43.86
C ARG H 371 0.23 -18.08 42.51
N TRP H 372 0.49 -18.94 41.51
CA TRP H 372 0.14 -18.64 40.09
C TRP H 372 -0.81 -19.68 39.49
N LEU H 373 -1.21 -20.72 40.21
CA LEU H 373 -2.18 -21.72 39.69
C LEU H 373 -3.34 -21.87 40.69
N SER H 374 -3.69 -20.77 41.34
CA SER H 374 -4.78 -20.74 42.36
C SER H 374 -5.68 -19.52 42.09
N SER H 375 -6.94 -19.62 42.49
CA SER H 375 -7.94 -18.53 42.46
C SER H 375 -8.68 -18.53 43.80
N PRO H 376 -9.07 -17.34 44.33
CA PRO H 376 -9.59 -17.25 45.69
C PRO H 376 -10.91 -18.00 45.97
N1 UPG I . 3.16 26.54 -11.61
C2 UPG I . 4.22 27.35 -11.23
N3 UPG I . 5.22 27.48 -12.15
C4 UPG I . 5.31 26.85 -13.39
C5 UPG I . 4.20 26.00 -13.69
C6 UPG I . 3.20 25.86 -12.81
O2 UPG I . 4.27 27.93 -10.16
O4 UPG I . 6.28 27.07 -14.11
C1C UPG I . 2.09 26.30 -10.63
C2C UPG I . 0.65 26.41 -11.15
O2C UPG I . 0.27 27.76 -11.14
C3C UPG I . -0.07 25.55 -10.10
C4C UPG I . 0.93 24.40 -9.90
O4C UPG I . 2.22 24.96 -10.22
O3C UPG I . -0.40 26.19 -8.86
C5C UPG I . 0.70 23.19 -10.78
O5C UPG I . 1.64 22.13 -10.44
PA UPG I . 1.59 20.85 -11.37
O1A UPG I . 2.92 20.21 -11.30
O2A UPG I . 1.10 21.21 -12.71
O3A UPG I . 0.54 19.89 -10.63
PB UPG I . -1.05 19.77 -10.80
O1B UPG I . -1.32 18.92 -11.99
O2B UPG I . -1.64 21.15 -10.78
O3B UPG I . -1.51 19.14 -9.40
C1' UPG I . -1.73 17.76 -9.13
C2' UPG I . -3.21 17.48 -9.21
C3' UPG I . -3.93 18.34 -8.19
C4' UPG I . -3.44 18.08 -6.79
C5' UPG I . -1.91 18.20 -6.74
C6' UPG I . -1.30 17.66 -5.46
O2' UPG I . -3.69 17.69 -10.53
O3' UPG I . -5.32 18.07 -8.24
O4' UPG I . -4.06 19.00 -5.93
O5' UPG I . -1.31 17.43 -7.82
O6' UPG I . -1.72 16.32 -5.27
NA NA J . -0.86 30.56 15.21
N1 UPG K . -10.34 -21.47 16.85
C2 UPG K . -9.56 -22.62 16.91
N3 UPG K . -9.14 -22.98 18.16
C4 UPG K . -9.36 -22.31 19.34
C5 UPG K . -10.14 -21.10 19.21
C6 UPG K . -10.58 -20.74 17.99
O2 UPG K . -9.28 -23.28 15.92
O4 UPG K . -8.86 -22.73 20.39
C1C UPG K . -10.77 -21.01 15.50
C2C UPG K . -12.27 -20.79 15.30
O2C UPG K . -12.89 -21.94 14.78
C3C UPG K . -12.29 -19.74 14.16
C4C UPG K . -11.01 -18.91 14.46
O4C UPG K . -10.16 -19.75 15.27
O3C UPG K . -12.30 -20.33 12.87
C5C UPG K . -11.24 -17.63 15.21
O5C UPG K . -10.00 -16.93 15.35
PA UPG K . -9.94 -15.67 16.29
O1A UPG K . -8.57 -15.49 16.82
O2A UPG K . -10.98 -15.65 17.36
O3A UPG K . -10.28 -14.55 15.15
PB UPG K . -11.67 -13.87 14.71
O1B UPG K . -12.14 -12.97 15.78
O2B UPG K . -12.58 -14.98 14.24
O3B UPG K . -11.35 -13.18 13.29
C1' UPG K . -11.06 -11.81 13.06
C2' UPG K . -12.32 -11.10 12.59
C3' UPG K . -12.87 -11.78 11.37
C4' UPG K . -11.81 -11.85 10.29
C5' UPG K . -10.45 -12.39 10.79
C6' UPG K . -9.33 -12.11 9.82
O2' UPG K . -13.32 -11.08 13.60
O3' UPG K . -14.02 -11.07 10.89
O4' UPG K . -12.27 -12.71 9.29
O5' UPG K . -10.06 -11.75 12.04
O6' UPG K . -9.09 -10.71 9.67
N1 UPG L . -48.28 22.44 -1.97
C2 UPG L . -49.06 23.58 -2.15
N3 UPG L . -49.99 23.82 -1.16
C4 UPG L . -50.26 23.03 -0.06
C5 UPG L . -49.44 21.84 0.04
C6 UPG L . -48.52 21.61 -0.90
O2 UPG L . -48.92 24.36 -3.07
O4 UPG L . -51.16 23.37 0.72
C1C UPG L . -47.29 22.09 -3.03
C2C UPG L . -45.86 21.82 -2.55
O2C UPG L . -45.11 23.01 -2.45
C3C UPG L . -45.32 20.89 -3.65
C4C UPG L . -46.55 20.08 -4.03
O4C UPG L . -47.72 20.85 -3.58
O3C UPG L . -44.82 21.56 -4.82
C5C UPG L . -46.59 18.71 -3.42
O5C UPG L . -47.79 18.10 -3.79
PA UPG L . -48.20 16.71 -3.16
O1A UPG L . -49.65 16.50 -3.44
O2A UPG L . -47.67 16.55 -1.77
O3A UPG L . -47.42 15.57 -4.02
PB UPG L . -45.98 14.93 -3.88
O1B UPG L . -45.91 13.92 -2.81
O2B UPG L . -45.03 16.08 -3.86
O3B UPG L . -45.56 14.38 -5.33
C1' UPG L . -45.64 13.09 -5.93
C2' UPG L . -44.25 12.49 -5.90
C3' UPG L . -43.29 13.28 -6.78
C4' UPG L . -43.83 13.47 -8.18
C5' UPG L . -45.25 14.01 -8.16
C6' UPG L . -45.87 13.95 -9.54
O2' UPG L . -43.77 12.47 -4.55
O3' UPG L . -42.06 12.58 -6.85
O4' UPG L . -42.98 14.37 -8.85
O5' UPG L . -46.11 13.21 -7.27
O6' UPG L . -45.95 12.59 -10.01
NA NA M . -42.31 29.85 -27.82
N1 UPG N . -46.46 -21.88 -38.60
C2 UPG N . -47.45 -22.82 -38.84
N3 UPG N . -47.96 -22.84 -40.10
C4 UPG N . -47.56 -22.05 -41.17
C5 UPG N . -46.53 -21.10 -40.86
C6 UPG N . -46.03 -21.05 -39.62
O2 UPG N . -47.90 -23.56 -37.97
O4 UPG N . -48.14 -22.20 -42.26
C1C UPG N . -45.95 -21.77 -37.20
C2C UPG N . -44.43 -21.88 -37.01
O2C UPG N . -43.98 -23.21 -36.91
C3C UPG N . -44.23 -21.17 -35.66
C4C UPG N . -45.30 -20.07 -35.73
O4C UPG N . -46.31 -20.50 -36.70
O3C UPG N . -44.29 -22.00 -34.49
C5C UPG N . -44.73 -18.73 -36.12
O5C UPG N . -45.78 -17.79 -36.43
PA UPG N . -45.43 -16.33 -37.00
O1A UPG N . -46.72 -15.73 -37.35
O2A UPG N . -44.35 -16.41 -38.05
O3A UPG N . -44.83 -15.50 -35.74
PB UPG N . -43.32 -15.31 -35.30
O1B UPG N . -42.66 -14.36 -36.21
O2B UPG N . -42.63 -16.63 -35.18
O3B UPG N . -43.47 -14.81 -33.76
C1' UPG N . -43.46 -13.50 -33.22
C2' UPG N . -42.10 -13.22 -32.64
C3' UPG N . -41.78 -14.22 -31.55
C4' UPG N . -42.83 -14.17 -30.47
C5' UPG N . -44.24 -14.26 -31.03
C6' UPG N . -45.29 -13.86 -30.01
O2' UPG N . -41.09 -13.28 -33.65
O3' UPG N . -40.49 -13.98 -30.96
O4' UPG N . -42.55 -15.25 -29.61
O5' UPG N . -44.43 -13.41 -32.19
O6' UPG N . -45.25 -12.46 -29.71
NA NA O . -53.89 -29.07 -12.99
N1 UPG P . 50.42 20.82 -14.74
C2 UPG P . 50.25 21.78 -13.76
N3 UPG P . 51.21 21.82 -12.78
C4 UPG P . 52.29 20.98 -12.67
C5 UPG P . 52.38 19.98 -13.69
C6 UPG P . 51.47 19.94 -14.67
O2 UPG P . 49.33 22.56 -13.74
O4 UPG P . 53.07 21.13 -11.73
C1C UPG P . 49.40 20.72 -15.80
C2C UPG P . 49.98 20.68 -17.23
O2C UPG P . 50.16 21.99 -17.71
C3C UPG P . 48.85 19.97 -17.99
C4C UPG P . 48.30 18.99 -16.97
O4C UPG P . 48.69 19.51 -15.65
O3C UPG P . 47.86 20.89 -18.42
C5C UPG P . 48.78 17.57 -17.18
O5C UPG P . 48.41 16.72 -16.08
PA UPG P . 48.99 15.23 -16.05
O1A UPG P . 48.76 14.63 -14.72
O2A UPG P . 50.41 15.23 -16.48
O3A UPG P . 48.02 14.48 -17.11
PB UPG P . 48.20 14.12 -18.67
O1B UPG P . 49.15 13.01 -18.85
O2B UPG P . 48.44 15.42 -19.37
O3B UPG P . 46.72 13.67 -19.09
C1' UPG P . 46.23 12.36 -19.30
C2' UPG P . 46.24 12.06 -20.78
C3' UPG P . 45.41 13.06 -21.56
C4' UPG P . 44.00 13.08 -21.02
C5' UPG P . 44.03 13.25 -19.45
C6' UPG P . 42.66 13.07 -18.81
O2' UPG P . 47.56 12.09 -21.34
O3' UPG P . 45.39 12.66 -22.93
O4' UPG P . 43.32 14.13 -21.65
O5' UPG P . 44.91 12.28 -18.81
O6' UPG P . 42.06 11.83 -19.14
NA NA Q . 25.20 30.26 -19.14
N1 UPG R . 12.43 -20.79 -25.75
C2 UPG R . 12.15 -21.85 -24.90
N3 UPG R . 10.86 -21.90 -24.42
C4 UPG R . 9.86 -20.99 -24.68
C5 UPG R . 10.23 -19.91 -25.54
C6 UPG R . 11.46 -19.86 -26.06
O2 UPG R . 12.97 -22.70 -24.61
O4 UPG R . 8.73 -21.16 -24.18
C1C UPG R . 13.80 -20.67 -26.27
C2C UPG R . 13.90 -20.44 -27.78
O2C UPG R . 13.94 -21.65 -28.49
C3C UPG R . 15.27 -19.75 -27.84
C4C UPG R . 15.17 -18.81 -26.61
O4C UPG R . 14.35 -19.55 -25.66
O3C UPG R . 16.35 -20.67 -27.76
C5C UPG R . 14.52 -17.50 -26.85
O5C UPG R . 14.58 -16.71 -25.64
PA UPG R . 14.00 -15.22 -25.65
O1A UPG R . 13.67 -14.85 -24.25
O2A UPG R . 12.95 -15.10 -26.71
O3A UPG R . 15.20 -14.28 -26.12
PB UPG R . 15.81 -13.78 -27.49
O1B UPG R . 15.01 -12.65 -28.02
O2B UPG R . 16.03 -15.00 -28.32
O3B UPG R . 17.29 -13.31 -27.20
C1' UPG R . 17.88 -12.04 -27.02
C2' UPG R . 18.51 -11.53 -28.31
C3' UPG R . 19.66 -12.43 -28.78
C4' UPG R . 20.67 -12.64 -27.66
C5' UPG R . 19.97 -13.06 -26.36
C6' UPG R . 20.90 -13.04 -25.17
O2' UPG R . 17.54 -11.43 -29.34
O3' UPG R . 20.31 -11.82 -29.90
O4' UPG R . 21.57 -13.61 -28.09
O5' UPG R . 18.88 -12.14 -26.03
O6' UPG R . 21.60 -11.80 -25.11
NA NA S . 37.39 -30.38 -19.95
N1 UPG T . 5.23 22.18 36.45
C2 UPG T . 5.65 23.26 35.71
N3 UPG T . 4.75 23.69 34.77
C4 UPG T . 3.54 23.13 34.45
C5 UPG T . 3.17 21.99 35.24
C6 UPG T . 4.01 21.56 36.20
O2 UPG T . 6.72 23.84 35.86
O4 UPG T . 2.88 23.65 33.54
C1C UPG T . 6.14 21.64 37.47
C2C UPG T . 5.51 21.54 38.86
O2C UPG T . 5.62 22.79 39.50
C3C UPG T . 6.35 20.44 39.50
C4C UPG T . 6.74 19.57 38.30
O4C UPG T . 6.44 20.31 37.11
O3C UPG T . 7.53 20.89 40.14
C5C UPG T . 6.06 18.23 38.26
O5C UPG T . 6.06 17.70 36.93
PA UPG T . 5.23 16.34 36.67
O1A UPG T . 5.53 15.96 35.27
O2A UPG T . 3.81 16.58 37.09
O3A UPG T . 5.91 15.19 37.52
PB UPG T . 5.62 14.57 38.98
O1B UPG T . 4.49 13.62 38.95
O2B UPG T . 5.68 15.81 39.82
O3B UPG T . 6.92 13.70 39.31
C1' UPG T . 7.14 12.33 39.33
C2' UPG T . 7.03 11.79 40.74
C3' UPG T . 8.09 12.34 41.68
C4' UPG T . 9.47 12.19 41.09
C5' UPG T . 9.53 12.73 39.64
C6' UPG T . 10.85 12.39 38.96
O2' UPG T . 5.77 12.09 41.32
O3' UPG T . 8.04 11.61 42.91
O4' UPG T . 10.35 12.94 41.91
O5' UPG T . 8.46 12.12 38.85
O6' UPG T . 11.07 10.95 38.99
NA NA U . 32.14 24.63 41.46
N1 UPG V . 31.31 -28.93 39.41
C2 UPG V . 31.27 -29.85 38.37
N3 UPG V . 32.48 -30.20 37.85
C4 UPG V . 33.71 -29.73 38.22
C5 UPG V . 33.68 -28.78 39.27
C6 UPG V . 32.52 -28.40 39.80
O2 UPG V . 30.23 -30.31 37.95
O4 UPG V . 34.72 -30.16 37.63
C1C UPG V . 30.02 -28.47 40.00
C2C UPG V . 29.99 -28.51 41.55
O2C UPG V . 29.59 -29.73 42.17
C3C UPG V . 28.95 -27.41 41.82
C4C UPG V . 29.21 -26.38 40.69
O4C UPG V . 29.88 -27.11 39.62
O3C UPG V . 27.59 -27.84 41.77
C5C UPG V . 30.01 -25.18 41.13
O5C UPG V . 30.14 -24.27 40.02
PA UPG V . 31.12 -23.03 40.14
O1A UPG V . 31.53 -22.68 38.77
O2A UPG V . 32.24 -23.38 41.08
O3A UPG V . 30.21 -21.93 40.82
PB UPG V . 29.82 -21.54 42.30
O1B UPG V . 30.87 -20.68 42.93
O2B UPG V . 29.36 -22.76 43.03
O3B UPG V . 28.48 -20.70 42.15
C1' UPG V . 28.33 -19.31 42.15
C2' UPG V . 27.86 -18.83 43.52
C3' UPG V . 26.49 -19.46 43.88
C4' UPG V . 25.46 -19.25 42.80
C5' UPG V . 26.01 -19.56 41.38
C6' UPG V . 25.13 -19.00 40.28
O2' UPG V . 28.81 -19.10 44.56
O3' UPG V . 26.04 -18.86 45.08
O4' UPG V . 24.33 -20.07 43.08
O5' UPG V . 27.36 -18.98 41.17
O6' UPG V . 24.95 -17.57 40.39
NA NA W . 4.81 -30.71 32.89
#